data_8ZJ2
#
_entry.id   8ZJ2
#
_cell.length_a   1.00
_cell.length_b   1.00
_cell.length_c   1.00
_cell.angle_alpha   90.00
_cell.angle_beta   90.00
_cell.angle_gamma   90.00
#
_symmetry.space_group_name_H-M   'P 1'
#
loop_
_entity.id
_entity.type
_entity.pdbx_description
1 polymer 'Dedicator of cytokinesis protein 5'
2 polymer 'Ras-related C3 botulinum toxin substrate 1'
3 polymer 'Engulfment and cell motility protein 1'
4 polymer 'Rho-related GTP-binding protein RhoG'
5 non-polymer 'MAGNESIUM ION'
6 non-polymer "GUANOSINE-5'-TRIPHOSPHATE"
#
loop_
_entity_poly.entity_id
_entity_poly.type
_entity_poly.pdbx_seq_one_letter_code
_entity_poly.pdbx_strand_id
1 'polypeptide(L)'
;GGSGGSMARWIPTKRQKYGVAIYNYNASQDVELSLQIGDTVHILEMYEGWYRGYTLQNKSKKGIFPETYIHLKEATVEDL
GQHETVIPGELPLVQELTSTLREWAVIWRKLYVNNKLTLFRQLQQMTYSLIEWRSQILSGTLPKDELAELKKKVTAKIDH
GNRMLGLDLVVRDDNGNILDPDETSTIALFKAHEVASKRIEEKIQEEKSILQNLDLRGQSIFSTIHTYGLYVNFKNFVCN
IGEDAELFMALYDPDQSTFISENYLIRWGSNGMPKEIEKLNNLQAVFTDLSSMDLIRPRVSLVCQIVRVGHMELKEGKKH
TCGLRRPFGVAVMDITDIIHGKVDDEEKQHFIPFQQIAMETYIRQRQLIMSPLITSHVIGENEPLTSVLNKVIAAKEVNH
KGQGLWVSLKLLPGDLTQVQKNFSHLVDRSTAIARKMGFPEIILPGDVRNDIYVTLIHGEFDKGKKKTPKNVEVTMSVHD
EEGKLLEKAIHPGAGYEGISEYKSVVYYQVKQPCWYETVKVSIAIEEVTRCHIRFTFRHRSSQETRDKSERAFGVAFVKL
MNPDGTTLQDGRHDLVVYKGDNKKMEDAKFYLTLPGTKMEMEEKELQASKNLVTFTPSKDSTKDSFQIATLICSTKLTQN
VDLLGLLNWRSNSQNIKHNLKKLMEVDGGEIVKFLQDTLDALFNIMMEMSDSETYDFLVFDALVFIISLIGDIKFQHFNP
VLETYIYKHFSATLAYVKLSKVLNFYVANADDSSKTELLFAALKALKYLFRFIIQSRVLYLRFYGQSKDGDEFNNSIRQL
FLAFNMLMDRPLEEAVKIKGAALKYLPSIINDVKLVFDPVELSVLFCKFIQSIPDNQLVRQKLNCMTKIVESTLFRQSEC
REVLLPLLTDQLSGQLDDNSNKPDHEASSQLLSNILEVLDRKDVGATAVHIQLIMERLLRRINRTVIGMNRQSPHIGSFV
ACMIALLQQMDDSHYSHYISTFKTRQDIIDFLMETFIMFKDLIGKNVYAKDWMVMNMTQNRVFLRAINQFAEVLTRFFMD
QASFELQLWNNYFHLAVAFLTHESLQLETFSQAKRNKIVKKYGDMRKEIGFRIRDMWYNLGPHKIKFIPSMVGPILEVTL
TPEVELRKATIPIFFDMMQCEFNFSGNGNFHMFENELITKLDQEVEGGRGDEQYKVLLEKLLLEHCRKHKYLSSSGEVFA
LLVSSLLENLLDYRTIIMQDESKENRMSCTVNVLNFYKEKKREDIYIRYLYKLRDLHRDCENYTEAAYTLLLHAELLQWS
DKPCVPHLLQRDSYYVYTQQELKEKLYQEIISYFDKGKMWEKAIKLSKELAETYESKVFDYEGLGNLLKKRASFYENIIK
AMRPQPEYFAVGYYGQGFPSFLRNKIFIYRGKEYERREDFSLRLLTQFPNAEKMTSTTPPGEDIKSSPKQYMQCFTVKPV
MSLPPSYKDKPVPEQILNYYRANEVQQFRYSRPFRKGEKDPDNEFATMWIERTTYTTAYTFPGILKWFEVKQISTEEISP
LENAIETMELTNERISNCVQQHAWDRSLSVHPLSMLLSGIVDPAVMGGFSNYEKAFFTEKYLQEHPEDQEKVELLKRLIA
LQMPLLTEGIRIHGEKLTEQLKPLHERLSSCFRELKEKVEKHYGVITL
;
B,F
2 'polypeptide(L)'
;GSSGSSGMQAIKCVVVGDGAVAKTCLLISYTTNAFPGEYIPTVFDNYSANVMVDGKPVNLGLWDTAGQEDYDRLRPLSYP
QTDVFLICFSLVSPASFENVRAKWYPEVRHHCPNTPIILVGTKLDLRDDKDTIEKLKEKKLTPITYPQGLAMAKEIGAVK
YLECSALTQRGLKTVFDEAIRAVL
;
C,G
3 'polypeptide(L)'
;GGSGGSMPPPADIVKVAIEWPGAYPKLMEIDQKKPLSAIIKEVCDGWSLANHEYFALQHADSSNFYITEKNRNEIKNGTI
LRLTTSPAQNAQQLHERIQSSSMDAKLEALKDLASLSRDVTFAQEFINLDGISLLTQMVESGTERYQKLQKIMKPCFGDM
LSFTLTAFVELMDHGIVSWDTFSVAFIKKIASFVNKSAIDISILQRSLAILESMVLNSHDLYQKVAQEITIGQLIPHLQG
SDQEIQTYTIAVINALFLKAPDERRQEMANILAQKQLRSIILTHVIRAQRAINNEMAHQLYVLQVLTFNLLEDRMMTKMD
PQDQAQRDIIFELRRIAFDAESEPNNSSGSMEKRKSMYTRDYKKLGFINHVNPAMDFTQTPPGMLALDNMLYFAKHHQDA
YIRIVLENSSREDKHECPFGRSSIELTKMLCEILKVGELPSETCNDFHPMFFTHDRSFEEFFCICIQLLNKTWKEMRATS
EDFNKVMQVVKEQVMRALTTKPSSLDQFKSKLQNLSYTEILKIRQSERMNQEDFQSRPILELKEKIQPEILELIKQQRLN
RLVEGTCFRKLNARRRQDKFWYCRLSPNHKVLHYGDLEESPQGEVPHDSLQDKLPVADIKAVVTGKDCPHMKEKGALKQN
KEVLELAFSILYDSNCQLNFIAPDKHEYCIWTDGLNALLGKDMMSDLTRNDLDTLLSMEIKLRLLDLENIQIPDAPPPIP
KEPSNYDFVYDCN
;
E,A
4 'polypeptide(L)'
;GSSGSSGMQSIKCVVVGDGAVGKTCLLICYTTNAFPKEYIPTVFDNYSAQSAVDGRTVNLNLWDTAGLEEYDRLRTLSYP
QTNVFVICFSIASPPSYENVRHKWHPEVCHHCPDVPILLVGTKKDLRAQPDTLRRLKEQGQAPITPQQGQALAKQIHAVR
YLECSALQQDGVKEVFAEAVRAVLNPTPIKRSGPSSGENLYFQ
;
D
#
loop_
_chem_comp.id
_chem_comp.type
_chem_comp.name
_chem_comp.formula
GTP non-polymer GUANOSINE-5'-TRIPHOSPHATE 'C10 H16 N5 O14 P3'
MG non-polymer 'MAGNESIUM ION' 'Mg 2'
#
# COMPACT_ATOMS: atom_id res chain seq x y z
N MET A 7 15.52 -64.11 61.96
CA MET A 7 14.39 -63.22 62.21
C MET A 7 14.40 -62.62 63.62
N ALA A 8 15.30 -63.10 64.47
CA ALA A 8 15.49 -62.53 65.80
C ALA A 8 16.99 -62.47 66.09
N ARG A 9 17.31 -62.18 67.35
CA ARG A 9 18.68 -62.28 67.87
C ARG A 9 19.62 -61.34 67.11
N TRP A 10 19.13 -60.14 66.84
CA TRP A 10 19.89 -59.12 66.15
C TRP A 10 20.67 -58.29 67.16
N ILE A 11 21.80 -57.74 66.73
CA ILE A 11 22.78 -57.21 67.68
C ILE A 11 23.17 -55.78 67.28
N PRO A 12 23.28 -54.86 68.23
CA PRO A 12 23.69 -53.48 67.91
C PRO A 12 25.18 -53.42 67.63
N THR A 13 25.54 -53.22 66.36
CA THR A 13 26.94 -53.18 65.95
C THR A 13 27.06 -52.36 64.67
N LYS A 14 28.28 -51.92 64.38
CA LYS A 14 28.62 -51.28 63.12
C LYS A 14 29.44 -52.17 62.20
N ARG A 15 29.66 -53.43 62.59
CA ARG A 15 30.42 -54.37 61.77
C ARG A 15 29.54 -55.07 60.76
N GLN A 16 28.39 -54.48 60.45
CA GLN A 16 27.51 -54.96 59.41
C GLN A 16 27.18 -53.87 58.40
N LYS A 17 27.78 -52.69 58.52
CA LYS A 17 27.71 -51.69 57.47
C LYS A 17 28.31 -52.19 56.17
N TYR A 18 29.17 -53.20 56.23
CA TYR A 18 29.36 -54.11 55.09
C TYR A 18 28.14 -55.02 54.98
N GLY A 19 27.00 -54.38 54.74
CA GLY A 19 25.87 -55.16 54.29
C GLY A 19 25.92 -55.13 52.79
N VAL A 20 26.57 -56.12 52.21
CA VAL A 20 27.01 -56.08 50.83
C VAL A 20 26.50 -57.34 50.16
N ALA A 21 25.82 -57.19 49.02
CA ALA A 21 25.28 -58.33 48.31
C ALA A 21 26.40 -59.14 47.66
N ILE A 22 26.09 -60.39 47.32
CA ILE A 22 26.99 -61.22 46.55
C ILE A 22 26.42 -61.46 45.16
N TYR A 23 25.13 -61.75 45.08
CA TYR A 23 24.49 -62.09 43.82
C TYR A 23 23.00 -61.86 44.00
N ASN A 24 22.18 -62.41 43.11
CA ASN A 24 20.74 -62.28 43.26
C ASN A 24 20.24 -62.99 44.50
N TYR A 25 19.16 -62.47 45.08
CA TYR A 25 18.45 -63.14 46.15
C TYR A 25 16.98 -63.27 45.77
N ASN A 26 16.13 -63.64 46.72
CA ASN A 26 14.69 -63.69 46.57
C ASN A 26 14.05 -62.69 47.51
N ALA A 27 12.72 -62.59 47.43
CA ALA A 27 11.96 -61.66 48.27
C ALA A 27 11.30 -62.33 49.46
N SER A 28 11.92 -63.38 50.02
CA SER A 28 11.28 -64.13 51.09
C SER A 28 10.99 -63.26 52.30
N GLN A 29 11.87 -62.33 52.64
CA GLN A 29 11.65 -61.40 53.74
C GLN A 29 10.84 -60.21 53.25
N ASP A 30 10.43 -59.38 54.20
CA ASP A 30 9.57 -58.25 53.87
C ASP A 30 10.27 -57.24 52.98
N VAL A 31 11.60 -57.17 53.07
CA VAL A 31 12.36 -56.11 52.40
C VAL A 31 13.42 -56.67 51.49
N GLU A 32 13.16 -57.82 50.87
CA GLU A 32 14.18 -58.51 50.09
C GLU A 32 13.77 -58.67 48.64
N LEU A 33 14.75 -59.10 47.85
CA LEU A 33 14.66 -59.11 46.39
C LEU A 33 15.92 -59.77 45.86
N SER A 34 16.02 -59.87 44.53
CA SER A 34 17.27 -60.22 43.87
C SER A 34 18.20 -59.02 43.96
N LEU A 35 19.15 -59.11 44.88
CA LEU A 35 20.08 -58.00 45.05
C LEU A 35 21.05 -57.89 43.88
N GLN A 36 21.53 -56.68 43.66
CA GLN A 36 22.47 -56.36 42.60
C GLN A 36 23.87 -56.64 43.15
N ILE A 37 24.92 -56.17 42.47
CA ILE A 37 26.26 -56.29 43.05
C ILE A 37 26.45 -55.22 44.13
N GLY A 38 26.40 -53.96 43.73
CA GLY A 38 26.65 -52.87 44.66
C GLY A 38 25.50 -52.62 45.59
N ASP A 39 24.66 -53.63 45.83
CA ASP A 39 23.53 -53.48 46.74
C ASP A 39 24.05 -53.55 48.17
N THR A 40 24.63 -52.44 48.61
CA THR A 40 25.02 -52.30 49.99
C THR A 40 23.80 -51.95 50.83
N VAL A 41 23.72 -52.53 52.03
CA VAL A 41 22.70 -52.20 53.00
C VAL A 41 23.41 -51.85 54.30
N HIS A 42 23.08 -50.68 54.85
CA HIS A 42 23.80 -50.13 56.00
C HIS A 42 23.19 -50.72 57.26
N ILE A 43 23.65 -51.90 57.59
CA ILE A 43 22.96 -52.74 58.56
C ILE A 43 23.30 -52.31 59.98
N LEU A 44 22.30 -52.45 60.86
CA LEU A 44 22.51 -52.34 62.30
C LEU A 44 22.10 -53.59 63.06
N GLU A 45 20.90 -54.12 62.81
CA GLU A 45 20.41 -55.34 63.45
C GLU A 45 21.27 -56.51 62.99
N MET A 46 22.11 -57.01 63.90
CA MET A 46 23.11 -58.04 63.59
C MET A 46 22.67 -59.38 64.18
N TYR A 47 22.03 -60.19 63.37
CA TYR A 47 21.92 -61.61 63.70
C TYR A 47 23.05 -62.36 62.98
N GLU A 48 23.43 -63.49 63.55
CA GLU A 48 24.55 -64.28 63.03
C GLU A 48 24.36 -64.64 61.56
N GLY A 49 23.36 -65.47 61.26
CA GLY A 49 23.18 -65.95 59.90
C GLY A 49 22.48 -65.00 58.97
N TRP A 50 21.89 -63.93 59.49
CA TRP A 50 21.10 -63.01 58.71
C TRP A 50 21.31 -61.60 59.20
N TYR A 51 21.29 -60.66 58.26
CA TYR A 51 21.61 -59.26 58.54
C TYR A 51 20.46 -58.40 58.03
N ARG A 52 19.95 -57.50 58.88
CA ARG A 52 18.92 -56.55 58.48
C ARG A 52 19.28 -55.16 58.98
N GLY A 53 19.28 -54.20 58.05
CA GLY A 53 19.59 -52.83 58.40
C GLY A 53 19.39 -51.96 57.18
N TYR A 54 19.51 -50.65 57.40
CA TYR A 54 19.08 -49.68 56.41
C TYR A 54 19.78 -49.90 55.08
N THR A 55 19.01 -49.98 54.00
CA THR A 55 19.60 -50.19 52.69
C THR A 55 20.15 -48.87 52.14
N LEU A 56 21.16 -48.98 51.28
CA LEU A 56 21.68 -47.79 50.62
C LEU A 56 20.60 -47.12 49.78
N GLN A 57 19.84 -47.94 49.05
CA GLN A 57 18.76 -47.40 48.23
C GLN A 57 17.68 -46.76 49.10
N ASN A 58 17.35 -47.39 50.22
CA ASN A 58 16.33 -46.89 51.13
C ASN A 58 16.91 -46.87 52.53
N LYS A 59 17.62 -45.80 52.86
CA LYS A 59 18.24 -45.66 54.17
C LYS A 59 17.24 -45.38 55.27
N SER A 60 15.94 -45.49 54.97
CA SER A 60 14.90 -45.48 55.99
C SER A 60 14.25 -46.85 56.16
N LYS A 61 14.79 -47.88 55.52
CA LYS A 61 14.22 -49.22 55.56
C LYS A 61 15.34 -50.25 55.59
N LYS A 62 15.09 -51.38 56.25
CA LYS A 62 16.05 -52.45 56.44
C LYS A 62 16.10 -53.38 55.23
N GLY A 63 16.96 -54.40 55.32
CA GLY A 63 16.97 -55.53 54.40
C GLY A 63 17.54 -56.77 55.06
N ILE A 64 16.79 -57.87 55.09
CA ILE A 64 17.12 -59.04 55.91
C ILE A 64 17.78 -60.06 54.98
N PHE A 65 19.08 -60.29 55.13
CA PHE A 65 19.77 -60.99 54.05
C PHE A 65 20.76 -61.99 54.62
N PRO A 66 20.86 -63.20 54.04
CA PRO A 66 21.62 -64.28 54.69
C PRO A 66 23.10 -63.94 54.81
N GLU A 67 23.70 -64.44 55.90
CA GLU A 67 25.09 -64.09 56.20
C GLU A 67 26.05 -64.56 55.12
N THR A 68 25.86 -65.78 54.61
CA THR A 68 26.71 -66.21 53.51
C THR A 68 26.38 -65.47 52.23
N TYR A 69 25.09 -65.14 52.04
CA TYR A 69 24.73 -64.26 50.92
C TYR A 69 25.33 -62.88 51.10
N ILE A 70 25.37 -62.38 52.33
CA ILE A 70 26.16 -61.19 52.65
C ILE A 70 27.62 -61.50 52.32
N HIS A 71 28.29 -60.58 51.62
CA HIS A 71 29.75 -60.57 51.60
C HIS A 71 30.24 -59.58 52.67
N LEU A 72 29.99 -59.94 53.93
CA LEU A 72 30.43 -59.09 55.02
C LEU A 72 31.94 -58.97 55.04
N LYS A 73 32.40 -57.76 55.31
CA LYS A 73 33.75 -57.49 55.75
C LYS A 73 33.61 -56.73 57.07
N GLU A 74 34.69 -56.70 57.85
CA GLU A 74 34.61 -56.21 59.22
C GLU A 74 34.01 -54.80 59.30
N ALA A 75 34.54 -53.87 58.52
CA ALA A 75 34.43 -52.46 58.84
C ALA A 75 33.09 -51.86 58.42
N THR A 76 33.08 -50.53 58.41
CA THR A 76 31.97 -49.73 57.89
C THR A 76 32.22 -49.50 56.40
N VAL A 77 31.49 -48.57 55.78
CA VAL A 77 31.76 -48.20 54.39
C VAL A 77 33.14 -47.55 54.25
N GLU A 78 33.76 -47.18 55.37
CA GLU A 78 35.09 -46.59 55.38
C GLU A 78 36.13 -47.63 54.96
N ASP A 79 37.39 -47.18 54.87
CA ASP A 79 38.49 -48.07 54.54
C ASP A 79 39.73 -47.86 55.40
N LEU A 80 39.72 -46.93 56.33
CA LEU A 80 40.95 -46.64 57.08
C LEU A 80 40.76 -46.69 58.59
N GLY A 81 39.52 -46.61 59.09
CA GLY A 81 39.30 -46.74 60.53
C GLY A 81 39.59 -48.15 61.02
N GLN A 82 39.07 -49.15 60.33
CA GLN A 82 39.47 -50.54 60.54
C GLN A 82 40.60 -50.95 59.62
N HIS A 83 41.20 -49.98 58.92
CA HIS A 83 42.32 -50.20 58.00
C HIS A 83 41.95 -51.19 56.90
N GLU A 84 40.83 -50.90 56.23
CA GLU A 84 40.42 -51.65 55.05
C GLU A 84 41.09 -51.13 53.78
N THR A 85 41.90 -50.07 53.87
CA THR A 85 42.72 -49.64 52.75
C THR A 85 43.74 -50.71 52.39
N VAL A 86 43.87 -50.98 51.09
CA VAL A 86 44.96 -51.82 50.61
C VAL A 86 46.23 -50.99 50.70
N ILE A 87 46.06 -49.68 50.71
CA ILE A 87 47.17 -48.75 50.90
C ILE A 87 46.62 -47.57 51.72
N PRO A 88 47.25 -47.21 52.84
CA PRO A 88 46.56 -46.42 53.86
C PRO A 88 46.03 -45.08 53.36
N GLY A 89 44.74 -44.86 53.59
CA GLY A 89 44.12 -43.56 53.44
C GLY A 89 43.53 -43.23 52.09
N GLU A 90 43.94 -43.94 51.04
CA GLU A 90 43.53 -43.56 49.70
C GLU A 90 42.31 -44.35 49.23
N LEU A 91 41.95 -45.39 49.94
CA LEU A 91 40.68 -46.04 49.64
C LEU A 91 39.50 -45.17 50.07
N PRO A 92 39.63 -44.36 51.12
CA PRO A 92 38.67 -43.24 51.26
C PRO A 92 38.48 -42.49 49.96
N LEU A 93 39.56 -42.20 49.26
CA LEU A 93 39.43 -41.57 47.96
C LEU A 93 38.64 -42.46 47.00
N VAL A 94 38.91 -43.76 46.98
CA VAL A 94 38.26 -44.56 45.98
C VAL A 94 36.80 -44.76 46.32
N GLN A 95 36.45 -44.80 47.62
CA GLN A 95 35.04 -44.94 47.96
C GLN A 95 34.27 -43.68 47.64
N GLU A 96 34.82 -42.52 47.97
CA GLU A 96 34.15 -41.31 47.52
C GLU A 96 34.09 -41.27 46.00
N LEU A 97 35.12 -41.82 45.35
CA LEU A 97 35.07 -41.95 43.90
C LEU A 97 33.86 -42.76 43.48
N THR A 98 33.63 -43.89 44.13
CA THR A 98 32.48 -44.72 43.81
C THR A 98 31.19 -43.92 43.96
N SER A 99 31.06 -43.19 45.06
CA SER A 99 29.86 -42.36 45.23
C SER A 99 29.73 -41.39 44.07
N THR A 100 30.85 -40.82 43.64
CA THR A 100 30.83 -39.93 42.49
C THR A 100 30.39 -40.67 41.24
N LEU A 101 30.80 -41.92 41.13
CA LEU A 101 30.40 -42.72 39.99
C LEU A 101 28.90 -42.92 39.97
N ARG A 102 28.33 -43.22 41.12
CA ARG A 102 26.88 -43.29 41.22
C ARG A 102 26.24 -41.96 40.86
N GLU A 103 26.93 -40.85 41.13
CA GLU A 103 26.40 -39.57 40.68
C GLU A 103 26.40 -39.47 39.17
N TRP A 104 27.53 -39.75 38.54
CA TRP A 104 27.60 -39.79 37.09
C TRP A 104 26.53 -40.70 36.52
N ALA A 105 26.24 -41.79 37.22
CA ALA A 105 25.28 -42.76 36.73
C ALA A 105 23.95 -42.09 36.44
N VAL A 106 23.31 -41.56 37.47
CA VAL A 106 22.01 -40.94 37.24
C VAL A 106 22.16 -39.74 36.32
N ILE A 107 23.27 -39.01 36.42
CA ILE A 107 23.37 -37.78 35.64
C ILE A 107 23.28 -38.11 34.16
N TRP A 108 23.92 -39.19 33.74
CA TRP A 108 23.74 -39.59 32.34
C TRP A 108 22.39 -40.24 32.14
N ARG A 109 21.84 -40.88 33.17
CA ARG A 109 20.50 -41.46 33.04
C ARG A 109 19.45 -40.38 32.92
N LYS A 110 19.84 -39.10 32.91
CA LYS A 110 18.96 -38.09 32.36
C LYS A 110 19.48 -37.55 31.04
N LEU A 111 20.73 -37.83 30.71
CA LEU A 111 21.33 -37.25 29.52
C LEU A 111 20.68 -37.70 28.23
N TYR A 112 20.41 -38.99 28.08
CA TYR A 112 20.02 -39.53 26.79
C TYR A 112 18.83 -38.82 26.17
N VAL A 113 17.92 -38.25 26.96
CA VAL A 113 16.75 -37.62 26.36
C VAL A 113 17.17 -36.42 25.52
N ASN A 114 18.19 -35.71 25.94
CA ASN A 114 18.78 -34.74 25.04
C ASN A 114 19.75 -35.50 24.14
N ASN A 115 20.05 -34.94 22.98
CA ASN A 115 21.02 -35.57 22.10
C ASN A 115 22.17 -34.58 21.93
N LYS A 116 23.03 -34.59 22.94
CA LYS A 116 24.37 -34.03 22.95
C LYS A 116 25.38 -35.14 23.07
N LEU A 117 24.92 -36.38 22.88
CA LEU A 117 25.42 -37.53 23.59
C LEU A 117 26.81 -37.99 23.18
N THR A 118 27.49 -37.21 22.34
CA THR A 118 28.93 -37.38 22.23
C THR A 118 29.59 -37.04 23.55
N LEU A 119 29.06 -36.02 24.23
CA LEU A 119 29.48 -35.71 25.58
C LEU A 119 29.11 -36.84 26.52
N PHE A 120 27.94 -37.44 26.32
CA PHE A 120 27.58 -38.67 27.00
C PHE A 120 28.65 -39.74 26.81
N ARG A 121 29.07 -39.96 25.57
CA ARG A 121 30.11 -40.93 25.26
C ARG A 121 31.38 -40.63 26.06
N GLN A 122 31.95 -39.45 25.83
CA GLN A 122 33.21 -39.12 26.50
C GLN A 122 33.04 -39.23 28.00
N LEU A 123 31.85 -38.94 28.51
CA LEU A 123 31.52 -39.27 29.89
C LEU A 123 31.86 -40.72 30.20
N GLN A 124 31.26 -41.66 29.46
CA GLN A 124 31.54 -43.06 29.83
C GLN A 124 33.00 -43.42 29.59
N GLN A 125 33.67 -42.81 28.62
CA GLN A 125 35.07 -43.20 28.41
C GLN A 125 35.95 -42.70 29.55
N MET A 126 35.74 -41.47 29.99
CA MET A 126 36.37 -41.02 31.22
C MET A 126 36.00 -41.95 32.36
N THR A 127 34.77 -42.44 32.36
CA THR A 127 34.30 -43.35 33.39
C THR A 127 35.08 -44.66 33.35
N TYR A 128 35.36 -45.16 32.15
CA TYR A 128 36.15 -46.38 32.02
C TYR A 128 37.55 -46.16 32.54
N SER A 129 38.14 -45.02 32.21
CA SER A 129 39.41 -44.66 32.80
C SER A 129 39.31 -44.75 34.31
N LEU A 130 38.27 -44.14 34.86
CA LEU A 130 38.12 -44.07 36.31
C LEU A 130 38.02 -45.45 36.92
N ILE A 131 37.21 -46.31 36.30
CA ILE A 131 36.96 -47.61 36.91
C ILE A 131 38.19 -48.49 36.80
N GLU A 132 38.92 -48.43 35.68
CA GLU A 132 40.12 -49.26 35.60
C GLU A 132 41.17 -48.76 36.57
N TRP A 133 41.22 -47.45 36.80
CA TRP A 133 42.07 -46.94 37.87
C TRP A 133 41.61 -47.45 39.23
N ARG A 134 40.28 -47.47 39.43
CA ARG A 134 39.72 -48.05 40.63
C ARG A 134 40.28 -49.43 40.85
N SER A 135 40.21 -50.26 39.81
CA SER A 135 40.62 -51.64 39.90
C SER A 135 42.11 -51.76 40.16
N GLN A 136 42.92 -50.96 39.47
CA GLN A 136 44.36 -51.07 39.67
C GLN A 136 44.76 -50.66 41.07
N ILE A 137 44.09 -49.67 41.64
CA ILE A 137 44.38 -49.23 42.99
C ILE A 137 43.71 -50.15 44.02
N LEU A 138 42.86 -51.06 43.55
CA LEU A 138 42.24 -52.01 44.46
C LEU A 138 43.27 -52.95 45.08
N SER A 139 44.47 -52.96 44.54
CA SER A 139 45.60 -53.63 45.17
C SER A 139 46.66 -52.60 45.54
N GLY A 140 47.74 -53.07 46.16
CA GLY A 140 48.89 -52.22 46.41
C GLY A 140 49.84 -52.24 45.23
N THR A 141 49.28 -52.15 44.02
CA THR A 141 50.07 -52.31 42.80
C THR A 141 51.13 -51.23 42.64
N LEU A 142 50.70 -49.99 42.46
CA LEU A 142 51.62 -48.99 41.94
C LEU A 142 52.66 -48.56 42.96
N PRO A 143 53.82 -48.12 42.49
CA PRO A 143 54.74 -47.36 43.34
C PRO A 143 54.14 -45.99 43.67
N LYS A 144 54.58 -45.44 44.81
CA LYS A 144 53.80 -44.41 45.47
C LYS A 144 53.88 -43.07 44.74
N ASP A 145 54.97 -42.82 44.02
CA ASP A 145 55.00 -41.65 43.15
C ASP A 145 53.94 -41.76 42.06
N GLU A 146 53.74 -42.97 41.56
CA GLU A 146 52.68 -43.21 40.59
C GLU A 146 51.32 -43.02 41.22
N LEU A 147 51.17 -43.43 42.48
CA LEU A 147 49.95 -43.08 43.20
C LEU A 147 49.73 -41.59 43.19
N ALA A 148 50.76 -40.80 43.50
CA ALA A 148 50.59 -39.35 43.49
C ALA A 148 50.14 -38.84 42.15
N GLU A 149 50.85 -39.25 41.09
CA GLU A 149 50.53 -38.76 39.75
C GLU A 149 49.11 -39.13 39.36
N LEU A 150 48.77 -40.41 39.49
CA LEU A 150 47.45 -40.85 39.10
C LEU A 150 46.37 -40.25 39.99
N LYS A 151 46.72 -39.94 41.24
CA LYS A 151 45.78 -39.22 42.10
C LYS A 151 45.46 -37.87 41.49
N LYS A 152 46.49 -37.17 41.04
CA LYS A 152 46.25 -35.89 40.37
C LYS A 152 45.40 -36.09 39.12
N LYS A 153 45.67 -37.15 38.36
CA LYS A 153 44.89 -37.42 37.16
C LYS A 153 43.42 -37.70 37.49
N VAL A 154 43.17 -38.52 38.50
CA VAL A 154 41.80 -38.92 38.80
C VAL A 154 41.03 -37.75 39.40
N THR A 155 41.69 -36.96 40.24
CA THR A 155 41.06 -35.73 40.71
C THR A 155 40.77 -34.82 39.53
N ALA A 156 41.67 -34.79 38.56
CA ALA A 156 41.42 -34.02 37.35
C ALA A 156 40.14 -34.49 36.68
N LYS A 157 40.00 -35.80 36.53
CA LYS A 157 38.79 -36.31 35.88
C LYS A 157 37.55 -35.99 36.70
N ILE A 158 37.65 -36.09 38.02
CA ILE A 158 36.50 -35.81 38.87
C ILE A 158 36.05 -34.37 38.70
N ASP A 159 37.00 -33.44 38.80
CA ASP A 159 36.64 -32.04 38.65
C ASP A 159 36.18 -31.75 37.24
N HIS A 160 36.73 -32.47 36.26
CA HIS A 160 36.30 -32.31 34.90
C HIS A 160 34.84 -32.66 34.76
N GLY A 161 34.44 -33.78 35.36
CA GLY A 161 33.04 -34.13 35.32
C GLY A 161 32.18 -33.11 35.99
N ASN A 162 32.56 -32.69 37.20
CA ASN A 162 31.69 -31.81 37.96
C ASN A 162 31.61 -30.43 37.33
N ARG A 163 32.67 -30.02 36.65
CA ARG A 163 32.60 -28.79 35.86
C ARG A 163 31.71 -28.99 34.65
N MET A 164 31.75 -30.18 34.05
CA MET A 164 30.78 -30.48 33.00
C MET A 164 29.38 -30.45 33.57
N LEU A 165 29.21 -31.05 34.73
CA LEU A 165 27.89 -31.34 35.26
C LEU A 165 27.42 -30.35 36.29
N GLY A 166 27.85 -29.10 36.19
CA GLY A 166 27.34 -28.05 37.05
C GLY A 166 27.31 -28.43 38.51
N LEU A 167 28.22 -29.31 38.93
CA LEU A 167 28.29 -29.72 40.32
C LEU A 167 29.27 -28.81 41.05
N ASP A 168 29.66 -29.23 42.25
CA ASP A 168 30.47 -28.39 43.12
C ASP A 168 31.90 -28.31 42.60
N LEU A 169 32.76 -27.69 43.40
CA LEU A 169 34.19 -27.91 43.34
C LEU A 169 34.57 -28.84 44.48
N VAL A 170 35.20 -29.91 44.15
CA VAL A 170 35.83 -30.70 45.19
C VAL A 170 37.18 -30.05 45.46
N VAL A 171 37.81 -30.41 46.57
CA VAL A 171 38.98 -29.71 47.04
C VAL A 171 40.05 -30.71 47.44
N ARG A 172 41.14 -30.23 48.03
CA ARG A 172 42.18 -31.05 48.64
C ARG A 172 42.72 -32.10 47.66
N ASP A 173 43.36 -31.62 46.60
CA ASP A 173 43.80 -32.50 45.53
C ASP A 173 44.47 -33.77 46.05
N ASP A 174 45.58 -33.62 46.73
CA ASP A 174 46.36 -34.74 47.22
C ASP A 174 45.63 -35.42 48.37
N ASN A 175 45.89 -36.72 48.49
CA ASN A 175 45.53 -37.57 49.63
C ASN A 175 44.21 -37.23 50.31
N GLY A 176 43.12 -37.18 49.54
CA GLY A 176 41.82 -37.29 50.14
C GLY A 176 40.69 -36.46 49.55
N ASN A 177 41.02 -35.30 48.98
CA ASN A 177 40.04 -34.37 48.43
C ASN A 177 39.12 -33.80 49.50
N ILE A 178 39.24 -34.33 50.70
CA ILE A 178 38.29 -34.03 51.77
C ILE A 178 38.97 -33.67 53.07
N LEU A 179 40.29 -33.84 53.18
CA LEU A 179 41.00 -33.27 54.31
C LEU A 179 40.59 -31.82 54.55
N ASP A 180 40.77 -30.99 53.53
CA ASP A 180 40.47 -29.57 53.67
C ASP A 180 39.05 -29.29 54.14
N PRO A 181 38.02 -29.95 53.63
CA PRO A 181 36.67 -29.64 54.12
C PRO A 181 36.38 -30.20 55.49
N ASP A 182 37.40 -30.54 56.24
CA ASP A 182 37.25 -30.77 57.67
C ASP A 182 36.84 -29.53 58.44
N GLU A 183 36.59 -28.42 57.74
CA GLU A 183 36.23 -27.13 58.31
C GLU A 183 37.04 -26.81 59.57
N THR A 184 38.36 -26.92 59.43
CA THR A 184 39.22 -26.51 60.54
C THR A 184 39.81 -25.13 60.33
N SER A 185 40.50 -24.88 59.22
CA SER A 185 40.87 -23.50 58.91
C SER A 185 39.73 -22.88 58.15
N THR A 186 39.86 -21.62 57.75
CA THR A 186 38.90 -21.02 56.84
C THR A 186 39.57 -20.47 55.59
N ILE A 187 40.61 -19.66 55.76
CA ILE A 187 41.19 -19.01 54.60
C ILE A 187 41.79 -20.05 53.67
N ALA A 188 42.43 -21.08 54.23
CA ALA A 188 42.94 -22.16 53.41
C ALA A 188 41.83 -22.74 52.55
N LEU A 189 40.63 -22.83 53.09
CA LEU A 189 39.51 -23.28 52.28
C LEU A 189 39.30 -22.36 51.09
N PHE A 190 39.35 -21.05 51.33
CA PHE A 190 39.11 -20.13 50.23
C PHE A 190 40.18 -20.28 49.17
N LYS A 191 41.44 -20.35 49.58
CA LYS A 191 42.51 -20.46 48.60
C LYS A 191 42.51 -21.80 47.91
N ALA A 192 42.06 -22.86 48.57
CA ALA A 192 42.00 -24.15 47.93
C ALA A 192 40.89 -24.19 46.89
N HIS A 193 39.72 -23.67 47.28
CA HIS A 193 38.67 -23.43 46.30
C HIS A 193 39.23 -22.64 45.14
N GLU A 194 40.06 -21.66 45.45
CA GLU A 194 40.65 -20.81 44.42
C GLU A 194 41.53 -21.62 43.49
N VAL A 195 42.39 -22.47 44.05
CA VAL A 195 43.32 -23.24 43.24
C VAL A 195 42.56 -24.24 42.39
N ALA A 196 41.53 -24.86 42.95
CA ALA A 196 40.71 -25.77 42.18
C ALA A 196 40.06 -25.04 41.02
N SER A 197 39.56 -23.84 41.27
CA SER A 197 39.00 -23.05 40.18
C SER A 197 40.06 -22.79 39.11
N LYS A 198 41.27 -22.45 39.54
CA LYS A 198 42.35 -22.26 38.58
C LYS A 198 42.52 -23.47 37.69
N ARG A 199 42.64 -24.65 38.29
CA ARG A 199 42.88 -25.85 37.50
C ARG A 199 41.72 -26.11 36.57
N ILE A 200 40.50 -25.87 37.04
CA ILE A 200 39.32 -26.06 36.20
C ILE A 200 39.40 -25.18 34.97
N GLU A 201 39.71 -23.90 35.19
CA GLU A 201 39.77 -22.96 34.08
C GLU A 201 40.90 -23.32 33.13
N GLU A 202 42.05 -23.72 33.67
CA GLU A 202 43.13 -24.20 32.82
C GLU A 202 42.68 -25.38 31.97
N LYS A 203 41.96 -26.32 32.57
CA LYS A 203 41.57 -27.52 31.85
C LYS A 203 40.51 -27.23 30.80
N ILE A 204 39.57 -26.36 31.09
CA ILE A 204 38.57 -26.04 30.08
C ILE A 204 39.21 -25.26 28.94
N GLN A 205 40.15 -24.37 29.28
CA GLN A 205 40.92 -23.70 28.24
C GLN A 205 41.68 -24.70 27.40
N GLU A 206 42.31 -25.67 28.03
CA GLU A 206 43.11 -26.64 27.27
C GLU A 206 42.21 -27.55 26.45
N GLU A 207 40.99 -27.81 26.92
CA GLU A 207 40.06 -28.60 26.14
C GLU A 207 39.60 -27.85 24.91
N LYS A 208 39.27 -26.56 25.07
CA LYS A 208 38.81 -25.77 23.93
C LYS A 208 39.98 -25.33 23.06
N SER A 209 41.21 -25.54 23.52
CA SER A 209 42.41 -25.20 22.77
C SER A 209 42.98 -26.38 22.00
N ILE A 210 43.13 -27.53 22.65
CA ILE A 210 43.43 -28.77 21.96
C ILE A 210 42.26 -29.24 21.11
N LEU A 211 41.07 -28.69 21.30
CA LEU A 211 40.02 -28.78 20.30
C LEU A 211 40.44 -28.11 19.00
N GLN A 212 41.36 -27.14 19.08
CA GLN A 212 41.88 -26.48 17.88
C GLN A 212 43.38 -26.72 17.71
N ASN A 213 44.19 -26.38 18.71
CA ASN A 213 45.64 -26.36 18.59
C ASN A 213 46.23 -27.68 19.08
N LEU A 214 47.37 -28.05 18.50
CA LEU A 214 48.01 -29.30 18.87
C LEU A 214 49.50 -29.17 19.13
N ASP A 215 50.08 -27.98 18.94
CA ASP A 215 51.50 -27.80 19.20
C ASP A 215 51.79 -26.82 20.33
N LEU A 216 50.91 -25.84 20.56
CA LEU A 216 51.05 -25.02 21.76
C LEU A 216 50.98 -25.86 23.02
N ARG A 217 50.19 -26.93 23.00
CA ARG A 217 50.13 -27.85 24.13
C ARG A 217 51.49 -28.49 24.40
N GLY A 218 52.23 -28.81 23.32
CA GLY A 218 53.54 -29.39 23.51
C GLY A 218 54.49 -28.48 24.27
N GLN A 219 54.55 -27.21 23.88
CA GLN A 219 55.42 -26.28 24.57
C GLN A 219 54.89 -25.93 25.96
N SER A 220 53.57 -25.95 26.14
CA SER A 220 53.04 -25.77 27.49
C SER A 220 53.51 -26.91 28.40
N ILE A 221 53.62 -28.11 27.85
CA ILE A 221 54.19 -29.23 28.62
C ILE A 221 55.69 -29.02 28.84
N PHE A 222 56.39 -28.52 27.81
CA PHE A 222 57.85 -28.52 27.82
C PHE A 222 58.45 -27.23 28.35
N SER A 223 57.65 -26.32 28.90
CA SER A 223 58.22 -25.14 29.53
C SER A 223 59.17 -25.51 30.66
N THR A 224 58.77 -26.46 31.52
CA THR A 224 59.59 -26.86 32.65
C THR A 224 60.78 -27.70 32.20
N ILE A 225 60.50 -28.84 31.60
CA ILE A 225 61.55 -29.75 31.13
C ILE A 225 62.19 -29.18 29.88
N HIS A 226 63.51 -29.18 29.85
CA HIS A 226 64.22 -28.84 28.61
C HIS A 226 65.37 -29.78 28.32
N THR A 227 65.19 -31.08 28.50
CA THR A 227 66.06 -32.09 27.90
C THR A 227 65.18 -33.11 27.20
N TYR A 228 65.44 -33.31 25.91
CA TYR A 228 64.61 -34.18 25.09
C TYR A 228 65.50 -35.05 24.21
N GLY A 229 64.91 -36.09 23.65
CA GLY A 229 65.62 -36.94 22.73
C GLY A 229 64.87 -37.16 21.43
N LEU A 230 65.42 -36.67 20.33
CA LEU A 230 64.83 -36.91 19.01
C LEU A 230 65.06 -38.37 18.66
N TYR A 231 63.99 -39.13 18.51
CA TYR A 231 64.09 -40.55 18.25
C TYR A 231 64.45 -40.78 16.79
N VAL A 232 65.52 -41.52 16.56
CA VAL A 232 65.96 -41.89 15.22
C VAL A 232 65.86 -43.40 15.09
N ASN A 233 65.42 -43.88 13.92
CA ASN A 233 65.46 -45.29 13.58
C ASN A 233 65.68 -45.42 12.08
N PHE A 234 66.89 -45.80 11.70
CA PHE A 234 67.27 -45.93 10.30
C PHE A 234 67.05 -47.36 9.81
N LYS A 235 66.77 -47.50 8.51
CA LYS A 235 66.46 -48.80 7.94
C LYS A 235 67.53 -49.29 6.97
N ASN A 236 67.75 -48.58 5.86
CA ASN A 236 68.67 -49.05 4.83
C ASN A 236 68.90 -47.92 3.84
N PHE A 237 70.15 -47.75 3.42
CA PHE A 237 70.48 -46.79 2.37
C PHE A 237 70.24 -47.47 1.03
N VAL A 238 69.29 -46.93 0.26
CA VAL A 238 68.89 -47.55 -0.98
C VAL A 238 69.82 -47.10 -2.11
N CYS A 239 70.88 -47.88 -2.33
CA CYS A 239 71.74 -47.80 -3.51
C CYS A 239 72.85 -48.84 -3.41
N ASN A 240 73.46 -49.18 -4.53
CA ASN A 240 74.61 -50.08 -4.56
C ASN A 240 75.89 -49.25 -4.52
N ILE A 241 76.46 -49.11 -3.34
CA ILE A 241 77.71 -48.40 -3.16
C ILE A 241 78.88 -49.21 -3.70
N GLY A 242 78.72 -50.53 -3.78
CA GLY A 242 79.75 -51.40 -4.28
C GLY A 242 81.00 -51.47 -3.43
N GLU A 243 81.05 -50.73 -2.33
CA GLU A 243 82.23 -50.65 -1.50
C GLU A 243 81.80 -50.35 -0.07
N ASP A 244 82.70 -50.64 0.87
CA ASP A 244 82.39 -50.41 2.28
C ASP A 244 82.05 -48.94 2.52
N ALA A 245 81.12 -48.70 3.43
CA ALA A 245 80.61 -47.36 3.63
C ALA A 245 80.44 -47.08 5.12
N GLU A 246 80.29 -45.79 5.44
CA GLU A 246 80.07 -45.36 6.82
C GLU A 246 79.07 -44.22 6.85
N LEU A 247 78.02 -44.38 7.65
CA LEU A 247 76.92 -43.43 7.72
C LEU A 247 77.13 -42.52 8.93
N PHE A 248 77.21 -41.21 8.68
CA PHE A 248 77.50 -40.23 9.71
C PHE A 248 76.31 -39.32 9.92
N MET A 249 75.49 -39.62 10.92
CA MET A 249 74.28 -38.85 11.20
C MET A 249 74.60 -37.84 12.29
N ALA A 250 74.64 -36.57 11.90
CA ALA A 250 74.84 -35.48 12.86
C ALA A 250 73.83 -34.39 12.58
N LEU A 251 73.47 -33.65 13.62
CA LEU A 251 72.55 -32.53 13.50
C LEU A 251 73.34 -31.27 13.19
N TYR A 252 72.85 -30.49 12.24
CA TYR A 252 73.53 -29.30 11.76
C TYR A 252 72.62 -28.09 11.78
N ASP A 253 73.20 -26.95 12.18
CA ASP A 253 72.47 -25.69 12.22
C ASP A 253 73.06 -24.75 11.18
N PRO A 254 72.48 -24.67 9.98
CA PRO A 254 72.88 -23.62 9.05
C PRO A 254 72.65 -22.24 9.62
N ASP A 255 71.63 -22.11 10.48
CA ASP A 255 71.33 -20.83 11.09
C ASP A 255 72.48 -20.36 11.94
N GLN A 256 73.20 -21.30 12.55
CA GLN A 256 74.50 -21.05 13.14
C GLN A 256 75.64 -21.52 12.26
N SER A 257 75.32 -22.08 11.09
CA SER A 257 76.31 -22.53 10.12
C SER A 257 77.24 -23.61 10.70
N THR A 258 76.90 -24.13 11.88
CA THR A 258 77.81 -24.98 12.62
C THR A 258 77.12 -26.30 12.95
N PHE A 259 77.89 -27.21 13.51
CA PHE A 259 77.41 -28.54 13.87
C PHE A 259 76.65 -28.48 15.19
N ILE A 260 75.80 -29.48 15.40
CA ILE A 260 75.01 -29.50 16.63
C ILE A 260 75.30 -30.80 17.39
N SER A 261 74.93 -31.93 16.81
CA SER A 261 75.04 -33.21 17.48
C SER A 261 76.20 -34.02 16.90
N GLU A 262 76.76 -34.89 17.74
CA GLU A 262 77.87 -35.71 17.32
C GLU A 262 77.46 -36.65 16.20
N ASN A 263 78.43 -36.99 15.35
CA ASN A 263 78.17 -37.84 14.19
C ASN A 263 77.77 -39.23 14.66
N TYR A 264 76.48 -39.54 14.60
CA TYR A 264 76.06 -40.91 14.82
C TYR A 264 76.69 -41.81 13.77
N LEU A 265 77.37 -42.86 14.23
CA LEU A 265 78.24 -43.66 13.40
C LEU A 265 77.61 -45.02 13.12
N ILE A 266 77.44 -45.31 11.83
CA ILE A 266 76.93 -46.60 11.38
C ILE A 266 77.93 -47.22 10.43
N ARG A 267 78.36 -48.44 10.75
CA ARG A 267 79.13 -49.23 9.81
C ARG A 267 78.22 -49.71 8.69
N TRP A 268 78.65 -49.48 7.45
CA TRP A 268 77.82 -49.79 6.29
C TRP A 268 78.60 -50.71 5.35
N GLY A 269 77.91 -51.70 4.82
CA GLY A 269 78.56 -52.76 4.08
C GLY A 269 78.90 -52.37 2.66
N SER A 270 79.66 -53.26 2.02
CA SER A 270 80.09 -53.09 0.64
C SER A 270 78.94 -53.12 -0.36
N ASN A 271 77.80 -53.73 -0.01
CA ASN A 271 76.72 -53.93 -0.95
C ASN A 271 75.57 -52.95 -0.77
N GLY A 272 75.84 -51.75 -0.27
CA GLY A 272 74.76 -50.84 0.06
C GLY A 272 73.87 -51.36 1.17
N MET A 273 74.46 -51.93 2.22
CA MET A 273 73.81 -52.68 3.26
C MET A 273 74.49 -52.43 4.61
N PRO A 274 73.82 -52.70 5.72
CA PRO A 274 74.46 -52.50 7.03
C PRO A 274 75.63 -53.44 7.24
N LYS A 275 76.83 -52.86 7.39
CA LYS A 275 77.99 -53.68 7.74
C LYS A 275 77.79 -54.38 9.07
N GLU A 276 76.99 -53.80 9.96
CA GLU A 276 76.45 -54.48 11.13
C GLU A 276 74.98 -54.71 10.89
N ILE A 277 74.61 -55.93 10.51
CA ILE A 277 73.21 -56.25 10.28
C ILE A 277 72.47 -56.56 11.58
N GLU A 278 73.20 -56.87 12.65
CA GLU A 278 72.57 -57.15 13.93
C GLU A 278 71.72 -55.99 14.41
N LYS A 279 72.11 -54.77 14.07
CA LYS A 279 71.38 -53.57 14.47
C LYS A 279 70.34 -53.14 13.44
N LEU A 280 70.15 -53.93 12.38
CA LEU A 280 69.21 -53.56 11.32
C LEU A 280 67.87 -53.07 11.86
N ASN A 281 67.48 -53.56 13.03
CA ASN A 281 66.30 -53.05 13.72
C ASN A 281 66.64 -51.93 14.69
N ASN A 282 67.85 -51.93 15.24
CA ASN A 282 68.25 -50.99 16.28
C ASN A 282 69.12 -49.87 15.71
N LEU A 283 68.94 -49.57 14.42
CA LEU A 283 69.68 -48.49 13.78
C LEU A 283 69.14 -47.15 14.26
N GLN A 284 69.40 -46.83 15.53
CA GLN A 284 68.69 -45.79 16.25
C GLN A 284 69.68 -44.80 16.85
N ALA A 285 69.28 -43.54 16.94
CA ALA A 285 70.04 -42.53 17.64
C ALA A 285 69.10 -41.62 18.41
N VAL A 286 69.48 -41.28 19.64
CA VAL A 286 68.69 -40.40 20.48
C VAL A 286 69.52 -39.16 20.79
N PHE A 287 69.07 -38.02 20.29
CA PHE A 287 69.84 -36.79 20.40
C PHE A 287 69.41 -36.04 21.65
N THR A 288 70.36 -35.87 22.55
CA THR A 288 70.12 -35.48 23.93
C THR A 288 70.01 -33.96 24.04
N ASP A 289 69.81 -33.50 25.27
CA ASP A 289 70.05 -32.11 25.67
C ASP A 289 69.10 -31.12 25.02
N LEU A 290 68.17 -31.59 24.20
CA LEU A 290 67.26 -30.70 23.47
C LEU A 290 66.51 -29.83 24.47
N SER A 291 66.48 -28.53 24.20
CA SER A 291 66.04 -27.55 25.19
C SER A 291 65.34 -26.38 24.50
N SER A 292 65.19 -25.28 25.25
CA SER A 292 64.38 -24.16 24.78
C SER A 292 64.93 -23.56 23.49
N MET A 293 66.22 -23.19 23.48
CA MET A 293 66.81 -22.76 22.22
C MET A 293 66.79 -23.87 21.20
N ASP A 294 67.00 -25.11 21.65
CA ASP A 294 66.97 -26.24 20.74
C ASP A 294 65.59 -26.42 20.11
N LEU A 295 64.52 -26.19 20.88
CA LEU A 295 63.19 -26.24 20.30
C LEU A 295 62.92 -25.04 19.41
N ILE A 296 63.57 -23.91 19.68
CA ILE A 296 63.39 -22.74 18.82
C ILE A 296 64.56 -22.50 17.88
N ARG A 297 65.45 -23.47 17.71
CA ARG A 297 66.51 -23.31 16.73
C ARG A 297 65.92 -23.36 15.33
N PRO A 298 66.09 -22.30 14.53
CA PRO A 298 65.22 -22.07 13.36
C PRO A 298 65.30 -23.15 12.29
N ARG A 299 66.45 -23.77 12.11
CA ARG A 299 66.61 -24.81 11.11
C ARG A 299 67.72 -25.77 11.55
N VAL A 300 67.32 -26.95 12.00
CA VAL A 300 68.24 -28.00 12.39
C VAL A 300 68.03 -29.19 11.45
N SER A 301 69.12 -29.71 10.93
CA SER A 301 69.02 -30.80 9.96
C SER A 301 69.93 -31.93 10.36
N LEU A 302 69.37 -33.14 10.40
CA LEU A 302 70.18 -34.33 10.57
C LEU A 302 70.89 -34.62 9.26
N VAL A 303 72.22 -34.52 9.28
CA VAL A 303 73.01 -34.48 8.05
C VAL A 303 73.84 -35.76 7.98
N CYS A 304 73.48 -36.63 7.06
CA CYS A 304 74.14 -37.91 6.87
C CYS A 304 75.13 -37.84 5.72
N GLN A 305 76.28 -38.45 5.94
CA GLN A 305 77.27 -38.65 4.90
C GLN A 305 77.64 -40.11 4.82
N ILE A 306 78.16 -40.50 3.66
CA ILE A 306 78.87 -41.76 3.49
C ILE A 306 80.28 -41.43 3.05
N VAL A 307 81.26 -41.96 3.78
CA VAL A 307 82.65 -41.93 3.38
C VAL A 307 83.04 -43.35 3.04
N ARG A 308 83.22 -43.63 1.75
CA ARG A 308 83.32 -45.01 1.27
C ARG A 308 84.61 -45.65 1.78
N VAL A 309 84.45 -46.58 2.72
CA VAL A 309 85.56 -47.36 3.24
C VAL A 309 85.95 -48.41 2.22
N GLY A 310 87.23 -48.79 2.22
CA GLY A 310 87.72 -49.74 1.25
C GLY A 310 88.87 -49.18 0.46
N HIS A 311 88.66 -48.96 -0.83
CA HIS A 311 89.68 -48.46 -1.72
C HIS A 311 89.45 -46.99 -2.04
N MET A 312 90.42 -46.42 -2.76
CA MET A 312 90.34 -45.01 -3.13
C MET A 312 89.16 -44.75 -4.07
N GLU A 313 89.05 -45.54 -5.13
CA GLU A 313 88.11 -45.29 -6.19
C GLU A 313 87.48 -46.61 -6.60
N LEU A 314 86.32 -46.52 -7.24
CA LEU A 314 85.68 -47.67 -7.87
C LEU A 314 86.09 -47.66 -9.33
N LYS A 315 87.40 -47.53 -9.55
CA LYS A 315 87.98 -47.50 -10.89
C LYS A 315 88.69 -48.83 -11.13
N GLU A 316 88.36 -49.46 -12.25
CA GLU A 316 88.80 -50.80 -12.57
C GLU A 316 90.22 -50.77 -13.12
N GLY A 317 91.10 -51.55 -12.50
CA GLY A 317 92.48 -51.65 -12.93
C GLY A 317 93.45 -51.62 -11.77
N LYS A 318 93.09 -50.93 -10.69
CA LYS A 318 93.97 -50.81 -9.54
C LYS A 318 93.17 -50.98 -8.26
N LYS A 319 93.69 -51.80 -7.36
CA LYS A 319 93.17 -51.83 -6.00
C LYS A 319 93.71 -50.65 -5.21
N HIS A 320 93.32 -50.59 -3.95
CA HIS A 320 93.87 -49.65 -2.98
C HIS A 320 93.83 -50.32 -1.62
N THR A 321 94.66 -49.83 -0.70
CA THR A 321 94.72 -50.43 0.63
C THR A 321 93.35 -50.40 1.27
N CYS A 322 92.74 -51.57 1.45
CA CYS A 322 91.35 -51.65 1.87
C CYS A 322 91.12 -50.93 3.19
N GLY A 323 90.05 -50.17 3.25
CA GLY A 323 89.77 -49.30 4.39
C GLY A 323 90.08 -47.84 4.16
N LEU A 324 90.08 -47.39 2.90
CA LEU A 324 90.47 -46.02 2.59
C LEU A 324 89.25 -45.12 2.56
N ARG A 325 89.14 -44.25 3.56
CA ARG A 325 87.99 -43.37 3.74
C ARG A 325 87.95 -42.33 2.62
N ARG A 326 87.01 -42.51 1.69
CA ARG A 326 86.95 -41.66 0.51
C ARG A 326 85.62 -40.93 0.45
N PRO A 327 85.61 -39.68 0.00
CA PRO A 327 84.36 -38.91 -0.01
C PRO A 327 83.30 -39.53 -0.92
N PHE A 328 82.04 -39.48 -0.47
CA PHE A 328 80.94 -40.00 -1.26
C PHE A 328 79.65 -39.17 -1.16
N GLY A 329 79.63 -38.08 -0.41
CA GLY A 329 78.51 -37.16 -0.49
C GLY A 329 77.83 -36.90 0.84
N VAL A 330 76.65 -36.28 0.74
CA VAL A 330 75.92 -35.75 1.89
C VAL A 330 74.41 -35.96 1.69
N ALA A 331 73.70 -36.15 2.80
CA ALA A 331 72.25 -36.16 2.84
C ALA A 331 71.75 -35.18 3.89
N VAL A 332 70.72 -34.41 3.56
CA VAL A 332 70.21 -33.35 4.44
C VAL A 332 68.71 -33.22 4.31
N MET A 333 68.01 -33.13 5.45
CA MET A 333 66.73 -32.45 5.55
C MET A 333 66.64 -31.73 6.89
N ASP A 334 66.12 -30.51 6.86
CA ASP A 334 65.77 -29.81 8.09
C ASP A 334 64.63 -30.51 8.80
N ILE A 335 64.67 -30.53 10.13
CA ILE A 335 63.67 -31.19 10.94
C ILE A 335 62.96 -30.24 11.89
N THR A 336 62.96 -28.94 11.59
CA THR A 336 62.41 -27.97 12.52
C THR A 336 60.92 -28.20 12.76
N ASP A 337 60.19 -28.56 11.72
CA ASP A 337 58.81 -29.00 11.91
C ASP A 337 58.70 -30.09 12.95
N ILE A 338 59.59 -31.09 12.89
CA ILE A 338 59.49 -32.22 13.80
C ILE A 338 60.06 -31.87 15.17
N ILE A 339 61.06 -30.98 15.23
CA ILE A 339 61.54 -30.58 16.55
C ILE A 339 60.46 -29.76 17.24
N HIS A 340 59.55 -29.16 16.47
CA HIS A 340 58.31 -28.67 17.04
C HIS A 340 57.40 -29.79 17.50
N GLY A 341 57.65 -31.03 17.06
CA GLY A 341 56.83 -32.16 17.44
C GLY A 341 55.65 -32.44 16.56
N LYS A 342 55.42 -31.65 15.51
CA LYS A 342 54.22 -31.81 14.70
C LYS A 342 54.14 -33.20 14.06
N VAL A 343 55.20 -33.62 13.39
CA VAL A 343 55.16 -34.89 12.67
C VAL A 343 55.40 -35.99 13.70
N ASP A 344 54.30 -36.46 14.29
CA ASP A 344 54.34 -37.28 15.50
C ASP A 344 53.86 -38.69 15.18
N ASP A 345 54.77 -39.52 14.68
CA ASP A 345 54.47 -40.92 14.42
C ASP A 345 55.72 -41.78 14.40
N GLU A 346 55.69 -42.90 15.13
CA GLU A 346 56.75 -43.89 15.01
C GLU A 346 56.72 -44.54 13.63
N GLU A 347 55.63 -44.35 12.91
CA GLU A 347 55.47 -44.90 11.57
C GLU A 347 56.39 -44.26 10.55
N LYS A 348 56.58 -42.94 10.60
CA LYS A 348 57.07 -42.21 9.43
C LYS A 348 58.53 -42.58 9.15
N GLN A 349 58.72 -43.57 8.30
CA GLN A 349 60.04 -44.03 7.89
C GLN A 349 60.51 -43.13 6.74
N HIS A 350 60.99 -41.94 7.12
CA HIS A 350 61.44 -40.94 6.15
C HIS A 350 62.55 -41.48 5.26
N PHE A 351 62.28 -41.58 3.96
CA PHE A 351 63.37 -41.75 3.00
C PHE A 351 64.16 -40.46 2.94
N ILE A 352 65.48 -40.58 2.84
CA ILE A 352 66.37 -39.43 2.87
C ILE A 352 67.13 -39.40 1.55
N PRO A 353 66.72 -38.58 0.58
CA PRO A 353 67.43 -38.55 -0.71
C PRO A 353 68.88 -38.11 -0.55
N PHE A 354 69.79 -39.03 -0.82
CA PHE A 354 71.22 -38.80 -0.64
C PHE A 354 71.83 -38.19 -1.89
N GLN A 355 72.73 -37.23 -1.70
CA GLN A 355 73.51 -36.65 -2.78
C GLN A 355 74.97 -37.10 -2.64
N GLN A 356 75.41 -37.96 -3.54
CA GLN A 356 76.83 -38.14 -3.73
C GLN A 356 77.41 -36.87 -4.35
N ILE A 357 78.59 -36.47 -3.87
CA ILE A 357 79.23 -35.30 -4.44
C ILE A 357 79.38 -35.51 -5.94
N ALA A 358 79.22 -34.43 -6.70
CA ALA A 358 78.76 -34.52 -8.09
C ALA A 358 79.78 -35.23 -8.95
N MET A 359 79.66 -36.56 -9.06
CA MET A 359 80.41 -37.34 -10.04
C MET A 359 79.56 -37.49 -11.31
N GLU A 360 79.47 -36.38 -12.04
CA GLU A 360 78.74 -36.34 -13.30
C GLU A 360 79.69 -36.44 -14.49
N THR A 361 80.06 -37.67 -14.82
CA THR A 361 80.97 -37.94 -15.93
C THR A 361 80.48 -39.15 -16.71
N TYR A 362 79.17 -39.20 -16.99
CA TYR A 362 78.59 -40.33 -17.70
C TYR A 362 77.73 -39.93 -18.90
N ILE A 363 77.01 -38.82 -18.82
CA ILE A 363 76.06 -38.47 -19.87
C ILE A 363 76.50 -37.21 -20.62
N ARG A 364 77.20 -36.31 -19.92
CA ARG A 364 77.59 -35.05 -20.53
C ARG A 364 78.85 -35.16 -21.39
N GLN A 365 79.37 -36.37 -21.60
CA GLN A 365 80.64 -36.54 -22.28
C GLN A 365 80.49 -37.12 -23.69
N ARG A 366 79.35 -37.74 -23.99
CA ARG A 366 79.24 -38.50 -25.24
C ARG A 366 79.07 -37.60 -26.46
N GLN A 367 78.72 -36.33 -26.28
CA GLN A 367 78.49 -35.42 -27.42
C GLN A 367 79.15 -34.06 -27.16
N LEU A 368 80.38 -33.92 -27.64
CA LEU A 368 81.06 -32.62 -27.71
C LEU A 368 81.95 -32.66 -28.95
N ILE A 369 81.41 -32.18 -30.08
CA ILE A 369 82.06 -32.31 -31.38
C ILE A 369 81.99 -30.96 -32.11
N MET A 370 82.86 -30.82 -33.11
CA MET A 370 82.96 -29.77 -34.12
C MET A 370 83.59 -28.47 -33.61
N SER A 371 83.82 -28.29 -32.31
CA SER A 371 84.57 -27.13 -31.85
C SER A 371 85.04 -27.29 -30.41
N PRO A 372 85.96 -28.20 -30.12
CA PRO A 372 86.37 -28.43 -28.73
C PRO A 372 87.34 -27.37 -28.24
N LEU A 373 86.83 -26.45 -27.40
CA LEU A 373 87.70 -25.49 -26.70
C LEU A 373 87.16 -25.36 -25.28
N ILE A 374 87.58 -26.30 -24.41
CA ILE A 374 87.18 -26.36 -23.00
C ILE A 374 88.23 -27.17 -22.24
N THR A 375 88.63 -26.68 -21.07
CA THR A 375 89.57 -27.39 -20.19
C THR A 375 89.11 -27.22 -18.74
N SER A 376 89.20 -28.29 -17.95
CA SER A 376 88.91 -28.25 -16.52
C SER A 376 89.67 -29.35 -15.79
N HIS A 377 89.50 -29.37 -14.47
CA HIS A 377 90.11 -30.35 -13.58
C HIS A 377 89.09 -31.42 -13.20
N VAL A 378 89.48 -32.26 -12.24
CA VAL A 378 88.60 -33.29 -11.71
C VAL A 378 88.08 -32.80 -10.36
N ILE A 379 86.85 -32.30 -10.35
CA ILE A 379 86.15 -32.03 -9.10
C ILE A 379 84.81 -32.75 -9.16
N GLY A 380 84.78 -33.99 -8.67
CA GLY A 380 83.55 -34.72 -8.48
C GLY A 380 83.41 -35.03 -7.02
N GLU A 381 84.53 -34.94 -6.31
CA GLU A 381 84.59 -35.00 -4.86
C GLU A 381 85.52 -33.94 -4.27
N ASN A 382 86.40 -33.35 -5.08
CA ASN A 382 87.43 -32.39 -4.67
C ASN A 382 86.86 -31.07 -4.18
N GLU A 383 85.55 -30.91 -4.21
CA GLU A 383 84.93 -29.66 -3.79
C GLU A 383 84.93 -29.58 -2.26
N PRO A 384 85.18 -28.42 -1.67
CA PRO A 384 85.21 -28.32 -0.21
C PRO A 384 83.89 -28.74 0.42
N LEU A 385 83.98 -29.51 1.51
CA LEU A 385 82.78 -29.93 2.22
C LEU A 385 82.02 -28.75 2.81
N THR A 386 82.70 -27.62 3.02
CA THR A 386 82.01 -26.38 3.33
C THR A 386 81.04 -26.02 2.21
N SER A 387 81.51 -26.10 0.96
CA SER A 387 80.68 -25.71 -0.16
C SER A 387 79.56 -26.70 -0.41
N VAL A 388 79.84 -28.00 -0.28
CA VAL A 388 78.79 -29.01 -0.42
C VAL A 388 77.73 -28.81 0.66
N LEU A 389 78.18 -28.61 1.90
CA LEU A 389 77.29 -28.26 3.00
C LEU A 389 76.35 -27.12 2.61
N ASN A 390 76.92 -25.96 2.29
CA ASN A 390 76.09 -24.78 2.05
C ASN A 390 75.22 -24.94 0.81
N LYS A 391 75.72 -25.68 -0.19
CA LYS A 391 74.92 -25.91 -1.40
C LYS A 391 73.66 -26.72 -1.08
N VAL A 392 73.83 -27.84 -0.37
CA VAL A 392 72.65 -28.61 0.03
C VAL A 392 71.79 -27.81 1.00
N ILE A 393 72.39 -26.85 1.71
CA ILE A 393 71.61 -25.95 2.57
C ILE A 393 70.66 -25.12 1.72
N ALA A 394 71.19 -24.49 0.67
CA ALA A 394 70.37 -23.56 -0.12
C ALA A 394 69.37 -24.30 -1.01
N ALA A 395 69.80 -25.38 -1.66
CA ALA A 395 68.94 -26.07 -2.61
C ALA A 395 67.77 -26.75 -1.90
N LYS A 396 66.84 -27.29 -2.68
CA LYS A 396 65.67 -27.98 -2.14
C LYS A 396 65.28 -29.24 -2.90
N GLU A 397 66.14 -29.75 -3.78
CA GLU A 397 65.92 -31.04 -4.42
C GLU A 397 67.22 -31.83 -4.42
N VAL A 398 67.09 -33.15 -4.44
CA VAL A 398 68.24 -34.05 -4.58
C VAL A 398 68.01 -34.84 -5.87
N ASN A 399 69.04 -34.96 -6.70
CA ASN A 399 68.98 -35.85 -7.85
C ASN A 399 69.50 -37.24 -7.45
N HIS A 400 68.96 -37.72 -6.34
CA HIS A 400 69.34 -39.02 -5.81
C HIS A 400 68.95 -40.15 -6.73
N LYS A 401 67.73 -40.09 -7.28
CA LYS A 401 67.14 -41.20 -8.01
C LYS A 401 67.14 -42.47 -7.15
N GLY A 402 66.37 -42.39 -6.06
CA GLY A 402 66.27 -43.49 -5.12
C GLY A 402 67.47 -43.64 -4.21
N GLN A 403 68.62 -43.07 -4.57
CA GLN A 403 69.85 -43.24 -3.80
C GLN A 403 69.71 -42.42 -2.53
N GLY A 404 69.14 -43.07 -1.51
CA GLY A 404 68.97 -42.44 -0.22
C GLY A 404 68.69 -43.51 0.82
N LEU A 405 68.40 -43.05 2.03
CA LEU A 405 68.29 -43.95 3.16
C LEU A 405 67.01 -43.64 3.94
N TRP A 406 66.55 -44.64 4.70
CA TRP A 406 65.23 -44.59 5.32
C TRP A 406 65.37 -44.48 6.83
N VAL A 407 64.68 -43.51 7.41
CA VAL A 407 64.70 -43.31 8.86
C VAL A 407 63.28 -43.04 9.34
N SER A 408 62.90 -43.69 10.42
CA SER A 408 61.67 -43.36 11.14
C SER A 408 62.04 -42.51 12.35
N LEU A 409 61.39 -41.36 12.50
CA LEU A 409 61.84 -40.33 13.41
C LEU A 409 60.69 -39.79 14.25
N LYS A 410 61.00 -39.43 15.49
CA LYS A 410 60.15 -38.62 16.35
C LYS A 410 61.02 -37.94 17.39
N LEU A 411 60.45 -36.96 18.08
CA LEU A 411 61.10 -36.33 19.22
C LEU A 411 60.41 -36.79 20.49
N LEU A 412 61.21 -37.13 21.51
CA LEU A 412 60.69 -37.60 22.79
C LEU A 412 61.19 -36.70 23.91
N PRO A 413 60.31 -36.19 24.76
CA PRO A 413 60.76 -35.40 25.91
C PRO A 413 61.44 -36.28 26.95
N GLY A 414 62.23 -35.62 27.81
CA GLY A 414 62.99 -36.32 28.81
C GLY A 414 64.42 -36.58 28.38
N ASP A 415 65.26 -36.81 29.38
CA ASP A 415 66.68 -37.06 29.15
C ASP A 415 66.89 -38.51 28.75
N LEU A 416 68.14 -38.97 28.78
CA LEU A 416 68.40 -40.40 28.58
C LEU A 416 67.57 -41.23 29.53
N THR A 417 67.58 -40.88 30.82
CA THR A 417 66.85 -41.67 31.80
C THR A 417 65.37 -41.72 31.46
N GLN A 418 64.69 -40.58 31.52
CA GLN A 418 63.24 -40.56 31.44
C GLN A 418 62.73 -41.25 30.18
N VAL A 419 63.38 -41.00 29.05
CA VAL A 419 63.01 -41.70 27.82
C VAL A 419 63.28 -43.19 27.96
N GLN A 420 64.45 -43.54 28.49
CA GLN A 420 64.89 -44.93 28.65
C GLN A 420 64.11 -45.68 29.72
N LYS A 421 63.19 -45.00 30.40
CA LYS A 421 62.32 -45.63 31.37
C LYS A 421 60.87 -45.67 30.87
N ASN A 422 60.33 -44.51 30.55
CA ASN A 422 58.95 -44.42 30.08
C ASN A 422 58.81 -44.91 28.65
N PHE A 423 59.89 -44.91 27.88
CA PHE A 423 59.85 -45.26 26.47
C PHE A 423 61.06 -46.09 26.08
N SER A 424 61.47 -47.01 26.95
CA SER A 424 62.59 -47.88 26.62
C SER A 424 62.24 -48.85 25.51
N HIS A 425 60.96 -48.96 25.15
CA HIS A 425 60.57 -49.80 24.04
C HIS A 425 61.29 -49.41 22.77
N LEU A 426 61.40 -48.10 22.52
CA LEU A 426 62.20 -47.64 21.39
C LEU A 426 63.69 -47.86 21.64
N VAL A 427 64.14 -47.62 22.87
CA VAL A 427 65.55 -47.39 23.16
C VAL A 427 65.94 -48.33 24.30
N ASP A 428 66.73 -49.35 23.99
CA ASP A 428 67.32 -50.18 25.03
C ASP A 428 68.72 -49.66 25.39
N ARG A 429 69.40 -50.37 26.28
CA ARG A 429 70.71 -49.92 26.72
C ARG A 429 71.80 -50.22 25.69
N SER A 430 71.50 -51.10 24.73
CA SER A 430 72.38 -51.29 23.60
C SER A 430 72.08 -50.31 22.46
N THR A 431 71.00 -49.52 22.58
CA THR A 431 70.69 -48.53 21.58
C THR A 431 71.80 -47.49 21.49
N ALA A 432 72.12 -47.08 20.28
CA ALA A 432 73.14 -46.06 20.07
C ALA A 432 72.65 -44.70 20.54
N ILE A 433 73.59 -43.88 21.01
CA ILE A 433 73.27 -42.56 21.57
C ILE A 433 74.18 -41.53 20.90
N ALA A 434 73.60 -40.38 20.53
CA ALA A 434 74.37 -39.22 20.12
C ALA A 434 73.86 -38.00 20.90
N ARG A 435 74.77 -37.30 21.57
CA ARG A 435 74.44 -36.07 22.25
C ARG A 435 74.64 -34.89 21.31
N LYS A 436 73.74 -33.91 21.41
CA LYS A 436 74.06 -32.60 20.88
C LYS A 436 75.33 -32.10 21.53
N MET A 437 76.27 -31.65 20.71
CA MET A 437 77.62 -31.37 21.18
C MET A 437 77.69 -30.11 22.02
N GLY A 438 77.68 -30.24 23.35
CA GLY A 438 77.85 -29.06 24.18
C GLY A 438 77.45 -29.19 25.62
N PHE A 439 76.74 -28.19 26.13
CA PHE A 439 76.33 -28.09 27.52
C PHE A 439 74.85 -27.75 27.56
N PRO A 440 74.17 -28.04 28.67
CA PRO A 440 72.72 -27.83 28.75
C PRO A 440 72.33 -26.46 29.27
N GLU A 441 71.01 -26.26 29.33
CA GLU A 441 70.47 -25.10 30.04
C GLU A 441 70.40 -25.32 31.53
N ILE A 442 70.65 -26.55 31.99
CA ILE A 442 70.60 -26.90 33.40
C ILE A 442 71.71 -27.90 33.67
N ILE A 443 72.73 -27.45 34.39
CA ILE A 443 73.90 -28.26 34.71
C ILE A 443 73.71 -28.82 36.11
N LEU A 444 73.33 -30.08 36.19
CA LEU A 444 73.25 -30.75 37.46
C LEU A 444 74.65 -30.97 38.01
N PRO A 445 74.89 -30.67 39.28
CA PRO A 445 76.21 -30.95 39.87
C PRO A 445 76.50 -32.43 39.86
N GLY A 446 77.46 -32.85 39.06
CA GLY A 446 77.73 -34.25 38.83
C GLY A 446 77.24 -34.79 37.50
N ASP A 447 77.00 -33.92 36.51
CA ASP A 447 76.67 -34.38 35.16
C ASP A 447 77.95 -34.85 34.47
N VAL A 448 78.60 -35.87 35.03
CA VAL A 448 79.98 -36.16 34.68
C VAL A 448 80.06 -36.78 33.30
N ARG A 449 80.36 -35.95 32.30
CA ARG A 449 80.62 -36.41 30.96
C ARG A 449 82.10 -36.19 30.66
N ASN A 450 82.55 -36.73 29.54
CA ASN A 450 83.91 -36.48 29.07
C ASN A 450 83.94 -36.35 27.55
N ASP A 451 82.85 -35.92 26.95
CA ASP A 451 82.74 -35.94 25.50
C ASP A 451 83.51 -34.77 24.88
N ILE A 452 84.72 -35.06 24.39
CA ILE A 452 85.56 -34.07 23.76
C ILE A 452 85.41 -34.24 22.25
N TYR A 453 84.45 -33.53 21.67
CA TYR A 453 84.20 -33.59 20.23
C TYR A 453 85.27 -32.77 19.51
N VAL A 454 86.18 -33.45 18.84
CA VAL A 454 87.24 -32.82 18.08
C VAL A 454 86.75 -32.65 16.65
N THR A 455 86.49 -31.40 16.25
CA THR A 455 85.93 -31.09 14.94
C THR A 455 87.04 -30.74 13.97
N LEU A 456 87.18 -31.55 12.92
CA LEU A 456 88.17 -31.30 11.88
C LEU A 456 87.57 -30.38 10.83
N ILE A 457 87.96 -29.10 10.83
CA ILE A 457 87.31 -28.14 9.94
C ILE A 457 87.93 -28.19 8.56
N HIS A 458 89.26 -28.07 8.48
CA HIS A 458 89.97 -28.23 7.21
C HIS A 458 91.44 -28.45 7.50
N GLY A 459 92.24 -28.40 6.43
CA GLY A 459 93.67 -28.44 6.54
C GLY A 459 94.32 -28.06 5.23
N GLU A 460 95.33 -27.18 5.28
CA GLU A 460 96.01 -26.77 4.06
C GLU A 460 97.30 -27.57 3.90
N PHE A 461 97.60 -27.95 2.66
CA PHE A 461 98.77 -28.77 2.36
C PHE A 461 99.26 -28.35 0.97
N ASP A 462 100.53 -28.00 0.88
CA ASP A 462 101.11 -27.66 -0.42
C ASP A 462 101.43 -28.93 -1.20
N LYS A 463 101.40 -28.82 -2.53
CA LYS A 463 101.43 -30.01 -3.39
C LYS A 463 102.75 -30.76 -3.27
N GLY A 464 103.86 -30.04 -3.12
CA GLY A 464 105.13 -30.71 -2.88
C GLY A 464 105.81 -31.15 -4.16
N LYS A 465 106.73 -32.12 -4.03
CA LYS A 465 107.46 -32.60 -5.19
C LYS A 465 106.55 -33.22 -6.23
N LYS A 466 105.61 -34.05 -5.82
CA LYS A 466 104.66 -34.65 -6.74
C LYS A 466 103.61 -33.59 -7.10
N LYS A 467 103.35 -33.42 -8.39
CA LYS A 467 102.41 -32.39 -8.81
C LYS A 467 101.01 -32.71 -8.32
N THR A 468 100.74 -33.96 -8.01
CA THR A 468 99.56 -34.29 -7.26
C THR A 468 99.73 -33.75 -5.85
N PRO A 469 98.83 -32.91 -5.37
CA PRO A 469 98.86 -32.56 -3.94
C PRO A 469 98.85 -33.83 -3.13
N LYS A 470 99.95 -34.08 -2.40
CA LYS A 470 100.16 -35.38 -1.78
C LYS A 470 98.91 -35.82 -1.04
N ASN A 471 98.49 -37.06 -1.29
CA ASN A 471 97.16 -37.51 -0.88
C ASN A 471 97.14 -37.58 0.64
N VAL A 472 96.67 -36.49 1.24
CA VAL A 472 96.72 -36.33 2.68
C VAL A 472 95.78 -37.35 3.33
N GLU A 473 96.33 -38.12 4.26
CA GLU A 473 95.51 -38.85 5.22
C GLU A 473 96.05 -38.57 6.61
N VAL A 474 95.51 -37.54 7.26
CA VAL A 474 95.89 -37.22 8.62
C VAL A 474 95.47 -38.38 9.51
N THR A 475 96.45 -39.12 9.99
CA THR A 475 96.21 -40.30 10.82
C THR A 475 96.85 -40.03 12.16
N MET A 476 96.06 -39.52 13.10
CA MET A 476 96.56 -38.98 14.35
C MET A 476 96.35 -39.96 15.50
N SER A 477 97.42 -40.19 16.25
CA SER A 477 97.46 -41.17 17.33
C SER A 477 97.66 -40.46 18.65
N VAL A 478 96.85 -40.82 19.65
CA VAL A 478 96.89 -40.21 20.96
C VAL A 478 97.75 -41.07 21.86
N HIS A 479 98.69 -40.45 22.56
CA HIS A 479 99.65 -41.16 23.39
C HIS A 479 99.68 -40.62 24.81
N ASP A 480 100.46 -41.27 25.65
CA ASP A 480 100.78 -40.74 26.97
C ASP A 480 101.85 -39.68 26.78
N GLU A 481 102.47 -39.24 27.87
CA GLU A 481 103.65 -38.40 27.72
C GLU A 481 104.90 -39.20 27.37
N GLU A 482 104.75 -40.42 26.87
CA GLU A 482 105.88 -41.28 26.51
C GLU A 482 105.66 -41.95 25.16
N GLY A 483 104.89 -41.32 24.29
CA GLY A 483 104.66 -41.87 22.96
C GLY A 483 104.01 -43.23 22.95
N LYS A 484 103.08 -43.46 23.87
CA LYS A 484 102.38 -44.74 23.96
C LYS A 484 100.94 -44.57 23.49
N LEU A 485 100.64 -45.07 22.31
CA LEU A 485 99.29 -44.97 21.77
C LEU A 485 98.29 -45.70 22.68
N LEU A 486 97.06 -45.19 22.72
CA LEU A 486 96.02 -45.78 23.54
C LEU A 486 94.78 -46.06 22.70
N GLU A 487 94.12 -47.17 22.99
CA GLU A 487 92.99 -47.63 22.20
C GLU A 487 91.72 -46.86 22.55
N LYS A 488 90.82 -46.76 21.57
CA LYS A 488 89.46 -46.23 21.73
C LYS A 488 89.48 -44.74 22.04
N ALA A 489 90.65 -44.17 22.28
CA ALA A 489 90.74 -42.80 22.75
C ALA A 489 90.02 -41.84 21.81
N ILE A 490 90.18 -42.06 20.51
CA ILE A 490 89.49 -41.25 19.51
C ILE A 490 88.21 -41.99 19.13
N HIS A 491 87.08 -41.49 19.63
CA HIS A 491 85.81 -42.01 19.20
C HIS A 491 85.45 -41.39 17.86
N PRO A 492 85.37 -42.18 16.79
CA PRO A 492 85.12 -41.60 15.46
C PRO A 492 83.74 -40.97 15.36
N GLY A 493 82.72 -41.62 15.91
CA GLY A 493 81.37 -41.10 15.81
C GLY A 493 80.48 -41.77 16.83
N ALA A 494 79.29 -41.20 16.99
CA ALA A 494 78.35 -41.65 18.01
C ALA A 494 77.69 -42.96 17.60
N GLY A 495 77.30 -43.73 18.62
CA GLY A 495 76.77 -45.05 18.35
C GLY A 495 77.83 -46.08 18.03
N TYR A 496 79.10 -45.75 18.25
CA TYR A 496 80.16 -46.73 18.04
C TYR A 496 81.37 -46.36 18.87
N GLU A 497 82.05 -47.39 19.37
CA GLU A 497 83.21 -47.27 20.24
C GLU A 497 84.37 -46.59 19.51
N GLY A 498 85.31 -46.05 20.29
CA GLY A 498 86.43 -45.33 19.74
C GLY A 498 87.42 -46.15 18.93
N ILE A 499 88.55 -45.54 18.57
CA ILE A 499 89.64 -46.24 17.91
C ILE A 499 90.96 -45.75 18.50
N SER A 500 91.99 -46.59 18.39
CA SER A 500 93.32 -46.19 18.85
C SER A 500 93.81 -44.96 18.12
N GLU A 501 93.82 -45.02 16.79
CA GLU A 501 94.28 -43.95 15.93
C GLU A 501 93.17 -43.62 14.94
N TYR A 502 93.02 -42.35 14.61
CA TYR A 502 91.94 -41.92 13.74
C TYR A 502 92.48 -41.59 12.36
N LYS A 503 91.66 -41.89 11.36
CA LYS A 503 92.03 -41.72 9.95
C LYS A 503 91.23 -40.58 9.36
N SER A 504 91.89 -39.77 8.54
CA SER A 504 91.22 -38.68 7.87
C SER A 504 90.86 -39.08 6.44
N VAL A 505 89.81 -38.46 5.91
CA VAL A 505 89.42 -38.68 4.53
C VAL A 505 90.58 -38.25 3.62
N VAL A 506 90.99 -39.15 2.73
CA VAL A 506 92.12 -38.88 1.86
C VAL A 506 91.57 -38.07 0.69
N TYR A 507 91.58 -36.76 0.84
CA TYR A 507 91.20 -35.86 -0.22
C TYR A 507 92.15 -36.07 -1.39
N TYR A 508 91.63 -36.63 -2.47
CA TYR A 508 92.46 -37.14 -3.55
C TYR A 508 93.10 -36.00 -4.31
N GLN A 509 94.35 -35.67 -3.94
CA GLN A 509 95.13 -34.65 -4.61
C GLN A 509 94.43 -33.28 -4.57
N VAL A 510 94.28 -32.80 -3.34
CA VAL A 510 93.55 -31.57 -3.04
C VAL A 510 94.50 -30.59 -2.35
N LYS A 511 94.39 -29.32 -2.72
CA LYS A 511 95.24 -28.29 -2.13
C LYS A 511 94.86 -27.97 -0.69
N GLN A 512 93.62 -27.57 -0.45
CA GLN A 512 93.13 -27.24 0.90
C GLN A 512 91.89 -28.05 1.21
N PRO A 513 92.05 -29.30 1.60
CA PRO A 513 90.90 -30.12 2.00
C PRO A 513 90.17 -29.53 3.20
N CYS A 514 88.84 -29.68 3.17
CA CYS A 514 87.95 -29.23 4.25
C CYS A 514 87.21 -30.43 4.80
N TRP A 515 87.45 -30.74 6.08
CA TRP A 515 87.03 -32.02 6.64
C TRP A 515 85.60 -32.01 7.18
N TYR A 516 85.27 -31.08 8.08
CA TYR A 516 83.99 -31.08 8.78
C TYR A 516 83.79 -32.30 9.66
N GLU A 517 84.85 -33.09 9.86
CA GLU A 517 84.78 -34.32 10.63
C GLU A 517 84.74 -33.97 12.11
N THR A 518 84.22 -34.89 12.92
CA THR A 518 84.14 -34.73 14.36
C THR A 518 84.42 -36.06 15.03
N VAL A 519 85.21 -36.03 16.10
CA VAL A 519 85.52 -37.23 16.89
C VAL A 519 85.47 -36.90 18.37
N LYS A 520 84.85 -37.78 19.14
CA LYS A 520 84.86 -37.63 20.59
C LYS A 520 86.18 -38.14 21.15
N VAL A 521 86.70 -37.40 22.13
CA VAL A 521 87.80 -37.87 22.96
C VAL A 521 87.23 -38.06 24.36
N SER A 522 87.62 -39.15 25.02
CA SER A 522 87.24 -39.35 26.41
C SER A 522 88.27 -40.25 27.06
N ILE A 523 89.05 -39.68 27.98
CA ILE A 523 90.14 -40.38 28.66
C ILE A 523 89.91 -40.23 30.16
N ALA A 524 90.63 -41.04 30.93
CA ALA A 524 90.64 -40.87 32.37
C ALA A 524 90.97 -39.42 32.72
N ILE A 525 89.99 -38.74 33.33
CA ILE A 525 90.07 -37.30 33.50
C ILE A 525 91.27 -36.89 34.35
N GLU A 526 91.69 -37.75 35.28
CA GLU A 526 92.93 -37.56 36.02
C GLU A 526 94.17 -37.87 35.20
N GLU A 527 94.10 -38.85 34.30
CA GLU A 527 95.27 -39.23 33.52
C GLU A 527 95.38 -38.42 32.23
N VAL A 528 94.26 -37.99 31.66
CA VAL A 528 94.28 -37.23 30.42
C VAL A 528 95.16 -36.00 30.56
N THR A 529 95.32 -35.49 31.78
CA THR A 529 96.15 -34.33 32.02
C THR A 529 97.58 -34.51 31.53
N ARG A 530 98.12 -35.72 31.59
CA ARG A 530 99.55 -35.93 31.44
C ARG A 530 99.83 -36.87 30.27
N CYS A 531 99.24 -36.57 29.12
CA CYS A 531 99.37 -37.36 27.91
C CYS A 531 99.73 -36.45 26.75
N HIS A 532 99.67 -36.98 25.52
CA HIS A 532 99.78 -36.16 24.33
C HIS A 532 99.14 -36.88 23.15
N ILE A 533 99.32 -36.32 21.96
CA ILE A 533 98.79 -36.87 20.71
C ILE A 533 99.87 -36.70 19.65
N ARG A 534 99.82 -37.52 18.60
CA ARG A 534 100.70 -37.34 17.46
C ARG A 534 99.91 -37.54 16.18
N PHE A 535 100.33 -36.86 15.12
CA PHE A 535 99.67 -36.90 13.81
C PHE A 535 100.59 -37.54 12.80
N THR A 536 100.02 -37.99 11.67
CA THR A 536 100.78 -38.49 10.54
C THR A 536 100.12 -38.01 9.25
N PHE A 537 100.91 -37.39 8.37
CA PHE A 537 100.43 -36.91 7.08
C PHE A 537 101.21 -37.62 5.99
N ARG A 538 100.61 -38.64 5.40
CA ARG A 538 101.25 -39.47 4.38
C ARG A 538 100.72 -39.09 3.01
N HIS A 539 101.53 -39.35 1.98
CA HIS A 539 101.07 -39.27 0.61
C HIS A 539 100.48 -40.63 0.24
N ARG A 540 99.17 -40.68 0.03
CA ARG A 540 98.51 -41.94 -0.27
C ARG A 540 98.39 -42.11 -1.79
N SER A 541 99.39 -42.73 -2.40
CA SER A 541 99.30 -42.96 -3.83
C SER A 541 98.41 -44.17 -4.13
N SER A 542 98.16 -44.38 -5.43
CA SER A 542 97.26 -45.45 -5.86
C SER A 542 97.86 -46.84 -5.70
N GLN A 543 99.04 -46.98 -5.09
CA GLN A 543 99.69 -48.27 -4.94
C GLN A 543 99.59 -48.72 -3.49
N GLU A 544 99.19 -49.97 -3.28
CA GLU A 544 99.10 -50.53 -1.93
C GLU A 544 100.46 -50.59 -1.26
N THR A 545 101.44 -51.20 -1.94
CA THR A 545 102.78 -51.30 -1.37
C THR A 545 103.38 -49.91 -1.17
N ARG A 546 103.06 -48.98 -2.07
CA ARG A 546 103.47 -47.59 -1.88
C ARG A 546 102.61 -46.90 -0.84
N ASP A 547 101.36 -47.35 -0.68
CA ASP A 547 100.52 -46.81 0.39
C ASP A 547 101.12 -47.09 1.76
N LYS A 548 101.68 -48.30 1.94
CA LYS A 548 102.29 -48.65 3.22
C LYS A 548 103.74 -48.17 3.30
N SER A 549 104.48 -48.21 2.20
CA SER A 549 105.91 -47.90 2.24
C SER A 549 106.16 -46.41 2.36
N GLU A 550 105.31 -45.58 1.77
CA GLU A 550 105.40 -44.15 1.98
C GLU A 550 105.28 -43.83 3.45
N ARG A 551 106.18 -43.00 3.95
CA ARG A 551 106.11 -42.51 5.31
C ARG A 551 105.21 -41.28 5.34
N ALA A 552 104.80 -40.90 6.54
CA ALA A 552 104.06 -39.65 6.69
C ALA A 552 105.06 -38.54 6.44
N PHE A 553 105.10 -38.06 5.19
CA PHE A 553 106.08 -37.05 4.82
C PHE A 553 106.00 -35.86 5.77
N GLY A 554 104.80 -35.56 6.26
CA GLY A 554 104.62 -34.64 7.38
C GLY A 554 104.10 -35.39 8.60
N VAL A 555 104.58 -34.99 9.76
CA VAL A 555 104.16 -35.56 11.04
C VAL A 555 103.93 -34.40 12.00
N ALA A 556 103.04 -34.60 12.96
CA ALA A 556 102.71 -33.55 13.94
C ALA A 556 102.34 -34.22 15.25
N PHE A 557 102.38 -33.43 16.31
CA PHE A 557 102.18 -33.96 17.65
C PHE A 557 101.65 -32.84 18.55
N VAL A 558 100.61 -33.17 19.32
CA VAL A 558 99.93 -32.20 20.16
C VAL A 558 99.68 -32.84 21.52
N LYS A 559 99.45 -32.02 22.53
CA LYS A 559 99.31 -32.46 23.91
C LYS A 559 97.89 -32.20 24.40
N LEU A 560 97.67 -32.41 25.69
CA LEU A 560 96.32 -32.33 26.23
C LEU A 560 96.10 -31.15 27.16
N MET A 561 96.83 -31.05 28.26
CA MET A 561 96.78 -29.85 29.08
C MET A 561 97.88 -28.92 28.63
N ASN A 562 97.67 -27.62 28.83
CA ASN A 562 98.81 -26.74 28.87
C ASN A 562 99.68 -27.13 30.07
N PRO A 563 101.00 -27.02 29.96
CA PRO A 563 101.87 -27.54 31.03
C PRO A 563 101.58 -26.94 32.38
N ASP A 564 100.92 -25.78 32.42
CA ASP A 564 100.44 -25.23 33.69
C ASP A 564 99.40 -26.14 34.33
N GLY A 565 98.84 -27.07 33.57
CA GLY A 565 97.78 -27.96 34.02
C GLY A 565 96.44 -27.69 33.39
N THR A 566 96.20 -26.47 32.92
CA THR A 566 94.95 -26.19 32.22
C THR A 566 94.88 -27.00 30.94
N THR A 567 93.76 -27.68 30.76
CA THR A 567 93.53 -28.38 29.50
C THR A 567 93.48 -27.36 28.37
N LEU A 568 93.81 -27.82 27.17
CA LEU A 568 93.80 -26.92 26.02
C LEU A 568 92.41 -26.31 25.87
N GLN A 569 92.38 -25.00 25.70
CA GLN A 569 91.12 -24.28 25.69
C GLN A 569 90.30 -24.65 24.47
N ASP A 570 89.00 -24.42 24.54
CA ASP A 570 88.13 -24.67 23.40
C ASP A 570 88.48 -23.70 22.27
N GLY A 571 87.80 -23.87 21.14
CA GLY A 571 88.06 -23.06 19.98
C GLY A 571 89.04 -23.73 19.03
N ARG A 572 89.34 -23.00 17.96
CA ARG A 572 90.22 -23.53 16.93
C ARG A 572 91.67 -23.44 17.37
N HIS A 573 92.38 -24.57 17.18
CA HIS A 573 93.80 -24.62 17.45
C HIS A 573 94.52 -25.23 16.25
N ASP A 574 95.39 -24.44 15.64
CA ASP A 574 96.05 -24.82 14.41
C ASP A 574 97.17 -25.82 14.68
N LEU A 575 97.52 -26.56 13.63
CA LEU A 575 98.51 -27.62 13.72
C LEU A 575 99.43 -27.53 12.52
N VAL A 576 100.72 -27.45 12.76
CA VAL A 576 101.70 -27.41 11.67
C VAL A 576 101.97 -28.84 11.21
N VAL A 577 102.10 -29.01 9.90
CA VAL A 577 102.60 -30.27 9.35
C VAL A 577 104.12 -30.22 9.31
N TYR A 578 104.75 -30.95 10.21
CA TYR A 578 106.20 -30.96 10.35
C TYR A 578 106.76 -32.17 9.60
N LYS A 579 107.91 -31.98 8.96
CA LYS A 579 108.41 -32.98 8.04
C LYS A 579 109.83 -33.43 8.40
N GLY A 580 110.49 -34.11 7.48
CA GLY A 580 111.89 -34.46 7.66
C GLY A 580 112.08 -35.55 8.69
N ASP A 581 113.07 -35.37 9.56
CA ASP A 581 113.35 -36.37 10.57
C ASP A 581 112.22 -36.41 11.58
N ASN A 582 111.45 -37.49 11.55
CA ASN A 582 110.38 -37.70 12.52
C ASN A 582 110.84 -38.50 13.73
N LYS A 583 112.09 -38.94 13.76
CA LYS A 583 112.67 -39.40 15.02
C LYS A 583 112.68 -38.26 16.03
N LYS A 584 112.87 -37.04 15.55
CA LYS A 584 112.58 -35.86 16.37
C LYS A 584 111.16 -35.86 16.89
N MET A 585 110.24 -36.48 16.16
CA MET A 585 108.81 -36.23 16.28
C MET A 585 108.03 -37.51 16.50
N GLU A 586 108.70 -38.62 16.83
CA GLU A 586 108.05 -39.86 17.23
C GLU A 586 108.76 -40.47 18.44
N ASP A 587 109.76 -39.79 18.98
CA ASP A 587 110.50 -40.25 20.15
C ASP A 587 109.66 -40.00 21.40
N ALA A 588 109.63 -40.99 22.29
CA ALA A 588 108.71 -41.04 23.42
C ALA A 588 108.45 -39.69 24.08
N LYS A 589 109.50 -38.88 24.25
CA LYS A 589 109.34 -37.61 24.94
C LYS A 589 109.99 -36.46 24.17
N PHE A 590 110.87 -36.80 23.23
CA PHE A 590 111.73 -35.77 22.67
C PHE A 590 110.92 -34.71 21.93
N TYR A 591 109.90 -35.12 21.19
CA TYR A 591 109.05 -34.11 20.56
C TYR A 591 108.23 -33.36 21.58
N LEU A 592 107.89 -33.96 22.72
CA LEU A 592 107.23 -33.20 23.77
C LEU A 592 108.09 -32.03 24.21
N THR A 593 109.42 -32.18 24.11
CA THR A 593 110.31 -31.04 24.24
C THR A 593 110.21 -30.11 23.02
N LEU A 594 109.87 -30.65 21.86
CA LEU A 594 109.84 -29.89 20.63
C LEU A 594 108.50 -29.20 20.42
N PRO A 595 108.48 -28.12 19.66
CA PRO A 595 107.21 -27.51 19.26
C PRO A 595 106.42 -28.40 18.31
N GLY A 596 105.10 -28.44 18.53
CA GLY A 596 104.23 -29.34 17.81
C GLY A 596 103.03 -28.74 17.12
N THR A 597 102.65 -27.51 17.46
CA THR A 597 101.51 -26.84 16.85
C THR A 597 101.82 -25.36 16.67
N LYS A 598 101.03 -24.70 15.82
CA LYS A 598 101.25 -23.28 15.53
C LYS A 598 101.43 -22.47 16.80
N MET A 599 100.39 -22.42 17.64
CA MET A 599 100.34 -21.41 18.70
C MET A 599 101.54 -21.50 19.64
N GLU A 600 101.89 -22.71 20.07
CA GLU A 600 103.05 -22.86 20.93
C GLU A 600 104.33 -22.50 20.17
N MET A 601 104.34 -22.71 18.85
CA MET A 601 105.52 -22.32 18.09
C MET A 601 105.71 -20.81 18.06
N GLU A 602 104.64 -20.05 17.78
CA GLU A 602 104.87 -18.61 17.70
C GLU A 602 105.16 -18.04 19.09
N GLU A 603 104.60 -18.64 20.15
CA GLU A 603 105.01 -18.13 21.46
C GLU A 603 106.44 -18.53 21.79
N LYS A 604 106.92 -19.66 21.28
CA LYS A 604 108.34 -19.98 21.41
C LYS A 604 109.20 -18.97 20.66
N GLU A 605 108.76 -18.57 19.47
CA GLU A 605 109.54 -17.59 18.72
C GLU A 605 109.50 -16.22 19.38
N LEU A 606 108.40 -15.89 20.04
CA LEU A 606 108.34 -14.63 20.80
C LEU A 606 109.27 -14.67 22.01
N GLN A 607 109.28 -15.79 22.73
CA GLN A 607 110.19 -15.86 23.88
C GLN A 607 111.64 -15.93 23.43
N ALA A 608 111.91 -16.42 22.22
CA ALA A 608 113.23 -16.28 21.64
C ALA A 608 113.54 -14.84 21.28
N SER A 609 112.56 -14.11 20.74
CA SER A 609 112.77 -12.70 20.43
C SER A 609 113.14 -11.92 21.68
N LYS A 610 112.43 -12.12 22.78
CA LYS A 610 112.80 -11.48 24.04
C LYS A 610 113.98 -12.16 24.71
N ASN A 611 114.06 -13.50 24.66
CA ASN A 611 115.12 -14.27 25.31
C ASN A 611 115.65 -15.27 24.29
N LEU A 612 116.65 -14.85 23.51
CA LEU A 612 117.19 -15.67 22.43
C LEU A 612 118.12 -16.71 23.03
N VAL A 613 117.55 -17.87 23.36
CA VAL A 613 118.31 -18.98 23.93
C VAL A 613 118.23 -20.12 22.93
N THR A 614 119.15 -20.12 21.97
CA THR A 614 119.32 -21.21 21.00
C THR A 614 118.01 -21.69 20.39
N PHE A 615 117.23 -20.79 19.79
CA PHE A 615 115.94 -21.16 19.21
C PHE A 615 115.98 -20.92 17.70
N THR A 616 116.18 -22.01 16.96
CA THR A 616 116.15 -22.01 15.50
C THR A 616 115.07 -22.99 15.06
N PRO A 617 113.88 -22.49 14.71
CA PRO A 617 112.81 -23.38 14.29
C PRO A 617 113.16 -24.09 12.99
N SER A 618 112.90 -25.39 12.97
CA SER A 618 113.21 -26.19 11.80
C SER A 618 112.20 -25.92 10.69
N LYS A 619 112.70 -25.82 9.46
CA LYS A 619 111.83 -25.57 8.32
C LYS A 619 111.02 -26.79 7.93
N ASP A 620 111.29 -27.95 8.53
CA ASP A 620 110.37 -29.08 8.39
C ASP A 620 108.98 -28.72 8.85
N SER A 621 108.88 -27.73 9.75
CA SER A 621 107.64 -27.03 10.05
C SER A 621 107.33 -26.16 8.85
N THR A 622 106.98 -26.82 7.75
CA THR A 622 106.95 -26.20 6.44
C THR A 622 105.55 -25.69 6.13
N LYS A 623 105.32 -25.35 4.86
CA LYS A 623 104.11 -24.64 4.47
C LYS A 623 102.89 -25.56 4.39
N ASP A 624 103.00 -26.76 4.95
CA ASP A 624 101.80 -27.57 5.19
C ASP A 624 101.40 -27.48 6.66
N SER A 625 100.10 -27.46 6.91
CA SER A 625 99.58 -27.38 8.28
C SER A 625 98.26 -28.12 8.38
N PHE A 626 97.60 -27.95 9.52
CA PHE A 626 96.32 -28.60 9.77
C PHE A 626 95.54 -27.82 10.82
N GLN A 627 94.22 -27.98 10.77
CA GLN A 627 93.31 -27.22 11.61
C GLN A 627 92.42 -28.15 12.43
N ILE A 628 92.31 -27.86 13.73
CA ILE A 628 91.36 -28.54 14.61
C ILE A 628 90.74 -27.52 15.56
N ALA A 629 89.43 -27.64 15.76
CA ALA A 629 88.72 -26.88 16.79
C ALA A 629 88.32 -27.84 17.92
N THR A 630 88.59 -27.43 19.16
CA THR A 630 88.42 -28.31 20.31
C THR A 630 87.13 -27.95 21.03
N LEU A 631 86.28 -28.94 21.23
CA LEU A 631 85.10 -28.84 22.07
C LEU A 631 85.16 -29.94 23.12
N ILE A 632 85.12 -29.55 24.39
CA ILE A 632 85.50 -30.40 25.50
C ILE A 632 84.35 -30.45 26.50
N CYS A 633 83.49 -31.44 26.37
CA CYS A 633 82.36 -31.60 27.29
C CYS A 633 82.74 -32.63 28.36
N SER A 634 83.68 -32.23 29.21
CA SER A 634 84.08 -33.00 30.37
C SER A 634 83.42 -32.42 31.61
N THR A 635 83.86 -32.86 32.78
CA THR A 635 83.28 -32.40 34.03
C THR A 635 84.31 -32.07 35.09
N LYS A 636 85.61 -32.23 34.81
CA LYS A 636 86.63 -31.70 35.69
C LYS A 636 87.49 -30.69 34.94
N LEU A 637 87.71 -30.95 33.65
CA LEU A 637 88.57 -30.09 32.85
C LEU A 637 88.00 -28.68 32.78
N THR A 638 88.86 -27.69 33.00
CA THR A 638 88.43 -26.31 33.19
C THR A 638 89.23 -25.41 32.28
N GLN A 639 88.59 -24.35 31.78
CA GLN A 639 89.20 -23.43 30.82
C GLN A 639 89.18 -22.01 31.39
N ASN A 640 90.21 -21.68 32.17
CA ASN A 640 90.34 -20.34 32.74
C ASN A 640 91.70 -20.22 33.41
N VAL A 641 92.30 -19.03 33.35
CA VAL A 641 93.58 -18.82 34.02
C VAL A 641 93.38 -18.24 35.41
N ASP A 642 92.42 -17.33 35.56
CA ASP A 642 92.15 -16.73 36.86
C ASP A 642 91.92 -17.79 37.92
N LEU A 643 91.00 -18.72 37.63
CA LEU A 643 90.70 -19.80 38.56
C LEU A 643 91.95 -20.58 38.92
N LEU A 644 92.68 -21.05 37.91
CA LEU A 644 93.84 -21.91 38.16
C LEU A 644 94.90 -21.19 38.98
N GLY A 645 95.20 -19.94 38.63
CA GLY A 645 96.16 -19.18 39.40
C GLY A 645 95.71 -18.98 40.84
N LEU A 646 94.40 -18.83 41.04
CA LEU A 646 93.90 -18.75 42.40
C LEU A 646 93.97 -20.09 43.11
N LEU A 647 93.93 -21.19 42.36
CA LEU A 647 94.16 -22.48 42.99
C LEU A 647 95.54 -22.58 43.61
N ASN A 648 96.56 -22.09 42.94
CA ASN A 648 97.89 -21.96 43.51
C ASN A 648 98.17 -20.50 43.84
N TRP A 649 97.14 -19.81 44.34
CA TRP A 649 97.31 -18.44 44.81
C TRP A 649 98.42 -18.34 45.83
N ARG A 650 98.68 -19.42 46.56
CA ARG A 650 99.75 -19.43 47.54
C ARG A 650 101.10 -19.10 46.91
N SER A 651 101.31 -19.52 45.66
CA SER A 651 102.44 -19.07 44.88
C SER A 651 102.09 -17.89 43.99
N ASN A 652 100.80 -17.60 43.81
CA ASN A 652 100.38 -16.44 43.02
C ASN A 652 99.99 -15.33 43.97
N SER A 653 100.77 -15.19 45.05
CA SER A 653 100.49 -14.25 46.13
C SER A 653 100.43 -12.80 45.63
N GLN A 654 100.79 -12.59 44.36
CA GLN A 654 100.93 -11.25 43.82
C GLN A 654 99.69 -10.83 43.03
N ASN A 655 99.26 -11.66 42.11
CA ASN A 655 98.12 -11.33 41.28
C ASN A 655 96.82 -11.58 41.94
N ILE A 656 96.81 -11.97 43.22
CA ILE A 656 95.56 -12.11 43.96
C ILE A 656 94.67 -10.90 43.71
N LYS A 657 95.21 -9.70 43.93
CA LYS A 657 94.50 -8.49 43.52
C LYS A 657 94.12 -8.54 42.05
N HIS A 658 95.10 -8.83 41.20
CA HIS A 658 94.86 -8.86 39.77
C HIS A 658 93.82 -9.91 39.40
N ASN A 659 94.00 -11.14 39.91
CA ASN A 659 93.03 -12.19 39.61
C ASN A 659 91.63 -11.77 40.03
N LEU A 660 91.51 -11.23 41.25
CA LEU A 660 90.22 -10.73 41.73
C LEU A 660 89.63 -9.70 40.79
N LYS A 661 90.46 -8.78 40.31
CA LYS A 661 90.00 -7.82 39.31
C LYS A 661 89.58 -8.53 38.04
N LYS A 662 90.07 -9.75 37.84
CA LYS A 662 89.71 -10.49 36.64
C LYS A 662 88.62 -11.53 36.88
N LEU A 663 88.09 -11.63 38.10
CA LEU A 663 87.12 -12.68 38.40
C LEU A 663 85.75 -12.37 37.83
N MET A 664 85.45 -11.09 37.65
CA MET A 664 84.09 -10.70 37.28
C MET A 664 83.70 -11.24 35.90
N GLU A 665 84.67 -11.69 35.11
CA GLU A 665 84.40 -12.27 33.81
C GLU A 665 84.73 -13.76 33.75
N VAL A 666 84.86 -14.42 34.89
CA VAL A 666 84.97 -15.87 34.90
C VAL A 666 83.59 -16.46 34.70
N ASP A 667 83.50 -17.45 33.80
CA ASP A 667 82.19 -17.99 33.43
C ASP A 667 81.63 -18.87 34.53
N GLY A 668 80.30 -18.92 34.61
CA GLY A 668 79.64 -19.72 35.63
C GLY A 668 79.97 -21.19 35.53
N GLY A 669 80.01 -21.74 34.32
CA GLY A 669 80.39 -23.13 34.17
C GLY A 669 81.82 -23.37 34.62
N GLU A 670 82.72 -22.45 34.30
CA GLU A 670 84.09 -22.54 34.78
C GLU A 670 84.13 -22.58 36.30
N ILE A 671 83.20 -21.87 36.93
CA ILE A 671 83.19 -21.74 38.37
C ILE A 671 82.64 -23.01 39.02
N VAL A 672 81.49 -23.47 38.55
CA VAL A 672 80.68 -24.43 39.27
C VAL A 672 81.40 -25.75 39.49
N LYS A 673 82.38 -26.09 38.65
CA LYS A 673 83.04 -27.38 38.79
C LYS A 673 83.67 -27.53 40.16
N PHE A 674 84.37 -26.50 40.62
CA PHE A 674 85.12 -26.58 41.86
C PHE A 674 84.91 -25.32 42.68
N LEU A 675 83.67 -24.83 42.69
CA LEU A 675 83.35 -23.61 43.42
C LEU A 675 83.64 -23.73 44.91
N GLN A 676 83.29 -24.87 45.52
CA GLN A 676 83.57 -25.06 46.94
C GLN A 676 85.07 -24.98 47.20
N ASP A 677 85.86 -25.49 46.27
CA ASP A 677 87.30 -25.42 46.41
C ASP A 677 87.77 -23.97 46.36
N THR A 678 87.15 -23.17 45.50
CA THR A 678 87.42 -21.73 45.50
C THR A 678 87.03 -21.12 46.84
N LEU A 679 85.94 -21.59 47.45
CA LEU A 679 85.55 -21.08 48.75
C LEU A 679 86.62 -21.39 49.80
N ASP A 680 87.16 -22.61 49.75
CA ASP A 680 88.18 -22.98 50.73
C ASP A 680 89.45 -22.16 50.52
N ALA A 681 89.89 -22.00 49.27
CA ALA A 681 91.03 -21.14 48.99
C ALA A 681 90.76 -19.72 49.44
N LEU A 682 89.53 -19.27 49.25
CA LEU A 682 89.09 -17.94 49.65
C LEU A 682 89.24 -17.76 51.15
N PHE A 683 88.81 -18.76 51.90
CA PHE A 683 88.95 -18.70 53.36
C PHE A 683 90.41 -18.71 53.76
N ASN A 684 91.23 -19.49 53.07
CA ASN A 684 92.67 -19.44 53.33
C ASN A 684 93.18 -18.02 53.16
N ILE A 685 92.76 -17.36 52.09
CA ILE A 685 93.13 -15.97 51.85
C ILE A 685 92.70 -15.12 53.04
N MET A 686 91.47 -15.29 53.49
CA MET A 686 90.92 -14.42 54.51
C MET A 686 91.49 -14.65 55.90
N MET A 687 91.81 -15.89 56.27
CA MET A 687 92.58 -16.07 57.50
C MET A 687 93.99 -15.54 57.34
N GLU A 688 94.57 -15.62 56.14
CA GLU A 688 95.91 -15.09 55.96
C GLU A 688 95.91 -13.59 55.68
N MET A 689 95.44 -13.20 54.50
CA MET A 689 95.64 -11.82 54.05
C MET A 689 94.39 -10.97 54.26
N SER A 690 93.96 -10.86 55.52
CA SER A 690 92.91 -9.91 55.83
C SER A 690 93.43 -8.48 55.84
N ASP A 691 94.74 -8.30 56.08
CA ASP A 691 95.31 -6.95 56.14
C ASP A 691 95.18 -6.23 54.82
N SER A 692 94.96 -6.98 53.74
CA SER A 692 94.52 -6.38 52.49
C SER A 692 93.00 -6.39 52.50
N GLU A 693 92.41 -5.52 53.31
CA GLU A 693 90.97 -5.34 53.25
C GLU A 693 90.51 -4.87 51.89
N THR A 694 91.43 -4.33 51.09
CA THR A 694 91.16 -4.20 49.66
C THR A 694 90.79 -5.56 49.08
N TYR A 695 91.57 -6.60 49.39
CA TYR A 695 91.18 -7.93 49.00
C TYR A 695 89.92 -8.37 49.71
N ASP A 696 89.65 -7.85 50.91
CA ASP A 696 88.39 -8.18 51.54
C ASP A 696 87.24 -7.71 50.65
N PHE A 697 87.32 -6.48 50.16
CA PHE A 697 86.31 -5.99 49.23
C PHE A 697 86.27 -6.83 47.95
N LEU A 698 87.44 -7.10 47.38
CA LEU A 698 87.49 -7.80 46.10
C LEU A 698 86.90 -9.20 46.23
N VAL A 699 87.44 -9.99 47.16
CA VAL A 699 86.94 -11.33 47.43
C VAL A 699 85.46 -11.29 47.77
N PHE A 700 85.05 -10.29 48.53
CA PHE A 700 83.67 -10.17 48.92
C PHE A 700 82.78 -10.06 47.70
N ASP A 701 83.11 -9.12 46.81
CA ASP A 701 82.31 -8.94 45.61
C ASP A 701 82.43 -10.16 44.70
N ALA A 702 83.58 -10.83 44.73
CA ALA A 702 83.74 -12.03 43.93
C ALA A 702 82.78 -13.12 44.37
N LEU A 703 82.72 -13.39 45.67
CA LEU A 703 81.79 -14.39 46.18
C LEU A 703 80.35 -13.95 46.00
N VAL A 704 80.07 -12.66 46.11
CA VAL A 704 78.73 -12.17 45.82
C VAL A 704 78.37 -12.47 44.37
N PHE A 705 79.33 -12.23 43.47
CA PHE A 705 79.12 -12.55 42.06
C PHE A 705 78.87 -14.04 41.89
N ILE A 706 79.63 -14.85 42.63
CA ILE A 706 79.45 -16.30 42.58
C ILE A 706 78.02 -16.67 42.95
N ILE A 707 77.55 -16.17 44.09
CA ILE A 707 76.26 -16.60 44.58
C ILE A 707 75.14 -16.04 43.71
N SER A 708 75.28 -14.80 43.25
CA SER A 708 74.30 -14.22 42.34
C SER A 708 74.20 -15.06 41.08
N LEU A 709 75.35 -15.53 40.58
CA LEU A 709 75.36 -16.54 39.54
C LEU A 709 74.55 -17.77 39.95
N ILE A 710 74.76 -18.25 41.18
CA ILE A 710 74.13 -19.48 41.63
C ILE A 710 72.62 -19.35 41.65
N GLY A 711 72.12 -18.13 41.78
CA GLY A 711 70.68 -17.95 41.85
C GLY A 711 69.91 -18.38 40.62
N ASP A 712 70.60 -18.62 39.50
CA ASP A 712 69.89 -18.88 38.26
C ASP A 712 69.32 -20.30 38.23
N ILE A 713 68.37 -20.49 37.31
CA ILE A 713 67.78 -21.81 37.08
C ILE A 713 68.86 -22.79 36.65
N LYS A 714 69.81 -22.32 35.85
CA LYS A 714 70.98 -23.10 35.47
C LYS A 714 71.73 -23.56 36.70
N PHE A 715 71.58 -22.84 37.81
CA PHE A 715 72.43 -23.02 38.96
C PHE A 715 71.67 -23.26 40.25
N GLN A 716 70.36 -23.53 40.17
CA GLN A 716 69.60 -23.84 41.38
C GLN A 716 70.04 -25.17 41.98
N HIS A 717 70.84 -25.91 41.23
CA HIS A 717 70.99 -27.33 41.47
C HIS A 717 72.17 -27.63 42.38
N PHE A 718 73.09 -26.69 42.50
CA PHE A 718 74.31 -26.83 43.28
C PHE A 718 74.06 -26.57 44.76
N ASN A 719 72.94 -25.97 45.09
CA ASN A 719 72.63 -25.62 46.48
C ASN A 719 72.80 -26.79 47.45
N PRO A 720 72.38 -28.02 47.12
CA PRO A 720 72.70 -29.12 48.04
C PRO A 720 74.18 -29.23 48.33
N VAL A 721 75.02 -29.10 47.31
CA VAL A 721 76.47 -29.08 47.52
C VAL A 721 76.85 -27.88 48.36
N LEU A 722 76.25 -26.73 48.06
CA LEU A 722 76.53 -25.52 48.81
C LEU A 722 76.33 -25.75 50.30
N GLU A 723 75.10 -26.08 50.69
CA GLU A 723 74.81 -26.29 52.10
C GLU A 723 75.66 -27.41 52.67
N THR A 724 75.95 -28.44 51.88
CA THR A 724 76.82 -29.49 52.40
C THR A 724 78.17 -28.91 52.82
N TYR A 725 78.75 -28.07 51.97
CA TYR A 725 80.03 -27.46 52.31
C TYR A 725 79.89 -26.52 53.50
N ILE A 726 78.82 -25.73 53.52
CA ILE A 726 78.62 -24.74 54.57
C ILE A 726 78.48 -25.43 55.92
N TYR A 727 77.85 -26.60 55.92
CA TYR A 727 77.54 -27.27 57.16
C TYR A 727 78.36 -28.54 57.38
N LYS A 728 79.35 -28.82 56.52
CA LYS A 728 80.26 -29.92 56.77
C LYS A 728 81.73 -29.56 56.61
N HIS A 729 82.06 -28.63 55.72
CA HIS A 729 83.45 -28.37 55.39
C HIS A 729 83.81 -26.88 55.46
N PHE A 730 82.82 -26.01 55.65
CA PHE A 730 83.08 -24.62 55.95
C PHE A 730 83.96 -24.54 57.19
N SER A 731 85.06 -23.79 57.10
CA SER A 731 86.01 -23.72 58.21
C SER A 731 86.49 -22.30 58.44
N ALA A 732 85.58 -21.33 58.31
CA ALA A 732 85.89 -19.93 58.57
C ALA A 732 85.36 -19.55 59.94
N THR A 733 86.20 -18.87 60.72
CA THR A 733 85.89 -18.58 62.12
C THR A 733 85.53 -17.12 62.37
N LEU A 734 86.40 -16.19 61.98
CA LEU A 734 86.18 -14.77 62.23
C LEU A 734 85.85 -14.00 60.97
N ALA A 735 85.78 -14.69 59.84
CA ALA A 735 85.44 -14.01 58.59
C ALA A 735 84.15 -13.22 58.74
N TYR A 736 83.13 -13.84 59.36
CA TYR A 736 81.82 -13.21 59.48
C TYR A 736 81.93 -11.78 60.00
N VAL A 737 82.85 -11.55 60.93
CA VAL A 737 83.10 -10.18 61.39
C VAL A 737 83.47 -9.31 60.21
N LYS A 738 84.43 -9.77 59.41
CA LYS A 738 84.90 -9.00 58.28
C LYS A 738 83.79 -8.79 57.27
N LEU A 739 82.91 -9.78 57.12
CA LEU A 739 81.88 -9.72 56.11
C LEU A 739 80.81 -8.73 56.48
N SER A 740 80.31 -8.82 57.72
CA SER A 740 79.41 -7.82 58.24
C SER A 740 80.05 -6.44 58.17
N LYS A 741 81.35 -6.38 58.40
CA LYS A 741 82.09 -5.13 58.33
C LYS A 741 82.05 -4.55 56.92
N VAL A 742 82.28 -5.38 55.92
CA VAL A 742 82.25 -4.93 54.54
C VAL A 742 80.85 -4.49 54.15
N LEU A 743 79.84 -5.26 54.55
CA LEU A 743 78.46 -4.85 54.35
C LEU A 743 78.21 -3.48 54.92
N ASN A 744 78.67 -3.25 56.14
CA ASN A 744 78.45 -1.97 56.79
C ASN A 744 79.16 -0.85 56.06
N PHE A 745 80.36 -1.13 55.55
CA PHE A 745 81.03 -0.15 54.71
C PHE A 745 80.19 0.18 53.49
N TYR A 746 79.77 -0.84 52.76
CA TYR A 746 79.01 -0.63 51.54
C TYR A 746 77.76 0.19 51.81
N VAL A 747 76.98 -0.21 52.81
CA VAL A 747 75.78 0.53 53.12
C VAL A 747 76.11 1.94 53.56
N ALA A 748 77.22 2.12 54.27
CA ALA A 748 77.65 3.45 54.65
C ALA A 748 78.00 4.28 53.43
N ASN A 749 78.73 3.70 52.49
CA ASN A 749 79.20 4.41 51.31
C ASN A 749 78.20 4.35 50.16
N ALA A 750 76.92 4.22 50.48
CA ALA A 750 75.91 3.88 49.48
C ALA A 750 75.75 4.93 48.40
N ASP A 751 75.96 6.22 48.72
CA ASP A 751 75.76 7.27 47.72
C ASP A 751 76.71 7.13 46.54
N ASP A 752 77.85 6.48 46.75
CA ASP A 752 78.79 6.25 45.66
C ASP A 752 78.17 5.34 44.61
N SER A 753 78.12 5.82 43.37
CA SER A 753 77.49 5.04 42.31
C SER A 753 78.32 3.82 41.96
N SER A 754 79.62 3.85 42.23
CA SER A 754 80.45 2.68 41.93
C SER A 754 80.21 1.55 42.92
N LYS A 755 79.80 1.88 44.14
CA LYS A 755 79.47 0.87 45.13
C LYS A 755 78.01 0.46 45.07
N THR A 756 77.21 1.17 44.26
CA THR A 756 75.77 0.93 44.21
C THR A 756 75.45 -0.48 43.74
N GLU A 757 76.12 -0.95 42.68
CA GLU A 757 75.83 -2.26 42.16
C GLU A 757 76.30 -3.37 43.09
N LEU A 758 77.45 -3.19 43.73
CA LEU A 758 77.90 -4.15 44.73
C LEU A 758 76.87 -4.25 45.85
N LEU A 759 76.43 -3.09 46.36
CA LEU A 759 75.28 -3.05 47.25
C LEU A 759 74.14 -3.89 46.73
N PHE A 760 73.60 -3.54 45.56
CA PHE A 760 72.35 -4.12 45.10
C PHE A 760 72.48 -5.64 44.92
N ALA A 761 73.63 -6.10 44.44
CA ALA A 761 73.86 -7.54 44.36
C ALA A 761 73.87 -8.17 45.74
N ALA A 762 74.49 -7.50 46.72
CA ALA A 762 74.45 -8.03 48.07
C ALA A 762 73.02 -8.06 48.60
N LEU A 763 72.23 -7.07 48.24
CA LEU A 763 70.81 -7.08 48.58
C LEU A 763 70.14 -8.30 48.01
N LYS A 764 70.45 -8.64 46.77
CA LYS A 764 69.94 -9.88 46.18
C LYS A 764 70.35 -11.11 46.97
N ALA A 765 71.62 -11.19 47.40
CA ALA A 765 72.17 -12.42 47.97
C ALA A 765 72.10 -12.46 49.50
N LEU A 766 71.46 -11.47 50.12
CA LEU A 766 71.44 -11.33 51.57
C LEU A 766 71.30 -12.67 52.29
N LYS A 767 70.45 -13.55 51.77
CA LYS A 767 70.16 -14.78 52.48
C LYS A 767 71.40 -15.66 52.62
N TYR A 768 72.08 -15.91 51.51
CA TYR A 768 73.32 -16.66 51.58
C TYR A 768 74.39 -15.91 52.35
N LEU A 769 74.47 -14.59 52.15
CA LEU A 769 75.45 -13.81 52.89
C LEU A 769 75.31 -14.07 54.37
N PHE A 770 74.09 -13.96 54.87
CA PHE A 770 73.84 -14.13 56.29
C PHE A 770 74.03 -15.58 56.70
N ARG A 771 73.68 -16.52 55.83
CA ARG A 771 73.90 -17.91 56.18
C ARG A 771 75.38 -18.18 56.41
N PHE A 772 76.22 -17.64 55.55
CA PHE A 772 77.66 -17.80 55.71
C PHE A 772 78.15 -17.08 56.94
N ILE A 773 77.61 -15.89 57.21
CA ILE A 773 78.03 -15.15 58.38
C ILE A 773 77.62 -15.91 59.64
N ILE A 774 76.44 -16.51 59.61
CA ILE A 774 76.00 -17.39 60.69
C ILE A 774 76.99 -18.52 60.87
N GLN A 775 77.33 -19.20 59.80
CA GLN A 775 78.19 -20.36 59.93
C GLN A 775 79.56 -19.96 60.46
N SER A 776 80.11 -18.86 59.96
CA SER A 776 81.40 -18.39 60.45
C SER A 776 81.33 -17.99 61.91
N ARG A 777 80.28 -17.28 62.30
CA ARG A 777 80.14 -16.86 63.69
C ARG A 777 80.02 -18.06 64.61
N VAL A 778 79.09 -18.98 64.31
CA VAL A 778 78.89 -20.14 65.17
C VAL A 778 80.12 -21.03 65.14
N LEU A 779 80.86 -21.02 64.04
CA LEU A 779 82.12 -21.74 63.97
C LEU A 779 83.12 -21.12 64.94
N TYR A 780 83.22 -19.80 64.93
CA TYR A 780 84.04 -19.13 65.94
C TYR A 780 83.58 -19.52 67.33
N LEU A 781 82.27 -19.61 67.52
CA LEU A 781 81.71 -19.94 68.83
C LEU A 781 82.22 -21.27 69.31
N ARG A 782 81.92 -22.35 68.57
CA ARG A 782 82.34 -23.67 68.99
C ARG A 782 83.85 -23.77 69.09
N PHE A 783 84.56 -23.21 68.10
CA PHE A 783 86.01 -23.22 68.10
C PHE A 783 86.60 -22.50 69.30
N TYR A 784 85.84 -21.57 69.88
CA TYR A 784 86.28 -20.84 71.06
C TYR A 784 85.42 -21.14 72.27
N GLY A 785 84.52 -22.10 72.16
CA GLY A 785 83.60 -22.41 73.26
C GLY A 785 82.45 -21.44 73.39
N GLN A 786 82.75 -20.15 73.45
CA GLN A 786 81.71 -19.12 73.47
C GLN A 786 82.34 -17.82 73.01
N SER A 787 81.51 -16.80 72.83
CA SER A 787 81.94 -15.48 72.38
C SER A 787 81.95 -14.55 73.58
N LYS A 788 83.15 -14.19 74.04
CA LYS A 788 83.31 -13.14 75.03
C LYS A 788 82.75 -11.81 74.56
N ASP A 789 82.61 -11.63 73.25
CA ASP A 789 82.12 -10.40 72.66
C ASP A 789 81.00 -10.64 71.66
N GLY A 790 80.12 -11.61 71.94
CA GLY A 790 78.94 -11.75 71.11
C GLY A 790 78.03 -10.54 71.18
N ASP A 791 78.14 -9.79 72.26
CA ASP A 791 77.34 -8.57 72.42
C ASP A 791 77.67 -7.56 71.32
N GLU A 792 78.96 -7.30 71.10
CA GLU A 792 79.32 -6.37 70.04
C GLU A 792 78.96 -6.92 68.68
N PHE A 793 78.86 -8.25 68.56
CA PHE A 793 78.32 -8.84 67.34
C PHE A 793 76.86 -8.45 67.15
N ASN A 794 76.05 -8.65 68.18
CA ASN A 794 74.68 -8.17 68.14
C ASN A 794 74.65 -6.70 67.79
N ASN A 795 75.63 -5.96 68.29
CA ASN A 795 75.77 -4.56 67.94
C ASN A 795 75.97 -4.41 66.44
N SER A 796 76.98 -5.10 65.90
CA SER A 796 77.21 -5.15 64.45
C SER A 796 75.89 -5.24 63.72
N ILE A 797 75.05 -6.16 64.18
CA ILE A 797 73.71 -6.30 63.62
C ILE A 797 72.96 -4.99 63.73
N ARG A 798 72.99 -4.37 64.91
CA ARG A 798 72.15 -3.21 65.15
C ARG A 798 72.61 -2.00 64.35
N GLN A 799 73.91 -1.70 64.37
CA GLN A 799 74.43 -0.59 63.58
C GLN A 799 74.22 -0.81 62.10
N LEU A 800 74.45 -2.04 61.64
CA LEU A 800 74.20 -2.34 60.24
C LEU A 800 72.74 -2.04 59.91
N PHE A 801 71.86 -2.47 60.80
CA PHE A 801 70.44 -2.14 60.67
C PHE A 801 70.24 -0.64 60.66
N LEU A 802 70.99 0.09 61.47
CA LEU A 802 70.83 1.54 61.57
C LEU A 802 71.21 2.22 60.26
N ALA A 803 72.32 1.78 59.67
CA ALA A 803 72.69 2.29 58.36
C ALA A 803 71.58 2.02 57.37
N PHE A 804 70.97 0.84 57.47
CA PHE A 804 69.84 0.52 56.62
C PHE A 804 68.70 1.51 56.86
N ASN A 805 68.44 1.81 58.13
CA ASN A 805 67.38 2.70 58.51
C ASN A 805 67.60 4.07 57.90
N MET A 806 68.83 4.56 57.96
CA MET A 806 69.11 5.89 57.45
C MET A 806 69.10 5.92 55.92
N LEU A 807 69.43 4.81 55.26
CA LEU A 807 69.17 4.72 53.83
C LEU A 807 67.69 4.94 53.56
N MET A 808 66.84 4.24 54.31
CA MET A 808 65.41 4.45 54.16
C MET A 808 65.02 5.88 54.51
N ASP A 809 65.78 6.52 55.39
CA ASP A 809 65.60 7.93 55.65
C ASP A 809 66.19 8.78 54.53
N ARG A 810 67.29 8.34 53.93
CA ARG A 810 67.90 9.02 52.80
C ARG A 810 66.85 9.25 51.71
N PRO A 811 67.09 10.22 50.84
CA PRO A 811 66.11 10.50 49.77
C PRO A 811 65.88 9.29 48.89
N LEU A 812 64.62 9.13 48.44
CA LEU A 812 64.24 7.95 47.67
C LEU A 812 64.95 7.89 46.31
N GLU A 813 65.13 9.04 45.66
CA GLU A 813 65.60 9.05 44.28
C GLU A 813 66.98 8.39 44.15
N GLU A 814 67.72 8.30 45.24
CA GLU A 814 69.05 7.69 45.18
C GLU A 814 68.96 6.24 44.70
N ALA A 815 68.11 5.44 45.35
CA ALA A 815 68.13 4.00 45.16
C ALA A 815 66.75 3.35 45.25
N VAL A 816 65.68 4.06 44.88
CA VAL A 816 64.32 3.55 45.07
C VAL A 816 64.23 2.06 44.75
N LYS A 817 64.88 1.66 43.66
CA LYS A 817 64.94 0.25 43.28
C LYS A 817 65.55 -0.60 44.39
N ILE A 818 66.73 -0.20 44.87
CA ILE A 818 67.41 -1.03 45.85
C ILE A 818 66.71 -0.93 47.20
N LYS A 819 65.95 0.13 47.44
CA LYS A 819 65.15 0.21 48.65
C LYS A 819 64.04 -0.84 48.63
N GLY A 820 63.37 -0.95 47.49
CA GLY A 820 62.44 -2.05 47.31
C GLY A 820 63.12 -3.40 47.44
N ALA A 821 64.30 -3.54 46.82
CA ALA A 821 65.03 -4.79 46.90
C ALA A 821 65.38 -5.12 48.34
N ALA A 822 65.79 -4.13 49.11
CA ALA A 822 66.09 -4.30 50.51
C ALA A 822 64.86 -4.87 51.18
N LEU A 823 63.79 -4.06 51.23
CA LEU A 823 62.60 -4.51 51.94
C LEU A 823 62.20 -5.92 51.53
N LYS A 824 62.40 -6.27 50.27
CA LYS A 824 62.09 -7.62 49.81
C LYS A 824 63.00 -8.66 50.47
N TYR A 825 64.31 -8.42 50.45
CA TYR A 825 65.24 -9.50 50.75
C TYR A 825 65.69 -9.54 52.21
N LEU A 826 65.44 -8.49 52.98
CA LEU A 826 65.79 -8.54 54.39
C LEU A 826 65.05 -9.65 55.14
N PRO A 827 63.73 -9.77 55.06
CA PRO A 827 63.04 -10.79 55.87
C PRO A 827 63.51 -12.20 55.58
N SER A 828 64.31 -12.40 54.53
CA SER A 828 64.98 -13.67 54.35
C SER A 828 65.84 -14.00 55.56
N ILE A 829 66.58 -13.01 56.06
CA ILE A 829 67.63 -13.28 57.03
C ILE A 829 67.06 -13.68 58.38
N ILE A 830 65.77 -13.43 58.62
CA ILE A 830 65.30 -13.44 59.99
C ILE A 830 65.21 -14.86 60.54
N ASN A 831 64.83 -15.82 59.69
CA ASN A 831 64.71 -17.18 60.18
C ASN A 831 66.09 -17.76 60.47
N ASP A 832 67.13 -17.06 60.02
CA ASP A 832 68.48 -17.45 60.42
C ASP A 832 68.97 -16.62 61.60
N VAL A 833 68.45 -15.39 61.73
CA VAL A 833 68.70 -14.58 62.91
C VAL A 833 68.22 -15.33 64.15
N LYS A 834 67.14 -16.08 63.99
CA LYS A 834 66.59 -16.90 65.08
C LYS A 834 67.68 -17.57 65.89
N LEU A 835 68.73 -18.05 65.23
CA LEU A 835 69.72 -18.90 65.88
C LEU A 835 70.55 -18.16 66.92
N VAL A 836 70.92 -16.91 66.68
CA VAL A 836 72.00 -16.29 67.43
C VAL A 836 71.60 -14.94 67.99
N PHE A 837 70.32 -14.76 68.29
CA PHE A 837 69.86 -13.41 68.53
C PHE A 837 68.68 -13.42 69.48
N ASP A 838 68.31 -12.24 69.94
CA ASP A 838 67.06 -12.06 70.64
C ASP A 838 65.94 -11.84 69.65
N PRO A 839 64.97 -12.73 69.55
CA PRO A 839 63.88 -12.53 68.60
C PRO A 839 63.12 -11.23 68.83
N VAL A 840 62.89 -10.84 70.08
CA VAL A 840 62.23 -9.56 70.34
C VAL A 840 63.04 -8.42 69.77
N GLU A 841 64.35 -8.48 69.94
CA GLU A 841 65.19 -7.41 69.43
C GLU A 841 65.10 -7.33 67.92
N LEU A 842 65.09 -8.49 67.26
CA LEU A 842 64.94 -8.49 65.82
C LEU A 842 63.59 -7.88 65.44
N SER A 843 62.55 -8.26 66.17
CA SER A 843 61.23 -7.69 65.96
C SER A 843 61.32 -6.17 65.97
N VAL A 844 61.75 -5.61 67.10
CA VAL A 844 61.73 -4.17 67.28
C VAL A 844 62.67 -3.52 66.26
N LEU A 845 63.73 -4.23 65.88
CA LEU A 845 64.61 -3.73 64.84
C LEU A 845 63.83 -3.46 63.57
N PHE A 846 63.23 -4.52 63.03
CA PHE A 846 62.42 -4.34 61.84
C PHE A 846 61.28 -3.37 62.08
N CYS A 847 60.84 -3.24 63.32
CA CYS A 847 59.80 -2.27 63.62
C CYS A 847 60.31 -0.89 63.24
N LYS A 848 61.34 -0.45 63.96
CA LYS A 848 61.98 0.82 63.68
C LYS A 848 62.25 0.98 62.20
N PHE A 849 62.70 -0.09 61.57
CA PHE A 849 62.86 -0.13 60.13
C PHE A 849 61.59 0.33 59.43
N ILE A 850 60.46 -0.24 59.84
CA ILE A 850 59.21 0.06 59.16
C ILE A 850 58.82 1.50 59.37
N GLN A 851 58.95 2.01 60.59
CA GLN A 851 58.63 3.43 60.73
C GLN A 851 59.56 4.30 59.92
N SER A 852 60.75 3.79 59.58
CA SER A 852 61.71 4.59 58.84
C SER A 852 61.26 4.84 57.41
N ILE A 853 60.21 4.17 56.97
CA ILE A 853 59.71 4.28 55.59
C ILE A 853 59.28 5.71 55.34
N PRO A 854 59.58 6.29 54.19
CA PRO A 854 58.80 7.44 53.73
C PRO A 854 57.38 6.97 53.48
N ASP A 855 56.46 7.53 54.25
CA ASP A 855 55.18 6.88 54.48
C ASP A 855 54.16 7.23 53.42
N ASN A 856 54.63 7.44 52.19
CA ASN A 856 53.77 7.58 51.02
C ASN A 856 54.35 6.83 49.82
N GLN A 857 55.24 5.87 50.07
CA GLN A 857 56.02 5.24 49.02
C GLN A 857 55.94 3.73 49.16
N LEU A 858 56.20 3.02 48.06
CA LEU A 858 56.49 1.58 48.06
C LEU A 858 55.44 0.80 48.84
N VAL A 859 54.19 1.26 48.73
CA VAL A 859 53.11 0.65 49.48
C VAL A 859 52.99 -0.83 49.13
N ARG A 860 52.93 -1.14 47.84
CA ARG A 860 52.91 -2.55 47.45
C ARG A 860 54.17 -3.25 47.94
N GLN A 861 55.31 -2.59 47.80
CA GLN A 861 56.57 -3.20 48.22
C GLN A 861 56.60 -3.41 49.72
N LYS A 862 56.27 -2.39 50.50
CA LYS A 862 56.28 -2.56 51.94
C LYS A 862 55.31 -3.65 52.37
N LEU A 863 54.16 -3.72 51.72
CA LEU A 863 53.18 -4.74 52.08
C LEU A 863 53.74 -6.12 51.80
N ASN A 864 54.38 -6.32 50.65
CA ASN A 864 54.98 -7.61 50.36
C ASN A 864 56.07 -7.93 51.37
N CYS A 865 56.88 -6.94 51.71
CA CYS A 865 57.91 -7.12 52.71
C CYS A 865 57.30 -7.61 54.01
N MET A 866 56.42 -6.81 54.59
CA MET A 866 55.77 -7.19 55.84
C MET A 866 55.04 -8.51 55.72
N THR A 867 54.63 -8.88 54.52
CA THR A 867 54.11 -10.23 54.32
C THR A 867 55.17 -11.26 54.62
N LYS A 868 56.37 -11.06 54.07
CA LYS A 868 57.44 -12.01 54.34
C LYS A 868 57.80 -12.04 55.82
N ILE A 869 57.76 -10.87 56.48
CA ILE A 869 57.88 -10.88 57.94
C ILE A 869 56.80 -11.74 58.57
N VAL A 870 55.54 -11.37 58.41
CA VAL A 870 54.48 -12.03 59.15
C VAL A 870 54.51 -13.51 58.89
N GLU A 871 54.90 -13.88 57.67
CA GLU A 871 55.12 -15.27 57.31
C GLU A 871 55.94 -16.02 58.35
N SER A 872 57.19 -15.63 58.56
CA SER A 872 58.08 -16.43 59.40
C SER A 872 58.30 -15.75 60.74
N THR A 873 58.75 -16.57 61.69
CA THR A 873 59.11 -16.18 63.04
C THR A 873 57.90 -15.71 63.82
N LEU A 874 56.77 -15.52 63.14
CA LEU A 874 55.52 -15.37 63.84
C LEU A 874 55.03 -16.70 64.34
N PHE A 875 55.55 -17.79 63.80
CA PHE A 875 55.37 -19.09 64.42
C PHE A 875 56.04 -19.14 65.78
N ARG A 876 57.12 -18.36 65.96
CA ARG A 876 57.64 -18.10 67.30
C ARG A 876 56.86 -16.89 67.80
N GLN A 877 55.64 -17.15 68.25
CA GLN A 877 54.59 -16.14 68.21
C GLN A 877 54.75 -15.09 69.29
N SER A 878 54.61 -15.50 70.55
CA SER A 878 54.19 -14.57 71.60
C SER A 878 55.09 -13.35 71.69
N GLU A 879 56.40 -13.54 71.54
CA GLU A 879 57.32 -12.47 71.85
C GLU A 879 57.70 -11.61 70.65
N CYS A 880 57.16 -11.91 69.48
CA CYS A 880 57.22 -10.99 68.34
C CYS A 880 55.84 -10.55 67.91
N ARG A 881 54.88 -11.46 67.91
CA ARG A 881 53.49 -11.10 67.71
C ARG A 881 53.16 -9.78 68.37
N GLU A 882 53.27 -9.72 69.69
CA GLU A 882 52.74 -8.61 70.46
C GLU A 882 53.30 -7.28 70.01
N VAL A 883 54.49 -7.27 69.43
CA VAL A 883 55.19 -6.02 69.16
C VAL A 883 55.11 -5.69 67.68
N LEU A 884 55.20 -6.71 66.83
CA LEU A 884 55.00 -6.50 65.41
C LEU A 884 53.58 -6.05 65.13
N LEU A 885 52.63 -6.82 65.62
CA LEU A 885 51.20 -6.62 65.49
C LEU A 885 50.78 -5.15 65.48
N PRO A 886 51.11 -4.36 66.50
CA PRO A 886 50.66 -2.96 66.45
C PRO A 886 51.18 -2.26 65.23
N LEU A 887 52.44 -2.52 64.87
CA LEU A 887 52.98 -1.97 63.64
C LEU A 887 52.18 -2.44 62.44
N LEU A 888 51.84 -3.72 62.42
CA LEU A 888 51.09 -4.27 61.32
C LEU A 888 49.76 -3.54 61.19
N THR A 889 49.09 -3.33 62.31
CA THR A 889 47.83 -2.61 62.25
C THR A 889 48.05 -1.19 61.77
N ASP A 890 49.10 -0.54 62.25
CA ASP A 890 49.36 0.82 61.81
C ASP A 890 49.41 0.90 60.31
N GLN A 891 50.22 0.04 59.70
CA GLN A 891 50.40 0.14 58.27
C GLN A 891 49.14 -0.28 57.51
N LEU A 892 48.45 -1.31 57.96
CA LEU A 892 47.25 -1.72 57.25
C LEU A 892 46.13 -0.69 57.42
N SER A 893 46.12 0.02 58.53
CA SER A 893 45.08 1.00 58.76
C SER A 893 45.40 2.29 58.00
N GLY A 894 46.67 2.57 57.81
CA GLY A 894 47.03 3.58 56.82
C GLY A 894 46.54 3.17 55.45
N GLN A 895 46.68 1.89 55.14
CA GLN A 895 46.05 1.32 53.96
C GLN A 895 44.53 1.41 54.03
N LEU A 896 43.97 1.52 55.22
CA LEU A 896 42.52 1.46 55.35
C LEU A 896 41.84 2.62 54.64
N ASP A 897 42.05 3.83 55.13
CA ASP A 897 41.30 4.99 54.67
C ASP A 897 42.27 6.14 54.41
N ASP A 898 42.81 6.18 53.20
CA ASP A 898 43.51 7.34 52.69
C ASP A 898 42.87 7.82 51.40
N ASN A 899 42.01 7.02 50.77
CA ASN A 899 41.36 7.25 49.50
C ASN A 899 42.35 7.28 48.35
N SER A 900 43.63 7.00 48.61
CA SER A 900 44.54 6.49 47.61
C SER A 900 44.68 4.98 47.74
N ASN A 901 43.97 4.38 48.70
CA ASN A 901 44.16 3.01 49.15
C ASN A 901 43.96 1.97 48.06
N LYS A 902 43.22 2.31 47.02
CA LYS A 902 42.61 1.36 46.09
C LYS A 902 43.52 0.26 45.55
N PRO A 903 44.76 0.53 45.13
CA PRO A 903 45.56 -0.54 44.50
C PRO A 903 46.09 -1.60 45.46
N ASP A 904 46.47 -1.23 46.68
CA ASP A 904 47.09 -2.18 47.60
C ASP A 904 46.16 -3.29 48.04
N HIS A 905 44.89 -3.22 47.66
CA HIS A 905 43.86 -4.15 48.08
C HIS A 905 44.39 -5.57 48.13
N GLU A 906 45.03 -6.00 47.05
CA GLU A 906 45.60 -7.33 47.00
C GLU A 906 46.54 -7.60 48.18
N ALA A 907 47.48 -6.70 48.43
CA ALA A 907 48.52 -7.01 49.41
C ALA A 907 47.96 -6.89 50.81
N SER A 908 47.06 -5.94 51.02
CA SER A 908 46.31 -5.88 52.27
C SER A 908 45.59 -7.18 52.52
N SER A 909 45.01 -7.75 51.47
CA SER A 909 44.32 -9.02 51.61
C SER A 909 45.30 -10.12 52.02
N GLN A 910 46.47 -10.15 51.40
CA GLN A 910 47.46 -11.14 51.81
C GLN A 910 47.80 -10.99 53.29
N LEU A 911 48.04 -9.77 53.75
CA LEU A 911 48.33 -9.61 55.16
C LEU A 911 47.18 -10.13 55.99
N LEU A 912 46.03 -9.47 55.90
CA LEU A 912 44.83 -9.86 56.62
C LEU A 912 44.68 -11.36 56.66
N SER A 913 44.84 -12.01 55.53
CA SER A 913 44.74 -13.45 55.49
C SER A 913 45.80 -14.08 56.38
N ASN A 914 47.06 -13.93 55.98
CA ASN A 914 48.13 -14.70 56.58
C ASN A 914 48.16 -14.53 58.07
N ILE A 915 47.99 -13.30 58.52
CA ILE A 915 48.04 -13.03 59.95
C ILE A 915 47.03 -13.91 60.67
N LEU A 916 45.76 -13.82 60.31
CA LEU A 916 44.76 -14.50 61.11
C LEU A 916 44.81 -16.00 60.88
N GLU A 917 45.27 -16.43 59.71
CA GLU A 917 45.28 -17.88 59.49
C GLU A 917 46.39 -18.52 60.31
N VAL A 918 47.55 -17.88 60.42
CA VAL A 918 48.54 -18.43 61.33
C VAL A 918 48.05 -18.27 62.76
N LEU A 919 47.28 -17.22 63.03
CA LEU A 919 46.58 -17.15 64.30
C LEU A 919 45.81 -18.43 64.56
N ASP A 920 45.18 -18.96 63.51
CA ASP A 920 44.47 -20.21 63.69
C ASP A 920 45.41 -21.39 63.63
N ARG A 921 46.63 -21.19 63.13
CA ARG A 921 47.61 -22.26 63.22
C ARG A 921 47.85 -22.59 64.68
N LYS A 922 47.48 -23.82 65.05
CA LYS A 922 47.18 -24.16 66.43
C LYS A 922 48.32 -23.95 67.40
N ASP A 923 49.39 -24.72 67.25
CA ASP A 923 50.45 -24.79 68.26
C ASP A 923 51.48 -23.70 68.11
N VAL A 924 51.13 -22.60 67.43
CA VAL A 924 51.99 -21.43 67.43
C VAL A 924 51.86 -20.69 68.75
N GLY A 925 50.72 -20.84 69.44
CA GLY A 925 50.57 -20.31 70.77
C GLY A 925 49.20 -19.75 71.11
N ALA A 926 49.14 -18.96 72.18
CA ALA A 926 47.85 -18.41 72.63
C ALA A 926 47.64 -17.01 72.08
N THR A 927 46.45 -16.76 71.52
CA THR A 927 46.23 -15.55 70.75
C THR A 927 44.87 -14.90 70.98
N ALA A 928 44.06 -15.39 71.91
CA ALA A 928 42.70 -14.87 72.07
C ALA A 928 42.73 -13.37 72.34
N VAL A 929 43.65 -12.94 73.20
CA VAL A 929 43.87 -11.51 73.36
C VAL A 929 44.28 -10.88 72.03
N HIS A 930 45.09 -11.59 71.26
CA HIS A 930 45.67 -10.98 70.07
C HIS A 930 44.59 -10.81 69.01
N ILE A 931 43.81 -11.85 68.78
CA ILE A 931 42.67 -11.74 67.88
C ILE A 931 41.72 -10.68 68.40
N GLN A 932 41.61 -10.57 69.72
CA GLN A 932 40.79 -9.55 70.34
C GLN A 932 41.21 -8.17 69.88
N LEU A 933 42.51 -7.90 69.92
CA LEU A 933 43.03 -6.61 69.49
C LEU A 933 42.72 -6.36 68.02
N ILE A 934 43.00 -7.36 67.18
CA ILE A 934 42.81 -7.20 65.75
C ILE A 934 41.35 -6.90 65.46
N MET A 935 40.47 -7.67 66.08
CA MET A 935 39.06 -7.36 66.13
C MET A 935 38.83 -5.89 66.40
N GLU A 936 39.25 -5.48 67.60
CA GLU A 936 38.96 -4.15 68.11
C GLU A 936 39.20 -3.11 67.05
N ARG A 937 40.40 -3.08 66.50
CA ARG A 937 40.78 -1.96 65.67
C ARG A 937 40.85 -2.33 64.20
N LEU A 938 40.17 -3.39 63.78
CA LEU A 938 40.03 -3.66 62.36
C LEU A 938 38.62 -3.98 61.89
N LEU A 939 37.65 -4.23 62.77
CA LEU A 939 36.36 -4.64 62.21
C LEU A 939 35.59 -3.52 61.51
N ARG A 940 35.13 -2.52 62.26
CA ARG A 940 34.42 -1.41 61.63
C ARG A 940 35.19 -0.93 60.41
N ARG A 941 36.51 -0.90 60.54
CA ARG A 941 37.42 -0.71 59.42
C ARG A 941 37.02 -1.58 58.22
N ILE A 942 37.04 -2.89 58.39
CA ILE A 942 36.92 -3.75 57.23
C ILE A 942 35.50 -3.74 56.69
N ASN A 943 34.51 -3.61 57.56
CA ASN A 943 33.14 -3.47 57.08
C ASN A 943 33.01 -2.27 56.16
N ARG A 944 33.48 -1.11 56.62
CA ARG A 944 33.58 0.05 55.76
C ARG A 944 34.32 -0.29 54.48
N THR A 945 35.42 -1.02 54.61
CA THR A 945 36.27 -1.34 53.48
C THR A 945 35.49 -2.04 52.39
N VAL A 946 34.83 -3.13 52.77
CA VAL A 946 34.14 -3.98 51.81
C VAL A 946 32.83 -3.39 51.37
N ILE A 947 32.28 -2.43 52.11
CA ILE A 947 31.23 -1.60 51.52
C ILE A 947 31.85 -0.66 50.49
N GLY A 948 33.16 -0.44 50.59
CA GLY A 948 33.88 0.32 49.59
C GLY A 948 34.54 -0.60 48.57
N MET A 949 35.11 -1.71 49.06
CA MET A 949 35.53 -2.81 48.20
C MET A 949 34.34 -3.43 47.48
N ASN A 950 33.15 -2.89 47.76
CA ASN A 950 31.83 -3.34 47.36
C ASN A 950 31.73 -3.91 45.97
N ARG A 951 32.43 -3.33 45.02
CA ARG A 951 32.27 -3.76 43.63
C ARG A 951 32.53 -5.25 43.51
N GLN A 952 31.66 -5.95 42.80
CA GLN A 952 31.76 -7.40 42.77
C GLN A 952 32.91 -7.86 41.90
N SER A 953 33.18 -7.16 40.80
CA SER A 953 34.21 -7.60 39.88
C SER A 953 35.58 -7.81 40.51
N PRO A 954 36.08 -6.96 41.41
CA PRO A 954 37.41 -7.19 41.98
C PRO A 954 37.46 -8.34 42.97
N HIS A 955 38.58 -8.43 43.68
CA HIS A 955 38.87 -9.53 44.59
C HIS A 955 38.24 -9.30 45.95
N ILE A 956 37.15 -8.56 45.94
CA ILE A 956 36.26 -8.38 47.08
C ILE A 956 36.04 -9.68 47.84
N GLY A 957 35.85 -10.78 47.12
CA GLY A 957 35.59 -12.04 47.78
C GLY A 957 36.71 -12.45 48.71
N SER A 958 37.93 -12.13 48.35
CA SER A 958 39.05 -12.42 49.23
C SER A 958 38.88 -11.72 50.56
N PHE A 959 38.53 -10.44 50.52
CA PHE A 959 38.32 -9.69 51.75
C PHE A 959 37.16 -10.29 52.54
N VAL A 960 36.14 -10.75 51.82
CA VAL A 960 35.05 -11.44 52.48
C VAL A 960 35.59 -12.61 53.27
N ALA A 961 36.43 -13.41 52.61
CA ALA A 961 37.06 -14.54 53.27
C ALA A 961 37.78 -14.08 54.51
N CYS A 962 38.46 -12.94 54.40
CA CYS A 962 39.18 -12.40 55.54
C CYS A 962 38.25 -12.20 56.73
N MET A 963 37.25 -11.35 56.55
CA MET A 963 36.42 -10.95 57.68
C MET A 963 35.63 -12.12 58.23
N ILE A 964 35.14 -12.99 57.35
CA ILE A 964 34.46 -14.15 57.86
C ILE A 964 35.40 -14.95 58.74
N ALA A 965 36.53 -15.42 58.18
CA ALA A 965 37.48 -16.20 58.95
C ALA A 965 37.80 -15.51 60.27
N LEU A 966 37.85 -14.18 60.24
CA LEU A 966 38.11 -13.41 61.43
C LEU A 966 37.10 -13.78 62.50
N LEU A 967 35.85 -13.42 62.24
CA LEU A 967 34.84 -13.59 63.25
C LEU A 967 34.50 -15.07 63.46
N GLN A 968 34.89 -15.90 62.51
CA GLN A 968 34.86 -17.34 62.67
C GLN A 968 35.76 -17.75 63.82
N GLN A 969 37.06 -17.50 63.70
CA GLN A 969 37.96 -17.77 64.81
C GLN A 969 37.54 -17.01 66.05
N MET A 970 37.31 -15.72 65.90
CA MET A 970 37.07 -14.82 67.01
C MET A 970 35.81 -15.21 67.77
N ASP A 971 35.91 -15.22 69.09
CA ASP A 971 34.92 -15.83 69.95
C ASP A 971 33.86 -14.84 70.42
N ASP A 972 32.67 -15.40 70.72
CA ASP A 972 31.57 -14.64 71.31
C ASP A 972 32.04 -13.67 72.37
N SER A 973 32.81 -14.15 73.33
CA SER A 973 33.40 -13.33 74.37
C SER A 973 33.94 -12.03 73.80
N HIS A 974 34.56 -12.12 72.63
CA HIS A 974 35.20 -10.95 72.06
C HIS A 974 34.19 -9.99 71.46
N TYR A 975 33.11 -10.50 70.87
CA TYR A 975 32.00 -9.63 70.53
C TYR A 975 31.55 -8.88 71.77
N SER A 976 31.31 -9.61 72.85
CA SER A 976 30.94 -8.99 74.11
C SER A 976 31.99 -8.02 74.63
N HIS A 977 33.24 -8.20 74.23
CA HIS A 977 34.33 -7.49 74.90
C HIS A 977 34.26 -5.99 74.66
N TYR A 978 34.49 -5.56 73.43
CA TYR A 978 34.35 -4.14 73.15
C TYR A 978 33.52 -3.96 71.90
N ILE A 979 33.53 -4.95 71.02
CA ILE A 979 32.61 -4.90 69.90
C ILE A 979 31.19 -4.73 70.42
N SER A 980 30.88 -5.35 71.55
CA SER A 980 29.69 -4.96 72.29
C SER A 980 29.83 -3.57 72.89
N THR A 981 31.05 -3.20 73.28
CA THR A 981 31.28 -2.09 74.21
C THR A 981 31.82 -0.87 73.49
N PHE A 982 31.25 -0.50 72.35
CA PHE A 982 31.73 0.67 71.62
C PHE A 982 31.41 1.94 72.42
N LYS A 983 31.55 3.08 71.77
CA LYS A 983 31.34 4.37 72.41
C LYS A 983 29.87 4.63 72.64
N THR A 984 29.51 5.90 72.85
CA THR A 984 28.13 6.31 73.09
C THR A 984 27.14 5.51 72.26
N ARG A 985 26.02 5.14 72.89
CA ARG A 985 25.19 4.04 72.41
C ARG A 985 24.84 4.20 70.94
N GLN A 986 24.42 5.41 70.54
CA GLN A 986 23.93 5.60 69.18
C GLN A 986 25.02 5.30 68.15
N ASP A 987 26.28 5.53 68.50
CA ASP A 987 27.37 5.14 67.60
C ASP A 987 27.31 3.64 67.31
N ILE A 988 27.24 2.83 68.35
CA ILE A 988 27.21 1.39 68.11
C ILE A 988 25.91 1.01 67.41
N ILE A 989 24.83 1.75 67.66
CA ILE A 989 23.58 1.49 66.95
C ILE A 989 23.79 1.66 65.46
N ASP A 990 24.42 2.76 65.06
CA ASP A 990 24.71 3.00 63.66
C ASP A 990 25.60 1.90 63.11
N PHE A 991 26.62 1.52 63.87
CA PHE A 991 27.51 0.47 63.42
C PHE A 991 26.73 -0.82 63.13
N LEU A 992 25.86 -1.20 64.05
CA LEU A 992 25.06 -2.41 63.86
C LEU A 992 24.17 -2.31 62.63
N MET A 993 23.51 -1.17 62.44
CA MET A 993 22.63 -1.08 61.29
C MET A 993 23.42 -1.20 60.00
N GLU A 994 24.62 -0.62 59.96
CA GLU A 994 25.49 -0.79 58.81
C GLU A 994 25.84 -2.26 58.61
N THR A 995 26.19 -2.95 59.68
CA THR A 995 26.56 -4.36 59.56
C THR A 995 25.40 -5.18 59.00
N PHE A 996 24.19 -4.89 59.48
CA PHE A 996 23.04 -5.65 59.00
C PHE A 996 22.77 -5.38 57.53
N ILE A 997 22.76 -4.11 57.12
CA ILE A 997 22.51 -3.87 55.71
C ILE A 997 23.64 -4.45 54.87
N MET A 998 24.85 -4.52 55.42
CA MET A 998 25.87 -5.29 54.73
C MET A 998 25.51 -6.75 54.61
N PHE A 999 25.09 -7.38 55.70
CA PHE A 999 24.75 -8.79 55.60
C PHE A 999 23.71 -8.99 54.52
N LYS A 1000 22.79 -8.03 54.38
CA LYS A 1000 21.82 -8.13 53.30
C LYS A 1000 22.51 -8.03 51.95
N ASP A 1001 23.50 -7.14 51.84
CA ASP A 1001 24.27 -7.07 50.59
C ASP A 1001 25.04 -8.36 50.34
N LEU A 1002 25.36 -9.10 51.38
CA LEU A 1002 26.10 -10.33 51.19
C LEU A 1002 25.19 -11.45 50.73
N ILE A 1003 24.19 -11.77 51.54
CA ILE A 1003 23.37 -12.94 51.28
C ILE A 1003 22.66 -12.80 49.94
N GLY A 1004 21.99 -11.67 49.75
CA GLY A 1004 21.57 -11.32 48.41
C GLY A 1004 22.79 -10.93 47.59
N LYS A 1005 22.89 -11.47 46.39
CA LYS A 1005 24.07 -11.31 45.56
C LYS A 1005 25.31 -11.80 46.31
N ASN A 1006 25.33 -13.10 46.50
CA ASN A 1006 26.55 -13.75 46.94
C ASN A 1006 27.63 -13.55 45.90
N VAL A 1007 28.87 -13.48 46.38
CA VAL A 1007 29.98 -13.11 45.51
C VAL A 1007 30.58 -14.36 44.91
N TYR A 1008 29.84 -15.46 44.97
CA TYR A 1008 30.38 -16.76 44.61
C TYR A 1008 29.57 -17.39 43.50
N ALA A 1009 30.25 -18.19 42.70
CA ALA A 1009 29.68 -18.87 41.55
C ALA A 1009 28.91 -20.11 41.93
N LYS A 1010 28.53 -20.24 43.21
CA LYS A 1010 27.64 -21.29 43.66
C LYS A 1010 28.29 -22.66 43.48
N ASP A 1011 29.54 -22.67 43.08
CA ASP A 1011 30.30 -23.90 43.04
C ASP A 1011 31.15 -24.06 44.28
N TRP A 1012 31.47 -22.96 44.95
CA TRP A 1012 32.18 -23.06 46.22
C TRP A 1012 31.20 -23.17 47.37
N MET A 1013 30.23 -24.09 47.26
CA MET A 1013 29.22 -24.17 48.29
C MET A 1013 29.79 -24.71 49.60
N VAL A 1014 31.00 -25.26 49.58
CA VAL A 1014 31.57 -25.72 50.83
C VAL A 1014 31.87 -24.53 51.72
N MET A 1015 32.81 -23.71 51.28
CA MET A 1015 33.11 -22.47 51.98
C MET A 1015 31.87 -21.59 52.07
N ASN A 1016 30.96 -21.72 51.11
CA ASN A 1016 29.73 -20.96 51.18
C ASN A 1016 28.91 -21.39 52.38
N MET A 1017 28.71 -22.68 52.55
CA MET A 1017 28.01 -23.16 53.73
C MET A 1017 28.73 -22.69 54.98
N THR A 1018 30.05 -22.71 54.96
CA THR A 1018 30.80 -22.30 56.14
C THR A 1018 30.49 -20.85 56.49
N GLN A 1019 30.58 -19.96 55.52
CA GLN A 1019 30.28 -18.58 55.83
C GLN A 1019 28.83 -18.43 56.24
N ASN A 1020 27.95 -19.29 55.74
CA ASN A 1020 26.61 -19.34 56.30
C ASN A 1020 26.68 -19.62 57.78
N ARG A 1021 27.54 -20.54 58.18
CA ARG A 1021 27.66 -20.86 59.58
C ARG A 1021 28.10 -19.65 60.39
N VAL A 1022 29.11 -18.95 59.88
CA VAL A 1022 29.62 -17.83 60.65
C VAL A 1022 28.61 -16.71 60.70
N PHE A 1023 27.86 -16.50 59.62
CA PHE A 1023 26.77 -15.55 59.70
C PHE A 1023 25.77 -15.97 60.74
N LEU A 1024 25.36 -17.24 60.72
CA LEU A 1024 24.51 -17.78 61.77
C LEU A 1024 24.98 -17.34 63.14
N ARG A 1025 26.22 -17.69 63.45
CA ARG A 1025 26.76 -17.45 64.78
C ARG A 1025 26.79 -15.96 65.11
N ALA A 1026 27.36 -15.16 64.22
CA ALA A 1026 27.53 -13.74 64.50
C ALA A 1026 26.19 -13.06 64.67
N ILE A 1027 25.26 -13.35 63.76
CA ILE A 1027 23.96 -12.72 63.80
C ILE A 1027 23.21 -13.17 65.04
N ASN A 1028 23.40 -14.41 65.48
CA ASN A 1028 22.94 -14.77 66.80
C ASN A 1028 23.45 -13.78 67.83
N GLN A 1029 24.77 -13.67 67.96
CA GLN A 1029 25.33 -12.84 69.02
C GLN A 1029 24.77 -11.43 68.95
N PHE A 1030 24.50 -10.96 67.74
CA PHE A 1030 23.89 -9.65 67.61
C PHE A 1030 22.44 -9.67 68.07
N ALA A 1031 21.74 -10.78 67.88
CA ALA A 1031 20.42 -10.90 68.47
C ALA A 1031 20.50 -10.70 69.98
N GLU A 1032 21.47 -11.37 70.61
CA GLU A 1032 21.59 -11.25 72.06
C GLU A 1032 21.98 -9.84 72.50
N VAL A 1033 22.83 -9.16 71.74
CA VAL A 1033 23.16 -7.79 72.17
C VAL A 1033 21.93 -6.89 72.05
N LEU A 1034 21.20 -7.03 70.94
CA LEU A 1034 20.00 -6.21 70.78
C LEU A 1034 18.99 -6.52 71.87
N THR A 1035 18.92 -7.77 72.31
CA THR A 1035 18.05 -8.08 73.44
C THR A 1035 18.56 -7.40 74.70
N ARG A 1036 19.77 -7.74 75.12
CA ARG A 1036 20.27 -7.31 76.41
C ARG A 1036 20.32 -5.80 76.53
N PHE A 1037 20.25 -5.07 75.43
CA PHE A 1037 20.26 -3.62 75.51
C PHE A 1037 19.02 -2.94 74.96
N PHE A 1038 18.08 -3.67 74.34
CA PHE A 1038 17.09 -3.01 73.50
C PHE A 1038 15.69 -3.61 73.58
N MET A 1039 15.28 -4.20 74.70
CA MET A 1039 13.85 -4.28 74.96
C MET A 1039 13.43 -3.04 75.74
N ASP A 1040 12.24 -3.10 76.33
CA ASP A 1040 11.63 -1.95 76.97
C ASP A 1040 12.47 -1.42 78.14
N GLN A 1041 13.56 -2.10 78.52
CA GLN A 1041 14.56 -1.41 79.32
C GLN A 1041 15.05 -0.17 78.57
N ALA A 1042 15.32 -0.33 77.28
CA ALA A 1042 15.22 0.77 76.33
C ALA A 1042 13.78 0.86 75.83
N SER A 1043 12.95 1.55 76.61
CA SER A 1043 11.50 1.58 76.42
C SER A 1043 11.10 1.98 75.01
N PHE A 1044 12.09 2.37 74.23
CA PHE A 1044 11.99 2.98 72.91
C PHE A 1044 13.03 2.37 71.97
N GLU A 1045 13.29 3.08 70.89
CA GLU A 1045 14.32 2.75 69.88
C GLU A 1045 14.21 1.28 69.45
N LEU A 1046 13.03 0.95 68.93
CA LEU A 1046 12.69 -0.40 68.52
C LEU A 1046 12.47 -0.53 67.02
N GLN A 1047 12.97 0.42 66.23
CA GLN A 1047 12.65 0.41 64.82
C GLN A 1047 13.61 -0.46 64.02
N LEU A 1048 14.83 -0.63 64.50
CA LEU A 1048 15.88 -1.18 63.64
C LEU A 1048 15.56 -2.64 63.32
N TRP A 1049 14.80 -3.27 64.22
CA TRP A 1049 14.34 -4.63 64.02
C TRP A 1049 13.66 -4.91 62.69
N ASN A 1050 13.11 -3.90 62.02
CA ASN A 1050 12.58 -4.22 60.71
C ASN A 1050 13.70 -4.69 59.81
N ASN A 1051 14.76 -3.87 59.73
CA ASN A 1051 16.02 -4.25 59.12
C ASN A 1051 16.45 -5.63 59.60
N TYR A 1052 16.44 -5.80 60.91
CA TYR A 1052 16.89 -7.06 61.49
C TYR A 1052 16.16 -8.25 60.89
N PHE A 1053 14.83 -8.25 61.03
CA PHE A 1053 14.05 -9.39 60.58
C PHE A 1053 14.14 -9.58 59.08
N HIS A 1054 14.29 -8.48 58.34
CA HIS A 1054 14.56 -8.62 56.91
C HIS A 1054 15.78 -9.48 56.70
N LEU A 1055 16.86 -9.19 57.42
CA LEU A 1055 18.04 -10.03 57.33
C LEU A 1055 17.73 -11.45 57.78
N ALA A 1056 17.03 -11.57 58.91
CA ALA A 1056 16.76 -12.87 59.50
C ALA A 1056 16.11 -13.79 58.48
N VAL A 1057 15.15 -13.25 57.74
CA VAL A 1057 14.44 -14.08 56.77
C VAL A 1057 15.25 -14.24 55.50
N ALA A 1058 15.77 -13.13 54.97
CA ALA A 1058 16.49 -13.20 53.71
C ALA A 1058 17.60 -14.23 53.77
N PHE A 1059 18.27 -14.32 54.91
CA PHE A 1059 19.22 -15.40 55.10
C PHE A 1059 18.50 -16.75 55.06
N LEU A 1060 17.39 -16.84 55.74
CA LEU A 1060 16.60 -18.04 55.82
C LEU A 1060 16.02 -18.41 54.51
N THR A 1061 16.07 -17.51 53.54
CA THR A 1061 15.24 -17.57 52.36
C THR A 1061 16.03 -18.21 51.21
N HIS A 1062 16.88 -19.16 51.54
CA HIS A 1062 17.49 -19.98 50.50
C HIS A 1062 17.89 -21.30 51.14
N GLU A 1063 18.60 -22.13 50.37
CA GLU A 1063 19.09 -23.42 50.85
C GLU A 1063 17.94 -24.29 51.35
N SER A 1064 17.10 -24.67 50.40
CA SER A 1064 15.85 -25.37 50.69
C SER A 1064 15.94 -26.81 50.20
N LEU A 1065 14.81 -27.52 50.30
CA LEU A 1065 14.77 -28.98 50.16
C LEU A 1065 15.28 -29.43 48.81
N GLN A 1066 14.79 -28.80 47.74
CA GLN A 1066 15.25 -29.17 46.40
C GLN A 1066 16.73 -28.93 46.23
N LEU A 1067 17.30 -27.99 46.99
CA LEU A 1067 18.71 -27.69 46.84
C LEU A 1067 19.54 -28.87 47.30
N GLU A 1068 19.24 -29.41 48.47
CA GLU A 1068 19.88 -30.64 48.87
C GLU A 1068 19.49 -31.79 47.96
N THR A 1069 18.40 -31.64 47.20
CA THR A 1069 17.86 -32.73 46.41
C THR A 1069 18.76 -33.08 45.24
N PHE A 1070 19.81 -32.29 45.01
CA PHE A 1070 20.73 -32.56 43.91
C PHE A 1070 21.24 -34.00 43.98
N SER A 1071 21.45 -34.51 45.18
CA SER A 1071 21.62 -35.94 45.41
C SER A 1071 21.15 -36.30 46.81
N GLN A 1072 20.86 -37.58 47.01
CA GLN A 1072 20.71 -38.05 48.38
C GLN A 1072 22.00 -37.79 49.14
N ALA A 1073 23.13 -38.11 48.51
CA ALA A 1073 24.41 -37.69 49.05
C ALA A 1073 24.39 -36.21 49.34
N LYS A 1074 23.76 -35.42 48.48
CA LYS A 1074 23.71 -33.99 48.74
C LYS A 1074 22.91 -33.71 50.00
N ARG A 1075 21.69 -34.24 50.09
CA ARG A 1075 20.95 -34.12 51.35
C ARG A 1075 21.82 -34.48 52.53
N ASN A 1076 22.28 -35.72 52.57
CA ASN A 1076 22.88 -36.23 53.80
C ASN A 1076 24.20 -35.56 54.10
N LYS A 1077 24.98 -35.23 53.08
CA LYS A 1077 26.20 -34.47 53.32
C LYS A 1077 25.85 -33.18 54.04
N ILE A 1078 24.90 -32.43 53.49
CA ILE A 1078 24.54 -31.19 54.15
C ILE A 1078 24.07 -31.45 55.58
N VAL A 1079 23.24 -32.47 55.76
CA VAL A 1079 22.64 -32.69 57.08
C VAL A 1079 23.70 -33.07 58.10
N LYS A 1080 24.55 -34.04 57.75
CA LYS A 1080 25.55 -34.52 58.70
C LYS A 1080 26.57 -33.43 59.02
N LYS A 1081 27.12 -32.80 57.98
CA LYS A 1081 28.12 -31.76 58.22
C LYS A 1081 27.52 -30.58 58.96
N TYR A 1082 26.31 -30.18 58.61
CA TYR A 1082 25.84 -28.86 58.98
C TYR A 1082 24.56 -28.85 59.79
N GLY A 1083 23.81 -29.93 59.82
CA GLY A 1083 22.48 -29.89 60.37
C GLY A 1083 21.54 -29.20 59.39
N ASP A 1084 20.44 -28.69 59.93
CA ASP A 1084 19.51 -27.88 59.15
C ASP A 1084 19.47 -26.50 59.79
N MET A 1085 20.39 -25.65 59.32
CA MET A 1085 20.49 -24.29 59.86
C MET A 1085 19.13 -23.61 59.92
N ARG A 1086 18.27 -23.90 58.97
CA ARG A 1086 16.98 -23.23 58.92
C ARG A 1086 16.20 -23.46 60.21
N LYS A 1087 16.34 -24.63 60.80
CA LYS A 1087 15.64 -24.96 62.03
C LYS A 1087 15.90 -23.92 63.11
N GLU A 1088 17.17 -23.75 63.46
CA GLU A 1088 17.47 -22.82 64.54
C GLU A 1088 17.38 -21.38 64.08
N ILE A 1089 17.56 -21.09 62.80
CA ILE A 1089 17.28 -19.73 62.34
C ILE A 1089 15.85 -19.38 62.69
N GLY A 1090 14.93 -20.26 62.33
CA GLY A 1090 13.54 -20.03 62.65
C GLY A 1090 13.29 -19.95 64.14
N PHE A 1091 13.90 -20.84 64.90
CA PHE A 1091 13.69 -20.82 66.34
C PHE A 1091 14.20 -19.54 66.96
N ARG A 1092 15.29 -18.98 66.44
CA ARG A 1092 15.75 -17.71 66.96
C ARG A 1092 14.75 -16.61 66.63
N ILE A 1093 14.32 -16.52 65.38
CA ILE A 1093 13.33 -15.50 65.07
C ILE A 1093 12.10 -15.69 65.94
N ARG A 1094 11.76 -16.95 66.19
CA ARG A 1094 10.60 -17.32 66.96
C ARG A 1094 10.69 -16.80 68.39
N ASP A 1095 11.72 -17.23 69.11
CA ASP A 1095 11.80 -16.89 70.51
C ASP A 1095 12.03 -15.40 70.69
N MET A 1096 12.80 -14.77 69.81
CA MET A 1096 12.95 -13.32 69.94
C MET A 1096 11.63 -12.62 69.64
N TRP A 1097 10.83 -13.19 68.75
CA TRP A 1097 9.50 -12.65 68.54
C TRP A 1097 8.70 -12.70 69.83
N TYR A 1098 8.75 -13.83 70.53
CA TYR A 1098 8.09 -13.91 71.82
C TYR A 1098 8.61 -12.83 72.76
N ASN A 1099 9.92 -12.70 72.83
CA ASN A 1099 10.56 -11.78 73.76
C ASN A 1099 10.34 -10.32 73.35
N LEU A 1100 9.82 -10.08 72.14
CA LEU A 1100 9.75 -8.71 71.63
C LEU A 1100 8.99 -7.79 72.57
N GLY A 1101 8.09 -8.35 73.37
CA GLY A 1101 7.35 -7.58 74.32
C GLY A 1101 6.19 -6.87 73.68
N PRO A 1102 5.40 -6.17 74.48
CA PRO A 1102 4.15 -5.59 73.96
C PRO A 1102 4.36 -4.55 72.89
N HIS A 1103 5.61 -4.33 72.46
CA HIS A 1103 5.86 -3.39 71.39
C HIS A 1103 5.54 -4.03 70.04
N LYS A 1104 5.22 -5.33 70.07
CA LYS A 1104 4.78 -6.02 68.85
C LYS A 1104 3.75 -5.20 68.09
N ILE A 1105 2.84 -4.54 68.81
CA ILE A 1105 1.81 -3.73 68.18
C ILE A 1105 2.41 -2.77 67.18
N LYS A 1106 3.60 -2.25 67.46
CA LYS A 1106 4.22 -1.37 66.50
C LYS A 1106 4.65 -2.10 65.24
N PHE A 1107 4.58 -3.42 65.23
CA PHE A 1107 5.24 -4.19 64.19
C PHE A 1107 4.32 -4.87 63.20
N ILE A 1108 3.18 -5.39 63.64
CA ILE A 1108 2.52 -6.50 62.96
C ILE A 1108 2.34 -6.24 61.46
N PRO A 1109 1.49 -5.30 61.05
CA PRO A 1109 1.06 -5.31 59.64
C PRO A 1109 2.21 -5.30 58.67
N SER A 1110 3.26 -4.56 59.02
CA SER A 1110 4.49 -4.58 58.22
C SER A 1110 5.10 -5.97 58.19
N MET A 1111 5.49 -6.47 59.36
CA MET A 1111 6.32 -7.67 59.43
C MET A 1111 5.59 -8.93 59.00
N VAL A 1112 4.30 -8.86 58.65
CA VAL A 1112 3.57 -10.08 58.35
C VAL A 1112 4.08 -10.70 57.06
N GLY A 1113 4.69 -9.88 56.21
CA GLY A 1113 5.25 -10.37 54.97
C GLY A 1113 6.12 -11.58 55.20
N PRO A 1114 7.26 -11.39 55.86
CA PRO A 1114 8.24 -12.47 55.99
C PRO A 1114 7.72 -13.74 56.64
N ILE A 1115 6.89 -13.64 57.66
CA ILE A 1115 6.57 -14.80 58.47
C ILE A 1115 5.82 -15.82 57.65
N LEU A 1116 5.34 -15.43 56.48
CA LEU A 1116 4.79 -16.42 55.57
C LEU A 1116 5.87 -17.27 54.90
N GLU A 1117 6.99 -16.66 54.52
CA GLU A 1117 8.08 -17.44 53.96
C GLU A 1117 8.46 -18.56 54.92
N VAL A 1118 8.72 -18.20 56.18
CA VAL A 1118 9.07 -19.22 57.15
C VAL A 1118 7.90 -20.16 57.39
N THR A 1119 6.69 -19.64 57.44
CA THR A 1119 5.57 -20.54 57.60
C THR A 1119 5.43 -21.45 56.40
N LEU A 1120 5.75 -20.95 55.21
CA LEU A 1120 5.78 -21.75 53.99
C LEU A 1120 7.00 -22.65 53.89
N THR A 1121 7.78 -22.81 54.93
CA THR A 1121 9.04 -23.51 54.77
C THR A 1121 8.80 -25.00 54.54
N PRO A 1122 9.41 -25.59 53.52
CA PRO A 1122 9.03 -26.96 53.12
C PRO A 1122 9.33 -28.04 54.16
N GLU A 1123 9.97 -27.71 55.27
CA GLU A 1123 10.22 -28.72 56.29
C GLU A 1123 8.91 -28.90 57.06
N VAL A 1124 8.89 -29.78 58.07
CA VAL A 1124 7.68 -30.01 58.85
C VAL A 1124 7.74 -29.29 60.20
N GLU A 1125 8.84 -29.50 60.92
CA GLU A 1125 8.89 -29.12 62.33
C GLU A 1125 8.74 -27.61 62.52
N LEU A 1126 9.71 -26.83 62.03
CA LEU A 1126 9.70 -25.41 62.39
C LEU A 1126 8.44 -24.76 61.86
N ARG A 1127 7.86 -25.33 60.82
CA ARG A 1127 6.56 -24.84 60.38
C ARG A 1127 5.55 -25.00 61.49
N LYS A 1128 5.59 -26.14 62.18
CA LYS A 1128 4.69 -26.36 63.31
C LYS A 1128 4.99 -25.41 64.44
N ALA A 1129 6.27 -25.10 64.65
CA ALA A 1129 6.63 -24.14 65.68
C ALA A 1129 6.44 -22.70 65.23
N THR A 1130 6.15 -22.49 63.96
CA THR A 1130 6.17 -21.20 63.30
C THR A 1130 4.79 -20.62 63.08
N ILE A 1131 3.85 -21.44 62.63
CA ILE A 1131 2.47 -20.98 62.49
C ILE A 1131 1.95 -20.33 63.76
N PRO A 1132 2.20 -20.83 64.98
CA PRO A 1132 1.59 -20.18 66.14
C PRO A 1132 1.85 -18.70 66.21
N ILE A 1133 2.95 -18.21 65.62
CA ILE A 1133 3.22 -16.78 65.59
C ILE A 1133 2.02 -16.01 65.07
N PHE A 1134 1.33 -16.58 64.08
CA PHE A 1134 0.11 -15.98 63.58
C PHE A 1134 -0.87 -15.75 64.70
N PHE A 1135 -1.16 -16.80 65.47
CA PHE A 1135 -2.09 -16.66 66.59
C PHE A 1135 -1.54 -15.70 67.63
N ASP A 1136 -0.22 -15.62 67.74
CA ASP A 1136 0.39 -14.74 68.72
C ASP A 1136 0.06 -13.29 68.43
N MET A 1137 0.47 -12.79 67.26
CA MET A 1137 0.09 -11.40 67.01
C MET A 1137 -1.40 -11.28 66.75
N MET A 1138 -2.06 -12.38 66.43
CA MET A 1138 -3.51 -12.35 66.33
C MET A 1138 -4.11 -11.96 67.67
N GLN A 1139 -3.60 -12.53 68.75
CA GLN A 1139 -4.10 -12.15 70.07
C GLN A 1139 -3.59 -10.77 70.46
N CYS A 1140 -2.36 -10.43 70.07
CA CYS A 1140 -1.89 -9.09 70.41
C CYS A 1140 -2.78 -8.03 69.78
N GLU A 1141 -3.00 -8.14 68.48
CA GLU A 1141 -3.97 -7.28 67.84
C GLU A 1141 -5.38 -7.57 68.26
N PHE A 1142 -5.65 -8.67 68.96
CA PHE A 1142 -7.00 -8.85 69.45
C PHE A 1142 -7.21 -8.09 70.76
N ASN A 1143 -6.16 -8.04 71.57
CA ASN A 1143 -6.11 -7.05 72.64
C ASN A 1143 -6.23 -5.65 72.07
N PHE A 1144 -5.74 -5.45 70.85
CA PHE A 1144 -6.00 -4.17 70.20
C PHE A 1144 -7.40 -4.14 69.60
N SER A 1145 -7.96 -5.30 69.25
CA SER A 1145 -9.26 -5.37 68.60
C SER A 1145 -10.38 -5.15 69.59
N GLY A 1146 -10.07 -5.30 70.87
CA GLY A 1146 -10.94 -4.83 71.93
C GLY A 1146 -11.19 -3.36 71.73
N ASN A 1147 -10.24 -2.67 71.10
CA ASN A 1147 -10.41 -1.31 70.62
C ASN A 1147 -10.12 -1.30 69.12
N GLY A 1148 -11.11 -1.70 68.32
CA GLY A 1148 -10.87 -1.82 66.89
C GLY A 1148 -10.97 -3.22 66.36
N ASN A 1149 -9.99 -3.63 65.55
CA ASN A 1149 -10.09 -4.91 64.85
C ASN A 1149 -8.68 -5.38 64.48
N PHE A 1150 -8.59 -6.68 64.17
CA PHE A 1150 -7.43 -7.28 63.55
C PHE A 1150 -7.60 -7.37 62.04
N HIS A 1151 -8.68 -6.79 61.52
CA HIS A 1151 -9.03 -7.01 60.13
C HIS A 1151 -7.94 -6.53 59.20
N MET A 1152 -7.30 -5.41 59.54
CA MET A 1152 -6.18 -4.96 58.73
C MET A 1152 -5.17 -6.08 58.59
N PHE A 1153 -4.74 -6.64 59.73
CA PHE A 1153 -3.82 -7.78 59.74
C PHE A 1153 -4.20 -8.83 58.72
N GLU A 1154 -5.38 -9.43 58.91
CA GLU A 1154 -5.74 -10.53 58.03
C GLU A 1154 -5.87 -10.07 56.59
N ASN A 1155 -6.08 -8.78 56.35
CA ASN A 1155 -6.12 -8.30 54.97
C ASN A 1155 -4.79 -8.53 54.28
N GLU A 1156 -3.72 -7.91 54.77
CA GLU A 1156 -2.43 -8.16 54.16
C GLU A 1156 -2.02 -9.61 54.31
N LEU A 1157 -2.48 -10.30 55.35
CA LEU A 1157 -2.24 -11.72 55.42
C LEU A 1157 -2.73 -12.41 54.16
N ILE A 1158 -3.99 -12.15 53.82
CA ILE A 1158 -4.56 -12.68 52.60
C ILE A 1158 -3.72 -12.25 51.41
N THR A 1159 -3.35 -10.98 51.40
CA THR A 1159 -2.67 -10.39 50.26
C THR A 1159 -1.35 -11.10 49.99
N LYS A 1160 -0.43 -10.96 50.94
CA LYS A 1160 0.82 -11.70 50.88
C LYS A 1160 0.57 -13.15 50.53
N LEU A 1161 -0.14 -13.86 51.41
CA LEU A 1161 -0.44 -15.26 51.29
C LEU A 1161 -0.71 -15.61 49.84
N ASP A 1162 -1.54 -14.77 49.22
CA ASP A 1162 -1.80 -14.88 47.80
C ASP A 1162 -0.48 -14.83 47.04
N GLN A 1163 0.21 -13.68 47.07
CA GLN A 1163 1.34 -13.56 46.16
C GLN A 1163 2.29 -14.73 46.28
N GLU A 1164 2.55 -15.21 47.50
CA GLU A 1164 3.40 -16.40 47.56
C GLU A 1164 2.75 -17.62 46.92
N VAL A 1165 1.54 -17.96 47.31
CA VAL A 1165 1.00 -19.24 46.87
C VAL A 1165 0.84 -19.27 45.36
N GLU A 1166 0.30 -18.19 44.79
CA GLU A 1166 0.27 -18.11 43.35
C GLU A 1166 1.66 -18.04 42.76
N GLY A 1167 2.63 -17.52 43.52
CA GLY A 1167 4.00 -17.48 43.03
C GLY A 1167 4.63 -18.85 42.92
N GLY A 1168 4.00 -19.87 43.49
CA GLY A 1168 4.49 -21.22 43.32
C GLY A 1168 5.35 -21.73 44.46
N ARG A 1169 4.85 -21.68 45.68
CA ARG A 1169 5.56 -22.24 46.82
C ARG A 1169 4.75 -23.25 47.63
N GLY A 1170 3.47 -23.00 47.85
CA GLY A 1170 2.74 -23.62 48.93
C GLY A 1170 2.62 -25.15 48.85
N ASP A 1171 1.85 -25.67 49.81
CA ASP A 1171 1.64 -27.10 49.96
C ASP A 1171 0.22 -27.34 50.43
N GLU A 1172 -0.33 -28.50 50.11
CA GLU A 1172 -1.69 -28.78 50.54
C GLU A 1172 -1.73 -29.21 52.00
N GLN A 1173 -0.79 -30.09 52.38
CA GLN A 1173 -0.59 -30.35 53.79
C GLN A 1173 -0.32 -29.07 54.53
N TYR A 1174 0.25 -28.08 53.86
CA TYR A 1174 0.44 -26.78 54.48
C TYR A 1174 -0.88 -26.24 54.98
N LYS A 1175 -1.90 -26.20 54.12
CA LYS A 1175 -3.18 -25.69 54.58
C LYS A 1175 -3.77 -26.61 55.63
N VAL A 1176 -3.60 -27.92 55.46
CA VAL A 1176 -4.15 -28.86 56.45
C VAL A 1176 -3.63 -28.51 57.82
N LEU A 1177 -2.31 -28.34 57.93
CA LEU A 1177 -1.66 -28.02 59.18
C LEU A 1177 -2.06 -26.65 59.66
N LEU A 1178 -2.16 -25.69 58.75
CA LEU A 1178 -2.53 -24.34 59.12
C LEU A 1178 -3.83 -24.40 59.89
N GLU A 1179 -4.84 -24.90 59.18
CA GLU A 1179 -6.15 -25.17 59.74
C GLU A 1179 -6.06 -25.82 61.09
N LYS A 1180 -5.37 -26.96 61.17
CA LYS A 1180 -5.25 -27.68 62.42
C LYS A 1180 -4.80 -26.76 63.54
N LEU A 1181 -3.61 -26.20 63.38
CA LEU A 1181 -2.96 -25.45 64.45
C LEU A 1181 -3.83 -24.29 64.90
N LEU A 1182 -4.36 -23.53 63.94
CA LEU A 1182 -5.20 -22.40 64.33
C LEU A 1182 -6.45 -22.88 65.05
N LEU A 1183 -7.00 -24.01 64.64
CA LEU A 1183 -8.15 -24.54 65.36
C LEU A 1183 -7.79 -24.83 66.80
N GLU A 1184 -6.66 -25.50 67.01
CA GLU A 1184 -6.24 -25.83 68.36
C GLU A 1184 -6.08 -24.57 69.19
N HIS A 1185 -5.35 -23.59 68.67
CA HIS A 1185 -5.07 -22.40 69.43
C HIS A 1185 -6.33 -21.57 69.66
N CYS A 1186 -7.26 -21.61 68.72
CA CYS A 1186 -8.55 -20.98 68.94
C CYS A 1186 -9.29 -21.68 70.08
N ARG A 1187 -9.24 -23.01 70.13
CA ARG A 1187 -9.77 -23.70 71.29
C ARG A 1187 -9.10 -23.24 72.57
N LYS A 1188 -7.76 -23.06 72.53
CA LYS A 1188 -7.06 -22.49 73.67
C LYS A 1188 -7.61 -21.11 74.01
N HIS A 1189 -8.13 -20.40 73.01
CA HIS A 1189 -8.69 -19.10 73.26
C HIS A 1189 -10.20 -19.23 73.45
N LYS A 1190 -10.79 -18.17 73.95
CA LYS A 1190 -12.22 -18.11 74.23
C LYS A 1190 -12.91 -17.56 72.99
N TYR A 1191 -14.10 -16.96 73.17
CA TYR A 1191 -15.12 -16.60 72.19
C TYR A 1191 -14.63 -16.29 70.78
N LEU A 1192 -13.64 -15.41 70.64
CA LEU A 1192 -13.16 -15.03 69.31
C LEU A 1192 -12.76 -16.25 68.48
N SER A 1193 -12.66 -17.40 69.13
CA SER A 1193 -12.23 -18.63 68.47
C SER A 1193 -13.00 -18.87 67.18
N SER A 1194 -14.33 -18.78 67.24
CA SER A 1194 -15.14 -18.99 66.04
C SER A 1194 -14.85 -17.93 64.98
N SER A 1195 -14.78 -16.67 65.40
CA SER A 1195 -14.45 -15.61 64.46
C SER A 1195 -13.19 -15.95 63.70
N GLY A 1196 -12.07 -16.07 64.42
CA GLY A 1196 -10.82 -16.38 63.79
C GLY A 1196 -10.86 -17.64 62.96
N GLU A 1197 -11.64 -18.63 63.39
CA GLU A 1197 -11.65 -19.90 62.68
C GLU A 1197 -12.38 -19.79 61.36
N VAL A 1198 -13.47 -19.04 61.31
CA VAL A 1198 -14.13 -18.84 60.02
C VAL A 1198 -13.26 -17.96 59.12
N PHE A 1199 -12.49 -17.07 59.72
CA PHE A 1199 -11.52 -16.31 58.93
C PHE A 1199 -10.49 -17.25 58.34
N ALA A 1200 -10.04 -18.21 59.13
CA ALA A 1200 -9.17 -19.25 58.62
C ALA A 1200 -9.87 -20.09 57.58
N LEU A 1201 -11.20 -20.23 57.67
CA LEU A 1201 -11.92 -20.96 56.66
C LEU A 1201 -11.83 -20.25 55.34
N LEU A 1202 -11.99 -18.94 55.39
CA LEU A 1202 -11.65 -18.10 54.24
C LEU A 1202 -10.27 -18.46 53.72
N VAL A 1203 -9.30 -18.48 54.64
CA VAL A 1203 -7.91 -18.74 54.27
C VAL A 1203 -7.80 -20.08 53.55
N SER A 1204 -8.34 -21.12 54.17
CA SER A 1204 -8.40 -22.43 53.55
C SER A 1204 -8.93 -22.34 52.15
N SER A 1205 -10.21 -21.94 52.04
CA SER A 1205 -10.87 -21.81 50.75
C SER A 1205 -9.91 -21.27 49.72
N LEU A 1206 -9.30 -20.12 50.03
CA LEU A 1206 -8.22 -19.63 49.21
C LEU A 1206 -7.28 -20.75 48.85
N LEU A 1207 -6.64 -21.32 49.87
CA LEU A 1207 -5.49 -22.18 49.65
C LEU A 1207 -5.81 -23.34 48.74
N GLU A 1208 -6.90 -24.03 49.02
CA GLU A 1208 -7.28 -25.12 48.13
C GLU A 1208 -7.54 -24.62 46.73
N ASN A 1209 -8.21 -23.47 46.58
CA ASN A 1209 -8.47 -23.00 45.24
C ASN A 1209 -7.17 -22.62 44.54
N LEU A 1210 -6.25 -22.02 45.27
CA LEU A 1210 -4.98 -21.63 44.67
C LEU A 1210 -4.20 -22.85 44.22
N LEU A 1211 -4.18 -23.89 45.04
CA LEU A 1211 -3.45 -25.08 44.65
C LEU A 1211 -4.13 -25.78 43.50
N ASP A 1212 -5.46 -25.72 43.46
CA ASP A 1212 -6.18 -26.25 42.31
C ASP A 1212 -5.80 -25.48 41.07
N TYR A 1213 -5.71 -24.16 41.21
CA TYR A 1213 -5.24 -23.33 40.11
C TYR A 1213 -3.91 -23.85 39.60
N ARG A 1214 -2.95 -24.01 40.50
CA ARG A 1214 -1.61 -24.40 40.07
C ARG A 1214 -1.60 -25.80 39.48
N THR A 1215 -2.33 -26.73 40.11
CA THR A 1215 -2.34 -28.09 39.63
C THR A 1215 -2.90 -28.15 38.22
N ILE A 1216 -3.90 -27.34 37.93
CA ILE A 1216 -4.39 -27.29 36.56
C ILE A 1216 -3.37 -26.61 35.66
N ILE A 1217 -2.81 -25.48 36.12
CA ILE A 1217 -1.94 -24.67 35.28
C ILE A 1217 -0.78 -25.52 34.76
N MET A 1218 -0.14 -26.25 35.65
CA MET A 1218 0.98 -27.11 35.28
C MET A 1218 0.62 -28.58 35.24
N GLN A 1219 -0.64 -28.93 35.09
CA GLN A 1219 -1.04 -30.31 34.82
C GLN A 1219 -1.59 -30.46 33.41
N ASP A 1220 -2.36 -29.47 32.96
CA ASP A 1220 -3.01 -29.57 31.66
C ASP A 1220 -2.35 -28.71 30.60
N GLU A 1221 -1.77 -27.57 31.01
CA GLU A 1221 -0.93 -26.76 30.15
C GLU A 1221 -1.67 -26.26 28.92
N SER A 1222 -2.98 -26.08 29.03
CA SER A 1222 -3.78 -25.47 27.97
C SER A 1222 -4.30 -24.14 28.47
N LYS A 1223 -4.06 -23.09 27.68
CA LYS A 1223 -4.48 -21.74 28.04
C LYS A 1223 -5.90 -21.72 28.58
N GLU A 1224 -6.70 -22.69 28.17
CA GLU A 1224 -8.14 -22.57 28.30
C GLU A 1224 -8.60 -23.05 29.67
N ASN A 1225 -8.02 -24.15 30.14
CA ASN A 1225 -8.21 -24.51 31.53
C ASN A 1225 -7.63 -23.44 32.43
N ARG A 1226 -6.51 -22.84 32.02
CA ARG A 1226 -5.97 -21.71 32.76
C ARG A 1226 -7.00 -20.60 32.86
N MET A 1227 -7.66 -20.30 31.75
CA MET A 1227 -8.66 -19.24 31.76
C MET A 1227 -9.81 -19.61 32.66
N SER A 1228 -10.24 -20.87 32.61
CA SER A 1228 -11.35 -21.29 33.44
C SER A 1228 -11.01 -21.10 34.92
N CYS A 1229 -9.82 -21.53 35.31
CA CYS A 1229 -9.49 -21.48 36.73
C CYS A 1229 -9.20 -20.06 37.18
N THR A 1230 -8.59 -19.24 36.34
CA THR A 1230 -8.38 -17.88 36.76
C THR A 1230 -9.70 -17.15 36.87
N VAL A 1231 -10.67 -17.53 36.03
CA VAL A 1231 -12.01 -17.02 36.23
C VAL A 1231 -12.55 -17.49 37.56
N ASN A 1232 -12.30 -18.75 37.90
CA ASN A 1232 -12.77 -19.27 39.18
C ASN A 1232 -12.24 -18.44 40.33
N VAL A 1233 -10.96 -18.08 40.26
CA VAL A 1233 -10.41 -17.29 41.36
C VAL A 1233 -10.99 -15.88 41.34
N LEU A 1234 -11.19 -15.30 40.16
CA LEU A 1234 -11.87 -14.00 40.10
C LEU A 1234 -13.20 -14.07 40.81
N ASN A 1235 -14.02 -15.04 40.45
CA ASN A 1235 -15.26 -15.26 41.18
C ASN A 1235 -14.99 -15.30 42.66
N PHE A 1236 -14.22 -16.29 43.09
CA PHE A 1236 -14.08 -16.58 44.50
C PHE A 1236 -13.75 -15.32 45.28
N TYR A 1237 -12.81 -14.52 44.77
CA TYR A 1237 -12.50 -13.28 45.46
C TYR A 1237 -13.64 -12.29 45.40
N LYS A 1238 -14.34 -12.23 44.26
CA LYS A 1238 -15.45 -11.30 44.16
C LYS A 1238 -16.49 -11.59 45.23
N GLU A 1239 -16.81 -12.87 45.45
CA GLU A 1239 -17.65 -13.20 46.60
C GLU A 1239 -16.95 -12.82 47.89
N LYS A 1240 -15.66 -13.11 48.00
CA LYS A 1240 -14.93 -12.79 49.21
C LYS A 1240 -14.56 -11.32 49.27
N LYS A 1241 -14.83 -10.57 48.21
CA LYS A 1241 -14.86 -9.11 48.18
C LYS A 1241 -13.51 -8.46 48.40
N ARG A 1242 -12.41 -9.22 48.37
CA ARG A 1242 -11.11 -8.57 48.36
C ARG A 1242 -10.91 -8.01 46.96
N GLU A 1243 -11.53 -6.87 46.72
CA GLU A 1243 -11.70 -6.39 45.35
C GLU A 1243 -10.36 -6.15 44.66
N ASP A 1244 -9.35 -5.71 45.40
CA ASP A 1244 -8.08 -5.34 44.78
C ASP A 1244 -7.40 -6.54 44.12
N ILE A 1245 -7.25 -7.64 44.84
CA ILE A 1245 -6.65 -8.82 44.25
C ILE A 1245 -7.54 -9.39 43.16
N TYR A 1246 -8.85 -9.24 43.34
CA TYR A 1246 -9.78 -9.54 42.29
C TYR A 1246 -9.39 -8.81 41.02
N ILE A 1247 -9.12 -7.52 41.13
CA ILE A 1247 -8.61 -6.75 40.01
C ILE A 1247 -7.30 -7.34 39.52
N ARG A 1248 -6.47 -7.80 40.44
CA ARG A 1248 -5.14 -8.25 40.05
C ARG A 1248 -5.23 -9.42 39.08
N TYR A 1249 -5.98 -10.45 39.46
CA TYR A 1249 -6.20 -11.52 38.50
C TYR A 1249 -7.04 -11.06 37.32
N LEU A 1250 -7.83 -10.03 37.49
CA LEU A 1250 -8.58 -9.53 36.35
C LEU A 1250 -7.61 -9.08 35.27
N TYR A 1251 -6.59 -8.34 35.66
CA TYR A 1251 -5.54 -8.00 34.73
C TYR A 1251 -4.79 -9.22 34.26
N LYS A 1252 -4.62 -10.21 35.12
CA LYS A 1252 -3.98 -11.45 34.69
C LYS A 1252 -4.71 -12.03 33.49
N LEU A 1253 -6.02 -12.20 33.62
CA LEU A 1253 -6.80 -12.76 32.55
C LEU A 1253 -6.80 -11.84 31.35
N ARG A 1254 -6.71 -10.54 31.60
CA ARG A 1254 -6.51 -9.59 30.51
C ARG A 1254 -5.27 -9.96 29.71
N ASP A 1255 -4.18 -10.24 30.42
CA ASP A 1255 -2.97 -10.67 29.75
C ASP A 1255 -3.22 -11.92 28.94
N LEU A 1256 -3.94 -12.87 29.54
CA LEU A 1256 -4.24 -14.11 28.84
C LEU A 1256 -4.91 -13.84 27.50
N HIS A 1257 -6.12 -13.28 27.55
CA HIS A 1257 -6.88 -13.07 26.31
C HIS A 1257 -6.11 -12.18 25.35
N ARG A 1258 -5.39 -11.19 25.89
CA ARG A 1258 -4.61 -10.31 25.04
C ARG A 1258 -3.58 -11.09 24.24
N ASP A 1259 -3.06 -12.17 24.83
CA ASP A 1259 -2.19 -13.05 24.05
C ASP A 1259 -2.95 -13.70 22.91
N CYS A 1260 -4.18 -14.13 23.16
CA CYS A 1260 -4.90 -15.01 22.24
C CYS A 1260 -5.86 -14.26 21.32
N GLU A 1261 -5.70 -12.95 21.16
CA GLU A 1261 -6.45 -12.13 20.22
C GLU A 1261 -7.94 -12.17 20.49
N ASN A 1262 -8.35 -12.60 21.67
CA ASN A 1262 -9.77 -12.54 22.03
C ASN A 1262 -10.10 -11.10 22.41
N TYR A 1263 -9.78 -10.20 21.47
CA TYR A 1263 -9.98 -8.78 21.67
C TYR A 1263 -11.29 -8.52 22.38
N THR A 1264 -12.32 -9.27 22.03
CA THR A 1264 -13.60 -9.14 22.70
C THR A 1264 -13.47 -9.41 24.20
N GLU A 1265 -12.84 -10.52 24.55
CA GLU A 1265 -12.80 -10.90 25.96
C GLU A 1265 -11.86 -9.99 26.73
N ALA A 1266 -10.72 -9.66 26.13
CA ALA A 1266 -9.85 -8.66 26.73
C ALA A 1266 -10.62 -7.40 27.03
N ALA A 1267 -11.38 -6.93 26.06
CA ALA A 1267 -12.16 -5.72 26.24
C ALA A 1267 -13.16 -5.88 27.37
N TYR A 1268 -13.94 -6.97 27.37
CA TYR A 1268 -14.95 -7.11 28.40
C TYR A 1268 -14.33 -7.16 29.78
N THR A 1269 -13.27 -7.94 29.94
CA THR A 1269 -12.65 -8.04 31.26
C THR A 1269 -12.15 -6.70 31.72
N LEU A 1270 -11.38 -6.03 30.86
CA LEU A 1270 -10.91 -4.70 31.20
C LEU A 1270 -12.08 -3.81 31.54
N LEU A 1271 -13.24 -4.08 30.94
CA LEU A 1271 -14.42 -3.28 31.22
C LEU A 1271 -15.04 -3.62 32.56
N LEU A 1272 -15.00 -4.88 32.97
CA LEU A 1272 -15.41 -5.19 34.33
C LEU A 1272 -14.53 -4.45 35.31
N HIS A 1273 -13.27 -4.25 34.96
CA HIS A 1273 -12.46 -3.37 35.78
C HIS A 1273 -13.02 -1.96 35.75
N ALA A 1274 -13.09 -1.38 34.55
CA ALA A 1274 -13.57 -0.02 34.37
C ALA A 1274 -14.86 0.23 35.14
N GLU A 1275 -15.69 -0.80 35.30
CA GLU A 1275 -16.95 -0.62 36.00
C GLU A 1275 -16.72 -0.18 37.44
N LEU A 1276 -15.74 -0.78 38.12
CA LEU A 1276 -15.55 -0.46 39.52
C LEU A 1276 -15.19 1.00 39.71
N LEU A 1277 -14.47 1.58 38.76
CA LEU A 1277 -14.13 2.99 38.84
C LEU A 1277 -15.38 3.84 38.74
N GLN A 1278 -15.19 5.15 38.85
CA GLN A 1278 -16.31 6.09 38.80
C GLN A 1278 -15.94 7.32 38.00
N TRP A 1279 -16.97 8.07 37.64
CA TRP A 1279 -16.83 9.30 36.89
C TRP A 1279 -16.61 10.51 37.78
N SER A 1280 -16.30 10.29 39.05
CA SER A 1280 -15.91 11.41 39.88
C SER A 1280 -14.48 11.81 39.55
N ASP A 1281 -14.01 12.85 40.22
CA ASP A 1281 -12.65 13.35 40.00
C ASP A 1281 -11.66 12.72 40.96
N LYS A 1282 -12.05 12.55 42.21
CA LYS A 1282 -11.12 12.17 43.24
C LYS A 1282 -10.53 10.79 42.97
N PRO A 1283 -9.21 10.64 42.93
CA PRO A 1283 -8.64 9.30 43.06
C PRO A 1283 -8.86 8.87 44.51
N CYS A 1284 -9.84 8.02 44.75
CA CYS A 1284 -10.26 7.79 46.13
C CYS A 1284 -9.36 6.81 46.86
N VAL A 1285 -9.29 5.56 46.39
CA VAL A 1285 -8.59 4.51 47.14
C VAL A 1285 -7.46 3.93 46.29
N PRO A 1286 -6.31 3.66 46.89
CA PRO A 1286 -5.12 3.30 46.11
C PRO A 1286 -5.12 1.89 45.55
N HIS A 1287 -6.10 1.07 45.94
CA HIS A 1287 -6.17 -0.30 45.42
C HIS A 1287 -6.30 -0.29 43.90
N LEU A 1288 -7.41 0.29 43.42
CA LEU A 1288 -7.84 0.25 42.04
C LEU A 1288 -6.75 0.66 41.04
N LEU A 1289 -5.70 1.34 41.48
CA LEU A 1289 -4.65 1.80 40.57
C LEU A 1289 -4.04 0.60 39.89
N GLN A 1290 -3.74 0.73 38.60
CA GLN A 1290 -3.31 -0.41 37.81
C GLN A 1290 -1.85 -0.75 38.13
N ARG A 1291 -1.33 -1.77 37.46
CA ARG A 1291 0.04 -2.21 37.67
C ARG A 1291 0.98 -1.72 36.59
N ASP A 1292 0.53 -0.76 35.78
CA ASP A 1292 1.36 -0.24 34.68
C ASP A 1292 2.19 0.95 35.16
N SER A 1293 1.64 1.72 36.10
CA SER A 1293 2.31 2.81 36.79
C SER A 1293 1.53 3.03 38.07
N TYR A 1294 1.94 4.01 38.87
CA TYR A 1294 1.22 4.26 40.11
C TYR A 1294 1.46 5.68 40.59
N TYR A 1295 0.49 6.55 40.34
CA TYR A 1295 0.33 7.80 41.07
C TYR A 1295 -1.15 8.14 41.03
N VAL A 1296 -1.48 9.40 41.34
CA VAL A 1296 -2.85 9.78 41.67
C VAL A 1296 -3.84 9.22 40.66
N TYR A 1297 -3.67 9.59 39.38
CA TYR A 1297 -4.67 9.20 38.40
C TYR A 1297 -6.08 9.52 38.83
N THR A 1298 -6.46 10.79 38.83
CA THR A 1298 -7.86 11.11 39.03
C THR A 1298 -8.73 10.08 38.31
N GLN A 1299 -9.53 9.37 39.10
CA GLN A 1299 -10.20 8.18 38.60
C GLN A 1299 -11.00 8.49 37.35
N GLN A 1300 -11.42 9.75 37.23
CA GLN A 1300 -11.94 10.24 35.97
C GLN A 1300 -10.98 9.92 34.82
N GLU A 1301 -9.73 10.38 34.94
CA GLU A 1301 -8.76 10.15 33.88
C GLU A 1301 -8.50 8.66 33.68
N LEU A 1302 -8.43 7.90 34.77
CA LEU A 1302 -8.18 6.48 34.61
C LEU A 1302 -9.28 5.82 33.79
N LYS A 1303 -10.53 6.05 34.17
CA LYS A 1303 -11.66 5.53 33.40
C LYS A 1303 -11.52 5.95 31.94
N GLU A 1304 -11.06 7.18 31.71
CA GLU A 1304 -10.88 7.66 30.35
C GLU A 1304 -9.87 6.80 29.59
N LYS A 1305 -8.72 6.53 30.21
CA LYS A 1305 -7.78 5.62 29.57
C LYS A 1305 -8.46 4.30 29.27
N LEU A 1306 -9.06 3.72 30.30
CA LEU A 1306 -9.69 2.41 30.15
C LEU A 1306 -10.57 2.39 28.92
N TYR A 1307 -11.36 3.43 28.72
CA TYR A 1307 -12.22 3.44 27.56
C TYR A 1307 -11.41 3.54 26.28
N GLN A 1308 -10.32 4.30 26.28
CA GLN A 1308 -9.48 4.31 25.09
C GLN A 1308 -9.09 2.88 24.69
N GLU A 1309 -8.61 2.10 25.64
CA GLU A 1309 -8.17 0.77 25.26
C GLU A 1309 -9.34 -0.16 24.92
N ILE A 1310 -10.44 -0.07 25.67
CA ILE A 1310 -11.55 -0.96 25.39
C ILE A 1310 -12.09 -0.71 23.99
N ILE A 1311 -12.25 0.56 23.66
CA ILE A 1311 -12.65 0.95 22.31
C ILE A 1311 -11.65 0.42 21.30
N SER A 1312 -10.37 0.51 21.61
CA SER A 1312 -9.36 -0.03 20.71
C SER A 1312 -9.60 -1.51 20.46
N TYR A 1313 -9.83 -2.26 21.53
CA TYR A 1313 -10.07 -3.69 21.41
C TYR A 1313 -11.27 -3.98 20.51
N PHE A 1314 -12.40 -3.35 20.80
CA PHE A 1314 -13.57 -3.64 19.98
C PHE A 1314 -13.35 -3.24 18.54
N ASP A 1315 -12.66 -2.12 18.33
CA ASP A 1315 -12.30 -1.72 16.97
C ASP A 1315 -11.60 -2.86 16.26
N LYS A 1316 -10.45 -3.28 16.76
CA LYS A 1316 -9.82 -4.43 16.15
C LYS A 1316 -10.58 -5.71 16.41
N GLY A 1317 -11.50 -5.73 17.38
CA GLY A 1317 -12.29 -6.89 17.62
C GLY A 1317 -13.49 -7.05 16.74
N LYS A 1318 -13.64 -6.18 15.74
CA LYS A 1318 -14.73 -6.27 14.76
C LYS A 1318 -16.09 -6.37 15.45
N MET A 1319 -16.28 -5.58 16.48
CA MET A 1319 -17.59 -5.49 17.12
C MET A 1319 -17.79 -4.05 17.55
N TRP A 1320 -18.38 -3.25 16.67
CA TRP A 1320 -18.37 -1.81 16.83
C TRP A 1320 -19.57 -1.28 17.58
N GLU A 1321 -20.57 -2.12 17.85
CA GLU A 1321 -21.80 -1.64 18.46
C GLU A 1321 -21.55 -1.23 19.90
N LYS A 1322 -21.01 -2.14 20.69
CA LYS A 1322 -20.58 -1.77 22.04
C LYS A 1322 -19.55 -0.67 21.99
N ALA A 1323 -18.72 -0.64 20.95
CA ALA A 1323 -17.76 0.45 20.83
C ALA A 1323 -18.47 1.78 20.85
N ILE A 1324 -19.47 1.94 19.99
CA ILE A 1324 -20.22 3.20 19.97
C ILE A 1324 -20.91 3.42 21.29
N LYS A 1325 -21.48 2.37 21.85
CA LYS A 1325 -22.16 2.49 23.13
C LYS A 1325 -21.24 3.15 24.15
N LEU A 1326 -20.01 2.69 24.25
CA LEU A 1326 -19.07 3.29 25.18
C LEU A 1326 -18.68 4.69 24.75
N SER A 1327 -18.49 4.89 23.46
CA SER A 1327 -18.07 6.21 22.99
C SER A 1327 -19.08 7.26 23.41
N LYS A 1328 -20.35 6.85 23.56
CA LYS A 1328 -21.34 7.77 24.06
C LYS A 1328 -20.96 8.30 25.43
N GLU A 1329 -20.77 7.42 26.41
CA GLU A 1329 -20.42 7.91 27.73
C GLU A 1329 -19.13 8.71 27.68
N LEU A 1330 -18.18 8.27 26.87
CA LEU A 1330 -16.90 8.97 26.89
C LEU A 1330 -17.07 10.41 26.42
N ALA A 1331 -17.77 10.61 25.30
CA ALA A 1331 -17.97 11.97 24.82
C ALA A 1331 -18.79 12.77 25.80
N GLU A 1332 -19.85 12.17 26.33
CA GLU A 1332 -20.73 12.90 27.22
C GLU A 1332 -19.97 13.38 28.44
N THR A 1333 -19.19 12.49 29.04
CA THR A 1333 -18.43 12.89 30.20
C THR A 1333 -17.41 13.97 29.86
N TYR A 1334 -16.74 13.85 28.72
CA TYR A 1334 -15.91 14.96 28.27
C TYR A 1334 -16.67 16.26 28.32
N GLU A 1335 -17.70 16.36 27.50
CA GLU A 1335 -18.37 17.62 27.26
C GLU A 1335 -19.15 18.12 28.46
N SER A 1336 -19.42 17.28 29.45
CA SER A 1336 -20.18 17.72 30.60
C SER A 1336 -19.36 17.88 31.86
N LYS A 1337 -18.20 17.27 31.95
CA LYS A 1337 -17.43 17.41 33.19
C LYS A 1337 -16.07 18.02 32.95
N VAL A 1338 -15.43 17.74 31.82
CA VAL A 1338 -14.07 18.19 31.60
C VAL A 1338 -13.93 19.11 30.40
N PHE A 1339 -14.88 19.11 29.48
CA PHE A 1339 -14.91 20.06 28.39
C PHE A 1339 -13.64 20.05 27.57
N ASP A 1340 -12.92 18.93 27.58
CA ASP A 1340 -11.80 18.74 26.68
C ASP A 1340 -12.37 18.47 25.31
N TYR A 1341 -12.67 19.55 24.58
CA TYR A 1341 -13.33 19.40 23.30
C TYR A 1341 -12.51 18.59 22.31
N GLU A 1342 -11.18 18.66 22.38
CA GLU A 1342 -10.41 17.91 21.41
C GLU A 1342 -10.66 16.42 21.56
N GLY A 1343 -10.77 15.96 22.81
CA GLY A 1343 -11.16 14.59 23.02
C GLY A 1343 -12.48 14.27 22.37
N LEU A 1344 -13.46 15.18 22.53
CA LEU A 1344 -14.74 14.99 21.87
C LEU A 1344 -14.53 14.75 20.39
N GLY A 1345 -13.73 15.62 19.77
CA GLY A 1345 -13.58 15.57 18.32
C GLY A 1345 -13.01 14.25 17.87
N ASN A 1346 -11.88 13.86 18.44
CA ASN A 1346 -11.25 12.62 17.99
C ASN A 1346 -12.15 11.43 18.26
N LEU A 1347 -12.77 11.43 19.44
CA LEU A 1347 -13.66 10.34 19.82
C LEU A 1347 -14.79 10.15 18.82
N LEU A 1348 -15.50 11.23 18.48
CA LEU A 1348 -16.66 11.02 17.62
C LEU A 1348 -16.24 10.86 16.18
N LYS A 1349 -15.04 11.35 15.82
CA LYS A 1349 -14.44 10.92 14.56
C LYS A 1349 -14.41 9.40 14.49
N LYS A 1350 -13.82 8.79 15.52
CA LYS A 1350 -13.80 7.34 15.55
C LYS A 1350 -15.21 6.76 15.51
N ARG A 1351 -16.15 7.42 16.16
CA ARG A 1351 -17.52 6.91 16.16
C ARG A 1351 -18.10 6.88 14.76
N ALA A 1352 -17.78 7.89 13.96
CA ALA A 1352 -18.20 7.89 12.57
C ALA A 1352 -17.60 6.71 11.84
N SER A 1353 -16.31 6.47 12.07
CA SER A 1353 -15.69 5.30 11.48
C SER A 1353 -16.44 4.03 11.84
N PHE A 1354 -16.90 3.96 13.09
CA PHE A 1354 -17.62 2.77 13.55
C PHE A 1354 -18.91 2.60 12.77
N TYR A 1355 -19.73 3.64 12.71
CA TYR A 1355 -21.02 3.51 12.04
C TYR A 1355 -20.83 3.10 10.59
N GLU A 1356 -19.87 3.72 9.91
CA GLU A 1356 -19.60 3.38 8.53
C GLU A 1356 -19.22 1.90 8.41
N ASN A 1357 -18.26 1.44 9.19
CA ASN A 1357 -17.80 0.07 9.04
C ASN A 1357 -18.90 -0.91 9.40
N ILE A 1358 -19.79 -0.55 10.31
CA ILE A 1358 -20.91 -1.43 10.61
C ILE A 1358 -21.78 -1.58 9.40
N ILE A 1359 -22.40 -0.49 8.97
CA ILE A 1359 -23.46 -0.64 8.00
C ILE A 1359 -22.88 -1.00 6.65
N LYS A 1360 -21.56 -0.90 6.50
CA LYS A 1360 -20.94 -1.19 5.22
C LYS A 1360 -20.72 -2.68 5.04
N ALA A 1361 -19.86 -3.27 5.86
CA ALA A 1361 -19.33 -4.59 5.58
C ALA A 1361 -20.32 -5.67 6.02
N MET A 1362 -19.82 -6.91 6.08
CA MET A 1362 -20.59 -8.04 6.57
C MET A 1362 -19.67 -8.92 7.41
N ARG A 1363 -20.28 -9.62 8.36
CA ARG A 1363 -19.54 -10.31 9.39
C ARG A 1363 -19.88 -11.79 9.43
N PRO A 1364 -18.87 -12.64 9.58
CA PRO A 1364 -19.13 -14.04 9.86
C PRO A 1364 -19.78 -14.24 11.20
N GLN A 1365 -20.44 -15.37 11.36
CA GLN A 1365 -21.12 -15.70 12.61
C GLN A 1365 -20.55 -16.98 13.19
N PRO A 1366 -20.25 -17.02 14.49
CA PRO A 1366 -19.68 -18.23 15.09
C PRO A 1366 -20.72 -19.32 15.23
N GLU A 1367 -20.33 -20.56 14.94
CA GLU A 1367 -21.17 -21.68 15.30
C GLU A 1367 -21.21 -21.81 16.80
N TYR A 1368 -22.33 -22.28 17.33
CA TYR A 1368 -22.47 -22.46 18.76
C TYR A 1368 -22.64 -23.93 19.10
N PHE A 1369 -21.70 -24.46 19.88
CA PHE A 1369 -21.71 -25.86 20.26
C PHE A 1369 -21.96 -26.00 21.74
N ALA A 1370 -22.74 -27.01 22.08
CA ALA A 1370 -23.03 -27.35 23.46
C ALA A 1370 -22.21 -28.57 23.83
N VAL A 1371 -21.66 -28.56 25.04
CA VAL A 1371 -20.80 -29.63 25.52
C VAL A 1371 -21.26 -30.00 26.93
N GLY A 1372 -21.40 -31.28 27.19
CA GLY A 1372 -21.75 -31.75 28.51
C GLY A 1372 -20.80 -32.81 29.05
N TYR A 1373 -20.09 -32.47 30.12
CA TYR A 1373 -19.03 -33.33 30.63
C TYR A 1373 -19.62 -34.29 31.64
N TYR A 1374 -19.56 -35.57 31.35
CA TYR A 1374 -20.14 -36.58 32.22
C TYR A 1374 -19.14 -37.69 32.49
N GLY A 1375 -19.40 -38.45 33.53
CA GLY A 1375 -18.47 -39.44 33.98
C GLY A 1375 -18.20 -39.22 35.44
N GLN A 1376 -16.99 -39.56 35.86
CA GLN A 1376 -16.59 -39.24 37.23
C GLN A 1376 -15.18 -38.68 37.35
N GLY A 1377 -14.37 -38.70 36.30
CA GLY A 1377 -13.00 -38.26 36.48
C GLY A 1377 -12.78 -36.78 36.34
N PHE A 1378 -13.82 -36.00 36.02
CA PHE A 1378 -13.59 -34.62 35.67
C PHE A 1378 -13.14 -33.79 36.88
N PRO A 1379 -12.49 -32.66 36.63
CA PRO A 1379 -12.43 -31.63 37.66
C PRO A 1379 -13.84 -31.32 38.07
N SER A 1380 -14.09 -31.14 39.37
CA SER A 1380 -15.45 -31.19 39.89
C SER A 1380 -16.36 -30.23 39.14
N PHE A 1381 -15.84 -29.08 38.74
CA PHE A 1381 -16.63 -28.06 38.04
C PHE A 1381 -16.98 -28.47 36.62
N LEU A 1382 -16.66 -29.70 36.21
CA LEU A 1382 -17.03 -30.18 34.89
C LEU A 1382 -17.96 -31.37 34.91
N ARG A 1383 -17.77 -32.31 35.83
CA ARG A 1383 -18.55 -33.54 35.84
C ARG A 1383 -20.04 -33.25 35.88
N ASN A 1384 -20.75 -33.78 34.89
CA ASN A 1384 -22.21 -33.72 34.87
C ASN A 1384 -22.70 -32.28 34.90
N LYS A 1385 -22.03 -31.42 34.14
CA LYS A 1385 -22.56 -30.12 33.79
C LYS A 1385 -22.62 -30.01 32.28
N ILE A 1386 -23.28 -28.95 31.81
CA ILE A 1386 -23.44 -28.70 30.39
C ILE A 1386 -22.91 -27.31 30.11
N PHE A 1387 -22.06 -27.20 29.10
CA PHE A 1387 -21.53 -25.91 28.73
C PHE A 1387 -21.86 -25.60 27.29
N ILE A 1388 -21.74 -24.32 26.95
CA ILE A 1388 -22.11 -23.82 25.64
C ILE A 1388 -20.96 -22.97 25.13
N TYR A 1389 -20.67 -23.07 23.84
CA TYR A 1389 -19.40 -22.63 23.30
C TYR A 1389 -19.59 -21.69 22.12
N ARG A 1390 -18.69 -20.72 22.00
CA ARG A 1390 -18.63 -19.80 20.87
C ARG A 1390 -17.43 -20.18 20.04
N GLY A 1391 -17.60 -21.15 19.14
CA GLY A 1391 -16.48 -21.63 18.37
C GLY A 1391 -15.99 -20.61 17.36
N LYS A 1392 -15.28 -21.13 16.36
CA LYS A 1392 -14.91 -20.31 15.22
C LYS A 1392 -16.18 -19.92 14.46
N GLU A 1393 -16.02 -19.03 13.49
CA GLU A 1393 -17.18 -18.64 12.69
C GLU A 1393 -17.55 -19.74 11.70
N TYR A 1394 -16.56 -20.46 11.20
CA TYR A 1394 -16.78 -21.49 10.19
C TYR A 1394 -16.11 -22.78 10.61
N GLU A 1395 -16.32 -23.16 11.87
CA GLU A 1395 -15.86 -24.45 12.35
C GLU A 1395 -17.06 -25.38 12.40
N ARG A 1396 -17.05 -26.41 11.57
CA ARG A 1396 -18.12 -27.39 11.63
C ARG A 1396 -18.00 -28.24 12.87
N ARG A 1397 -19.04 -29.01 13.16
CA ARG A 1397 -19.22 -29.58 14.49
C ARG A 1397 -18.01 -30.40 14.93
N GLU A 1398 -17.59 -31.34 14.11
CA GLU A 1398 -16.62 -32.29 14.63
C GLU A 1398 -15.20 -31.78 14.52
N ASP A 1399 -14.97 -30.68 13.83
CA ASP A 1399 -13.71 -29.97 14.03
C ASP A 1399 -13.60 -29.48 15.47
N PHE A 1400 -14.69 -28.92 15.97
CA PHE A 1400 -14.74 -28.53 17.37
C PHE A 1400 -14.61 -29.76 18.26
N SER A 1401 -15.27 -30.85 17.88
CA SER A 1401 -15.13 -32.07 18.67
C SER A 1401 -13.68 -32.51 18.74
N LEU A 1402 -12.97 -32.45 17.63
CA LEU A 1402 -11.55 -32.77 17.61
C LEU A 1402 -10.77 -31.86 18.54
N ARG A 1403 -10.99 -30.55 18.44
CA ARG A 1403 -10.24 -29.63 19.26
C ARG A 1403 -10.49 -29.87 20.73
N LEU A 1404 -11.70 -30.27 21.09
CA LEU A 1404 -11.96 -30.54 22.50
C LEU A 1404 -11.34 -31.85 22.93
N LEU A 1405 -11.43 -32.90 22.10
CA LEU A 1405 -10.78 -34.15 22.46
C LEU A 1405 -9.28 -33.93 22.67
N THR A 1406 -8.66 -33.11 21.81
CA THR A 1406 -7.31 -32.66 22.05
C THR A 1406 -7.11 -32.25 23.50
N GLN A 1407 -7.94 -31.32 23.97
CA GLN A 1407 -7.92 -30.85 25.34
C GLN A 1407 -7.81 -31.96 26.36
N PHE A 1408 -8.25 -33.17 26.02
CA PHE A 1408 -8.51 -34.16 27.05
C PHE A 1408 -7.81 -35.47 26.75
N PRO A 1409 -7.44 -36.20 27.79
CA PRO A 1409 -7.25 -37.65 27.65
C PRO A 1409 -8.63 -38.28 27.63
N ASN A 1410 -8.70 -39.60 27.68
CA ASN A 1410 -9.98 -40.31 27.75
C ASN A 1410 -10.97 -39.73 26.75
N ALA A 1411 -10.53 -39.71 25.50
CA ALA A 1411 -11.32 -39.13 24.41
C ALA A 1411 -12.41 -40.10 23.99
N GLU A 1412 -13.44 -40.19 24.82
CA GLU A 1412 -14.63 -40.99 24.56
C GLU A 1412 -15.87 -40.11 24.60
N LYS A 1413 -16.75 -40.34 23.63
CA LYS A 1413 -17.87 -39.45 23.39
C LYS A 1413 -19.17 -40.18 23.68
N MET A 1414 -20.09 -39.50 24.35
CA MET A 1414 -21.45 -39.99 24.37
C MET A 1414 -22.02 -39.94 22.96
N THR A 1415 -22.97 -40.82 22.67
CA THR A 1415 -23.55 -40.88 21.33
C THR A 1415 -25.00 -40.49 21.26
N SER A 1416 -25.83 -40.82 22.25
CA SER A 1416 -27.19 -40.29 22.28
C SER A 1416 -27.04 -38.82 22.62
N THR A 1417 -26.82 -38.02 21.59
CA THR A 1417 -26.34 -36.66 21.78
C THR A 1417 -27.28 -35.83 22.63
N THR A 1418 -28.57 -36.15 22.60
CA THR A 1418 -29.50 -35.29 23.31
C THR A 1418 -29.56 -35.56 24.81
N PRO A 1419 -29.84 -36.77 25.27
CA PRO A 1419 -30.03 -36.97 26.70
C PRO A 1419 -28.72 -37.31 27.38
N PRO A 1420 -28.63 -37.08 28.69
CA PRO A 1420 -27.48 -37.55 29.46
C PRO A 1420 -27.60 -39.04 29.74
N GLY A 1421 -26.64 -39.55 30.51
CA GLY A 1421 -26.65 -40.94 30.88
C GLY A 1421 -26.46 -41.14 32.37
N GLU A 1422 -27.45 -41.75 33.04
CA GLU A 1422 -27.43 -41.78 34.49
C GLU A 1422 -26.25 -42.58 35.02
N ASP A 1423 -26.03 -43.77 34.47
CA ASP A 1423 -24.85 -44.55 34.86
C ASP A 1423 -23.58 -43.73 34.73
N ILE A 1424 -23.51 -42.88 33.70
CA ILE A 1424 -22.38 -41.97 33.53
C ILE A 1424 -22.39 -40.85 34.56
N LYS A 1425 -23.53 -40.56 35.17
CA LYS A 1425 -23.55 -39.56 36.24
C LYS A 1425 -22.67 -39.99 37.41
N SER A 1426 -22.45 -41.30 37.56
CA SER A 1426 -21.62 -41.83 38.64
C SER A 1426 -20.38 -42.56 38.15
N SER A 1427 -20.44 -43.23 37.00
CA SER A 1427 -19.33 -44.04 36.57
C SER A 1427 -18.10 -43.19 36.27
N PRO A 1428 -16.92 -43.71 36.50
CA PRO A 1428 -15.70 -43.03 36.04
C PRO A 1428 -15.55 -43.11 34.54
N LYS A 1429 -14.36 -42.78 34.04
CA LYS A 1429 -14.08 -42.75 32.61
C LYS A 1429 -14.92 -41.66 31.92
N GLN A 1430 -14.50 -40.43 32.22
CA GLN A 1430 -15.12 -39.19 31.78
C GLN A 1430 -15.74 -39.29 30.38
N TYR A 1431 -17.00 -38.90 30.28
CA TYR A 1431 -17.70 -38.86 28.99
C TYR A 1431 -18.00 -37.43 28.62
N MET A 1432 -18.33 -37.23 27.35
CA MET A 1432 -18.73 -35.95 26.80
C MET A 1432 -19.53 -36.17 25.53
N GLN A 1433 -20.22 -35.13 25.08
CA GLN A 1433 -20.93 -35.21 23.82
C GLN A 1433 -21.02 -33.82 23.21
N CYS A 1434 -20.84 -33.76 21.89
CA CYS A 1434 -20.78 -32.52 21.14
C CYS A 1434 -21.91 -32.46 20.13
N PHE A 1435 -22.52 -31.29 20.00
CA PHE A 1435 -23.57 -31.09 19.02
C PHE A 1435 -23.84 -29.61 18.89
N THR A 1436 -23.88 -29.13 17.65
CA THR A 1436 -24.18 -27.73 17.42
C THR A 1436 -25.61 -27.43 17.84
N VAL A 1437 -25.84 -26.20 18.29
CA VAL A 1437 -27.14 -25.81 18.81
C VAL A 1437 -27.59 -24.54 18.14
N LYS A 1438 -28.75 -24.10 18.52
CA LYS A 1438 -29.34 -23.00 17.78
C LYS A 1438 -29.26 -21.71 18.55
N PRO A 1439 -28.61 -20.70 18.02
CA PRO A 1439 -28.54 -19.42 18.71
C PRO A 1439 -29.85 -18.68 18.64
N VAL A 1440 -30.63 -18.70 19.73
CA VAL A 1440 -31.90 -18.00 19.74
C VAL A 1440 -31.69 -16.53 19.38
N MET A 1441 -32.57 -16.02 18.53
CA MET A 1441 -32.49 -14.64 18.08
C MET A 1441 -32.54 -13.70 19.28
N SER A 1442 -31.87 -12.58 19.16
CA SER A 1442 -31.92 -11.55 20.20
C SER A 1442 -33.32 -10.95 20.26
N LEU A 1443 -33.47 -9.94 21.10
CA LEU A 1443 -34.67 -9.11 21.14
C LEU A 1443 -34.21 -7.67 21.04
N PRO A 1444 -33.80 -7.22 19.87
CA PRO A 1444 -33.25 -5.87 19.72
C PRO A 1444 -34.21 -4.85 20.29
N PRO A 1445 -33.82 -4.19 21.37
CA PRO A 1445 -34.71 -3.20 21.98
C PRO A 1445 -34.94 -2.05 21.04
N SER A 1446 -36.11 -1.43 21.16
CA SER A 1446 -36.48 -0.24 20.40
C SER A 1446 -36.50 -0.51 18.90
N TYR A 1447 -36.31 -1.74 18.48
CA TYR A 1447 -36.38 -2.08 17.07
C TYR A 1447 -37.63 -2.88 16.76
N LYS A 1448 -38.64 -2.81 17.62
CA LYS A 1448 -39.73 -3.78 17.62
C LYS A 1448 -40.47 -3.86 16.30
N ASP A 1449 -40.56 -2.77 15.55
CA ASP A 1449 -41.29 -2.80 14.29
C ASP A 1449 -40.58 -2.01 13.20
N LYS A 1450 -39.59 -1.22 13.60
CA LYS A 1450 -39.01 -0.21 12.74
C LYS A 1450 -38.50 -0.83 11.44
N PRO A 1451 -38.35 -0.02 10.40
CA PRO A 1451 -37.83 -0.53 9.11
C PRO A 1451 -36.34 -0.85 9.17
N VAL A 1452 -35.98 -1.71 10.10
CA VAL A 1452 -34.57 -1.97 10.42
C VAL A 1452 -33.87 -2.58 9.21
N PRO A 1453 -32.66 -2.14 8.91
CA PRO A 1453 -31.93 -2.70 7.77
C PRO A 1453 -31.44 -4.10 8.10
N GLU A 1454 -30.59 -4.61 7.21
CA GLU A 1454 -30.12 -5.97 7.39
C GLU A 1454 -28.98 -6.07 8.39
N GLN A 1455 -27.93 -5.25 8.27
CA GLN A 1455 -26.78 -5.38 9.15
C GLN A 1455 -27.20 -5.41 10.61
N ILE A 1456 -28.13 -4.54 10.98
CA ILE A 1456 -28.59 -4.47 12.35
C ILE A 1456 -29.11 -5.83 12.80
N LEU A 1457 -29.96 -6.42 11.98
CA LEU A 1457 -30.57 -7.67 12.35
C LEU A 1457 -29.57 -8.81 12.35
N ASN A 1458 -28.67 -8.84 11.36
CA ASN A 1458 -27.69 -9.92 11.31
C ASN A 1458 -26.74 -9.87 12.50
N TYR A 1459 -26.37 -8.67 12.95
CA TYR A 1459 -25.52 -8.58 14.12
C TYR A 1459 -26.25 -9.06 15.36
N TYR A 1460 -27.48 -8.59 15.56
CA TYR A 1460 -28.17 -9.11 16.72
C TYR A 1460 -28.51 -10.59 16.57
N ARG A 1461 -28.35 -11.14 15.37
CA ARG A 1461 -28.69 -12.53 15.14
C ARG A 1461 -27.82 -13.47 15.96
N ALA A 1462 -26.51 -13.20 16.03
CA ALA A 1462 -25.56 -14.11 16.64
C ALA A 1462 -25.07 -13.70 18.02
N ASN A 1463 -25.16 -12.43 18.37
CA ASN A 1463 -24.54 -11.99 19.61
C ASN A 1463 -25.61 -11.60 20.61
N GLU A 1464 -25.17 -11.22 21.80
CA GLU A 1464 -26.07 -10.96 22.92
C GLU A 1464 -27.13 -12.04 23.02
N VAL A 1465 -26.65 -13.27 23.05
CA VAL A 1465 -27.52 -14.44 23.05
C VAL A 1465 -27.43 -15.12 24.40
N GLN A 1466 -28.58 -15.51 24.91
CA GLN A 1466 -28.64 -16.24 26.16
C GLN A 1466 -29.65 -17.37 26.16
N GLN A 1467 -30.40 -17.55 25.07
CA GLN A 1467 -31.32 -18.65 24.92
C GLN A 1467 -30.80 -19.54 23.79
N PHE A 1468 -31.03 -20.84 23.89
CA PHE A 1468 -30.62 -21.72 22.81
C PHE A 1468 -31.56 -22.90 22.72
N ARG A 1469 -31.81 -23.33 21.50
CA ARG A 1469 -32.69 -24.46 21.26
C ARG A 1469 -31.94 -25.51 20.47
N TYR A 1470 -32.48 -26.72 20.46
CA TYR A 1470 -31.92 -27.81 19.68
C TYR A 1470 -33.04 -28.74 19.25
N SER A 1471 -33.30 -28.79 17.96
CA SER A 1471 -34.50 -29.42 17.45
C SER A 1471 -34.33 -30.92 17.35
N ARG A 1472 -35.30 -31.65 17.86
CA ARG A 1472 -35.20 -33.10 18.04
C ARG A 1472 -36.07 -33.86 17.06
N PRO A 1473 -35.53 -34.35 15.96
CA PRO A 1473 -36.31 -35.25 15.12
C PRO A 1473 -36.71 -36.48 15.91
N PHE A 1474 -38.00 -36.82 15.83
CA PHE A 1474 -38.51 -37.89 16.65
C PHE A 1474 -39.83 -38.38 16.08
N ARG A 1475 -39.94 -39.70 15.94
CA ARG A 1475 -41.12 -40.31 15.35
C ARG A 1475 -42.19 -40.42 16.42
N LYS A 1476 -43.39 -39.93 16.13
CA LYS A 1476 -44.52 -40.08 17.03
C LYS A 1476 -45.77 -40.20 16.16
N GLY A 1477 -46.26 -41.42 15.99
CA GLY A 1477 -47.37 -41.74 15.13
C GLY A 1477 -47.04 -42.94 14.27
N GLU A 1478 -47.75 -43.06 13.14
CA GLU A 1478 -47.49 -44.16 12.21
C GLU A 1478 -46.46 -43.73 11.17
N LYS A 1479 -45.52 -44.62 10.90
CA LYS A 1479 -44.36 -44.29 10.08
C LYS A 1479 -44.62 -44.71 8.64
N ASP A 1480 -45.32 -43.83 7.92
CA ASP A 1480 -45.60 -44.11 6.53
C ASP A 1480 -44.30 -44.11 5.73
N PRO A 1481 -44.16 -45.00 4.75
CA PRO A 1481 -42.92 -45.01 3.95
C PRO A 1481 -42.82 -43.81 3.04
N ASP A 1482 -43.91 -43.44 2.36
CA ASP A 1482 -43.90 -42.37 1.38
C ASP A 1482 -43.54 -41.02 1.98
N ASN A 1483 -43.67 -40.84 3.29
CA ASN A 1483 -43.49 -39.54 3.93
C ASN A 1483 -42.68 -39.70 5.19
N GLU A 1484 -42.05 -38.62 5.62
CA GLU A 1484 -41.40 -38.56 6.92
C GLU A 1484 -42.20 -37.74 7.92
N PHE A 1485 -43.24 -37.06 7.47
CA PHE A 1485 -43.91 -36.03 8.24
C PHE A 1485 -45.00 -36.57 9.15
N ALA A 1486 -45.40 -37.82 8.96
CA ALA A 1486 -46.51 -38.40 9.70
C ALA A 1486 -46.21 -38.54 11.18
N THR A 1487 -44.95 -38.47 11.59
CA THR A 1487 -44.56 -38.73 12.97
C THR A 1487 -43.64 -37.67 13.55
N MET A 1488 -43.12 -36.76 12.73
CA MET A 1488 -42.09 -35.82 13.16
C MET A 1488 -42.55 -35.06 14.39
N TRP A 1489 -41.91 -35.32 15.53
CA TRP A 1489 -42.21 -34.58 16.74
C TRP A 1489 -40.91 -34.04 17.30
N ILE A 1490 -40.85 -32.73 17.51
CA ILE A 1490 -39.61 -32.05 17.83
C ILE A 1490 -39.67 -31.59 19.28
N GLU A 1491 -38.75 -32.12 20.08
CA GLU A 1491 -38.63 -31.78 21.49
C GLU A 1491 -37.46 -30.83 21.69
N ARG A 1492 -37.62 -29.63 21.13
CA ARG A 1492 -36.54 -28.65 21.17
C ARG A 1492 -36.15 -28.36 22.61
N THR A 1493 -34.86 -28.26 22.84
CA THR A 1493 -34.30 -28.14 24.17
C THR A 1493 -33.91 -26.69 24.43
N THR A 1494 -34.42 -26.13 25.52
CA THR A 1494 -34.16 -24.74 25.84
C THR A 1494 -32.82 -24.66 26.56
N TYR A 1495 -32.00 -23.67 26.21
CA TYR A 1495 -30.71 -23.48 26.84
C TYR A 1495 -30.61 -22.06 27.36
N THR A 1496 -30.80 -21.89 28.66
CA THR A 1496 -30.66 -20.60 29.32
C THR A 1496 -29.37 -20.61 30.10
N THR A 1497 -28.38 -19.87 29.63
CA THR A 1497 -27.11 -19.78 30.32
C THR A 1497 -27.08 -18.55 31.20
N ALA A 1498 -25.96 -18.39 31.90
CA ALA A 1498 -25.86 -17.29 32.86
C ALA A 1498 -25.81 -15.94 32.16
N TYR A 1499 -24.96 -15.82 31.14
CA TYR A 1499 -24.64 -14.53 30.56
C TYR A 1499 -24.91 -14.57 29.07
N THR A 1500 -24.43 -13.56 28.37
CA THR A 1500 -24.67 -13.42 26.94
C THR A 1500 -23.36 -13.35 26.19
N PHE A 1501 -23.22 -14.17 25.16
CA PHE A 1501 -22.07 -14.00 24.30
C PHE A 1501 -22.22 -12.70 23.53
N PRO A 1502 -21.12 -12.08 23.13
CA PRO A 1502 -19.79 -12.52 23.52
C PRO A 1502 -19.60 -12.18 24.97
N GLY A 1503 -18.60 -12.76 25.61
CA GLY A 1503 -18.42 -12.55 27.02
C GLY A 1503 -16.97 -12.42 27.37
N ILE A 1504 -16.66 -12.60 28.66
CA ILE A 1504 -15.27 -12.61 29.07
C ILE A 1504 -14.65 -13.95 28.74
N LEU A 1505 -15.46 -14.95 28.45
CA LEU A 1505 -15.01 -16.28 28.15
C LEU A 1505 -15.67 -16.80 26.89
N LYS A 1506 -14.87 -17.38 26.01
CA LYS A 1506 -15.40 -17.92 24.76
C LYS A 1506 -16.42 -19.02 24.97
N TRP A 1507 -16.69 -19.41 26.21
CA TRP A 1507 -17.79 -20.30 26.49
C TRP A 1507 -18.36 -19.98 27.85
N PHE A 1508 -19.36 -20.78 28.24
CA PHE A 1508 -20.01 -20.63 29.53
C PHE A 1508 -20.74 -21.92 29.83
N GLU A 1509 -21.21 -22.04 31.06
CA GLU A 1509 -22.08 -23.14 31.44
C GLU A 1509 -23.46 -22.94 30.84
N VAL A 1510 -24.36 -23.87 31.14
CA VAL A 1510 -25.77 -23.54 31.07
C VAL A 1510 -26.32 -23.42 32.49
N LYS A 1511 -27.16 -22.42 32.71
CA LYS A 1511 -27.82 -22.28 33.99
C LYS A 1511 -29.08 -23.10 34.09
N GLN A 1512 -29.85 -23.22 33.02
CA GLN A 1512 -31.11 -23.94 33.09
C GLN A 1512 -31.51 -24.43 31.71
N ILE A 1513 -32.11 -25.62 31.68
CA ILE A 1513 -32.48 -26.32 30.47
C ILE A 1513 -33.95 -26.70 30.58
N SER A 1514 -34.61 -26.85 29.43
CA SER A 1514 -35.93 -27.46 29.38
C SER A 1514 -36.18 -27.89 27.96
N THR A 1515 -37.28 -28.64 27.77
CA THR A 1515 -37.59 -29.23 26.48
C THR A 1515 -38.92 -28.71 25.97
N GLU A 1516 -39.35 -29.25 24.83
CA GLU A 1516 -40.63 -28.90 24.22
C GLU A 1516 -41.21 -30.16 23.59
N GLU A 1517 -42.19 -29.97 22.72
CA GLU A 1517 -42.90 -31.06 22.06
C GLU A 1517 -43.67 -30.45 20.90
N ILE A 1518 -43.35 -30.84 19.68
CA ILE A 1518 -43.86 -30.11 18.52
C ILE A 1518 -44.59 -31.06 17.58
N SER A 1519 -45.84 -30.74 17.29
CA SER A 1519 -46.67 -31.51 16.37
C SER A 1519 -46.25 -31.27 14.94
N PRO A 1520 -46.37 -32.30 14.09
CA PRO A 1520 -46.10 -32.10 12.67
C PRO A 1520 -46.97 -31.02 12.05
N LEU A 1521 -48.18 -30.83 12.57
CA LEU A 1521 -48.94 -29.63 12.24
C LEU A 1521 -48.07 -28.40 12.43
N GLU A 1522 -47.67 -28.16 13.66
CA GLU A 1522 -46.81 -27.02 13.95
C GLU A 1522 -45.53 -27.10 13.13
N ASN A 1523 -44.85 -28.25 13.20
CA ASN A 1523 -43.63 -28.40 12.42
C ASN A 1523 -43.79 -27.85 11.02
N ALA A 1524 -44.79 -28.31 10.29
CA ALA A 1524 -45.07 -27.72 8.99
C ALA A 1524 -45.22 -26.21 9.11
N ILE A 1525 -45.95 -25.76 10.12
CA ILE A 1525 -46.25 -24.33 10.25
C ILE A 1525 -44.97 -23.53 10.24
N GLU A 1526 -44.13 -23.72 11.25
CA GLU A 1526 -42.95 -22.88 11.35
C GLU A 1526 -41.90 -23.22 10.31
N THR A 1527 -41.76 -24.48 9.91
CA THR A 1527 -40.76 -24.80 8.91
C THR A 1527 -41.06 -24.08 7.61
N MET A 1528 -42.27 -24.23 7.11
CA MET A 1528 -42.64 -23.49 5.91
C MET A 1528 -42.49 -22.00 6.14
N GLU A 1529 -42.95 -21.54 7.30
CA GLU A 1529 -42.85 -20.13 7.65
C GLU A 1529 -41.42 -19.62 7.49
N LEU A 1530 -40.49 -20.23 8.22
CA LEU A 1530 -39.09 -19.83 8.13
C LEU A 1530 -38.57 -19.93 6.71
N THR A 1531 -38.99 -20.96 5.98
CA THR A 1531 -38.67 -21.02 4.56
C THR A 1531 -39.08 -19.74 3.86
N ASN A 1532 -40.31 -19.31 4.12
CA ASN A 1532 -40.81 -18.10 3.52
C ASN A 1532 -39.91 -16.93 3.83
N GLU A 1533 -39.63 -16.70 5.11
CA GLU A 1533 -38.79 -15.52 5.37
C GLU A 1533 -37.38 -15.71 4.85
N ARG A 1534 -36.92 -16.93 4.65
CA ARG A 1534 -35.64 -17.11 3.97
C ARG A 1534 -35.72 -16.58 2.56
N ILE A 1535 -36.83 -16.86 1.90
CA ILE A 1535 -37.12 -16.26 0.60
C ILE A 1535 -37.11 -14.75 0.72
N SER A 1536 -37.75 -14.24 1.78
CA SER A 1536 -37.77 -12.80 2.01
C SER A 1536 -36.35 -12.27 2.11
N ASN A 1537 -35.49 -13.01 2.78
CA ASN A 1537 -34.11 -12.57 2.95
C ASN A 1537 -33.42 -12.48 1.60
N CYS A 1538 -33.56 -13.50 0.76
CA CYS A 1538 -32.85 -13.47 -0.52
C CYS A 1538 -33.40 -12.34 -1.40
N VAL A 1539 -34.71 -12.20 -1.47
CA VAL A 1539 -35.27 -11.16 -2.31
C VAL A 1539 -34.86 -9.79 -1.80
N GLN A 1540 -34.91 -9.57 -0.49
CA GLN A 1540 -34.54 -8.27 0.06
C GLN A 1540 -33.06 -7.99 -0.16
N GLN A 1541 -32.19 -8.98 0.07
CA GLN A 1541 -30.77 -8.73 -0.04
C GLN A 1541 -30.40 -8.39 -1.47
N HIS A 1542 -31.10 -8.97 -2.45
CA HIS A 1542 -30.82 -8.47 -3.78
C HIS A 1542 -31.71 -7.29 -4.13
N ALA A 1543 -32.64 -6.92 -3.26
CA ALA A 1543 -33.40 -5.69 -3.41
C ALA A 1543 -32.59 -4.47 -3.04
N TRP A 1544 -31.65 -4.60 -2.11
CA TRP A 1544 -30.72 -3.50 -1.89
C TRP A 1544 -29.45 -3.64 -2.71
N ASP A 1545 -28.87 -4.82 -2.78
CA ASP A 1545 -27.65 -5.02 -3.54
C ASP A 1545 -28.02 -5.18 -5.00
N ARG A 1546 -27.10 -4.83 -5.89
CA ARG A 1546 -27.26 -5.14 -7.30
C ARG A 1546 -26.10 -5.98 -7.84
N SER A 1547 -24.87 -5.54 -7.59
CA SER A 1547 -23.69 -6.25 -8.09
C SER A 1547 -23.57 -7.56 -7.32
N LEU A 1548 -24.40 -8.51 -7.73
CA LEU A 1548 -24.72 -9.66 -6.90
C LEU A 1548 -24.67 -10.93 -7.73
N SER A 1549 -24.24 -12.02 -7.10
CA SER A 1549 -24.38 -13.32 -7.71
C SER A 1549 -25.80 -13.82 -7.55
N VAL A 1550 -26.55 -13.81 -8.66
CA VAL A 1550 -27.96 -14.19 -8.64
C VAL A 1550 -28.17 -15.70 -8.49
N HIS A 1551 -27.08 -16.42 -8.31
CA HIS A 1551 -27.12 -17.88 -8.33
C HIS A 1551 -27.95 -18.48 -7.20
N PRO A 1552 -27.79 -18.08 -5.93
CA PRO A 1552 -28.61 -18.70 -4.86
C PRO A 1552 -30.09 -18.46 -5.04
N LEU A 1553 -30.45 -17.38 -5.71
CA LEU A 1553 -31.84 -17.18 -6.07
C LEU A 1553 -32.31 -18.33 -6.94
N SER A 1554 -31.46 -18.76 -7.87
CA SER A 1554 -31.78 -19.92 -8.69
C SER A 1554 -31.86 -21.17 -7.83
N MET A 1555 -30.92 -21.32 -6.89
CA MET A 1555 -31.02 -22.38 -5.88
C MET A 1555 -32.44 -22.49 -5.36
N LEU A 1556 -32.90 -21.40 -4.76
CA LEU A 1556 -34.18 -21.41 -4.07
C LEU A 1556 -35.29 -21.71 -5.05
N LEU A 1557 -35.45 -20.85 -6.05
CA LEU A 1557 -36.57 -21.01 -6.97
C LEU A 1557 -36.65 -22.43 -7.50
N SER A 1558 -35.50 -23.03 -7.84
CA SER A 1558 -35.52 -24.44 -8.18
C SER A 1558 -36.11 -25.26 -7.04
N GLY A 1559 -35.44 -25.27 -5.89
CA GLY A 1559 -35.80 -26.22 -4.83
C GLY A 1559 -37.25 -26.10 -4.40
N ILE A 1560 -37.72 -24.87 -4.20
CA ILE A 1560 -39.12 -24.67 -3.85
C ILE A 1560 -40.04 -25.07 -4.98
N VAL A 1561 -39.77 -24.60 -6.20
CA VAL A 1561 -40.76 -24.72 -7.28
C VAL A 1561 -41.14 -26.18 -7.49
N ASP A 1562 -40.16 -27.07 -7.55
CA ASP A 1562 -40.48 -28.49 -7.48
C ASP A 1562 -40.02 -29.03 -6.14
N PRO A 1563 -40.92 -29.35 -5.25
CA PRO A 1563 -40.58 -30.27 -4.18
C PRO A 1563 -40.33 -31.62 -4.83
N ALA A 1564 -39.20 -31.71 -5.53
CA ALA A 1564 -39.08 -32.66 -6.63
C ALA A 1564 -38.92 -34.08 -6.12
N VAL A 1565 -37.85 -34.36 -5.38
CA VAL A 1565 -37.66 -35.71 -4.86
C VAL A 1565 -38.73 -36.02 -3.83
N MET A 1566 -39.32 -34.99 -3.23
CA MET A 1566 -40.33 -35.16 -2.20
C MET A 1566 -41.29 -33.97 -2.26
N GLY A 1567 -42.56 -34.25 -2.50
CA GLY A 1567 -43.53 -33.20 -2.73
C GLY A 1567 -44.13 -32.63 -1.46
N GLY A 1568 -43.58 -31.52 -1.00
CA GLY A 1568 -43.97 -31.00 0.29
C GLY A 1568 -45.41 -30.55 0.33
N PHE A 1569 -45.88 -29.92 -0.74
CA PHE A 1569 -47.19 -29.28 -0.70
C PHE A 1569 -48.31 -30.30 -0.67
N SER A 1570 -48.24 -31.28 -1.56
CA SER A 1570 -49.16 -32.41 -1.47
C SER A 1570 -49.04 -33.09 -0.13
N ASN A 1571 -47.84 -33.08 0.46
CA ASN A 1571 -47.69 -33.65 1.78
C ASN A 1571 -48.49 -32.86 2.81
N TYR A 1572 -48.49 -31.53 2.69
CA TYR A 1572 -49.35 -30.73 3.54
C TYR A 1572 -50.80 -31.14 3.35
N GLU A 1573 -51.20 -31.28 2.09
CA GLU A 1573 -52.59 -31.60 1.79
C GLU A 1573 -52.99 -32.90 2.46
N LYS A 1574 -52.22 -33.96 2.20
CA LYS A 1574 -52.54 -35.27 2.74
C LYS A 1574 -52.48 -35.27 4.26
N ALA A 1575 -51.48 -34.60 4.84
CA ALA A 1575 -51.24 -34.74 6.27
C ALA A 1575 -52.24 -33.94 7.08
N PHE A 1576 -52.61 -32.76 6.59
CA PHE A 1576 -53.43 -31.85 7.36
C PHE A 1576 -54.73 -31.48 6.67
N PHE A 1577 -54.64 -31.11 5.38
CA PHE A 1577 -55.83 -30.62 4.69
C PHE A 1577 -56.88 -31.72 4.58
N THR A 1578 -56.45 -32.97 4.45
CA THR A 1578 -57.38 -34.08 4.38
C THR A 1578 -58.14 -34.24 5.68
N GLU A 1579 -59.44 -34.47 5.55
CA GLU A 1579 -60.32 -34.49 6.71
C GLU A 1579 -59.99 -35.64 7.65
N LYS A 1580 -59.29 -36.67 7.18
CA LYS A 1580 -58.88 -37.73 8.09
C LYS A 1580 -58.07 -37.17 9.25
N TYR A 1581 -57.20 -36.20 8.97
CA TYR A 1581 -56.50 -35.52 10.05
C TYR A 1581 -57.47 -34.73 10.90
N LEU A 1582 -58.47 -34.12 10.27
CA LEU A 1582 -59.48 -33.38 11.03
C LEU A 1582 -60.52 -34.31 11.66
N GLN A 1583 -60.26 -35.61 11.67
CA GLN A 1583 -60.83 -36.50 12.68
C GLN A 1583 -59.79 -36.91 13.71
N GLU A 1584 -58.55 -37.11 13.27
CA GLU A 1584 -57.47 -37.23 14.23
C GLU A 1584 -57.33 -35.95 15.05
N HIS A 1585 -57.39 -34.80 14.39
CA HIS A 1585 -57.34 -33.50 15.05
C HIS A 1585 -58.47 -32.62 14.50
N PRO A 1586 -59.70 -32.91 14.89
CA PRO A 1586 -60.82 -32.10 14.41
C PRO A 1586 -60.74 -30.66 14.86
N GLU A 1587 -60.65 -30.47 16.18
CA GLU A 1587 -60.56 -29.14 16.75
C GLU A 1587 -59.32 -28.40 16.29
N ASP A 1588 -58.34 -29.12 15.76
CA ASP A 1588 -57.07 -28.54 15.36
C ASP A 1588 -57.04 -28.23 13.87
N GLN A 1589 -58.25 -28.10 13.32
CA GLN A 1589 -58.46 -27.36 12.09
C GLN A 1589 -58.02 -25.91 12.24
N GLU A 1590 -58.15 -25.35 13.45
CA GLU A 1590 -57.51 -24.10 13.80
C GLU A 1590 -56.06 -24.05 13.35
N LYS A 1591 -55.35 -25.19 13.38
CA LYS A 1591 -53.98 -25.21 12.89
C LYS A 1591 -53.92 -25.23 11.38
N VAL A 1592 -54.63 -26.15 10.73
CA VAL A 1592 -54.51 -26.27 9.30
C VAL A 1592 -54.94 -24.98 8.62
N GLU A 1593 -55.90 -24.26 9.20
CA GLU A 1593 -56.28 -22.98 8.61
C GLU A 1593 -55.12 -22.00 8.69
N LEU A 1594 -54.32 -22.10 9.75
CA LEU A 1594 -53.11 -21.28 9.79
C LEU A 1594 -52.19 -21.63 8.64
N LEU A 1595 -51.99 -22.92 8.39
CA LEU A 1595 -51.13 -23.33 7.27
C LEU A 1595 -51.69 -22.84 5.94
N LYS A 1596 -53.01 -22.87 5.79
CA LYS A 1596 -53.62 -22.28 4.61
C LYS A 1596 -53.28 -20.81 4.51
N ARG A 1597 -53.41 -20.09 5.63
CA ARG A 1597 -53.01 -18.70 5.68
C ARG A 1597 -51.55 -18.55 5.28
N LEU A 1598 -50.73 -19.53 5.66
CA LEU A 1598 -49.30 -19.45 5.42
C LEU A 1598 -49.00 -19.58 3.93
N ILE A 1599 -49.60 -20.58 3.29
CA ILE A 1599 -49.37 -20.71 1.86
C ILE A 1599 -49.96 -19.52 1.13
N ALA A 1600 -51.06 -18.98 1.65
CA ALA A 1600 -51.60 -17.75 1.10
C ALA A 1600 -50.55 -16.64 1.12
N LEU A 1601 -49.95 -16.39 2.29
CA LEU A 1601 -48.93 -15.34 2.38
C LEU A 1601 -47.70 -15.70 1.58
N GLN A 1602 -47.43 -16.99 1.46
CA GLN A 1602 -46.38 -17.49 0.58
C GLN A 1602 -46.56 -16.99 -0.84
N MET A 1603 -47.80 -17.00 -1.31
CA MET A 1603 -48.07 -16.65 -2.70
C MET A 1603 -47.53 -15.30 -3.12
N PRO A 1604 -47.85 -14.18 -2.46
CA PRO A 1604 -47.18 -12.94 -2.82
C PRO A 1604 -45.70 -13.00 -2.57
N LEU A 1605 -45.26 -13.79 -1.59
CA LEU A 1605 -43.84 -13.88 -1.32
C LEU A 1605 -43.11 -14.57 -2.46
N LEU A 1606 -43.59 -15.75 -2.87
CA LEU A 1606 -43.03 -16.34 -4.07
C LEU A 1606 -43.25 -15.43 -5.27
N THR A 1607 -44.21 -14.52 -5.17
CA THR A 1607 -44.43 -13.59 -6.27
C THR A 1607 -43.32 -12.55 -6.35
N GLU A 1608 -42.85 -12.05 -5.20
CA GLU A 1608 -41.63 -11.26 -5.28
C GLU A 1608 -40.48 -12.12 -5.79
N GLY A 1609 -40.41 -13.37 -5.35
CA GLY A 1609 -39.39 -14.24 -5.89
C GLY A 1609 -39.44 -14.27 -7.40
N ILE A 1610 -40.64 -14.41 -7.95
CA ILE A 1610 -40.81 -14.51 -9.39
C ILE A 1610 -40.43 -13.20 -10.07
N ARG A 1611 -40.93 -12.08 -9.55
CA ARG A 1611 -40.72 -10.82 -10.25
C ARG A 1611 -39.26 -10.41 -10.19
N ILE A 1612 -38.59 -10.68 -9.07
CA ILE A 1612 -37.18 -10.36 -8.99
C ILE A 1612 -36.35 -11.34 -9.83
N HIS A 1613 -36.81 -12.58 -9.95
CA HIS A 1613 -36.20 -13.48 -10.92
C HIS A 1613 -36.29 -12.89 -12.31
N GLY A 1614 -37.48 -12.43 -12.69
CA GLY A 1614 -37.66 -11.84 -14.00
C GLY A 1614 -36.78 -10.63 -14.21
N GLU A 1615 -36.67 -9.79 -13.17
CA GLU A 1615 -35.76 -8.65 -13.26
C GLU A 1615 -34.32 -9.11 -13.40
N LYS A 1616 -33.95 -10.17 -12.68
CA LYS A 1616 -32.59 -10.67 -12.70
C LYS A 1616 -32.44 -11.85 -13.64
N LEU A 1617 -33.49 -12.17 -14.36
CA LEU A 1617 -33.46 -13.21 -15.38
C LEU A 1617 -32.36 -12.93 -16.38
N THR A 1618 -31.52 -13.93 -16.61
CA THR A 1618 -30.63 -13.93 -17.75
C THR A 1618 -31.03 -15.08 -18.64
N GLU A 1619 -30.47 -15.10 -19.86
CA GLU A 1619 -30.90 -16.07 -20.86
C GLU A 1619 -30.86 -17.50 -20.36
N GLN A 1620 -29.85 -17.87 -19.57
CA GLN A 1620 -29.82 -19.22 -19.03
C GLN A 1620 -30.90 -19.42 -17.98
N LEU A 1621 -31.24 -18.36 -17.26
CA LEU A 1621 -32.39 -18.44 -16.36
C LEU A 1621 -33.72 -18.56 -17.09
N LYS A 1622 -33.76 -18.37 -18.41
CA LYS A 1622 -35.05 -18.34 -19.09
C LYS A 1622 -35.81 -19.66 -19.01
N PRO A 1623 -35.23 -20.82 -19.36
CA PRO A 1623 -36.02 -22.07 -19.22
C PRO A 1623 -36.46 -22.32 -17.80
N LEU A 1624 -35.55 -22.06 -16.87
CA LEU A 1624 -35.90 -22.03 -15.47
C LEU A 1624 -37.19 -21.24 -15.28
N HIS A 1625 -37.15 -19.96 -15.64
CA HIS A 1625 -38.23 -19.06 -15.31
C HIS A 1625 -39.53 -19.46 -15.99
N GLU A 1626 -39.45 -20.02 -17.20
CA GLU A 1626 -40.68 -20.44 -17.83
C GLU A 1626 -41.33 -21.55 -17.02
N ARG A 1627 -40.54 -22.54 -16.57
CA ARG A 1627 -41.13 -23.57 -15.73
C ARG A 1627 -41.61 -22.97 -14.41
N LEU A 1628 -40.85 -22.00 -13.90
CA LEU A 1628 -41.19 -21.37 -12.63
C LEU A 1628 -42.53 -20.68 -12.72
N SER A 1629 -42.71 -19.85 -13.75
CA SER A 1629 -43.94 -19.10 -13.92
C SER A 1629 -45.10 -20.02 -14.27
N SER A 1630 -44.83 -21.07 -15.04
CA SER A 1630 -45.85 -22.04 -15.38
C SER A 1630 -46.41 -22.69 -14.11
N CYS A 1631 -45.54 -23.40 -13.39
CA CYS A 1631 -45.94 -23.96 -12.11
C CYS A 1631 -46.35 -22.90 -11.12
N PHE A 1632 -45.99 -21.63 -11.38
CA PHE A 1632 -46.23 -20.59 -10.40
C PHE A 1632 -47.66 -20.09 -10.46
N ARG A 1633 -48.14 -19.68 -11.62
CA ARG A 1633 -49.57 -19.46 -11.70
C ARG A 1633 -50.36 -20.76 -11.58
N GLU A 1634 -49.74 -21.91 -11.86
CA GLU A 1634 -50.37 -23.17 -11.48
C GLU A 1634 -50.67 -23.21 -9.99
N LEU A 1635 -49.66 -23.03 -9.16
CA LEU A 1635 -49.88 -23.01 -7.72
C LEU A 1635 -50.68 -21.80 -7.30
N LYS A 1636 -50.70 -20.76 -8.12
CA LYS A 1636 -51.58 -19.63 -7.85
C LYS A 1636 -53.04 -20.08 -7.85
N GLU A 1637 -53.49 -20.65 -8.98
CA GLU A 1637 -54.85 -21.16 -8.99
C GLU A 1637 -55.03 -22.27 -7.96
N LYS A 1638 -53.96 -23.00 -7.64
CA LYS A 1638 -54.05 -24.01 -6.60
C LYS A 1638 -54.44 -23.39 -5.26
N VAL A 1639 -53.78 -22.31 -4.87
CA VAL A 1639 -54.15 -21.67 -3.62
C VAL A 1639 -55.52 -21.03 -3.74
N GLU A 1640 -55.86 -20.55 -4.95
CA GLU A 1640 -57.16 -19.90 -5.11
C GLU A 1640 -58.28 -20.88 -4.80
N LYS A 1641 -58.27 -22.05 -5.45
CA LYS A 1641 -59.34 -23.02 -5.26
C LYS A 1641 -58.85 -24.35 -4.73
N HIS A 1642 -57.86 -24.96 -5.37
CA HIS A 1642 -57.48 -26.33 -5.04
C HIS A 1642 -56.98 -26.43 -3.60
N TYR A 1643 -56.15 -25.48 -3.17
CA TYR A 1643 -55.83 -25.37 -1.75
C TYR A 1643 -56.97 -24.74 -0.97
N GLY A 1644 -57.89 -24.08 -1.65
CA GLY A 1644 -59.02 -23.46 -0.98
C GLY A 1644 -58.65 -22.34 -0.04
N VAL A 1645 -57.48 -21.78 -0.17
CA VAL A 1645 -57.10 -20.68 0.71
C VAL A 1645 -57.63 -19.39 0.09
N ILE A 1646 -58.03 -18.45 0.95
CA ILE A 1646 -58.47 -17.13 0.53
C ILE A 1646 -57.23 -16.29 0.28
N THR A 1647 -57.01 -15.90 -0.97
CA THR A 1647 -55.80 -15.19 -1.34
C THR A 1647 -55.90 -13.71 -0.95
N LEU A 1648 -54.84 -12.97 -1.27
CA LEU A 1648 -54.73 -11.58 -0.84
C LEU A 1648 -53.83 -10.81 -1.80
N MET B 8 -15.19 -12.85 -0.97
CA MET B 8 -16.43 -13.54 -0.65
C MET B 8 -17.09 -13.98 -1.96
N GLN B 9 -17.42 -15.27 -2.08
CA GLN B 9 -17.89 -15.78 -3.36
C GLN B 9 -18.71 -17.03 -3.15
N ALA B 10 -19.35 -17.48 -4.24
CA ALA B 10 -20.27 -18.60 -4.22
C ALA B 10 -19.94 -19.58 -5.33
N ILE B 11 -20.46 -20.80 -5.21
CA ILE B 11 -20.16 -21.88 -6.14
C ILE B 11 -21.39 -22.78 -6.32
N LYS B 12 -21.86 -22.89 -7.56
CA LYS B 12 -22.86 -23.87 -7.93
C LYS B 12 -22.26 -25.28 -7.95
N CYS B 13 -23.12 -26.26 -7.69
CA CYS B 13 -22.76 -27.65 -7.93
C CYS B 13 -24.03 -28.47 -7.97
N VAL B 14 -24.01 -29.58 -8.68
CA VAL B 14 -25.15 -30.48 -8.76
C VAL B 14 -24.75 -31.80 -8.12
N VAL B 15 -25.75 -32.54 -7.67
CA VAL B 15 -25.60 -33.91 -7.19
C VAL B 15 -26.71 -34.75 -7.80
N VAL B 16 -26.35 -35.89 -8.37
CA VAL B 16 -27.38 -36.87 -8.74
C VAL B 16 -26.94 -38.24 -8.27
N GLY B 17 -27.87 -39.16 -8.21
CA GLY B 17 -27.60 -40.52 -7.80
C GLY B 17 -28.86 -41.36 -7.90
N ASP B 18 -28.68 -42.65 -7.62
CA ASP B 18 -29.80 -43.56 -7.60
C ASP B 18 -30.85 -43.11 -6.58
N GLY B 19 -32.11 -43.33 -6.94
CA GLY B 19 -33.22 -42.88 -6.12
C GLY B 19 -33.52 -43.73 -4.92
N ALA B 20 -32.84 -44.86 -4.74
CA ALA B 20 -33.07 -45.74 -3.62
C ALA B 20 -32.19 -45.42 -2.43
N VAL B 21 -31.38 -44.36 -2.52
CA VAL B 21 -30.36 -44.09 -1.52
C VAL B 21 -30.58 -42.74 -0.85
N ALA B 22 -31.18 -41.80 -1.58
CA ALA B 22 -31.52 -40.49 -1.03
C ALA B 22 -30.28 -39.78 -0.48
N LYS B 23 -29.37 -39.44 -1.41
CA LYS B 23 -28.29 -38.51 -1.12
C LYS B 23 -28.79 -37.23 -0.46
N THR B 24 -30.09 -36.98 -0.59
CA THR B 24 -30.80 -36.05 0.28
C THR B 24 -30.27 -36.12 1.70
N CYS B 25 -30.27 -37.31 2.28
CA CYS B 25 -29.83 -37.47 3.65
C CYS B 25 -28.40 -37.01 3.82
N LEU B 26 -27.54 -37.37 2.87
CA LEU B 26 -26.15 -36.92 2.91
C LEU B 26 -26.06 -35.40 3.04
N LEU B 27 -26.57 -34.68 2.04
CA LEU B 27 -26.42 -33.23 2.04
C LEU B 27 -27.12 -32.59 3.22
N ILE B 28 -28.31 -33.08 3.56
CA ILE B 28 -29.07 -32.43 4.60
C ILE B 28 -28.39 -32.61 5.94
N SER B 29 -27.85 -33.80 6.20
CA SER B 29 -27.12 -34.01 7.45
C SER B 29 -25.85 -33.20 7.47
N TYR B 30 -25.21 -33.04 6.32
CA TYR B 30 -23.97 -32.28 6.28
C TYR B 30 -24.21 -30.82 6.62
N THR B 31 -25.01 -30.14 5.79
CA THR B 31 -25.25 -28.73 6.03
C THR B 31 -25.95 -28.49 7.35
N THR B 32 -26.89 -29.36 7.72
CA THR B 32 -27.50 -29.30 9.03
C THR B 32 -26.48 -29.41 10.15
N ASN B 33 -25.38 -30.13 9.90
CA ASN B 33 -24.31 -30.32 10.87
C ASN B 33 -24.78 -31.12 12.08
N ALA B 34 -26.03 -31.58 12.06
CA ALA B 34 -26.58 -32.25 13.22
C ALA B 34 -25.95 -33.63 13.41
N PHE B 35 -26.45 -34.35 14.41
CA PHE B 35 -25.87 -35.64 14.75
C PHE B 35 -26.13 -36.65 13.63
N PRO B 36 -25.20 -37.59 13.43
CA PRO B 36 -25.43 -38.64 12.43
C PRO B 36 -26.71 -39.41 12.72
N GLY B 37 -27.43 -39.74 11.67
CA GLY B 37 -28.66 -40.50 11.82
C GLY B 37 -29.70 -39.82 12.66
N GLU B 38 -29.68 -38.50 12.72
CA GLU B 38 -30.64 -37.73 13.50
C GLU B 38 -31.00 -36.45 12.76
N TYR B 39 -30.80 -36.42 11.45
CA TYR B 39 -30.97 -35.20 10.68
C TYR B 39 -32.45 -34.86 10.50
N ILE B 40 -32.69 -33.60 10.18
CA ILE B 40 -34.03 -33.10 9.88
C ILE B 40 -34.37 -33.42 8.43
N PRO B 41 -35.45 -34.15 8.17
CA PRO B 41 -35.93 -34.28 6.78
C PRO B 41 -36.90 -33.16 6.43
N THR B 42 -36.61 -32.45 5.35
CA THR B 42 -37.32 -31.24 4.98
C THR B 42 -38.46 -31.55 4.02
N VAL B 43 -38.96 -30.50 3.36
CA VAL B 43 -39.87 -30.63 2.23
C VAL B 43 -39.28 -30.09 0.94
N PHE B 44 -38.06 -29.57 0.96
CA PHE B 44 -37.47 -28.96 -0.22
C PHE B 44 -36.10 -29.56 -0.51
N ASP B 45 -35.69 -29.40 -1.75
CA ASP B 45 -34.45 -29.92 -2.30
C ASP B 45 -33.43 -28.79 -2.37
N ASN B 46 -32.34 -29.04 -3.10
CA ASN B 46 -31.46 -27.97 -3.59
C ASN B 46 -30.82 -27.19 -2.44
N TYR B 47 -30.00 -27.91 -1.68
CA TYR B 47 -29.45 -27.35 -0.46
C TYR B 47 -28.20 -26.52 -0.73
N SER B 48 -27.79 -25.77 0.29
CA SER B 48 -26.71 -24.80 0.18
C SER B 48 -25.85 -24.83 1.42
N ALA B 49 -24.65 -24.27 1.29
CA ALA B 49 -23.71 -24.21 2.40
C ALA B 49 -22.79 -23.03 2.21
N ASN B 50 -22.54 -22.31 3.30
CA ASN B 50 -21.55 -21.25 3.32
C ASN B 50 -20.42 -21.72 4.22
N VAL B 51 -19.31 -22.12 3.62
CA VAL B 51 -18.21 -22.72 4.36
C VAL B 51 -16.91 -22.05 3.97
N MET B 52 -16.09 -21.78 4.96
CA MET B 52 -14.68 -21.49 4.73
C MET B 52 -13.97 -22.81 4.52
N VAL B 53 -13.23 -22.91 3.43
CA VAL B 53 -12.44 -24.10 3.15
C VAL B 53 -10.97 -23.90 3.49
N ASP B 54 -10.32 -22.90 2.91
CA ASP B 54 -8.91 -22.65 3.15
C ASP B 54 -8.68 -21.16 2.99
N GLY B 55 -8.47 -20.49 4.11
CA GLY B 55 -8.27 -19.07 4.10
C GLY B 55 -9.57 -18.30 3.97
N LYS B 56 -10.16 -18.28 2.78
CA LYS B 56 -11.27 -17.40 2.53
C LYS B 56 -12.57 -18.19 2.55
N PRO B 57 -13.59 -17.67 3.24
CA PRO B 57 -14.90 -18.33 3.22
C PRO B 57 -15.54 -18.21 1.85
N VAL B 58 -16.33 -19.22 1.51
CA VAL B 58 -17.04 -19.24 0.25
C VAL B 58 -18.43 -19.80 0.48
N ASN B 59 -19.42 -19.18 -0.14
CA ASN B 59 -20.73 -19.79 -0.17
C ASN B 59 -20.79 -20.84 -1.28
N LEU B 60 -21.78 -21.72 -1.17
CA LEU B 60 -22.02 -22.69 -2.22
C LEU B 60 -23.41 -23.27 -2.05
N GLY B 61 -24.05 -23.55 -3.17
CA GLY B 61 -25.34 -24.19 -3.15
C GLY B 61 -25.32 -25.39 -4.08
N LEU B 62 -25.97 -26.45 -3.65
CA LEU B 62 -25.90 -27.74 -4.33
C LEU B 62 -27.23 -28.00 -5.01
N TRP B 63 -27.22 -28.09 -6.33
CA TRP B 63 -28.43 -28.45 -7.04
C TRP B 63 -28.75 -29.90 -6.71
N ASP B 64 -29.57 -30.11 -5.68
CA ASP B 64 -30.03 -31.44 -5.32
C ASP B 64 -31.23 -31.77 -6.18
N THR B 65 -31.05 -32.64 -7.16
CA THR B 65 -32.02 -32.85 -8.21
C THR B 65 -32.62 -34.25 -8.09
N ALA B 66 -33.83 -34.42 -8.61
CA ALA B 66 -34.41 -35.75 -8.75
C ALA B 66 -33.72 -36.51 -9.89
N GLY B 67 -33.45 -37.79 -9.65
CA GLY B 67 -32.62 -38.56 -10.55
C GLY B 67 -33.32 -39.44 -11.55
N GLN B 68 -34.65 -39.55 -11.52
CA GLN B 68 -35.32 -40.43 -12.46
C GLN B 68 -35.07 -39.96 -13.89
N GLU B 69 -35.00 -40.92 -14.81
CA GLU B 69 -34.58 -40.64 -16.18
C GLU B 69 -35.53 -39.66 -16.87
N ASP B 70 -36.83 -39.75 -16.59
CA ASP B 70 -37.76 -38.80 -17.18
C ASP B 70 -37.52 -37.39 -16.64
N TYR B 71 -36.74 -37.27 -15.57
CA TYR B 71 -36.32 -35.95 -15.12
C TYR B 71 -35.04 -35.50 -15.80
N ASP B 72 -34.51 -36.30 -16.73
CA ASP B 72 -33.42 -35.86 -17.57
C ASP B 72 -33.80 -34.67 -18.43
N ARG B 73 -35.09 -34.39 -18.60
CA ARG B 73 -35.50 -33.30 -19.47
C ARG B 73 -35.49 -31.94 -18.80
N LEU B 74 -35.39 -31.90 -17.48
CA LEU B 74 -35.30 -30.63 -16.76
C LEU B 74 -33.89 -30.35 -16.29
N ARG B 75 -33.15 -31.41 -15.97
CA ARG B 75 -31.82 -31.26 -15.41
C ARG B 75 -30.82 -30.53 -16.31
N PRO B 76 -30.79 -30.72 -17.64
CA PRO B 76 -29.76 -30.06 -18.43
C PRO B 76 -29.93 -28.56 -18.50
N LEU B 77 -31.13 -28.06 -18.21
CA LEU B 77 -31.36 -26.63 -18.18
C LEU B 77 -30.52 -25.94 -17.11
N SER B 78 -30.12 -26.68 -16.07
CA SER B 78 -29.23 -26.16 -15.05
C SER B 78 -27.79 -26.63 -15.25
N TYR B 79 -27.52 -27.41 -16.29
CA TYR B 79 -26.16 -27.87 -16.53
C TYR B 79 -25.13 -26.76 -16.72
N PRO B 80 -25.41 -25.66 -17.41
CA PRO B 80 -24.38 -24.62 -17.56
C PRO B 80 -23.93 -24.08 -16.21
N GLN B 81 -22.64 -23.78 -16.13
CA GLN B 81 -22.03 -23.14 -14.95
C GLN B 81 -22.18 -24.00 -13.70
N THR B 82 -22.17 -25.31 -13.89
CA THR B 82 -22.04 -26.24 -12.79
C THR B 82 -20.56 -26.38 -12.46
N ASP B 83 -20.13 -25.74 -11.37
CA ASP B 83 -18.71 -25.55 -11.12
C ASP B 83 -18.00 -26.88 -10.97
N VAL B 84 -18.62 -27.82 -10.25
CA VAL B 84 -18.21 -29.22 -10.23
C VAL B 84 -19.49 -30.03 -10.18
N PHE B 85 -19.36 -31.34 -10.37
CA PHE B 85 -20.50 -32.21 -10.19
C PHE B 85 -20.14 -33.30 -9.19
N LEU B 86 -21.18 -33.85 -8.57
CA LEU B 86 -21.04 -34.90 -7.59
C LEU B 86 -21.91 -36.07 -8.03
N ILE B 87 -21.31 -37.02 -8.71
CA ILE B 87 -21.98 -38.24 -9.09
C ILE B 87 -21.88 -39.25 -7.96
N CYS B 88 -22.96 -39.98 -7.71
CA CYS B 88 -23.09 -40.74 -6.48
C CYS B 88 -23.80 -42.06 -6.75
N PHE B 89 -23.70 -42.96 -5.77
CA PHE B 89 -24.23 -44.31 -5.87
C PHE B 89 -24.39 -44.85 -4.46
N SER B 90 -24.51 -46.17 -4.33
CA SER B 90 -24.39 -46.85 -3.05
C SER B 90 -23.42 -47.99 -3.21
N LEU B 91 -22.42 -48.07 -2.32
CA LEU B 91 -21.47 -49.17 -2.35
C LEU B 91 -22.16 -50.52 -2.25
N VAL B 92 -23.16 -50.65 -1.38
CA VAL B 92 -23.81 -51.93 -1.15
C VAL B 92 -24.86 -52.23 -2.20
N SER B 93 -24.96 -51.39 -3.24
CA SER B 93 -25.94 -51.55 -4.31
C SER B 93 -25.21 -51.72 -5.64
N PRO B 94 -24.97 -52.95 -6.09
CA PRO B 94 -24.55 -53.14 -7.48
C PRO B 94 -25.54 -52.58 -8.49
N ALA B 95 -26.82 -52.57 -8.14
CA ALA B 95 -27.80 -51.92 -9.01
C ALA B 95 -27.42 -50.46 -9.25
N SER B 96 -26.96 -49.77 -8.20
CA SER B 96 -26.46 -48.42 -8.37
C SER B 96 -25.26 -48.39 -9.31
N PHE B 97 -24.44 -49.44 -9.26
CA PHE B 97 -23.28 -49.51 -10.14
C PHE B 97 -23.75 -49.52 -11.58
N GLU B 98 -24.74 -50.36 -11.87
CA GLU B 98 -25.30 -50.42 -13.22
C GLU B 98 -25.85 -49.07 -13.62
N ASN B 99 -26.71 -48.49 -12.77
CA ASN B 99 -27.27 -47.18 -13.03
C ASN B 99 -26.19 -46.20 -13.43
N VAL B 100 -25.21 -45.96 -12.55
CA VAL B 100 -24.21 -44.95 -12.84
C VAL B 100 -23.46 -45.29 -14.12
N ARG B 101 -22.78 -46.44 -14.15
CA ARG B 101 -21.92 -46.79 -15.28
C ARG B 101 -22.66 -46.70 -16.60
N ALA B 102 -23.93 -47.07 -16.62
CA ALA B 102 -24.65 -47.23 -17.87
C ALA B 102 -25.40 -45.97 -18.29
N LYS B 103 -25.98 -45.23 -17.36
CA LYS B 103 -26.73 -44.04 -17.71
C LYS B 103 -26.04 -42.79 -17.19
N TRP B 104 -25.75 -42.72 -15.90
CA TRP B 104 -25.39 -41.44 -15.32
C TRP B 104 -24.02 -41.02 -15.82
N TYR B 105 -23.00 -41.77 -15.43
CA TYR B 105 -21.64 -41.61 -15.96
C TYR B 105 -21.61 -41.28 -17.45
N PRO B 106 -22.21 -42.07 -18.34
CA PRO B 106 -22.12 -41.71 -19.76
C PRO B 106 -22.74 -40.37 -20.08
N GLU B 107 -23.99 -40.14 -19.71
CA GLU B 107 -24.66 -38.96 -20.22
C GLU B 107 -24.25 -37.70 -19.48
N VAL B 108 -23.88 -37.80 -18.20
CA VAL B 108 -23.31 -36.63 -17.53
C VAL B 108 -21.93 -36.31 -18.11
N ARG B 109 -21.16 -37.35 -18.42
CA ARG B 109 -19.90 -37.11 -19.12
C ARG B 109 -20.15 -36.42 -20.45
N HIS B 110 -21.20 -36.84 -21.17
CA HIS B 110 -21.57 -36.15 -22.40
C HIS B 110 -21.95 -34.70 -22.15
N HIS B 111 -22.71 -34.46 -21.10
CA HIS B 111 -23.42 -33.19 -21.00
C HIS B 111 -22.48 -32.05 -20.63
N CYS B 112 -21.59 -32.28 -19.67
CA CYS B 112 -20.58 -31.31 -19.29
C CYS B 112 -19.23 -32.02 -19.31
N PRO B 113 -18.74 -32.37 -20.50
CA PRO B 113 -17.53 -33.21 -20.58
C PRO B 113 -16.30 -32.56 -19.98
N ASN B 114 -16.29 -31.25 -19.81
CA ASN B 114 -15.14 -30.51 -19.31
C ASN B 114 -15.53 -29.75 -18.03
N THR B 115 -15.48 -30.46 -16.90
CA THR B 115 -15.71 -29.95 -15.56
C THR B 115 -15.30 -31.02 -14.56
N PRO B 116 -14.55 -30.67 -13.53
CA PRO B 116 -14.08 -31.69 -12.59
C PRO B 116 -15.23 -32.46 -11.96
N ILE B 117 -15.04 -33.76 -11.83
CA ILE B 117 -16.08 -34.67 -11.37
C ILE B 117 -15.48 -35.62 -10.34
N ILE B 118 -16.20 -35.82 -9.26
CA ILE B 118 -15.79 -36.77 -8.24
C ILE B 118 -16.95 -37.71 -7.97
N LEU B 119 -16.72 -38.99 -8.15
CA LEU B 119 -17.66 -40.00 -7.70
C LEU B 119 -17.48 -40.18 -6.21
N VAL B 120 -18.58 -40.46 -5.52
CA VAL B 120 -18.56 -40.61 -4.08
C VAL B 120 -19.35 -41.85 -3.69
N GLY B 121 -18.80 -42.63 -2.78
CA GLY B 121 -19.45 -43.82 -2.30
C GLY B 121 -20.66 -43.50 -1.47
N THR B 122 -21.13 -44.52 -0.75
CA THR B 122 -22.27 -44.39 0.13
C THR B 122 -22.41 -45.69 0.91
N LYS B 123 -23.00 -45.58 2.09
CA LYS B 123 -23.30 -46.75 2.91
C LYS B 123 -22.05 -47.57 3.17
N LEU B 124 -20.93 -46.85 3.34
CA LEU B 124 -19.69 -47.49 3.77
C LEU B 124 -19.94 -48.36 4.99
N ASP B 125 -20.75 -47.87 5.94
CA ASP B 125 -21.17 -48.69 7.06
C ASP B 125 -21.95 -49.90 6.59
N LEU B 126 -22.88 -49.72 5.65
CA LEU B 126 -23.64 -50.84 5.13
C LEU B 126 -22.80 -51.74 4.23
N ARG B 127 -21.76 -51.19 3.58
CA ARG B 127 -20.92 -52.00 2.72
C ARG B 127 -20.30 -53.14 3.51
N ASP B 128 -20.01 -52.92 4.78
CA ASP B 128 -19.53 -53.96 5.67
C ASP B 128 -20.52 -54.29 6.77
N ASP B 129 -21.80 -54.35 6.43
CA ASP B 129 -22.81 -54.95 7.31
C ASP B 129 -22.93 -56.42 6.94
N LYS B 130 -22.59 -57.30 7.88
CA LYS B 130 -22.49 -58.71 7.54
C LYS B 130 -23.85 -59.31 7.22
N ASP B 131 -24.87 -58.95 7.99
CA ASP B 131 -26.21 -59.40 7.65
C ASP B 131 -26.63 -58.89 6.28
N THR B 132 -26.36 -57.62 6.01
CA THR B 132 -26.71 -57.07 4.70
C THR B 132 -25.98 -57.80 3.59
N ILE B 133 -24.67 -57.97 3.72
CA ILE B 133 -23.92 -58.62 2.65
C ILE B 133 -24.33 -60.08 2.49
N GLU B 134 -24.73 -60.75 3.58
CA GLU B 134 -25.23 -62.11 3.43
C GLU B 134 -26.58 -62.12 2.73
N LYS B 135 -27.37 -61.06 2.90
CA LYS B 135 -28.57 -60.93 2.09
C LYS B 135 -28.21 -60.70 0.62
N LEU B 136 -27.16 -59.90 0.38
CA LEU B 136 -26.68 -59.71 -0.98
C LEU B 136 -26.30 -61.03 -1.63
N LYS B 137 -25.59 -61.88 -0.90
CA LYS B 137 -25.25 -63.20 -1.43
C LYS B 137 -26.48 -64.08 -1.60
N GLU B 138 -27.42 -64.02 -0.65
CA GLU B 138 -28.65 -64.76 -0.85
C GLU B 138 -29.60 -64.06 -1.80
N LYS B 139 -29.18 -62.93 -2.37
CA LYS B 139 -29.82 -62.33 -3.53
C LYS B 139 -28.83 -62.10 -4.66
N LYS B 140 -27.60 -62.62 -4.52
CA LYS B 140 -26.61 -62.64 -5.59
C LYS B 140 -26.12 -61.22 -5.93
N LEU B 141 -26.42 -60.27 -5.05
CA LEU B 141 -25.80 -58.96 -5.07
C LEU B 141 -24.41 -59.08 -4.44
N THR B 142 -23.44 -58.40 -5.02
CA THR B 142 -22.07 -58.54 -4.58
C THR B 142 -21.70 -57.39 -3.67
N PRO B 143 -21.22 -57.65 -2.45
CA PRO B 143 -20.76 -56.55 -1.60
C PRO B 143 -19.47 -55.97 -2.13
N ILE B 144 -19.58 -55.33 -3.29
CA ILE B 144 -18.41 -54.79 -3.99
C ILE B 144 -17.72 -53.74 -3.14
N THR B 145 -16.40 -53.83 -3.06
CA THR B 145 -15.56 -53.07 -2.16
C THR B 145 -14.94 -51.86 -2.84
N TYR B 146 -14.14 -51.12 -2.08
CA TYR B 146 -13.42 -49.97 -2.61
C TYR B 146 -12.63 -50.27 -3.88
N PRO B 147 -11.65 -51.17 -3.89
CA PRO B 147 -10.63 -51.14 -4.94
C PRO B 147 -11.20 -51.17 -6.35
N GLN B 148 -12.25 -51.95 -6.58
CA GLN B 148 -12.88 -51.91 -7.90
C GLN B 148 -13.68 -50.64 -8.10
N GLY B 149 -14.17 -50.03 -7.02
CA GLY B 149 -14.75 -48.69 -7.15
C GLY B 149 -13.72 -47.68 -7.60
N LEU B 150 -12.54 -47.70 -6.99
CA LEU B 150 -11.42 -46.91 -7.49
C LEU B 150 -11.11 -47.28 -8.93
N ALA B 151 -11.23 -48.56 -9.27
CA ALA B 151 -10.99 -48.98 -10.64
C ALA B 151 -11.95 -48.30 -11.60
N MET B 152 -13.22 -48.19 -11.22
CA MET B 152 -14.18 -47.44 -12.03
C MET B 152 -13.80 -45.96 -12.10
N ALA B 153 -13.35 -45.40 -10.98
CA ALA B 153 -12.88 -44.03 -11.00
C ALA B 153 -11.78 -43.85 -12.04
N LYS B 154 -10.87 -44.81 -12.10
CA LYS B 154 -9.83 -44.80 -13.12
C LYS B 154 -10.43 -45.00 -14.51
N GLU B 155 -11.46 -45.85 -14.60
CA GLU B 155 -12.20 -46.03 -15.85
C GLU B 155 -12.59 -44.68 -16.44
N ILE B 156 -13.14 -43.79 -15.61
CA ILE B 156 -13.27 -42.41 -16.06
C ILE B 156 -12.01 -41.59 -15.79
N GLY B 157 -11.13 -42.05 -14.92
CA GLY B 157 -10.02 -41.19 -14.53
C GLY B 157 -10.55 -39.94 -13.86
N ALA B 158 -11.54 -40.10 -12.98
CA ALA B 158 -12.17 -38.95 -12.35
C ALA B 158 -11.14 -38.17 -11.54
N VAL B 159 -11.35 -36.86 -11.44
CA VAL B 159 -10.40 -36.01 -10.74
C VAL B 159 -10.28 -36.41 -9.27
N LYS B 160 -11.27 -37.12 -8.73
CA LYS B 160 -11.14 -37.70 -7.40
C LYS B 160 -12.30 -38.67 -7.19
N TYR B 161 -12.17 -39.50 -6.15
CA TYR B 161 -13.22 -40.41 -5.74
C TYR B 161 -13.13 -40.60 -4.24
N LEU B 162 -14.28 -40.79 -3.58
CA LEU B 162 -14.32 -41.03 -2.15
C LEU B 162 -15.57 -41.82 -1.78
N GLU B 163 -15.67 -42.15 -0.50
CA GLU B 163 -16.90 -42.68 0.09
C GLU B 163 -17.14 -41.97 1.41
N CYS B 164 -18.40 -41.89 1.81
CA CYS B 164 -18.75 -41.44 3.14
C CYS B 164 -19.70 -42.46 3.78
N SER B 165 -20.32 -42.10 4.89
CA SER B 165 -21.49 -42.84 5.36
C SER B 165 -22.32 -41.92 6.22
N ALA B 166 -23.61 -41.81 5.85
CA ALA B 166 -24.54 -40.93 6.54
C ALA B 166 -24.67 -41.27 8.01
N LEU B 167 -24.84 -42.56 8.34
CA LEU B 167 -24.91 -42.95 9.73
C LEU B 167 -23.58 -42.74 10.45
N THR B 168 -22.58 -42.21 9.76
CA THR B 168 -21.29 -41.96 10.35
C THR B 168 -20.79 -40.54 10.17
N GLN B 169 -21.05 -39.93 9.02
CA GLN B 169 -20.34 -38.73 8.56
C GLN B 169 -18.86 -39.00 8.35
N ARG B 170 -18.47 -40.26 8.25
CA ARG B 170 -17.06 -40.59 8.04
C ARG B 170 -16.60 -40.09 6.68
N GLY B 171 -15.50 -39.35 6.66
CA GLY B 171 -14.97 -38.80 5.44
C GLY B 171 -15.90 -37.80 4.79
N LEU B 172 -17.14 -37.75 5.31
CA LEU B 172 -18.17 -36.89 4.75
C LEU B 172 -17.69 -35.45 4.71
N LYS B 173 -17.16 -34.98 5.83
CA LYS B 173 -16.47 -33.70 5.83
C LYS B 173 -15.40 -33.67 4.76
N THR B 174 -14.54 -34.69 4.73
CA THR B 174 -13.45 -34.72 3.76
C THR B 174 -13.99 -34.82 2.34
N VAL B 175 -15.05 -35.61 2.17
CA VAL B 175 -15.75 -35.65 0.90
C VAL B 175 -16.02 -34.24 0.41
N PHE B 176 -16.73 -33.45 1.22
CA PHE B 176 -17.03 -32.08 0.83
C PHE B 176 -15.79 -31.19 0.79
N ASP B 177 -14.74 -31.57 1.52
CA ASP B 177 -13.52 -30.77 1.52
C ASP B 177 -12.87 -30.81 0.15
N GLU B 178 -12.55 -32.01 -0.33
CA GLU B 178 -12.07 -32.11 -1.69
C GLU B 178 -13.08 -31.55 -2.66
N ALA B 179 -14.38 -31.73 -2.36
CA ALA B 179 -15.40 -31.19 -3.24
C ALA B 179 -15.21 -29.71 -3.47
N ILE B 180 -15.10 -28.94 -2.40
CA ILE B 180 -14.98 -27.50 -2.55
C ILE B 180 -13.61 -27.12 -3.09
N ARG B 181 -12.55 -27.78 -2.63
CA ARG B 181 -11.22 -27.36 -3.05
C ARG B 181 -10.88 -27.79 -4.46
N ALA B 182 -11.69 -28.65 -5.08
CA ALA B 182 -11.47 -28.96 -6.48
C ALA B 182 -11.59 -27.71 -7.34
N VAL B 183 -12.63 -26.91 -7.10
CA VAL B 183 -12.74 -25.63 -7.79
C VAL B 183 -11.59 -24.72 -7.40
N LEU B 184 -11.30 -24.63 -6.12
CA LEU B 184 -10.40 -23.61 -5.60
C LEU B 184 -8.98 -24.13 -5.50
N MET C 7 -70.34 87.01 -15.75
CA MET C 7 -70.43 86.26 -14.50
C MET C 7 -71.74 85.47 -14.46
N ALA C 8 -72.71 85.89 -15.28
CA ALA C 8 -74.01 85.25 -15.40
C ALA C 8 -74.38 85.16 -16.88
N ARG C 9 -75.63 84.78 -17.15
CA ARG C 9 -76.22 84.81 -18.48
C ARG C 9 -75.38 84.01 -19.49
N TRP C 10 -75.16 82.74 -19.14
CA TRP C 10 -74.36 81.82 -19.92
C TRP C 10 -75.25 80.88 -20.73
N ILE C 11 -74.78 80.52 -21.92
CA ILE C 11 -75.61 79.77 -22.86
C ILE C 11 -74.78 78.62 -23.42
N PRO C 12 -75.37 77.46 -23.73
CA PRO C 12 -74.60 76.39 -24.37
C PRO C 12 -74.45 76.67 -25.87
N THR C 13 -73.24 77.05 -26.27
CA THR C 13 -72.96 77.31 -27.67
C THR C 13 -71.53 76.84 -27.97
N LYS C 14 -71.35 76.25 -29.15
CA LYS C 14 -70.06 75.75 -29.58
C LYS C 14 -69.37 76.67 -30.57
N ARG C 15 -69.82 77.93 -30.68
CA ARG C 15 -69.27 78.88 -31.62
C ARG C 15 -68.29 79.84 -30.98
N GLN C 16 -67.88 79.56 -29.75
CA GLN C 16 -66.85 80.34 -29.07
C GLN C 16 -65.71 79.45 -28.59
N LYS C 17 -65.63 78.21 -29.08
CA LYS C 17 -64.74 77.21 -28.50
C LYS C 17 -63.28 77.61 -28.55
N TYR C 18 -62.85 78.31 -29.59
CA TYR C 18 -61.52 78.92 -29.55
C TYR C 18 -61.55 80.09 -28.58
N GLY C 19 -61.56 79.74 -27.30
CA GLY C 19 -61.31 80.70 -26.26
C GLY C 19 -59.82 80.84 -26.11
N VAL C 20 -59.31 81.92 -26.68
CA VAL C 20 -57.89 82.06 -26.98
C VAL C 20 -57.42 83.34 -26.29
N ALA C 21 -56.83 83.19 -25.11
CA ALA C 21 -56.42 84.34 -24.31
C ALA C 21 -55.34 85.16 -25.01
N ILE C 22 -54.96 86.27 -24.39
CA ILE C 22 -54.09 87.23 -25.06
C ILE C 22 -52.72 87.28 -24.40
N TYR C 23 -52.68 87.52 -23.09
CA TYR C 23 -51.45 87.85 -22.40
C TYR C 23 -51.51 87.21 -21.01
N ASN C 24 -50.66 87.68 -20.09
CA ASN C 24 -50.79 87.21 -18.73
C ASN C 24 -52.10 87.71 -18.15
N TYR C 25 -53.13 86.86 -18.13
CA TYR C 25 -54.44 87.31 -17.71
C TYR C 25 -54.42 87.55 -16.20
N ASN C 26 -55.58 87.84 -15.63
CA ASN C 26 -55.68 88.26 -14.24
C ASN C 26 -56.54 87.27 -13.48
N ALA C 27 -56.10 87.00 -12.25
CA ALA C 27 -56.75 86.02 -11.40
C ALA C 27 -57.96 86.57 -10.66
N SER C 28 -58.54 87.67 -11.16
CA SER C 28 -59.68 88.27 -10.48
C SER C 28 -60.86 87.33 -10.40
N GLN C 29 -61.16 86.61 -11.48
CA GLN C 29 -62.29 85.70 -11.50
C GLN C 29 -61.98 84.48 -10.66
N ASP C 30 -63.05 83.78 -10.26
CA ASP C 30 -62.92 82.69 -9.30
C ASP C 30 -61.99 81.59 -9.81
N VAL C 31 -61.86 81.48 -11.13
CA VAL C 31 -61.16 80.36 -11.75
C VAL C 31 -60.14 80.83 -12.79
N GLU C 32 -59.57 82.01 -12.61
CA GLU C 32 -58.70 82.59 -13.63
C GLU C 32 -57.32 82.90 -13.05
N LEU C 33 -56.37 83.15 -13.95
CA LEU C 33 -54.99 83.45 -13.61
C LEU C 33 -54.32 84.05 -14.83
N SER C 34 -52.99 84.22 -14.76
CA SER C 34 -52.21 84.69 -15.91
C SER C 34 -52.19 83.57 -16.94
N LEU C 35 -53.19 83.60 -17.82
CA LEU C 35 -53.34 82.57 -18.81
C LEU C 35 -52.19 82.62 -19.83
N GLN C 36 -51.83 81.46 -20.35
CA GLN C 36 -50.76 81.35 -21.32
C GLN C 36 -51.28 81.72 -22.71
N ILE C 37 -50.37 81.80 -23.67
CA ILE C 37 -50.76 82.05 -25.06
C ILE C 37 -51.48 80.83 -25.61
N GLY C 38 -51.02 79.65 -25.23
CA GLY C 38 -51.62 78.41 -25.68
C GLY C 38 -52.74 77.92 -24.79
N ASP C 39 -53.11 78.70 -23.76
CA ASP C 39 -54.25 78.32 -22.92
C ASP C 39 -55.53 78.55 -23.70
N THR C 40 -55.93 77.53 -24.43
CA THR C 40 -57.24 77.54 -25.06
C THR C 40 -58.28 77.20 -24.00
N VAL C 41 -59.38 77.93 -24.00
CA VAL C 41 -60.51 77.61 -23.15
C VAL C 41 -61.66 77.20 -24.05
N HIS C 42 -62.08 75.94 -23.94
CA HIS C 42 -63.18 75.41 -24.73
C HIS C 42 -64.46 75.86 -24.06
N ILE C 43 -65.02 76.94 -24.55
CA ILE C 43 -66.05 77.66 -23.82
C ILE C 43 -67.41 77.00 -24.04
N LEU C 44 -67.92 76.41 -22.96
CA LEU C 44 -69.26 75.83 -22.94
C LEU C 44 -70.34 76.83 -22.60
N GLU C 45 -70.04 77.81 -21.75
CA GLU C 45 -71.01 78.76 -21.23
C GLU C 45 -70.89 80.06 -22.02
N MET C 46 -71.98 80.52 -22.61
CA MET C 46 -71.98 81.65 -23.55
C MET C 46 -72.61 82.86 -22.88
N TYR C 47 -71.76 83.75 -22.38
CA TYR C 47 -72.18 85.10 -22.02
C TYR C 47 -71.65 86.14 -23.00
N GLU C 48 -72.46 87.16 -23.23
CA GLU C 48 -72.20 88.19 -24.23
C GLU C 48 -70.84 88.84 -24.06
N GLY C 49 -70.59 89.46 -22.91
CA GLY C 49 -69.32 90.13 -22.70
C GLY C 49 -68.23 89.28 -22.10
N TRP C 50 -68.55 88.10 -21.62
CA TRP C 50 -67.59 87.25 -20.91
C TRP C 50 -67.81 85.80 -21.29
N TYR C 51 -66.74 85.03 -21.18
CA TYR C 51 -66.74 83.63 -21.60
C TYR C 51 -66.12 82.79 -20.50
N ARG C 52 -66.84 81.76 -20.05
CA ARG C 52 -66.34 80.80 -19.08
C ARG C 52 -66.46 79.39 -19.66
N GLY C 53 -65.33 78.73 -19.82
CA GLY C 53 -65.33 77.42 -20.45
C GLY C 53 -64.10 76.64 -20.04
N TYR C 54 -64.18 75.35 -20.29
CA TYR C 54 -63.13 74.43 -19.86
C TYR C 54 -61.86 74.67 -20.66
N THR C 55 -60.75 74.89 -19.97
CA THR C 55 -59.50 75.15 -20.65
C THR C 55 -59.06 73.92 -21.42
N LEU C 56 -58.18 74.12 -22.40
CA LEU C 56 -57.57 72.99 -23.09
C LEU C 56 -56.84 72.10 -22.10
N GLN C 57 -56.00 72.71 -21.27
CA GLN C 57 -55.24 71.95 -20.27
C GLN C 57 -56.16 71.32 -19.24
N ASN C 58 -57.16 72.07 -18.78
CA ASN C 58 -58.12 71.58 -17.81
C ASN C 58 -59.51 71.64 -18.45
N LYS C 59 -59.91 70.54 -19.06
CA LYS C 59 -61.23 70.41 -19.67
C LYS C 59 -62.34 70.21 -18.64
N SER C 60 -62.04 70.37 -17.36
CA SER C 60 -63.05 70.26 -16.32
C SER C 60 -63.08 71.49 -15.42
N LYS C 61 -62.34 72.54 -15.75
CA LYS C 61 -62.36 73.78 -15.01
C LYS C 61 -62.68 74.94 -15.95
N LYS C 62 -63.73 75.68 -15.63
CA LYS C 62 -64.13 76.87 -16.37
C LYS C 62 -63.08 77.97 -16.21
N GLY C 63 -63.20 78.99 -17.05
CA GLY C 63 -62.55 80.24 -16.75
C GLY C 63 -63.35 81.42 -17.27
N ILE C 64 -63.81 82.29 -16.38
CA ILE C 64 -64.66 83.41 -16.73
C ILE C 64 -63.73 84.46 -17.32
N PHE C 65 -63.82 84.66 -18.63
CA PHE C 65 -62.82 85.42 -19.35
C PHE C 65 -63.54 86.39 -20.29
N PRO C 66 -63.08 87.64 -20.36
CA PRO C 66 -63.84 88.66 -21.09
C PRO C 66 -63.92 88.35 -22.58
N GLU C 67 -65.02 88.78 -23.19
CA GLU C 67 -65.17 88.63 -24.63
C GLU C 67 -64.08 89.40 -25.38
N THR C 68 -63.77 90.62 -24.93
CA THR C 68 -62.73 91.41 -25.59
C THR C 68 -61.33 90.90 -25.26
N TYR C 69 -61.17 90.25 -24.10
CA TYR C 69 -59.94 89.51 -23.88
C TYR C 69 -59.90 88.23 -24.70
N ILE C 70 -61.07 87.68 -25.05
CA ILE C 70 -61.09 86.51 -25.91
C ILE C 70 -60.82 86.97 -27.34
N HIS C 71 -59.72 86.48 -27.91
CA HIS C 71 -59.55 86.55 -29.36
C HIS C 71 -60.38 85.43 -29.99
N LEU C 72 -61.69 85.68 -30.05
CA LEU C 72 -62.64 84.63 -30.38
C LEU C 72 -62.40 84.12 -31.80
N LYS C 73 -62.63 82.83 -31.99
CA LYS C 73 -62.60 82.20 -33.30
C LYS C 73 -63.70 81.15 -33.30
N GLU C 74 -64.58 81.23 -34.30
CA GLU C 74 -65.91 80.61 -34.17
C GLU C 74 -65.82 79.09 -34.05
N ALA C 75 -64.82 78.48 -34.66
CA ALA C 75 -64.78 77.02 -34.73
C ALA C 75 -64.19 76.42 -33.45
N THR C 76 -64.43 75.12 -33.30
CA THR C 76 -63.80 74.30 -32.27
C THR C 76 -62.47 73.80 -32.83
N VAL C 77 -61.86 72.81 -32.17
CA VAL C 77 -60.50 72.39 -32.50
C VAL C 77 -60.32 72.00 -33.96
N GLU C 78 -61.38 71.51 -34.61
CA GLU C 78 -61.29 71.09 -36.00
C GLU C 78 -61.05 72.29 -36.92
N ASP C 79 -60.91 72.01 -38.21
CA ASP C 79 -60.53 73.05 -39.17
C ASP C 79 -61.39 73.06 -40.43
N LEU C 80 -62.25 72.06 -40.65
CA LEU C 80 -63.03 71.98 -41.87
C LEU C 80 -64.51 72.30 -41.70
N GLY C 81 -65.08 72.12 -40.51
CA GLY C 81 -66.52 72.28 -40.34
C GLY C 81 -67.01 73.65 -40.72
N GLN C 82 -66.36 74.70 -40.21
CA GLN C 82 -66.57 76.06 -40.69
C GLN C 82 -65.41 76.56 -41.54
N HIS C 83 -64.64 75.64 -42.14
CA HIS C 83 -63.53 75.97 -43.03
C HIS C 83 -62.56 76.93 -42.36
N GLU C 84 -62.02 76.48 -41.22
CA GLU C 84 -60.80 77.11 -40.71
C GLU C 84 -59.57 76.57 -41.40
N THR C 85 -59.72 75.53 -42.21
CA THR C 85 -58.70 75.13 -43.16
C THR C 85 -58.42 76.26 -44.14
N VAL C 86 -57.14 76.55 -44.36
CA VAL C 86 -56.74 77.52 -45.37
C VAL C 86 -56.67 76.82 -46.72
N ILE C 87 -56.92 75.51 -46.69
CA ILE C 87 -57.17 74.70 -47.88
C ILE C 87 -57.92 73.48 -47.39
N PRO C 88 -59.05 73.13 -48.01
CA PRO C 88 -59.97 72.17 -47.38
C PRO C 88 -59.36 70.79 -47.22
N GLY C 89 -59.70 70.16 -46.10
CA GLY C 89 -59.42 68.76 -45.87
C GLY C 89 -58.07 68.42 -45.29
N GLU C 90 -57.27 69.42 -44.91
CA GLU C 90 -55.87 69.16 -44.57
C GLU C 90 -55.46 69.70 -43.22
N LEU C 91 -55.93 70.86 -42.81
CA LEU C 91 -55.48 71.41 -41.52
C LEU C 91 -55.85 70.57 -40.30
N PRO C 92 -56.81 69.64 -40.36
CA PRO C 92 -56.83 68.59 -39.34
C PRO C 92 -55.43 68.03 -39.06
N LEU C 93 -54.60 67.92 -40.10
CA LEU C 93 -53.24 67.48 -39.89
C LEU C 93 -52.46 68.46 -39.02
N VAL C 94 -52.66 69.76 -39.21
CA VAL C 94 -51.84 70.70 -38.45
C VAL C 94 -52.28 70.77 -37.00
N GLN C 95 -53.59 70.62 -36.74
CA GLN C 95 -54.04 70.63 -35.35
C GLN C 95 -53.62 69.36 -34.64
N GLU C 96 -53.69 68.21 -35.32
CA GLU C 96 -53.13 67.02 -34.70
C GLU C 96 -51.63 67.18 -34.51
N LEU C 97 -50.97 67.96 -35.37
CA LEU C 97 -49.55 68.25 -35.18
C LEU C 97 -49.34 69.05 -33.91
N THR C 98 -50.18 70.06 -33.68
CA THR C 98 -50.08 70.85 -32.46
C THR C 98 -50.25 69.98 -31.22
N SER C 99 -51.21 69.06 -31.26
CA SER C 99 -51.37 68.12 -30.16
C SER C 99 -50.11 67.28 -29.98
N THR C 100 -49.63 66.70 -31.07
CA THR C 100 -48.39 65.93 -31.02
C THR C 100 -47.28 66.79 -30.45
N LEU C 101 -47.35 68.09 -30.67
CA LEU C 101 -46.31 68.98 -30.20
C LEU C 101 -46.40 69.19 -28.70
N ARG C 102 -47.61 69.32 -28.13
CA ARG C 102 -47.52 69.54 -26.69
C ARG C 102 -47.14 68.24 -26.02
N GLU C 103 -47.35 67.12 -26.72
CA GLU C 103 -46.86 65.85 -26.21
C GLU C 103 -45.34 65.78 -26.33
N TRP C 104 -44.80 66.29 -27.43
CA TRP C 104 -43.36 66.51 -27.53
C TRP C 104 -42.86 67.36 -26.39
N ALA C 105 -43.69 68.28 -25.91
CA ALA C 105 -43.30 69.13 -24.79
C ALA C 105 -42.97 68.29 -23.58
N VAL C 106 -43.88 67.39 -23.20
CA VAL C 106 -43.62 66.58 -22.01
C VAL C 106 -42.50 65.58 -22.26
N ILE C 107 -42.37 65.05 -23.48
CA ILE C 107 -41.29 64.09 -23.68
C ILE C 107 -39.95 64.78 -23.53
N TRP C 108 -39.78 65.96 -24.13
CA TRP C 108 -38.53 66.67 -23.86
C TRP C 108 -38.42 67.02 -22.39
N ARG C 109 -39.55 67.26 -21.73
CA ARG C 109 -39.54 67.49 -20.29
C ARG C 109 -39.03 66.26 -19.56
N LYS C 110 -38.98 65.11 -20.24
CA LYS C 110 -38.28 63.95 -19.73
C LYS C 110 -37.13 63.51 -20.62
N LEU C 111 -36.41 64.44 -21.25
CA LEU C 111 -35.23 64.11 -22.03
C LEU C 111 -33.94 64.72 -21.49
N TYR C 112 -34.03 65.77 -20.68
CA TYR C 112 -32.87 66.27 -19.98
C TYR C 112 -32.62 65.53 -18.68
N VAL C 113 -33.66 64.91 -18.11
CA VAL C 113 -33.48 64.15 -16.89
C VAL C 113 -32.56 62.96 -17.14
N ASN C 114 -32.72 62.29 -18.26
CA ASN C 114 -31.70 61.37 -18.73
C ASN C 114 -30.65 62.15 -19.52
N ASN C 115 -29.44 61.63 -19.58
CA ASN C 115 -28.34 62.31 -20.28
C ASN C 115 -28.15 61.58 -21.61
N LYS C 116 -28.94 61.99 -22.58
CA LYS C 116 -28.95 61.45 -23.94
C LYS C 116 -29.11 62.55 -24.98
N LEU C 117 -28.91 63.79 -24.57
CA LEU C 117 -29.53 64.95 -25.21
C LEU C 117 -29.17 65.13 -26.68
N THR C 118 -28.38 64.24 -27.25
CA THR C 118 -28.22 64.21 -28.70
C THR C 118 -29.55 63.93 -29.39
N LEU C 119 -30.27 62.94 -28.87
CA LEU C 119 -31.62 62.65 -29.35
C LEU C 119 -32.53 63.84 -29.10
N PHE C 120 -32.37 64.47 -27.94
CA PHE C 120 -33.09 65.69 -27.61
C PHE C 120 -32.89 66.74 -28.70
N ARG C 121 -31.64 67.05 -29.04
CA ARG C 121 -31.33 68.08 -30.03
C ARG C 121 -31.85 67.73 -31.41
N GLN C 122 -31.68 66.47 -31.84
CA GLN C 122 -32.23 66.11 -33.13
C GLN C 122 -33.75 66.31 -33.13
N LEU C 123 -34.40 65.94 -32.03
CA LEU C 123 -35.82 66.23 -31.86
C LEU C 123 -36.09 67.72 -32.06
N GLN C 124 -35.31 68.58 -31.40
CA GLN C 124 -35.62 70.01 -31.46
C GLN C 124 -35.44 70.58 -32.85
N GLN C 125 -34.37 70.20 -33.55
CA GLN C 125 -34.20 70.71 -34.91
C GLN C 125 -35.30 70.21 -35.81
N MET C 126 -35.65 68.93 -35.71
CA MET C 126 -36.80 68.43 -36.44
C MET C 126 -38.05 69.21 -36.07
N THR C 127 -38.17 69.63 -34.82
CA THR C 127 -39.37 70.32 -34.36
C THR C 127 -39.41 71.74 -34.88
N TYR C 128 -38.26 72.38 -34.98
CA TYR C 128 -38.19 73.70 -35.61
C TYR C 128 -38.62 73.61 -37.06
N SER C 129 -38.14 72.57 -37.76
CA SER C 129 -38.65 72.31 -39.09
C SER C 129 -40.16 72.08 -39.07
N LEU C 130 -40.64 71.33 -38.10
CA LEU C 130 -42.05 71.02 -37.99
C LEU C 130 -42.88 72.28 -37.80
N ILE C 131 -42.41 73.19 -36.96
CA ILE C 131 -43.20 74.37 -36.64
C ILE C 131 -43.13 75.39 -37.75
N GLU C 132 -41.99 75.50 -38.45
CA GLU C 132 -41.99 76.39 -39.61
C GLU C 132 -42.90 75.84 -40.70
N TRP C 133 -42.90 74.52 -40.89
CA TRP C 133 -43.89 73.92 -41.78
C TRP C 133 -45.30 74.23 -41.29
N ARG C 134 -45.48 74.17 -39.98
CA ARG C 134 -46.78 74.47 -39.38
C ARG C 134 -47.22 75.87 -39.76
N SER C 135 -46.29 76.82 -39.68
CA SER C 135 -46.63 78.21 -39.94
C SER C 135 -46.85 78.45 -41.43
N GLN C 136 -46.07 77.80 -42.29
CA GLN C 136 -46.32 77.99 -43.71
C GLN C 136 -47.61 77.29 -44.12
N ILE C 137 -48.10 76.37 -43.30
CA ILE C 137 -49.44 75.84 -43.47
C ILE C 137 -50.41 76.46 -42.47
N LEU C 138 -50.04 77.61 -41.88
CA LEU C 138 -51.04 78.48 -41.30
C LEU C 138 -51.96 78.99 -42.39
N SER C 139 -51.40 79.36 -43.53
CA SER C 139 -52.13 79.76 -44.72
C SER C 139 -51.79 78.80 -45.86
N GLY C 140 -52.66 78.76 -46.87
CA GLY C 140 -52.49 77.87 -47.99
C GLY C 140 -51.53 78.39 -49.04
N THR C 141 -50.26 78.54 -48.68
CA THR C 141 -49.30 79.18 -49.58
C THR C 141 -48.84 78.24 -50.69
N LEU C 142 -48.57 76.99 -50.37
CA LEU C 142 -47.91 76.09 -51.30
C LEU C 142 -48.85 75.68 -52.44
N PRO C 143 -48.29 75.19 -53.56
CA PRO C 143 -49.13 74.51 -54.55
C PRO C 143 -49.53 73.14 -54.04
N LYS C 144 -50.66 72.64 -54.55
CA LYS C 144 -51.30 71.49 -53.94
C LYS C 144 -50.43 70.25 -53.96
N ASP C 145 -49.62 70.07 -55.01
CA ASP C 145 -48.67 68.97 -55.01
C ASP C 145 -47.61 69.16 -53.94
N GLU C 146 -47.17 70.42 -53.74
CA GLU C 146 -46.28 70.71 -52.64
C GLU C 146 -46.97 70.51 -51.31
N LEU C 147 -48.28 70.75 -51.22
CA LEU C 147 -49.01 70.35 -50.03
C LEU C 147 -48.93 68.85 -49.81
N ALA C 148 -49.08 68.06 -50.86
CA ALA C 148 -48.94 66.61 -50.70
C ALA C 148 -47.56 66.25 -50.20
N GLU C 149 -46.52 66.85 -50.79
CA GLU C 149 -45.15 66.58 -50.37
C GLU C 149 -44.95 66.94 -48.90
N LEU C 150 -45.41 68.13 -48.51
CA LEU C 150 -45.28 68.57 -47.13
C LEU C 150 -46.05 67.65 -46.18
N LYS C 151 -47.25 67.24 -46.56
CA LYS C 151 -48.02 66.36 -45.70
C LYS C 151 -47.26 65.05 -45.48
N LYS C 152 -46.72 64.50 -46.57
CA LYS C 152 -45.88 63.31 -46.45
C LYS C 152 -44.75 63.55 -45.48
N LYS C 153 -44.00 64.63 -45.69
CA LYS C 153 -42.81 64.88 -44.89
C LYS C 153 -43.15 65.05 -43.42
N VAL C 154 -44.18 65.84 -43.13
CA VAL C 154 -44.52 66.15 -41.75
C VAL C 154 -45.08 64.92 -41.05
N THR C 155 -45.94 64.16 -41.73
CA THR C 155 -46.42 62.93 -41.15
C THR C 155 -45.26 61.99 -40.89
N ALA C 156 -44.26 62.01 -41.78
CA ALA C 156 -43.08 61.19 -41.58
C ALA C 156 -42.33 61.62 -40.32
N LYS C 157 -42.14 62.92 -40.13
CA LYS C 157 -41.50 63.38 -38.90
C LYS C 157 -42.31 62.98 -37.68
N ILE C 158 -43.63 63.12 -37.77
CA ILE C 158 -44.52 62.76 -36.67
C ILE C 158 -44.34 61.31 -36.29
N ASP C 159 -44.51 60.40 -37.25
CA ASP C 159 -44.47 58.99 -36.94
C ASP C 159 -43.06 58.55 -36.55
N HIS C 160 -42.05 59.19 -37.14
CA HIS C 160 -40.68 58.91 -36.76
C HIS C 160 -40.45 59.25 -35.30
N GLY C 161 -40.95 60.40 -34.87
CA GLY C 161 -40.89 60.74 -33.45
C GLY C 161 -41.71 59.79 -32.60
N ASN C 162 -42.84 59.32 -33.14
CA ASN C 162 -43.64 58.34 -32.41
C ASN C 162 -42.82 57.10 -32.12
N ARG C 163 -42.17 56.54 -33.13
CA ARG C 163 -41.36 55.36 -32.93
C ARG C 163 -40.15 55.69 -32.06
N MET C 164 -39.69 56.94 -32.07
CA MET C 164 -38.69 57.36 -31.10
C MET C 164 -39.24 57.19 -29.69
N LEU C 165 -40.47 57.61 -29.48
CA LEU C 165 -41.13 57.53 -28.19
C LEU C 165 -41.86 56.22 -27.98
N GLY C 166 -42.10 55.45 -29.03
CA GLY C 166 -43.07 54.38 -28.89
C GLY C 166 -44.44 54.93 -28.65
N LEU C 167 -44.84 55.96 -29.40
CA LEU C 167 -46.19 56.50 -29.29
C LEU C 167 -47.16 55.54 -29.96
N ASP C 168 -48.43 55.92 -30.04
CA ASP C 168 -49.39 55.09 -30.74
C ASP C 168 -49.03 55.10 -32.22
N LEU C 169 -49.71 54.27 -32.99
CA LEU C 169 -49.43 54.15 -34.41
C LEU C 169 -50.61 54.71 -35.19
N VAL C 170 -50.39 55.86 -35.83
CA VAL C 170 -51.43 56.59 -36.53
C VAL C 170 -51.34 56.32 -38.01
N VAL C 171 -52.40 56.72 -38.74
CA VAL C 171 -52.64 56.30 -40.11
C VAL C 171 -53.23 57.45 -40.92
N ARG C 172 -53.53 57.18 -42.19
CA ARG C 172 -53.88 58.20 -43.18
C ARG C 172 -52.74 59.20 -43.36
N ASP C 173 -51.68 58.70 -44.00
CA ASP C 173 -50.45 59.46 -44.22
C ASP C 173 -50.65 60.96 -44.45
N ASP C 174 -51.47 61.33 -45.42
CA ASP C 174 -51.70 62.73 -45.76
C ASP C 174 -53.13 63.14 -45.46
N ASN C 175 -53.46 64.37 -45.90
CA ASN C 175 -54.79 64.97 -45.98
C ASN C 175 -55.71 64.58 -44.83
N GLY C 176 -55.23 64.72 -43.60
CA GLY C 176 -56.08 64.58 -42.44
C GLY C 176 -55.55 63.67 -41.36
N ASN C 177 -54.96 62.54 -41.75
CA ASN C 177 -54.45 61.53 -40.82
C ASN C 177 -55.56 60.96 -39.95
N ILE C 178 -56.78 61.45 -40.15
CA ILE C 178 -57.96 60.93 -39.46
C ILE C 178 -58.88 60.16 -40.38
N LEU C 179 -58.70 60.26 -41.70
CA LEU C 179 -59.52 59.48 -42.62
C LEU C 179 -59.41 58.00 -42.31
N ASP C 180 -58.19 57.48 -42.19
CA ASP C 180 -58.03 56.07 -41.85
C ASP C 180 -58.53 55.72 -40.45
N PRO C 181 -58.16 56.44 -39.39
CA PRO C 181 -58.51 55.95 -38.04
C PRO C 181 -59.95 56.24 -37.65
N ASP C 182 -60.81 56.52 -38.61
CA ASP C 182 -62.21 56.77 -38.33
C ASP C 182 -63.02 55.49 -38.12
N GLU C 183 -62.36 54.36 -37.90
CA GLU C 183 -62.99 53.06 -37.63
C GLU C 183 -64.17 52.79 -38.56
N THR C 184 -63.85 52.61 -39.84
CA THR C 184 -64.87 52.27 -40.82
C THR C 184 -64.71 50.88 -41.40
N SER C 185 -63.49 50.36 -41.50
CA SER C 185 -63.31 48.99 -41.98
C SER C 185 -62.30 48.26 -41.10
N THR C 186 -61.84 47.09 -41.54
CA THR C 186 -60.95 46.28 -40.72
C THR C 186 -59.62 46.01 -41.39
N ILE C 187 -59.61 45.50 -42.63
CA ILE C 187 -58.35 45.08 -43.21
C ILE C 187 -57.76 46.20 -44.06
N ALA C 188 -58.59 47.10 -44.57
CA ALA C 188 -58.02 48.34 -45.06
C ALA C 188 -57.24 49.01 -43.94
N LEU C 189 -57.79 48.98 -42.73
CA LEU C 189 -57.06 49.42 -41.55
C LEU C 189 -55.85 48.54 -41.29
N PHE C 190 -55.99 47.23 -41.49
CA PHE C 190 -54.86 46.35 -41.24
C PHE C 190 -53.68 46.69 -42.15
N LYS C 191 -53.96 46.86 -43.44
CA LYS C 191 -52.91 47.17 -44.38
C LYS C 191 -52.40 48.59 -44.19
N ALA C 192 -53.22 49.51 -43.71
CA ALA C 192 -52.69 50.79 -43.27
C ALA C 192 -51.64 50.59 -42.19
N HIS C 193 -51.96 49.74 -41.20
CA HIS C 193 -51.00 49.42 -40.15
C HIS C 193 -49.74 48.79 -40.73
N GLU C 194 -49.93 47.89 -41.69
CA GLU C 194 -48.79 47.20 -42.29
C GLU C 194 -47.90 48.18 -43.04
N VAL C 195 -48.51 49.07 -43.81
CA VAL C 195 -47.75 50.08 -44.56
C VAL C 195 -47.00 50.99 -43.59
N ALA C 196 -47.64 51.33 -42.47
CA ALA C 196 -46.95 52.14 -41.47
C ALA C 196 -45.75 51.40 -40.91
N SER C 197 -45.89 50.11 -40.61
CA SER C 197 -44.75 49.35 -40.11
C SER C 197 -43.66 49.24 -41.16
N LYS C 198 -44.06 49.22 -42.43
CA LYS C 198 -43.08 49.27 -43.50
C LYS C 198 -42.36 50.61 -43.52
N ARG C 199 -43.10 51.69 -43.27
CA ARG C 199 -42.45 52.99 -43.13
C ARG C 199 -41.46 52.98 -41.97
N ILE C 200 -41.78 52.23 -40.92
CA ILE C 200 -40.89 52.12 -39.78
C ILE C 200 -39.61 51.40 -40.18
N GLU C 201 -39.74 50.28 -40.91
CA GLU C 201 -38.55 49.62 -41.43
C GLU C 201 -37.78 50.56 -42.35
N GLU C 202 -38.49 51.28 -43.22
CA GLU C 202 -37.85 52.28 -44.07
C GLU C 202 -36.99 53.21 -43.25
N LYS C 203 -37.54 53.75 -42.17
CA LYS C 203 -36.82 54.78 -41.44
C LYS C 203 -35.67 54.21 -40.63
N ILE C 204 -35.85 53.05 -40.00
CA ILE C 204 -34.75 52.48 -39.25
C ILE C 204 -33.59 52.14 -40.20
N GLN C 205 -33.89 51.53 -41.34
CA GLN C 205 -32.82 51.17 -42.26
C GLN C 205 -32.20 52.40 -42.90
N GLU C 206 -33.00 53.46 -43.13
CA GLU C 206 -32.45 54.64 -43.78
C GLU C 206 -31.60 55.46 -42.82
N GLU C 207 -32.00 55.53 -41.54
CA GLU C 207 -31.12 56.17 -40.57
C GLU C 207 -29.83 55.37 -40.40
N LYS C 208 -29.92 54.04 -40.52
CA LYS C 208 -28.69 53.25 -40.48
C LYS C 208 -27.81 53.55 -41.69
N SER C 209 -28.41 53.68 -42.87
CA SER C 209 -27.66 53.86 -44.11
C SER C 209 -27.19 55.29 -44.33
N ILE C 210 -27.72 56.26 -43.59
CA ILE C 210 -27.30 57.64 -43.72
C ILE C 210 -26.50 58.14 -42.52
N LEU C 211 -26.73 57.63 -41.31
CA LEU C 211 -25.99 58.11 -40.14
C LEU C 211 -24.77 57.24 -39.86
N GLN C 212 -24.68 56.07 -40.49
CA GLN C 212 -23.52 55.18 -40.35
C GLN C 212 -22.80 54.99 -41.68
N ASN C 213 -23.54 54.81 -42.77
CA ASN C 213 -23.00 54.95 -44.11
C ASN C 213 -23.37 56.33 -44.66
N LEU C 214 -22.60 56.79 -45.66
CA LEU C 214 -22.92 58.06 -46.28
C LEU C 214 -22.79 58.04 -47.80
N ASP C 215 -22.93 56.88 -48.45
CA ASP C 215 -22.83 56.80 -49.91
C ASP C 215 -23.94 56.00 -50.56
N LEU C 216 -24.61 55.11 -49.83
CA LEU C 216 -25.76 54.40 -50.38
C LEU C 216 -26.89 55.36 -50.75
N ARG C 217 -26.96 56.50 -50.06
CA ARG C 217 -27.99 57.48 -50.35
C ARG C 217 -27.90 57.96 -51.79
N GLY C 218 -26.70 57.96 -52.36
CA GLY C 218 -26.58 58.27 -53.78
C GLY C 218 -27.37 57.31 -54.65
N GLN C 219 -27.27 56.00 -54.36
CA GLN C 219 -28.08 55.02 -55.07
C GLN C 219 -29.57 55.24 -54.81
N SER C 220 -29.93 55.52 -53.55
CA SER C 220 -31.34 55.70 -53.22
C SER C 220 -31.94 56.86 -54.00
N ILE C 221 -31.18 57.94 -54.18
CA ILE C 221 -31.70 59.11 -54.88
C ILE C 221 -31.65 58.92 -56.39
N PHE C 222 -30.61 58.24 -56.90
CA PHE C 222 -30.46 58.12 -58.35
C PHE C 222 -31.23 56.95 -58.95
N SER C 223 -31.84 56.08 -58.13
CA SER C 223 -32.56 54.94 -58.67
C SER C 223 -33.75 55.36 -59.55
N THR C 224 -34.56 56.30 -59.06
CA THR C 224 -35.86 56.60 -59.65
C THR C 224 -35.79 57.06 -61.09
N ILE C 225 -35.20 58.23 -61.30
CA ILE C 225 -35.24 58.90 -62.60
C ILE C 225 -33.88 58.79 -63.29
N HIS C 226 -33.90 58.73 -64.63
CA HIS C 226 -32.70 58.42 -65.38
C HIS C 226 -32.29 59.54 -66.34
N THR C 227 -32.39 60.80 -65.94
CA THR C 227 -31.73 61.91 -66.61
C THR C 227 -30.94 62.70 -65.57
N TYR C 228 -29.67 62.91 -65.84
CA TYR C 228 -28.81 63.66 -64.93
C TYR C 228 -28.03 64.71 -65.72
N GLY C 229 -27.74 65.82 -65.05
CA GLY C 229 -26.99 66.89 -65.67
C GLY C 229 -25.68 67.16 -64.97
N LEU C 230 -24.56 66.88 -65.64
CA LEU C 230 -23.25 67.10 -65.05
C LEU C 230 -22.91 68.57 -65.15
N TYR C 231 -23.05 69.30 -64.03
CA TYR C 231 -22.87 70.74 -64.04
C TYR C 231 -21.40 71.08 -63.81
N VAL C 232 -20.83 71.86 -64.72
CA VAL C 232 -19.42 72.26 -64.67
C VAL C 232 -19.36 73.78 -64.80
N ASN C 233 -18.71 74.43 -63.83
CA ASN C 233 -18.65 75.89 -63.77
C ASN C 233 -17.22 76.33 -64.03
N PHE C 234 -16.94 76.64 -65.30
CA PHE C 234 -15.60 77.04 -65.73
C PHE C 234 -15.35 78.52 -65.45
N LYS C 235 -14.11 78.83 -65.08
CA LYS C 235 -13.76 80.18 -64.65
C LYS C 235 -12.88 80.90 -65.66
N ASN C 236 -11.69 80.38 -65.96
CA ASN C 236 -10.78 80.95 -66.94
C ASN C 236 -9.61 80.01 -67.12
N PHE C 237 -9.21 79.78 -68.37
CA PHE C 237 -8.03 78.97 -68.65
C PHE C 237 -6.79 79.79 -68.29
N VAL C 238 -6.13 79.41 -67.20
CA VAL C 238 -5.08 80.26 -66.63
C VAL C 238 -3.77 80.01 -67.36
N CYS C 239 -3.58 80.75 -68.46
CA CYS C 239 -2.33 80.76 -69.22
C CYS C 239 -2.44 81.77 -70.34
N ASN C 240 -1.34 81.99 -71.05
CA ASN C 240 -1.32 82.88 -72.21
C ASN C 240 -1.38 82.05 -73.48
N ILE C 241 -2.39 82.32 -74.30
CA ILE C 241 -2.51 81.75 -75.64
C ILE C 241 -1.92 82.69 -76.68
N GLY C 242 -1.94 84.00 -76.40
CA GLY C 242 -1.47 84.98 -77.35
C GLY C 242 -2.23 84.99 -78.66
N GLU C 243 -3.43 84.41 -78.68
CA GLU C 243 -4.13 84.14 -79.92
C GLU C 243 -5.55 83.73 -79.58
N ASP C 244 -6.43 83.81 -80.58
CA ASP C 244 -7.80 83.34 -80.40
C ASP C 244 -7.80 81.86 -80.08
N ALA C 245 -8.94 81.35 -79.62
CA ALA C 245 -9.04 79.94 -79.29
C ALA C 245 -10.49 79.48 -79.24
N GLU C 246 -10.68 78.16 -79.34
CA GLU C 246 -11.97 77.52 -79.19
C GLU C 246 -11.89 76.55 -78.02
N LEU C 247 -12.83 76.65 -77.09
CA LEU C 247 -12.92 75.74 -75.96
C LEU C 247 -14.13 74.83 -76.14
N PHE C 248 -13.87 73.59 -76.56
CA PHE C 248 -14.88 72.54 -76.57
C PHE C 248 -14.70 71.71 -75.32
N MET C 249 -15.78 71.14 -74.81
CA MET C 249 -15.74 70.17 -73.72
C MET C 249 -16.96 69.27 -73.85
N ALA C 250 -16.75 67.96 -73.72
CA ALA C 250 -17.83 67.00 -73.82
C ALA C 250 -17.58 65.84 -72.89
N LEU C 251 -18.51 64.88 -72.90
CA LEU C 251 -18.33 63.63 -72.20
C LEU C 251 -17.75 62.58 -73.14
N TYR C 252 -16.62 62.02 -72.75
CA TYR C 252 -15.99 60.93 -73.46
C TYR C 252 -15.81 59.76 -72.50
N ASP C 253 -16.03 58.56 -73.00
CA ASP C 253 -16.01 57.36 -72.16
C ASP C 253 -14.71 56.59 -72.41
N PRO C 254 -13.78 56.58 -71.45
CA PRO C 254 -12.58 55.75 -71.63
C PRO C 254 -12.90 54.27 -71.75
N ASP C 255 -14.01 53.82 -71.17
CA ASP C 255 -14.47 52.46 -71.40
C ASP C 255 -14.89 52.25 -72.85
N GLN C 256 -15.72 53.15 -73.37
CA GLN C 256 -16.20 53.09 -74.75
C GLN C 256 -15.22 53.62 -75.76
N SER C 257 -14.18 54.34 -75.32
CA SER C 257 -13.23 55.04 -76.19
C SER C 257 -13.96 55.88 -77.23
N THR C 258 -15.14 56.38 -76.89
CA THR C 258 -15.92 57.24 -77.77
C THR C 258 -16.50 58.38 -76.94
N PHE C 259 -16.77 59.50 -77.62
CA PHE C 259 -17.45 60.61 -76.98
C PHE C 259 -18.89 60.20 -76.63
N ILE C 260 -19.47 60.91 -75.66
CA ILE C 260 -20.80 60.57 -75.17
C ILE C 260 -21.77 61.70 -75.50
N SER C 261 -21.36 62.94 -75.26
CA SER C 261 -22.15 64.11 -75.58
C SER C 261 -21.40 64.98 -76.59
N GLU C 262 -22.09 66.01 -77.08
CA GLU C 262 -21.46 66.98 -77.97
C GLU C 262 -20.68 68.00 -77.16
N ASN C 263 -19.92 68.83 -77.86
CA ASN C 263 -18.87 69.62 -77.24
C ASN C 263 -19.40 70.97 -76.78
N TYR C 264 -19.32 71.22 -75.47
CA TYR C 264 -19.66 72.53 -74.93
C TYR C 264 -18.63 73.56 -75.38
N LEU C 265 -19.05 74.47 -76.24
CA LEU C 265 -18.16 75.40 -76.91
C LEU C 265 -18.03 76.70 -76.14
N ILE C 266 -16.80 77.21 -76.06
CA ILE C 266 -16.49 78.54 -75.54
C ILE C 266 -15.52 79.20 -76.50
N ARG C 267 -15.75 80.49 -76.78
CA ARG C 267 -14.80 81.26 -77.55
C ARG C 267 -13.79 81.92 -76.61
N TRP C 268 -12.52 81.98 -77.05
CA TRP C 268 -11.46 82.47 -76.19
C TRP C 268 -10.63 83.54 -76.90
N GLY C 269 -10.09 84.46 -76.10
CA GLY C 269 -9.27 85.53 -76.63
C GLY C 269 -7.78 85.27 -76.49
N SER C 270 -7.00 86.29 -76.87
CA SER C 270 -5.55 86.18 -76.95
C SER C 270 -4.86 86.24 -75.59
N ASN C 271 -5.31 87.08 -74.66
CA ASN C 271 -4.60 87.33 -73.42
C ASN C 271 -5.08 86.47 -72.26
N GLY C 272 -5.51 85.24 -72.53
CA GLY C 272 -6.11 84.44 -71.48
C GLY C 272 -7.42 84.99 -70.98
N MET C 273 -8.04 85.88 -71.75
CA MET C 273 -9.33 86.44 -71.46
C MET C 273 -10.36 85.82 -72.39
N PRO C 274 -11.54 85.45 -71.89
CA PRO C 274 -12.58 84.90 -72.77
C PRO C 274 -12.95 85.88 -73.88
N LYS C 275 -13.18 85.34 -75.08
CA LYS C 275 -13.65 86.15 -76.19
C LYS C 275 -14.98 86.82 -75.87
N GLU C 276 -15.83 86.14 -75.12
CA GLU C 276 -17.13 86.67 -74.70
C GLU C 276 -17.04 86.97 -73.21
N ILE C 277 -17.28 88.22 -72.84
CA ILE C 277 -17.02 88.69 -71.49
C ILE C 277 -18.23 88.64 -70.57
N GLU C 278 -19.45 88.74 -71.12
CA GLU C 278 -20.65 88.65 -70.29
C GLU C 278 -20.76 87.30 -69.61
N LYS C 279 -20.12 86.28 -70.16
CA LYS C 279 -20.10 84.95 -69.54
C LYS C 279 -19.02 84.80 -68.50
N LEU C 280 -18.49 85.90 -67.95
CA LEU C 280 -17.50 85.82 -66.89
C LEU C 280 -18.09 85.15 -65.65
N ASN C 281 -19.34 85.49 -65.32
CA ASN C 281 -20.07 84.75 -64.30
C ASN C 281 -21.04 83.75 -64.93
N ASN C 282 -20.96 83.54 -66.24
CA ASN C 282 -21.95 82.77 -66.98
C ASN C 282 -21.33 81.79 -68.00
N LEU C 283 -20.22 81.14 -67.63
CA LEU C 283 -19.77 79.95 -68.35
C LEU C 283 -20.07 78.70 -67.54
N GLN C 284 -21.28 78.18 -67.68
CA GLN C 284 -21.79 77.07 -66.89
C GLN C 284 -22.08 75.90 -67.81
N ALA C 285 -21.48 74.75 -67.53
CA ALA C 285 -21.54 73.59 -68.42
C ALA C 285 -22.33 72.46 -67.77
N VAL C 286 -23.51 72.19 -68.32
CA VAL C 286 -24.36 71.10 -67.85
C VAL C 286 -24.51 70.10 -68.98
N PHE C 287 -24.14 68.85 -68.72
CA PHE C 287 -24.21 67.78 -69.71
C PHE C 287 -25.36 66.86 -69.30
N THR C 288 -26.44 66.89 -70.07
CA THR C 288 -27.70 66.30 -69.66
C THR C 288 -27.89 64.92 -70.29
N ASP C 289 -29.10 64.36 -70.11
CA ASP C 289 -29.53 63.08 -70.65
C ASP C 289 -28.75 61.90 -70.11
N LEU C 290 -28.04 62.06 -69.00
CA LEU C 290 -27.37 60.92 -68.36
C LEU C 290 -28.42 59.96 -67.83
N SER C 291 -28.40 58.73 -68.33
CA SER C 291 -29.23 57.68 -67.77
C SER C 291 -28.44 56.97 -66.67
N SER C 292 -29.10 55.98 -66.05
CA SER C 292 -28.41 55.17 -65.04
C SER C 292 -27.17 54.53 -65.64
N MET C 293 -27.26 54.13 -66.91
CA MET C 293 -26.10 53.55 -67.59
C MET C 293 -24.98 54.59 -67.72
N ASP C 294 -25.34 55.86 -67.90
CA ASP C 294 -24.34 56.91 -68.04
C ASP C 294 -23.56 57.13 -66.75
N LEU C 295 -24.09 56.65 -65.62
CA LEU C 295 -23.36 56.78 -64.37
C LEU C 295 -22.68 55.49 -63.98
N ILE C 296 -23.44 54.38 -63.96
CA ILE C 296 -22.97 53.13 -63.37
C ILE C 296 -21.77 52.53 -64.08
N ARG C 297 -21.27 53.16 -65.15
CA ARG C 297 -20.04 52.70 -65.77
C ARG C 297 -18.86 52.94 -64.83
N PRO C 298 -17.86 52.06 -64.84
CA PRO C 298 -16.70 52.22 -63.95
C PRO C 298 -15.98 53.55 -64.12
N ARG C 299 -15.84 54.03 -65.35
CA ARG C 299 -14.98 55.16 -65.66
C ARG C 299 -15.48 55.91 -66.89
N VAL C 300 -15.86 57.16 -66.70
CA VAL C 300 -16.13 58.09 -67.80
C VAL C 300 -15.28 59.33 -67.55
N SER C 301 -15.16 60.18 -68.56
CA SER C 301 -14.21 61.28 -68.46
C SER C 301 -14.80 62.57 -68.99
N LEU C 302 -14.50 63.66 -68.28
CA LEU C 302 -14.78 65.00 -68.78
C LEU C 302 -13.58 65.49 -69.57
N VAL C 303 -13.71 65.54 -70.88
CA VAL C 303 -12.59 65.78 -71.78
C VAL C 303 -12.67 67.21 -72.29
N CYS C 304 -11.85 68.08 -71.72
CA CYS C 304 -11.85 69.50 -72.03
C CYS C 304 -10.71 69.84 -72.99
N GLN C 305 -11.04 70.59 -74.04
CA GLN C 305 -10.07 70.91 -75.07
C GLN C 305 -10.10 72.41 -75.36
N ILE C 306 -8.95 72.94 -75.77
CA ILE C 306 -8.84 74.29 -76.29
C ILE C 306 -8.20 74.18 -77.66
N VAL C 307 -8.66 75.00 -78.61
CA VAL C 307 -8.18 75.01 -79.98
C VAL C 307 -7.83 76.43 -80.38
N ARG C 308 -6.53 76.70 -80.52
CA ARG C 308 -6.01 78.06 -80.73
C ARG C 308 -6.21 78.50 -82.17
N VAL C 309 -7.38 79.09 -82.44
CA VAL C 309 -7.64 79.69 -83.74
C VAL C 309 -6.80 80.96 -83.87
N GLY C 310 -6.56 81.38 -85.12
CA GLY C 310 -5.77 82.56 -85.36
C GLY C 310 -4.71 82.35 -86.41
N HIS C 311 -3.44 82.44 -86.02
CA HIS C 311 -2.31 82.38 -86.93
C HIS C 311 -1.94 80.94 -87.24
N MET C 312 -1.40 80.73 -88.44
CA MET C 312 -0.90 79.42 -88.84
C MET C 312 0.11 78.88 -87.84
N GLU C 313 1.14 79.66 -87.53
CA GLU C 313 2.11 79.32 -86.50
C GLU C 313 2.25 80.50 -85.56
N LEU C 314 2.65 80.21 -84.33
CA LEU C 314 3.04 81.25 -83.37
C LEU C 314 4.50 81.60 -83.68
N LYS C 315 4.76 81.84 -84.97
CA LYS C 315 6.06 82.23 -85.49
C LYS C 315 5.87 83.46 -86.34
N GLU C 316 6.71 84.46 -86.12
CA GLU C 316 6.62 85.73 -86.82
C GLU C 316 7.54 85.73 -88.03
N GLY C 317 7.29 86.67 -88.94
CA GLY C 317 8.07 86.81 -90.15
C GLY C 317 7.20 87.01 -91.36
N LYS C 318 6.03 86.36 -91.39
CA LYS C 318 5.03 86.54 -92.43
C LYS C 318 3.65 86.30 -91.83
N LYS C 319 2.67 87.04 -92.34
CA LYS C 319 1.35 87.05 -91.73
C LYS C 319 0.63 85.73 -91.92
N HIS C 320 -0.36 85.49 -91.08
CA HIS C 320 -1.18 84.29 -91.12
C HIS C 320 -2.65 84.68 -91.03
N THR C 321 -3.47 84.05 -91.88
CA THR C 321 -4.87 84.41 -92.04
C THR C 321 -5.68 84.25 -90.76
N CYS C 322 -6.48 85.26 -90.42
CA CYS C 322 -7.36 85.15 -89.26
C CYS C 322 -8.39 84.04 -89.47
N GLY C 323 -8.58 83.24 -88.42
CA GLY C 323 -9.48 82.11 -88.52
C GLY C 323 -8.81 80.80 -88.87
N LEU C 324 -7.48 80.77 -88.98
CA LEU C 324 -6.76 79.54 -89.24
C LEU C 324 -6.81 78.66 -87.99
N ARG C 325 -7.83 77.80 -87.92
CA ARG C 325 -8.05 76.99 -86.73
C ARG C 325 -6.98 75.91 -86.63
N ARG C 326 -6.17 75.99 -85.58
CA ARG C 326 -5.07 75.06 -85.37
C ARG C 326 -5.26 74.38 -84.02
N PRO C 327 -4.87 73.11 -83.87
CA PRO C 327 -5.10 72.41 -82.61
C PRO C 327 -4.27 73.00 -81.48
N PHE C 328 -4.80 72.91 -80.26
CA PHE C 328 -4.12 73.46 -79.09
C PHE C 328 -4.09 72.46 -77.93
N GLY C 329 -4.73 71.29 -78.08
CA GLY C 329 -4.55 70.20 -77.14
C GLY C 329 -5.85 69.69 -76.59
N VAL C 330 -5.73 68.69 -75.70
CA VAL C 330 -6.86 68.00 -75.09
C VAL C 330 -6.54 67.75 -73.62
N ALA C 331 -7.54 67.97 -72.75
CA ALA C 331 -7.41 67.66 -71.33
C ALA C 331 -8.51 66.70 -70.92
N VAL C 332 -8.13 65.69 -70.14
CA VAL C 332 -9.02 64.61 -69.73
C VAL C 332 -8.77 64.29 -68.26
N MET C 333 -9.83 63.98 -67.52
CA MET C 333 -9.69 63.37 -66.20
C MET C 333 -10.81 62.37 -65.97
N ASP C 334 -10.54 61.40 -65.09
CA ASP C 334 -11.59 60.52 -64.58
C ASP C 334 -12.59 61.35 -63.77
N ILE C 335 -13.86 61.17 -64.09
CA ILE C 335 -14.93 61.88 -63.41
C ILE C 335 -15.93 60.93 -62.77
N THR C 336 -15.52 59.69 -62.50
CA THR C 336 -16.41 58.75 -61.83
C THR C 336 -16.83 59.26 -60.46
N ASP C 337 -15.87 59.76 -59.68
CA ASP C 337 -16.20 60.45 -58.43
C ASP C 337 -17.05 61.69 -58.71
N ILE C 338 -16.94 62.24 -59.92
CA ILE C 338 -17.63 63.47 -60.25
C ILE C 338 -19.01 63.18 -60.82
N ILE C 339 -19.14 62.12 -61.62
CA ILE C 339 -20.46 61.73 -62.10
C ILE C 339 -21.30 61.15 -60.97
N HIS C 340 -20.68 60.40 -60.06
CA HIS C 340 -21.43 59.80 -58.96
C HIS C 340 -21.61 60.76 -57.79
N GLY C 341 -21.04 61.96 -57.87
CA GLY C 341 -21.25 62.95 -56.83
C GLY C 341 -20.36 62.81 -55.61
N LYS C 342 -19.25 62.06 -55.72
CA LYS C 342 -18.34 61.96 -54.58
C LYS C 342 -17.76 63.32 -54.21
N VAL C 343 -17.54 64.18 -55.21
CA VAL C 343 -17.23 65.59 -54.94
C VAL C 343 -18.56 66.34 -54.98
N ASP C 344 -19.15 66.55 -53.81
CA ASP C 344 -20.47 67.17 -53.69
C ASP C 344 -20.32 68.47 -52.90
N ASP C 345 -19.94 69.53 -53.60
CA ASP C 345 -19.81 70.84 -52.98
C ASP C 345 -19.81 71.94 -54.04
N GLU C 346 -20.33 73.12 -53.69
CA GLU C 346 -20.38 74.21 -54.65
C GLU C 346 -19.05 74.97 -54.71
N GLU C 347 -18.16 74.71 -53.75
CA GLU C 347 -16.96 75.54 -53.65
C GLU C 347 -15.68 74.77 -53.95
N LYS C 348 -15.74 73.59 -54.55
CA LYS C 348 -14.51 72.92 -54.97
C LYS C 348 -14.17 73.34 -56.39
N GLN C 349 -13.38 74.40 -56.52
CA GLN C 349 -12.89 74.85 -57.82
C GLN C 349 -11.75 73.92 -58.25
N HIS C 350 -12.09 72.97 -59.10
CA HIS C 350 -11.13 71.95 -59.53
C HIS C 350 -10.13 72.52 -60.52
N PHE C 351 -8.85 72.52 -60.16
CA PHE C 351 -7.82 72.84 -61.12
C PHE C 351 -7.73 71.72 -62.14
N ILE C 352 -7.85 72.08 -63.42
CA ILE C 352 -7.71 71.14 -64.53
C ILE C 352 -6.45 71.51 -65.29
N PRO C 353 -5.33 70.82 -65.06
CA PRO C 353 -4.15 71.04 -65.91
C PRO C 353 -4.43 70.61 -67.34
N PHE C 354 -4.35 71.57 -68.26
CA PHE C 354 -4.58 71.33 -69.68
C PHE C 354 -3.24 71.21 -70.38
N GLN C 355 -3.16 70.29 -71.34
CA GLN C 355 -1.90 69.90 -71.95
C GLN C 355 -2.06 69.86 -73.46
N GLN C 356 -1.03 70.30 -74.18
CA GLN C 356 -1.01 70.22 -75.63
C GLN C 356 -0.05 69.13 -76.09
N ILE C 357 -0.26 68.66 -77.32
CA ILE C 357 0.70 67.77 -77.95
C ILE C 357 2.05 68.45 -77.89
N ALA C 358 3.06 67.73 -77.43
CA ALA C 358 4.31 68.33 -76.99
C ALA C 358 5.09 68.90 -78.17
N MET C 359 5.40 70.20 -78.10
CA MET C 359 6.45 70.78 -78.95
C MET C 359 7.78 70.72 -78.20
N GLU C 360 8.12 69.52 -77.76
CA GLU C 360 9.34 69.30 -76.96
C GLU C 360 10.56 69.26 -77.88
N THR C 361 10.84 70.40 -78.49
CA THR C 361 12.01 70.58 -79.34
C THR C 361 12.65 71.93 -79.02
N TYR C 362 12.75 72.23 -77.73
CA TYR C 362 13.37 73.47 -77.28
C TYR C 362 14.60 73.23 -76.43
N ILE C 363 14.49 72.36 -75.43
CA ILE C 363 15.61 72.06 -74.53
C ILE C 363 16.55 71.09 -75.22
N ARG C 364 16.01 70.24 -76.09
CA ARG C 364 16.73 69.07 -76.54
C ARG C 364 17.52 69.31 -77.82
N GLN C 365 17.78 70.57 -78.19
CA GLN C 365 18.58 70.87 -79.37
C GLN C 365 19.91 71.50 -79.03
N ARG C 366 19.96 72.35 -77.99
CA ARG C 366 21.14 73.15 -77.71
C ARG C 366 22.34 72.31 -77.33
N GLN C 367 22.14 71.05 -76.93
CA GLN C 367 23.21 70.19 -76.46
C GLN C 367 23.32 68.97 -77.36
N LEU C 368 24.05 69.10 -78.46
CA LEU C 368 24.36 67.97 -79.34
C LEU C 368 25.66 68.29 -80.07
N ILE C 369 26.77 67.74 -79.56
CA ILE C 369 28.08 67.89 -80.15
C ILE C 369 28.76 66.52 -80.11
N MET C 370 29.87 66.41 -80.85
CA MET C 370 30.80 65.29 -80.90
C MET C 370 30.25 64.10 -81.67
N SER C 371 28.96 64.07 -82.03
CA SER C 371 28.44 63.04 -82.93
C SER C 371 27.07 63.45 -83.47
N PRO C 372 26.97 64.56 -84.21
CA PRO C 372 25.66 64.98 -84.75
C PRO C 372 25.33 64.27 -86.04
N LEU C 373 24.36 63.34 -85.99
CA LEU C 373 23.81 62.72 -87.19
C LEU C 373 22.33 62.42 -86.91
N ILE C 374 21.48 63.36 -87.26
CA ILE C 374 20.04 63.24 -87.01
C ILE C 374 19.27 63.85 -88.19
N THR C 375 18.19 63.20 -88.61
CA THR C 375 17.26 63.72 -89.60
C THR C 375 15.85 63.54 -89.07
N SER C 376 15.37 64.52 -88.30
CA SER C 376 14.09 64.43 -87.63
C SER C 376 13.03 65.25 -88.37
N HIS C 377 11.87 64.63 -88.56
CA HIS C 377 10.74 65.27 -89.22
C HIS C 377 9.57 65.38 -88.25
N VAL C 378 8.63 66.26 -88.61
CA VAL C 378 7.66 66.82 -87.67
C VAL C 378 6.63 65.74 -87.33
N ILE C 379 6.80 65.10 -86.17
CA ILE C 379 5.66 64.55 -85.43
C ILE C 379 5.78 65.04 -83.99
N GLY C 380 5.22 66.22 -83.72
CA GLY C 380 5.08 66.72 -82.36
C GLY C 380 3.70 67.33 -82.20
N GLU C 381 3.04 67.51 -83.34
CA GLU C 381 1.63 67.81 -83.42
C GLU C 381 0.93 66.96 -84.47
N ASN C 382 1.67 66.46 -85.47
CA ASN C 382 1.22 65.43 -86.40
C ASN C 382 0.88 64.11 -85.71
N GLU C 383 1.14 64.03 -84.41
CA GLU C 383 0.66 62.89 -83.63
C GLU C 383 -0.85 62.86 -83.68
N PRO C 384 -1.46 61.75 -84.07
CA PRO C 384 -2.91 61.72 -84.29
C PRO C 384 -3.68 62.08 -83.02
N LEU C 385 -4.78 62.82 -83.20
CA LEU C 385 -5.62 63.18 -82.07
C LEU C 385 -6.18 61.96 -81.36
N THR C 386 -6.39 60.85 -82.09
CA THR C 386 -6.63 59.58 -81.43
C THR C 386 -5.45 59.20 -80.55
N SER C 387 -4.22 59.31 -81.09
CA SER C 387 -3.04 58.94 -80.32
C SER C 387 -2.78 59.91 -79.17
N VAL C 388 -3.10 61.20 -79.36
CA VAL C 388 -2.91 62.17 -78.28
C VAL C 388 -3.92 61.94 -77.16
N LEU C 389 -5.18 61.71 -77.53
CA LEU C 389 -6.19 61.41 -76.52
C LEU C 389 -5.88 60.08 -75.84
N ASN C 390 -5.25 59.15 -76.55
CA ASN C 390 -4.81 57.90 -75.92
C ASN C 390 -3.63 58.13 -74.97
N LYS C 391 -2.73 59.05 -75.33
CA LYS C 391 -1.66 59.41 -74.41
C LYS C 391 -2.24 59.99 -73.12
N VAL C 392 -3.22 60.87 -73.24
CA VAL C 392 -3.89 61.39 -72.06
C VAL C 392 -4.63 60.28 -71.32
N ILE C 393 -5.12 59.27 -72.04
CA ILE C 393 -5.71 58.09 -71.40
C ILE C 393 -4.67 57.40 -70.52
N ALA C 394 -3.47 57.20 -71.07
CA ALA C 394 -2.40 56.53 -70.32
C ALA C 394 -1.77 57.48 -69.30
N ALA C 395 -1.68 58.76 -69.63
CA ALA C 395 -1.03 59.72 -68.73
C ALA C 395 -1.80 59.82 -67.42
N LYS C 396 -1.05 59.94 -66.32
CA LYS C 396 -1.61 60.09 -64.99
C LYS C 396 -1.18 61.39 -64.32
N GLU C 397 -0.04 61.96 -64.71
CA GLU C 397 0.37 63.29 -64.32
C GLU C 397 0.51 64.15 -65.56
N VAL C 398 0.08 65.41 -65.47
CA VAL C 398 0.03 66.31 -66.60
C VAL C 398 1.09 67.39 -66.39
N ASN C 399 1.98 67.55 -67.38
CA ASN C 399 2.98 68.61 -67.37
C ASN C 399 2.39 69.90 -67.93
N HIS C 400 1.43 70.45 -67.20
CA HIS C 400 0.80 71.70 -67.60
C HIS C 400 1.73 72.89 -67.36
N LYS C 401 2.42 72.91 -66.22
CA LYS C 401 3.26 74.03 -65.80
C LYS C 401 2.47 75.34 -65.82
N GLY C 402 1.47 75.42 -64.94
CA GLY C 402 0.65 76.60 -64.80
C GLY C 402 -0.50 76.69 -65.79
N GLN C 403 -0.41 76.01 -66.93
CA GLN C 403 -1.44 76.08 -67.97
C GLN C 403 -2.60 75.19 -67.53
N GLY C 404 -3.51 75.76 -66.74
CA GLY C 404 -4.66 75.01 -66.29
C GLY C 404 -5.90 75.88 -66.21
N LEU C 405 -7.03 75.20 -66.09
CA LEU C 405 -8.33 75.86 -65.96
C LEU C 405 -9.05 75.29 -64.75
N TRP C 406 -10.02 76.07 -64.24
CA TRP C 406 -10.65 75.76 -62.96
C TRP C 406 -12.15 75.60 -63.18
N VAL C 407 -12.70 74.50 -62.65
CA VAL C 407 -14.12 74.18 -62.82
C VAL C 407 -14.65 73.61 -61.51
N SER C 408 -15.91 73.91 -61.20
CA SER C 408 -16.61 73.29 -60.09
C SER C 408 -17.44 72.15 -60.64
N LEU C 409 -17.24 70.95 -60.09
CA LEU C 409 -17.72 69.73 -60.70
C LEU C 409 -18.82 69.12 -59.84
N LYS C 410 -20.03 69.11 -60.39
CA LYS C 410 -21.23 68.67 -59.66
C LYS C 410 -22.15 67.94 -60.63
N LEU C 411 -23.07 67.15 -60.08
CA LEU C 411 -24.12 66.48 -60.84
C LEU C 411 -25.45 66.67 -60.13
N LEU C 412 -26.51 66.90 -60.91
CA LEU C 412 -27.88 66.89 -60.43
C LEU C 412 -28.67 65.83 -61.16
N PRO C 413 -29.56 65.10 -60.50
CA PRO C 413 -30.51 64.25 -61.22
C PRO C 413 -31.63 65.07 -61.84
N GLY C 414 -32.37 64.43 -62.74
CA GLY C 414 -33.54 65.06 -63.34
C GLY C 414 -33.30 65.52 -64.77
N ASP C 415 -34.41 65.78 -65.44
CA ASP C 415 -34.39 66.25 -66.82
C ASP C 415 -33.96 67.73 -66.82
N LEU C 416 -34.04 68.36 -68.00
CA LEU C 416 -33.62 69.75 -68.12
C LEU C 416 -34.40 70.66 -67.18
N THR C 417 -35.70 70.43 -67.07
CA THR C 417 -36.54 71.28 -66.24
C THR C 417 -36.15 71.18 -64.76
N GLN C 418 -35.90 69.96 -64.28
CA GLN C 418 -35.55 69.80 -62.87
C GLN C 418 -34.23 70.47 -62.55
N VAL C 419 -33.23 70.28 -63.41
CA VAL C 419 -31.93 70.90 -63.21
C VAL C 419 -32.06 72.42 -63.22
N GLN C 420 -32.86 72.96 -64.15
CA GLN C 420 -33.02 74.39 -64.32
C GLN C 420 -33.95 75.04 -63.31
N LYS C 421 -34.73 74.24 -62.57
CA LYS C 421 -35.80 74.78 -61.74
C LYS C 421 -35.55 74.59 -60.25
N ASN C 422 -35.37 73.35 -59.80
CA ASN C 422 -35.17 73.11 -58.37
C ASN C 422 -33.81 73.64 -57.91
N PHE C 423 -32.90 73.84 -58.85
CA PHE C 423 -31.61 74.50 -58.60
C PHE C 423 -31.41 75.63 -59.60
N SER C 424 -32.43 76.48 -59.73
CA SER C 424 -32.35 77.64 -60.62
C SER C 424 -31.21 78.57 -60.24
N HIS C 425 -30.78 78.55 -58.98
CA HIS C 425 -29.61 79.33 -58.58
C HIS C 425 -28.35 78.81 -59.27
N LEU C 426 -28.37 77.55 -59.72
CA LEU C 426 -27.20 76.99 -60.40
C LEU C 426 -27.34 77.10 -61.92
N VAL C 427 -28.47 76.66 -62.48
CA VAL C 427 -28.65 76.57 -63.93
C VAL C 427 -29.89 77.39 -64.27
N ASP C 428 -29.70 78.53 -64.94
CA ASP C 428 -30.80 79.27 -65.50
C ASP C 428 -31.09 78.78 -66.92
N ARG C 429 -31.90 79.55 -67.65
CA ARG C 429 -32.24 79.15 -69.02
C ARG C 429 -31.11 79.44 -69.99
N SER C 430 -30.41 80.56 -69.80
CA SER C 430 -29.32 80.94 -70.70
C SER C 430 -28.11 80.03 -70.59
N THR C 431 -28.06 79.17 -69.58
CA THR C 431 -26.94 78.25 -69.43
C THR C 431 -26.82 77.35 -70.66
N ALA C 432 -25.58 77.10 -71.07
CA ALA C 432 -25.33 76.22 -72.20
C ALA C 432 -25.89 74.83 -71.94
N ILE C 433 -26.49 74.23 -72.97
CA ILE C 433 -27.12 72.92 -72.85
C ILE C 433 -26.64 72.05 -74.00
N ALA C 434 -25.78 71.08 -73.68
CA ALA C 434 -25.35 70.07 -74.64
C ALA C 434 -25.92 68.72 -74.21
N ARG C 435 -26.69 68.11 -75.10
CA ARG C 435 -27.35 66.85 -74.82
C ARG C 435 -26.48 65.69 -75.27
N LYS C 436 -26.66 64.55 -74.62
CA LYS C 436 -25.83 63.37 -74.89
C LYS C 436 -26.06 62.90 -76.32
N MET C 437 -24.99 62.37 -76.93
CA MET C 437 -25.10 61.78 -78.25
C MET C 437 -25.83 60.45 -78.12
N GLY C 438 -27.11 60.50 -77.73
CA GLY C 438 -27.83 59.29 -77.40
C GLY C 438 -29.18 59.57 -76.79
N PHE C 439 -29.70 58.60 -76.04
CA PHE C 439 -31.03 58.67 -75.45
C PHE C 439 -30.93 58.36 -73.97
N PRO C 440 -31.76 59.00 -73.15
CA PRO C 440 -31.97 58.54 -71.77
C PRO C 440 -33.09 57.53 -71.70
N GLU C 441 -33.00 56.65 -70.69
CA GLU C 441 -33.90 55.49 -70.64
C GLU C 441 -35.35 55.88 -70.43
N ILE C 442 -35.62 57.14 -70.07
CA ILE C 442 -36.98 57.65 -69.98
C ILE C 442 -37.20 58.59 -71.14
N ILE C 443 -38.17 58.26 -71.98
CA ILE C 443 -38.46 59.02 -73.19
C ILE C 443 -39.79 59.72 -72.98
N LEU C 444 -39.75 61.05 -72.95
CA LEU C 444 -40.96 61.83 -72.78
C LEU C 444 -41.73 61.86 -74.11
N PRO C 445 -42.99 61.43 -74.14
CA PRO C 445 -43.79 61.62 -75.35
C PRO C 445 -43.96 63.11 -75.63
N GLY C 446 -43.30 63.59 -76.67
CA GLY C 446 -43.14 65.01 -76.89
C GLY C 446 -41.72 65.53 -76.79
N ASP C 447 -40.71 64.65 -76.90
CA ASP C 447 -39.31 65.05 -76.87
C ASP C 447 -38.90 65.72 -78.18
N VAL C 448 -38.93 67.05 -78.21
CA VAL C 448 -38.55 67.80 -79.40
C VAL C 448 -37.02 67.89 -79.47
N ARG C 449 -36.40 66.94 -80.17
CA ARG C 449 -34.97 66.99 -80.43
C ARG C 449 -34.73 66.47 -81.84
N ASN C 450 -33.69 67.03 -82.49
CA ASN C 450 -33.39 66.70 -83.87
C ASN C 450 -31.88 66.58 -84.10
N ASP C 451 -31.16 66.13 -83.06
CA ASP C 451 -29.70 66.18 -83.10
C ASP C 451 -29.15 65.29 -84.21
N ILE C 452 -28.29 65.88 -85.04
CA ILE C 452 -27.63 65.18 -86.15
C ILE C 452 -26.15 65.54 -86.09
N TYR C 453 -25.35 64.66 -85.50
CA TYR C 453 -23.92 64.91 -85.31
C TYR C 453 -23.16 64.38 -86.51
N VAL C 454 -22.50 65.29 -87.24
CA VAL C 454 -21.51 64.91 -88.24
C VAL C 454 -20.16 64.87 -87.54
N THR C 455 -19.80 63.68 -87.04
CA THR C 455 -18.61 63.51 -86.20
C THR C 455 -17.47 63.03 -87.08
N LEU C 456 -16.54 63.93 -87.38
CA LEU C 456 -15.42 63.60 -88.26
C LEU C 456 -14.50 62.61 -87.57
N ILE C 457 -14.13 61.54 -88.28
CA ILE C 457 -13.35 60.48 -87.67
C ILE C 457 -11.91 60.48 -88.21
N HIS C 458 -11.75 60.20 -89.50
CA HIS C 458 -10.43 60.12 -90.10
C HIS C 458 -10.58 60.11 -91.61
N GLY C 459 -9.47 60.32 -92.30
CA GLY C 459 -9.48 60.32 -93.75
C GLY C 459 -8.10 60.29 -94.36
N GLU C 460 -8.02 60.01 -95.66
CA GLU C 460 -6.75 60.05 -96.36
C GLU C 460 -6.58 61.40 -97.05
N PHE C 461 -5.48 62.10 -96.73
CA PHE C 461 -5.16 63.39 -97.33
C PHE C 461 -3.67 63.39 -97.68
N ASP C 462 -3.35 62.92 -98.88
CA ASP C 462 -1.96 62.72 -99.27
C ASP C 462 -1.30 64.05 -99.66
N LYS C 463 0.02 63.98 -99.83
CA LYS C 463 0.78 65.17 -100.23
C LYS C 463 0.49 65.57 -101.68
N GLY C 464 0.51 64.60 -102.59
CA GLY C 464 0.27 64.91 -103.99
C GLY C 464 1.42 65.68 -104.61
N LYS C 465 1.07 66.60 -105.53
CA LYS C 465 2.10 67.41 -106.17
C LYS C 465 2.61 68.51 -105.24
N LYS C 466 2.07 68.60 -104.04
CA LYS C 466 2.56 69.56 -103.05
C LYS C 466 3.42 68.83 -102.02
N LYS C 467 4.64 69.32 -101.80
CA LYS C 467 5.60 68.59 -100.98
C LYS C 467 5.07 68.32 -99.58
N THR C 468 4.85 69.38 -98.80
CA THR C 468 4.21 69.23 -97.51
C THR C 468 2.75 68.86 -97.73
N PRO C 469 2.16 68.02 -96.90
CA PRO C 469 0.76 67.61 -97.11
C PRO C 469 -0.17 68.81 -97.18
N LYS C 470 -1.17 68.71 -98.06
CA LYS C 470 -2.12 69.81 -98.25
C LYS C 470 -2.84 70.12 -96.94
N ASN C 471 -2.98 71.41 -96.64
CA ASN C 471 -3.64 71.86 -95.42
C ASN C 471 -5.11 71.46 -95.47
N VAL C 472 -5.47 70.54 -94.59
CA VAL C 472 -6.78 69.92 -94.62
C VAL C 472 -7.79 70.80 -93.89
N GLU C 473 -8.61 71.52 -94.65
CA GLU C 473 -9.72 72.28 -94.10
C GLU C 473 -11.03 71.60 -94.47
N VAL C 474 -11.69 71.00 -93.49
CA VAL C 474 -13.03 70.47 -93.69
C VAL C 474 -14.00 71.63 -93.61
N THR C 475 -14.54 72.02 -94.76
CA THR C 475 -15.49 73.13 -94.82
C THR C 475 -16.76 72.62 -95.46
N MET C 476 -17.65 72.08 -94.65
CA MET C 476 -18.93 71.59 -95.13
C MET C 476 -19.92 72.75 -95.12
N SER C 477 -20.89 72.67 -96.02
CA SER C 477 -21.96 73.66 -96.12
C SER C 477 -23.28 72.95 -96.31
N VAL C 478 -24.24 73.22 -95.44
CA VAL C 478 -25.58 72.67 -95.53
C VAL C 478 -26.34 73.51 -96.54
N HIS C 479 -26.82 72.88 -97.59
CA HIS C 479 -27.60 73.55 -98.62
C HIS C 479 -29.02 73.01 -98.65
N ASP C 480 -29.82 73.64 -99.50
CA ASP C 480 -31.10 73.09 -99.92
C ASP C 480 -30.83 72.06 -101.01
N GLU C 481 -31.89 71.66 -101.71
CA GLU C 481 -31.73 70.87 -102.93
C GLU C 481 -31.48 71.74 -104.16
N GLU C 482 -30.97 72.96 -103.96
CA GLU C 482 -30.55 73.86 -105.03
C GLU C 482 -29.10 74.26 -104.85
N GLY C 483 -28.44 73.71 -103.83
CA GLY C 483 -27.06 74.06 -103.55
C GLY C 483 -26.92 75.39 -102.84
N LYS C 484 -28.06 75.99 -102.49
CA LYS C 484 -28.08 77.28 -101.79
C LYS C 484 -27.66 77.06 -100.34
N LEU C 485 -26.51 77.62 -99.97
CA LEU C 485 -26.09 77.54 -98.58
C LEU C 485 -27.08 78.29 -97.71
N LEU C 486 -27.52 77.64 -96.63
CA LEU C 486 -28.51 78.19 -95.73
C LEU C 486 -27.82 78.77 -94.51
N GLU C 487 -28.41 79.84 -93.97
CA GLU C 487 -27.90 80.42 -92.73
C GLU C 487 -28.51 79.71 -91.52
N LYS C 488 -27.76 79.72 -90.42
CA LYS C 488 -28.10 78.98 -89.21
C LYS C 488 -28.14 77.48 -89.50
N ALA C 489 -27.47 77.06 -90.58
CA ALA C 489 -27.50 75.66 -90.97
C ALA C 489 -26.64 74.79 -90.07
N ILE C 490 -25.44 75.25 -89.72
CA ILE C 490 -24.48 74.44 -88.99
C ILE C 490 -24.25 75.04 -87.60
N HIS C 491 -24.17 74.18 -86.59
CA HIS C 491 -23.69 74.55 -85.26
C HIS C 491 -22.42 73.77 -84.96
N PRO C 492 -21.23 74.38 -85.07
CA PRO C 492 -20.01 73.65 -84.73
C PRO C 492 -19.98 73.13 -83.31
N GLY C 493 -20.56 73.85 -82.36
CA GLY C 493 -20.51 73.42 -80.97
C GLY C 493 -21.69 73.96 -80.19
N ALA C 494 -22.07 73.20 -79.16
CA ALA C 494 -23.20 73.55 -78.33
C ALA C 494 -22.80 74.61 -77.30
N GLY C 495 -23.79 75.40 -76.88
CA GLY C 495 -23.49 76.58 -76.09
C GLY C 495 -23.05 77.75 -76.93
N TYR C 496 -23.12 77.63 -78.25
CA TYR C 496 -22.83 78.71 -79.16
C TYR C 496 -23.66 78.53 -80.42
N GLU C 497 -24.41 79.57 -80.79
CA GLU C 497 -25.07 79.56 -82.08
C GLU C 497 -24.03 79.46 -83.19
N GLY C 498 -24.24 78.52 -84.09
CA GLY C 498 -23.18 78.14 -84.99
C GLY C 498 -22.85 79.10 -86.11
N ILE C 499 -21.91 78.71 -86.97
CA ILE C 499 -21.62 79.43 -88.20
C ILE C 499 -22.28 78.67 -89.33
N SER C 500 -22.83 79.42 -90.29
CA SER C 500 -23.61 78.82 -91.37
C SER C 500 -22.81 77.77 -92.11
N GLU C 501 -21.55 78.07 -92.40
CA GLU C 501 -20.61 77.12 -92.99
C GLU C 501 -19.48 76.87 -92.00
N TYR C 502 -19.18 75.61 -91.77
CA TYR C 502 -18.18 75.23 -90.79
C TYR C 502 -16.79 75.32 -91.40
N LYS C 503 -15.86 75.88 -90.63
CA LYS C 503 -14.44 75.88 -90.97
C LYS C 503 -13.72 75.01 -89.94
N SER C 504 -12.87 74.11 -90.43
CA SER C 504 -12.31 73.08 -89.57
C SER C 504 -10.93 73.46 -89.05
N VAL C 505 -10.50 72.76 -88.01
CA VAL C 505 -9.13 72.80 -87.58
C VAL C 505 -8.26 72.26 -88.70
N VAL C 506 -7.44 73.11 -89.29
CA VAL C 506 -6.63 72.73 -90.43
C VAL C 506 -5.33 72.15 -89.87
N TYR C 507 -5.35 70.84 -89.60
CA TYR C 507 -4.25 70.18 -88.92
C TYR C 507 -2.98 70.29 -89.74
N TYR C 508 -1.82 70.26 -89.07
CA TYR C 508 -0.57 70.68 -89.67
C TYR C 508 0.16 69.54 -90.41
N GLN C 509 -0.09 69.42 -91.71
CA GLN C 509 0.65 68.53 -92.60
C GLN C 509 0.61 67.07 -92.14
N VAL C 510 -0.60 66.51 -92.15
CA VAL C 510 -0.82 65.11 -91.83
C VAL C 510 -1.30 64.41 -93.09
N LYS C 511 -0.72 63.24 -93.37
CA LYS C 511 -1.11 62.48 -94.56
C LYS C 511 -2.44 61.78 -94.36
N GLN C 512 -2.75 61.35 -93.14
CA GLN C 512 -4.01 60.67 -92.82
C GLN C 512 -4.44 61.06 -91.41
N PRO C 513 -5.20 62.15 -91.28
CA PRO C 513 -5.49 62.69 -89.95
C PRO C 513 -6.68 62.03 -89.28
N CYS C 514 -6.94 62.48 -88.06
CA CYS C 514 -8.15 62.17 -87.31
C CYS C 514 -8.58 63.42 -86.56
N TRP C 515 -9.75 63.94 -86.91
CA TRP C 515 -10.15 65.27 -86.45
C TRP C 515 -10.74 65.23 -85.04
N TYR C 516 -11.55 64.22 -84.72
CA TYR C 516 -12.19 64.10 -83.42
C TYR C 516 -12.89 65.39 -82.99
N GLU C 517 -13.75 65.92 -83.86
CA GLU C 517 -14.53 67.11 -83.57
C GLU C 517 -15.97 66.86 -84.01
N THR C 518 -16.92 67.39 -83.25
CA THR C 518 -18.33 67.18 -83.54
C THR C 518 -19.00 68.51 -83.83
N VAL C 519 -19.80 68.52 -84.91
CA VAL C 519 -20.54 69.68 -85.35
C VAL C 519 -22.02 69.33 -85.40
N LYS C 520 -22.83 70.14 -84.72
CA LYS C 520 -24.27 69.88 -84.70
C LYS C 520 -24.95 70.54 -85.89
N VAL C 521 -25.88 69.79 -86.49
CA VAL C 521 -26.77 70.32 -87.53
C VAL C 521 -28.18 69.84 -87.21
N SER C 522 -29.11 70.77 -87.07
CA SER C 522 -30.48 70.44 -86.69
C SER C 522 -31.42 71.39 -87.39
N ILE C 523 -32.06 70.92 -88.46
CA ILE C 523 -33.00 71.70 -89.24
C ILE C 523 -34.40 71.23 -88.85
N ALA C 524 -35.38 72.12 -89.05
CA ALA C 524 -36.78 71.75 -88.92
C ALA C 524 -37.03 70.43 -89.62
N ILE C 525 -37.68 69.51 -88.91
CA ILE C 525 -37.70 68.10 -89.29
C ILE C 525 -38.26 67.88 -90.70
N GLU C 526 -39.09 68.80 -91.20
CA GLU C 526 -39.60 68.70 -92.57
C GLU C 526 -38.66 69.28 -93.61
N GLU C 527 -37.83 70.26 -93.25
CA GLU C 527 -36.92 70.84 -94.22
C GLU C 527 -35.63 70.04 -94.36
N VAL C 528 -35.20 69.37 -93.30
CA VAL C 528 -34.01 68.52 -93.37
C VAL C 528 -34.25 67.37 -94.36
N THR C 529 -35.52 67.05 -94.64
CA THR C 529 -35.87 66.00 -95.58
C THR C 529 -35.40 66.28 -97.01
N ARG C 530 -35.19 67.54 -97.38
CA ARG C 530 -34.80 67.89 -98.74
C ARG C 530 -33.59 68.81 -98.72
N CYS C 531 -32.62 68.50 -97.87
CA CYS C 531 -31.37 69.25 -97.80
C CYS C 531 -30.21 68.27 -97.86
N HIS C 532 -29.00 68.83 -97.90
CA HIS C 532 -27.79 68.03 -97.96
C HIS C 532 -26.63 68.88 -97.47
N ILE C 533 -25.42 68.38 -97.68
CA ILE C 533 -24.19 69.10 -97.34
C ILE C 533 -23.19 68.93 -98.48
N ARG C 534 -22.51 70.02 -98.83
CA ARG C 534 -21.37 69.95 -99.72
C ARG C 534 -20.12 70.33 -98.95
N PHE C 535 -19.00 69.74 -99.35
CA PHE C 535 -17.73 69.90 -98.65
C PHE C 535 -16.70 70.52 -99.59
N THR C 536 -16.01 71.55 -99.11
CA THR C 536 -14.93 72.19 -99.83
C THR C 536 -13.63 72.02 -99.04
N PHE C 537 -12.78 71.10 -99.50
CA PHE C 537 -11.51 70.78 -98.85
C PHE C 537 -10.45 71.70 -99.41
N ARG C 538 -10.25 72.86 -98.77
CA ARG C 538 -9.37 73.90 -99.29
C ARG C 538 -8.02 73.84 -98.60
N HIS C 539 -6.97 73.99 -99.41
CA HIS C 539 -5.59 73.99 -98.91
C HIS C 539 -5.29 75.38 -98.34
N ARG C 540 -4.90 75.41 -97.08
CA ARG C 540 -4.58 76.66 -96.40
C ARG C 540 -3.11 77.01 -96.54
N SER C 541 -2.79 77.96 -97.41
CA SER C 541 -1.42 78.42 -97.54
C SER C 541 -1.08 79.43 -96.45
N SER C 542 0.22 79.62 -96.23
CA SER C 542 0.67 80.54 -95.19
C SER C 542 0.69 81.99 -95.65
N GLN C 543 0.60 82.24 -96.96
CA GLN C 543 0.69 83.59 -97.50
C GLN C 543 -0.68 84.03 -97.99
N GLU C 544 -1.09 85.23 -97.59
CA GLU C 544 -2.48 85.65 -97.73
C GLU C 544 -2.94 85.60 -99.18
N THR C 545 -2.11 86.12 -100.10
CA THR C 545 -2.50 86.17 -101.50
C THR C 545 -2.72 84.77 -102.06
N ARG C 546 -1.74 83.87 -101.89
CA ARG C 546 -1.91 82.51 -102.37
C ARG C 546 -2.99 81.77 -101.58
N ASP C 547 -3.04 81.98 -100.26
CA ASP C 547 -3.98 81.24 -99.43
C ASP C 547 -5.42 81.54 -99.84
N LYS C 548 -5.75 82.80 -100.09
CA LYS C 548 -7.08 83.09 -100.63
C LYS C 548 -7.18 82.75 -102.11
N SER C 549 -6.03 82.66 -102.81
CA SER C 549 -6.08 82.23 -104.20
C SER C 549 -6.28 80.73 -104.32
N GLU C 550 -5.68 79.95 -103.42
CA GLU C 550 -5.80 78.50 -103.48
C GLU C 550 -7.24 78.07 -103.27
N ARG C 551 -7.79 77.35 -104.24
CA ARG C 551 -9.13 76.82 -104.19
C ARG C 551 -9.18 75.59 -103.28
N ALA C 552 -10.38 75.03 -103.14
CA ALA C 552 -10.57 73.71 -102.56
C ALA C 552 -10.10 72.69 -103.58
N PHE C 553 -8.91 72.13 -103.38
CA PHE C 553 -8.36 71.19 -104.35
C PHE C 553 -9.29 70.00 -104.53
N GLY C 554 -10.05 69.65 -103.50
CA GLY C 554 -11.03 68.57 -103.57
C GLY C 554 -12.40 69.05 -103.14
N VAL C 555 -13.44 68.35 -103.59
CA VAL C 555 -14.84 68.66 -103.27
C VAL C 555 -15.59 67.36 -103.01
N ALA C 556 -16.49 67.37 -102.03
CA ALA C 556 -17.33 66.22 -101.73
C ALA C 556 -18.71 66.73 -101.33
N PHE C 557 -19.67 65.80 -101.30
CA PHE C 557 -20.99 66.15 -100.80
C PHE C 557 -21.68 64.89 -100.29
N VAL C 558 -22.70 65.10 -99.47
CA VAL C 558 -23.48 64.01 -98.89
C VAL C 558 -24.95 64.34 -99.11
N LYS C 559 -25.82 63.40 -98.78
CA LYS C 559 -27.26 63.64 -98.77
C LYS C 559 -27.86 63.15 -97.46
N LEU C 560 -28.62 64.03 -96.80
CA LEU C 560 -29.21 63.69 -95.51
C LEU C 560 -30.34 62.68 -95.61
N MET C 561 -31.42 63.00 -96.33
CA MET C 561 -32.53 62.06 -96.51
C MET C 561 -32.44 61.44 -97.90
N ASN C 562 -32.37 60.12 -97.93
CA ASN C 562 -32.33 59.41 -99.19
C ASN C 562 -33.67 59.57 -99.91
N PRO C 563 -33.70 59.46 -101.24
CA PRO C 563 -34.96 59.73 -101.97
C PRO C 563 -36.11 58.83 -101.57
N ASP C 564 -35.83 57.70 -100.92
CA ASP C 564 -36.91 56.86 -100.40
C ASP C 564 -37.70 57.57 -99.32
N GLY C 565 -37.03 58.38 -98.50
CA GLY C 565 -37.62 58.98 -97.32
C GLY C 565 -36.84 58.71 -96.05
N THR C 566 -35.75 57.94 -96.13
CA THR C 566 -34.94 57.67 -94.96
C THR C 566 -33.73 58.60 -94.93
N THR C 567 -33.44 59.13 -93.75
CA THR C 567 -32.22 59.88 -93.57
C THR C 567 -31.03 58.93 -93.50
N LEU C 568 -29.83 59.50 -93.58
CA LEU C 568 -28.62 58.68 -93.55
C LEU C 568 -28.46 58.00 -92.19
N GLN C 569 -28.05 56.74 -92.21
CA GLN C 569 -28.00 55.93 -91.00
C GLN C 569 -27.03 56.50 -89.97
N ASP C 570 -27.09 55.96 -88.76
CA ASP C 570 -26.21 56.39 -87.68
C ASP C 570 -24.97 55.50 -87.63
N GLY C 571 -23.81 56.14 -87.59
CA GLY C 571 -22.55 55.43 -87.59
C GLY C 571 -21.59 55.93 -88.65
N ARG C 572 -20.78 54.99 -89.16
CA ARG C 572 -19.74 55.31 -90.12
C ARG C 572 -20.30 55.45 -91.53
N HIS C 573 -19.89 56.52 -92.21
CA HIS C 573 -20.22 56.75 -93.61
C HIS C 573 -19.13 57.61 -94.25
N ASP C 574 -18.91 57.39 -95.54
CA ASP C 574 -17.77 57.95 -96.25
C ASP C 574 -18.17 59.11 -97.17
N LEU C 575 -17.14 59.78 -97.70
CA LEU C 575 -17.30 60.86 -98.66
C LEU C 575 -16.26 60.69 -99.76
N VAL C 576 -16.60 61.09 -100.99
CA VAL C 576 -15.68 61.00 -102.12
C VAL C 576 -15.19 62.39 -102.45
N VAL C 577 -13.88 62.59 -102.33
CA VAL C 577 -13.28 63.89 -102.61
C VAL C 577 -13.06 64.02 -104.11
N TYR C 578 -13.71 65.02 -104.72
CA TYR C 578 -13.63 65.27 -106.14
C TYR C 578 -12.72 66.45 -106.44
N LYS C 579 -11.84 66.27 -107.42
CA LYS C 579 -10.92 67.33 -107.81
C LYS C 579 -11.22 67.78 -109.24
N GLY C 580 -10.38 68.65 -109.77
CA GLY C 580 -10.49 69.05 -111.17
C GLY C 580 -11.46 70.19 -111.35
N ASP C 581 -12.37 70.05 -112.30
CA ASP C 581 -13.26 71.13 -112.68
C ASP C 581 -14.25 71.42 -111.55
N ASN C 582 -14.31 72.69 -111.13
CA ASN C 582 -15.20 73.11 -110.07
C ASN C 582 -16.60 73.45 -110.55
N LYS C 583 -16.76 73.72 -111.85
CA LYS C 583 -18.11 73.89 -112.40
C LYS C 583 -18.84 72.54 -112.42
N LYS C 584 -18.09 71.44 -112.33
CA LYS C 584 -18.70 70.12 -112.25
C LYS C 584 -19.38 69.85 -110.92
N MET C 585 -19.19 70.70 -109.91
CA MET C 585 -19.63 70.37 -108.56
C MET C 585 -20.28 71.55 -107.83
N GLU C 586 -20.59 72.65 -108.51
CA GLU C 586 -21.18 73.82 -107.85
C GLU C 586 -22.58 74.14 -108.39
N ASP C 587 -23.06 73.38 -109.37
CA ASP C 587 -24.32 73.67 -110.04
C ASP C 587 -25.48 73.36 -109.12
N ALA C 588 -26.61 74.01 -109.36
CA ALA C 588 -27.75 73.95 -108.45
C ALA C 588 -28.23 72.52 -108.22
N LYS C 589 -28.38 71.76 -109.30
CA LYS C 589 -28.91 70.40 -109.18
C LYS C 589 -28.07 69.38 -109.93
N PHE C 590 -27.07 69.84 -110.68
CA PHE C 590 -26.26 68.91 -111.47
C PHE C 590 -25.47 67.96 -110.58
N TYR C 591 -24.76 68.49 -109.58
CA TYR C 591 -23.98 67.61 -108.72
C TYR C 591 -24.87 66.76 -107.84
N LEU C 592 -26.11 67.19 -107.57
CA LEU C 592 -27.05 66.34 -106.85
C LEU C 592 -27.26 65.01 -107.56
N THR C 593 -27.23 65.03 -108.90
CA THR C 593 -27.37 63.80 -109.66
C THR C 593 -26.04 63.07 -109.83
N LEU C 594 -24.93 63.71 -109.49
CA LEU C 594 -23.65 63.02 -109.39
C LEU C 594 -23.56 62.26 -108.06
N PRO C 595 -22.76 61.20 -108.01
CA PRO C 595 -22.47 60.56 -106.72
C PRO C 595 -21.55 61.42 -105.88
N GLY C 596 -21.75 61.33 -104.57
CA GLY C 596 -20.95 62.11 -103.64
C GLY C 596 -20.27 61.31 -102.55
N THR C 597 -20.84 60.15 -102.21
CA THR C 597 -20.32 59.31 -101.14
C THR C 597 -19.89 57.97 -101.71
N LYS C 598 -18.99 57.31 -100.98
CA LYS C 598 -18.42 56.06 -101.44
C LYS C 598 -19.49 55.00 -101.69
N MET C 599 -20.47 54.90 -100.78
CA MET C 599 -21.44 53.82 -100.85
C MET C 599 -22.28 53.90 -102.12
N GLU C 600 -22.79 55.08 -102.46
CA GLU C 600 -23.64 55.19 -103.63
C GLU C 600 -22.81 55.28 -104.92
N MET C 601 -21.55 55.70 -104.82
CA MET C 601 -20.61 55.46 -105.93
C MET C 601 -20.50 53.97 -106.24
N GLU C 602 -20.27 53.15 -105.20
CA GLU C 602 -20.12 51.71 -105.41
C GLU C 602 -21.40 51.09 -105.95
N GLU C 603 -22.56 51.50 -105.44
CA GLU C 603 -23.80 50.92 -105.94
C GLU C 603 -24.11 51.38 -107.36
N LYS C 604 -23.76 52.61 -107.72
CA LYS C 604 -23.94 53.04 -109.11
C LYS C 604 -23.00 52.29 -110.04
N GLU C 605 -21.77 52.03 -109.57
CA GLU C 605 -20.87 51.17 -110.34
C GLU C 605 -21.45 49.78 -110.51
N LEU C 606 -22.06 49.22 -109.46
CA LEU C 606 -22.65 47.89 -109.56
C LEU C 606 -23.80 47.88 -110.57
N GLN C 607 -24.71 48.85 -110.48
CA GLN C 607 -25.84 48.86 -111.40
C GLN C 607 -25.37 49.11 -112.83
N ALA C 608 -24.32 49.91 -113.02
CA ALA C 608 -23.73 50.06 -114.35
C ALA C 608 -23.04 48.79 -114.80
N SER C 609 -22.56 47.99 -113.84
CA SER C 609 -21.99 46.68 -114.17
C SER C 609 -23.08 45.74 -114.64
N LYS C 610 -24.30 45.95 -114.18
CA LYS C 610 -25.43 45.21 -114.75
C LYS C 610 -26.27 46.05 -115.71
N ASN C 611 -25.82 47.27 -116.04
CA ASN C 611 -26.48 48.14 -117.03
C ASN C 611 -25.40 48.88 -117.82
N LEU C 612 -25.06 48.38 -119.00
CA LEU C 612 -24.06 49.02 -119.85
C LEU C 612 -24.77 50.04 -120.76
N VAL C 613 -25.12 51.17 -120.17
CA VAL C 613 -25.69 52.31 -120.90
C VAL C 613 -25.04 53.57 -120.34
N THR C 614 -24.04 54.07 -121.05
CA THR C 614 -23.47 55.41 -120.81
C THR C 614 -22.96 55.61 -119.38
N PHE C 615 -21.94 54.85 -118.98
CA PHE C 615 -21.33 55.06 -117.66
C PHE C 615 -19.81 55.02 -117.81
N THR C 616 -19.24 56.18 -118.11
CA THR C 616 -17.78 56.38 -118.12
C THR C 616 -17.48 57.60 -117.27
N PRO C 617 -17.52 57.46 -115.94
CA PRO C 617 -17.32 58.63 -115.08
C PRO C 617 -15.89 59.14 -115.12
N SER C 618 -15.72 60.39 -114.68
CA SER C 618 -14.41 61.00 -114.64
C SER C 618 -13.59 60.45 -113.47
N LYS C 619 -12.26 60.60 -113.57
CA LYS C 619 -11.33 60.05 -112.59
C LYS C 619 -11.24 60.89 -111.32
N ASP C 620 -11.98 62.01 -111.24
CA ASP C 620 -11.95 62.84 -110.04
C ASP C 620 -12.31 62.07 -108.77
N SER C 621 -12.82 60.84 -108.90
CA SER C 621 -12.95 59.94 -107.76
C SER C 621 -11.59 59.40 -107.39
N THR C 622 -10.87 60.12 -106.53
CA THR C 622 -9.51 59.79 -106.18
C THR C 622 -9.48 58.70 -105.11
N LYS C 623 -8.31 58.49 -104.51
CA LYS C 623 -8.17 57.51 -103.44
C LYS C 623 -8.25 58.15 -102.07
N ASP C 624 -8.51 59.47 -102.01
CA ASP C 624 -8.70 60.15 -100.74
C ASP C 624 -9.99 59.70 -100.08
N SER C 625 -10.00 59.76 -98.74
CA SER C 625 -11.10 59.25 -97.95
C SER C 625 -11.53 60.27 -96.90
N PHE C 626 -12.77 60.14 -96.47
CA PHE C 626 -13.35 60.99 -95.44
C PHE C 626 -14.35 60.16 -94.64
N GLN C 627 -14.14 60.06 -93.34
CA GLN C 627 -15.00 59.26 -92.50
C GLN C 627 -15.72 60.14 -91.48
N ILE C 628 -17.02 59.90 -91.33
CA ILE C 628 -17.87 60.66 -90.43
C ILE C 628 -18.64 59.67 -89.57
N ALA C 629 -18.68 59.92 -88.27
CA ALA C 629 -19.57 59.21 -87.37
C ALA C 629 -20.90 59.93 -87.34
N THR C 630 -21.94 59.29 -87.86
CA THR C 630 -23.28 59.87 -87.93
C THR C 630 -24.09 59.28 -86.81
N LEU C 631 -24.93 60.10 -86.18
CA LEU C 631 -25.76 59.68 -85.06
C LEU C 631 -26.88 60.68 -84.85
N ILE C 632 -28.12 60.24 -85.07
CA ILE C 632 -29.27 61.15 -85.14
C ILE C 632 -30.29 60.71 -84.11
N CYS C 633 -30.35 61.43 -82.98
CA CYS C 633 -31.31 61.18 -81.91
C CYS C 633 -32.47 62.15 -82.05
N SER C 634 -33.20 62.02 -83.15
CA SER C 634 -34.18 63.00 -83.57
C SER C 634 -35.55 62.70 -82.98
N THR C 635 -36.54 63.49 -83.39
CA THR C 635 -37.92 63.34 -82.99
C THR C 635 -38.75 62.51 -83.95
N LYS C 636 -38.57 62.67 -85.25
CA LYS C 636 -39.41 62.01 -86.25
C LYS C 636 -38.58 61.14 -87.17
N LEU C 637 -37.29 61.46 -87.30
CA LEU C 637 -36.45 60.78 -88.28
C LEU C 637 -36.25 59.32 -87.92
N THR C 638 -36.79 58.44 -88.77
CA THR C 638 -36.61 57.00 -88.64
C THR C 638 -35.87 56.50 -89.87
N GLN C 639 -34.81 55.73 -89.63
CA GLN C 639 -33.96 55.19 -90.69
C GLN C 639 -34.16 53.69 -90.72
N ASN C 640 -35.14 53.24 -91.51
CA ASN C 640 -35.43 51.81 -91.62
C ASN C 640 -36.11 51.55 -92.95
N VAL C 641 -35.52 50.66 -93.75
CA VAL C 641 -36.10 50.30 -95.03
C VAL C 641 -37.40 49.52 -94.83
N ASP C 642 -37.45 48.68 -93.80
CA ASP C 642 -38.61 47.83 -93.57
C ASP C 642 -39.82 48.65 -93.16
N LEU C 643 -39.63 49.60 -92.25
CA LEU C 643 -40.74 50.45 -91.82
C LEU C 643 -41.26 51.28 -92.98
N LEU C 644 -40.36 51.83 -93.80
CA LEU C 644 -40.79 52.55 -94.98
C LEU C 644 -41.54 51.64 -95.96
N GLY C 645 -41.09 50.39 -96.09
CA GLY C 645 -41.83 49.44 -96.89
C GLY C 645 -43.22 49.21 -96.35
N LEU C 646 -43.36 49.24 -95.02
CA LEU C 646 -44.69 49.24 -94.42
C LEU C 646 -45.48 50.49 -94.79
N LEU C 647 -44.83 51.66 -94.80
CA LEU C 647 -45.54 52.91 -95.06
C LEU C 647 -46.10 53.00 -96.47
N ASN C 648 -45.36 52.53 -97.47
CA ASN C 648 -45.84 52.54 -98.85
C ASN C 648 -46.27 51.14 -99.25
N TRP C 649 -46.81 50.39 -98.28
CA TRP C 649 -47.21 49.01 -98.53
C TRP C 649 -48.24 48.92 -99.65
N ARG C 650 -49.03 49.98 -99.85
CA ARG C 650 -49.95 49.99 -100.98
C ARG C 650 -49.20 49.96 -102.31
N SER C 651 -48.12 50.71 -102.44
CA SER C 651 -47.22 50.62 -103.58
C SER C 651 -46.16 49.57 -103.39
N ASN C 652 -46.08 48.95 -102.21
CA ASN C 652 -45.10 47.92 -101.92
C ASN C 652 -45.83 46.60 -101.65
N SER C 653 -46.79 46.28 -102.52
CA SER C 653 -47.65 45.12 -102.35
C SER C 653 -46.88 43.81 -102.49
N GLN C 654 -45.56 43.90 -102.68
CA GLN C 654 -44.69 42.73 -102.76
C GLN C 654 -43.97 42.49 -101.43
N ASN C 655 -43.35 43.52 -100.89
CA ASN C 655 -42.64 43.39 -99.62
C ASN C 655 -43.55 43.24 -98.45
N ILE C 656 -44.87 43.35 -98.59
CA ILE C 656 -45.75 43.16 -97.44
C ILE C 656 -45.47 41.80 -96.79
N LYS C 657 -45.36 40.75 -97.61
CA LYS C 657 -44.92 39.47 -97.07
C LYS C 657 -43.53 39.60 -96.45
N HIS C 658 -42.61 40.24 -97.18
CA HIS C 658 -41.24 40.39 -96.70
C HIS C 658 -41.19 41.28 -95.46
N ASN C 659 -41.85 42.44 -95.51
CA ASN C 659 -41.84 43.34 -94.36
C ASN C 659 -42.44 42.66 -93.14
N LEU C 660 -43.58 41.98 -93.31
CA LEU C 660 -44.20 41.29 -92.18
C LEU C 660 -43.31 40.20 -91.60
N LYS C 661 -42.63 39.43 -92.47
CA LYS C 661 -41.65 38.48 -91.96
C LYS C 661 -40.56 39.19 -91.17
N LYS C 662 -40.22 40.41 -91.56
CA LYS C 662 -39.06 41.11 -91.01
C LYS C 662 -39.40 41.98 -89.80
N LEU C 663 -40.68 42.20 -89.50
CA LEU C 663 -41.04 43.16 -88.45
C LEU C 663 -40.47 42.78 -87.10
N MET C 664 -40.60 41.51 -86.72
CA MET C 664 -40.21 41.09 -85.38
C MET C 664 -38.73 41.31 -85.10
N GLU C 665 -37.92 41.42 -86.14
CA GLU C 665 -36.50 41.73 -85.99
C GLU C 665 -36.15 43.13 -86.45
N VAL C 666 -37.13 44.05 -86.45
CA VAL C 666 -36.86 45.47 -86.62
C VAL C 666 -36.95 46.16 -85.27
N ASP C 667 -36.00 47.05 -85.01
CA ASP C 667 -35.88 47.68 -83.70
C ASP C 667 -37.14 48.48 -83.37
N GLY C 668 -37.63 48.32 -82.13
CA GLY C 668 -38.90 48.93 -81.76
C GLY C 668 -38.83 50.43 -81.54
N GLY C 669 -37.64 50.95 -81.22
CA GLY C 669 -37.52 52.38 -80.95
C GLY C 669 -37.86 53.23 -82.15
N GLU C 670 -37.45 52.78 -83.33
CA GLU C 670 -37.78 53.52 -84.55
C GLU C 670 -39.18 53.18 -85.04
N ILE C 671 -39.70 52.03 -84.62
CA ILE C 671 -41.10 51.71 -84.91
C ILE C 671 -42.02 52.66 -84.16
N VAL C 672 -41.66 53.01 -82.93
CA VAL C 672 -42.54 53.84 -82.10
C VAL C 672 -42.36 55.33 -82.34
N LYS C 673 -41.67 55.72 -83.42
CA LYS C 673 -41.70 57.12 -83.83
C LYS C 673 -43.05 57.45 -84.49
N PHE C 674 -43.70 56.45 -85.07
CA PHE C 674 -45.07 56.54 -85.56
C PHE C 674 -45.88 55.35 -85.10
N LEU C 675 -45.77 55.01 -83.82
CA LEU C 675 -46.44 53.84 -83.25
C LEU C 675 -47.94 53.80 -83.56
N GLN C 676 -48.61 54.94 -83.44
CA GLN C 676 -50.01 55.00 -83.86
C GLN C 676 -50.13 54.85 -85.36
N ASP C 677 -49.20 55.44 -86.13
CA ASP C 677 -49.26 55.30 -87.58
C ASP C 677 -48.81 53.91 -88.01
N THR C 678 -47.92 53.27 -87.25
CA THR C 678 -47.64 51.86 -87.50
C THR C 678 -48.89 51.03 -87.31
N LEU C 679 -49.63 51.27 -86.23
CA LEU C 679 -50.91 50.59 -86.04
C LEU C 679 -51.86 50.89 -87.19
N ASP C 680 -51.90 52.15 -87.64
CA ASP C 680 -52.82 52.52 -88.71
C ASP C 680 -52.50 51.79 -90.00
N ALA C 681 -51.23 51.79 -90.41
CA ALA C 681 -50.85 51.15 -91.67
C ALA C 681 -51.00 49.63 -91.59
N LEU C 682 -50.65 49.06 -90.44
CA LEU C 682 -50.74 47.61 -90.24
C LEU C 682 -52.20 47.16 -90.15
N PHE C 683 -53.08 48.02 -89.65
CA PHE C 683 -54.49 47.69 -89.64
C PHE C 683 -55.13 47.98 -90.99
N ASN C 684 -54.52 48.86 -91.77
CA ASN C 684 -54.90 48.99 -93.17
C ASN C 684 -54.51 47.74 -93.94
N ILE C 685 -53.37 47.15 -93.59
CA ILE C 685 -53.01 45.82 -94.07
C ILE C 685 -54.10 44.82 -93.70
N MET C 686 -54.61 44.93 -92.46
CA MET C 686 -55.76 44.12 -92.07
C MET C 686 -57.01 44.36 -92.92
N MET C 687 -57.37 45.60 -93.24
CA MET C 687 -58.62 45.81 -93.97
C MET C 687 -58.49 45.40 -95.43
N GLU C 688 -57.33 45.66 -96.06
CA GLU C 688 -57.22 45.33 -97.47
C GLU C 688 -57.00 43.83 -97.70
N MET C 689 -55.89 43.28 -97.21
CA MET C 689 -55.71 41.82 -97.30
C MET C 689 -55.97 41.09 -95.98
N SER C 690 -57.27 40.94 -95.68
CA SER C 690 -57.74 40.04 -94.64
C SER C 690 -58.10 38.66 -95.20
N ASP C 691 -58.27 38.54 -96.51
CA ASP C 691 -58.50 37.23 -97.12
C ASP C 691 -57.28 36.33 -96.93
N SER C 692 -56.09 36.92 -97.03
CA SER C 692 -54.84 36.20 -96.83
C SER C 692 -54.59 36.09 -95.33
N GLU C 693 -54.84 34.90 -94.78
CA GLU C 693 -54.70 34.69 -93.35
C GLU C 693 -53.25 34.56 -92.91
N THR C 694 -52.32 34.28 -93.83
CA THR C 694 -50.91 34.24 -93.43
C THR C 694 -50.35 35.65 -93.23
N TYR C 695 -50.75 36.59 -94.10
CA TYR C 695 -50.51 38.00 -93.82
C TYR C 695 -51.07 38.39 -92.46
N ASP C 696 -52.29 37.92 -92.16
CA ASP C 696 -52.91 38.21 -90.87
C ASP C 696 -52.09 37.62 -89.73
N PHE C 697 -51.54 36.42 -89.92
CA PHE C 697 -50.77 35.76 -88.86
C PHE C 697 -49.49 36.55 -88.57
N LEU C 698 -48.76 36.94 -89.63
CA LEU C 698 -47.54 37.72 -89.44
C LEU C 698 -47.84 39.07 -88.81
N VAL C 699 -48.88 39.75 -89.29
CA VAL C 699 -49.33 41.00 -88.68
C VAL C 699 -49.66 40.80 -87.21
N PHE C 700 -50.31 39.68 -86.90
CA PHE C 700 -50.72 39.39 -85.54
C PHE C 700 -49.51 39.28 -84.61
N ASP C 701 -48.54 38.43 -84.99
CA ASP C 701 -47.33 38.31 -84.17
C ASP C 701 -46.56 39.62 -84.14
N ALA C 702 -46.58 40.38 -85.24
CA ALA C 702 -45.87 41.64 -85.28
C ALA C 702 -46.43 42.63 -84.27
N LEU C 703 -47.76 42.81 -84.27
CA LEU C 703 -48.36 43.76 -83.35
C LEU C 703 -48.27 43.27 -81.91
N VAL C 704 -48.30 41.95 -81.70
CA VAL C 704 -48.08 41.43 -80.35
C VAL C 704 -46.67 41.77 -79.88
N PHE C 705 -45.69 41.60 -80.77
CA PHE C 705 -44.31 41.98 -80.46
C PHE C 705 -44.21 43.48 -80.16
N ILE C 706 -44.93 44.29 -80.94
CA ILE C 706 -44.96 45.73 -80.74
C ILE C 706 -45.49 46.07 -79.34
N ILE C 707 -46.63 45.49 -78.98
CA ILE C 707 -47.26 45.82 -77.71
C ILE C 707 -46.46 45.29 -76.53
N SER C 708 -45.84 44.11 -76.68
CA SER C 708 -44.98 43.60 -75.61
C SER C 708 -43.79 44.52 -75.40
N LEU C 709 -43.16 44.96 -76.48
CA LEU C 709 -41.96 45.77 -76.35
C LEU C 709 -42.28 47.15 -75.81
N ILE C 710 -43.43 47.73 -76.21
CA ILE C 710 -43.86 48.99 -75.63
C ILE C 710 -44.25 48.81 -74.17
N GLY C 711 -44.80 47.65 -73.82
CA GLY C 711 -45.06 47.33 -72.43
C GLY C 711 -43.82 47.30 -71.57
N ASP C 712 -42.64 47.42 -72.18
CA ASP C 712 -41.42 47.67 -71.42
C ASP C 712 -41.37 49.13 -70.98
N ILE C 713 -40.59 49.37 -69.93
CA ILE C 713 -40.56 50.70 -69.30
C ILE C 713 -40.24 51.78 -70.32
N LYS C 714 -39.36 51.46 -71.27
CA LYS C 714 -38.82 52.42 -72.22
C LYS C 714 -39.91 53.15 -72.99
N PHE C 715 -41.04 52.48 -73.24
CA PHE C 715 -42.13 53.06 -74.01
C PHE C 715 -43.50 52.92 -73.37
N GLN C 716 -43.58 52.47 -72.12
CA GLN C 716 -44.88 52.32 -71.47
C GLN C 716 -45.62 53.65 -71.41
N HIS C 717 -44.89 54.75 -71.51
CA HIS C 717 -45.50 56.07 -71.60
C HIS C 717 -46.38 56.19 -72.84
N PHE C 718 -46.10 55.42 -73.88
CA PHE C 718 -46.72 55.56 -75.19
C PHE C 718 -47.91 54.63 -75.39
N ASN C 719 -48.10 53.67 -74.51
CA ASN C 719 -49.34 52.87 -74.52
C ASN C 719 -50.58 53.73 -74.43
N PRO C 720 -50.63 54.81 -73.64
CA PRO C 720 -51.77 55.72 -73.74
C PRO C 720 -51.99 56.25 -75.14
N VAL C 721 -50.93 56.45 -75.91
CA VAL C 721 -51.10 56.89 -77.29
C VAL C 721 -51.74 55.79 -78.13
N LEU C 722 -51.36 54.54 -77.87
CA LEU C 722 -51.98 53.41 -78.54
C LEU C 722 -53.47 53.34 -78.24
N GLU C 723 -53.85 53.46 -76.97
CA GLU C 723 -55.27 53.43 -76.65
C GLU C 723 -55.99 54.68 -77.14
N THR C 724 -55.25 55.79 -77.28
CA THR C 724 -55.79 56.97 -77.94
C THR C 724 -56.17 56.66 -79.38
N TYR C 725 -55.30 55.93 -80.08
CA TYR C 725 -55.65 55.46 -81.42
C TYR C 725 -56.87 54.56 -81.36
N ILE C 726 -56.91 53.66 -80.37
CA ILE C 726 -58.02 52.70 -80.26
C ILE C 726 -59.35 53.44 -80.18
N TYR C 727 -59.45 54.40 -79.27
CA TYR C 727 -60.74 55.01 -78.99
C TYR C 727 -60.99 56.30 -79.75
N LYS C 728 -60.04 56.80 -80.52
CA LYS C 728 -60.21 58.06 -81.24
C LYS C 728 -59.94 57.97 -82.73
N HIS C 729 -59.03 57.09 -83.17
CA HIS C 729 -58.62 57.06 -84.56
C HIS C 729 -58.86 55.71 -85.22
N PHE C 730 -59.20 54.69 -84.44
CA PHE C 730 -59.38 53.34 -84.97
C PHE C 730 -60.56 53.30 -85.94
N SER C 731 -60.33 52.74 -87.12
CA SER C 731 -61.33 52.71 -88.18
C SER C 731 -61.38 51.35 -88.87
N ALA C 732 -61.31 50.28 -88.07
CA ALA C 732 -61.39 48.93 -88.58
C ALA C 732 -62.65 48.24 -88.04
N THR C 733 -63.40 47.62 -88.94
CA THR C 733 -64.71 47.05 -88.60
C THR C 733 -64.66 45.55 -88.30
N LEU C 734 -64.12 44.75 -89.21
CA LEU C 734 -64.06 43.30 -89.03
C LEU C 734 -62.77 42.85 -88.37
N ALA C 735 -61.91 43.80 -87.97
CA ALA C 735 -60.62 43.44 -87.39
C ALA C 735 -60.80 42.60 -86.13
N TYR C 736 -61.96 42.72 -85.48
CA TYR C 736 -62.26 41.87 -84.34
C TYR C 736 -62.33 40.42 -84.78
N VAL C 737 -62.98 40.16 -85.91
CA VAL C 737 -63.06 38.79 -86.42
C VAL C 737 -61.67 38.26 -86.73
N LYS C 738 -60.85 39.05 -87.42
CA LYS C 738 -59.52 38.57 -87.79
C LYS C 738 -58.63 38.34 -86.58
N LEU C 739 -58.69 39.23 -85.59
CA LEU C 739 -57.84 39.10 -84.43
C LEU C 739 -58.26 37.93 -83.56
N SER C 740 -59.57 37.80 -83.32
CA SER C 740 -60.08 36.63 -82.61
C SER C 740 -59.76 35.35 -83.38
N LYS C 741 -59.79 35.44 -84.71
CA LYS C 741 -59.47 34.31 -85.56
C LYS C 741 -58.03 33.86 -85.36
N VAL C 742 -57.09 34.80 -85.40
CA VAL C 742 -55.69 34.40 -85.27
C VAL C 742 -55.38 34.02 -83.83
N LEU C 743 -56.14 34.54 -82.87
CA LEU C 743 -55.94 34.12 -81.48
C LEU C 743 -56.46 32.70 -81.27
N ASN C 744 -57.57 32.35 -81.94
CA ASN C 744 -58.01 30.96 -81.96
C ASN C 744 -56.97 30.09 -82.66
N PHE C 745 -56.40 30.60 -83.74
CA PHE C 745 -55.34 29.93 -84.49
C PHE C 745 -54.10 29.73 -83.63
N TYR C 746 -53.93 30.59 -82.62
CA TYR C 746 -52.81 30.42 -81.70
C TYR C 746 -53.14 29.41 -80.62
N VAL C 747 -54.30 29.55 -79.99
CA VAL C 747 -54.65 28.74 -78.84
C VAL C 747 -54.83 27.28 -79.22
N ALA C 748 -55.53 27.01 -80.33
CA ALA C 748 -55.75 25.63 -80.74
C ALA C 748 -54.46 25.00 -81.23
N ASN C 749 -53.46 25.83 -81.58
CA ASN C 749 -52.19 25.36 -82.12
C ASN C 749 -51.05 25.56 -81.12
N ALA C 750 -51.32 25.34 -79.83
CA ALA C 750 -50.25 25.36 -78.83
C ALA C 750 -49.23 24.25 -79.07
N ASP C 751 -49.66 23.13 -79.65
CA ASP C 751 -48.77 22.00 -79.88
C ASP C 751 -47.58 22.37 -80.75
N ASP C 752 -47.67 23.43 -81.53
CA ASP C 752 -46.50 23.91 -82.26
C ASP C 752 -45.44 24.38 -81.28
N SER C 753 -44.22 23.85 -81.45
CA SER C 753 -43.11 24.26 -80.60
C SER C 753 -42.78 25.73 -80.80
N SER C 754 -43.11 26.28 -81.97
CA SER C 754 -42.92 27.70 -82.20
C SER C 754 -44.14 28.51 -81.75
N LYS C 755 -45.33 27.91 -81.71
CA LYS C 755 -46.49 28.64 -81.22
C LYS C 755 -46.71 28.48 -79.74
N THR C 756 -45.94 27.62 -79.08
CA THR C 756 -45.79 27.73 -77.64
C THR C 756 -45.50 29.17 -77.24
N GLU C 757 -44.40 29.73 -77.74
CA GLU C 757 -44.07 31.12 -77.44
C GLU C 757 -45.05 32.09 -78.06
N LEU C 758 -45.70 31.72 -79.16
CA LEU C 758 -46.70 32.62 -79.75
C LEU C 758 -47.89 32.79 -78.83
N LEU C 759 -48.36 31.69 -78.23
CA LEU C 759 -49.39 31.77 -77.22
C LEU C 759 -48.92 32.53 -76.00
N PHE C 760 -47.68 32.30 -75.58
CA PHE C 760 -47.10 33.09 -74.50
C PHE C 760 -47.23 34.59 -74.77
N ALA C 761 -46.82 35.01 -75.97
CA ALA C 761 -46.84 36.43 -76.32
C ALA C 761 -48.26 36.94 -76.46
N ALA C 762 -49.16 36.13 -77.04
CA ALA C 762 -50.55 36.54 -77.17
C ALA C 762 -51.18 36.75 -75.80
N LEU C 763 -50.88 35.86 -74.85
CA LEU C 763 -51.33 36.06 -73.49
C LEU C 763 -50.75 37.35 -72.91
N LYS C 764 -49.45 37.58 -73.07
CA LYS C 764 -48.85 38.83 -72.62
C LYS C 764 -49.50 40.07 -73.25
N ALA C 765 -50.12 39.92 -74.42
CA ALA C 765 -50.73 41.04 -75.11
C ALA C 765 -52.25 41.10 -74.95
N LEU C 766 -52.85 40.11 -74.27
CA LEU C 766 -54.30 39.95 -74.25
C LEU C 766 -55.04 41.25 -73.97
N LYS C 767 -54.50 42.11 -73.12
CA LYS C 767 -55.24 43.32 -72.75
C LYS C 767 -55.47 44.22 -73.97
N TYR C 768 -54.39 44.63 -74.63
CA TYR C 768 -54.57 45.43 -75.84
C TYR C 768 -55.21 44.65 -76.97
N LEU C 769 -54.92 43.35 -77.08
CA LEU C 769 -55.58 42.54 -78.10
C LEU C 769 -57.09 42.61 -77.94
N PHE C 770 -57.57 42.44 -76.71
CA PHE C 770 -59.01 42.41 -76.47
C PHE C 770 -59.62 43.80 -76.58
N ARG C 771 -58.88 44.83 -76.16
CA ARG C 771 -59.41 46.18 -76.36
C ARG C 771 -59.55 46.50 -77.84
N PHE C 772 -58.55 46.13 -78.64
CA PHE C 772 -58.64 46.37 -80.08
C PHE C 772 -59.77 45.53 -80.70
N ILE C 773 -59.96 44.30 -80.24
CA ILE C 773 -61.03 43.47 -80.75
C ILE C 773 -62.39 44.07 -80.42
N ILE C 774 -62.58 44.50 -79.17
CA ILE C 774 -63.83 45.14 -78.78
C ILE C 774 -64.03 46.42 -79.58
N GLN C 775 -62.96 47.17 -79.82
CA GLN C 775 -63.06 48.38 -80.62
C GLN C 775 -63.53 48.08 -82.04
N SER C 776 -62.89 47.10 -82.68
CA SER C 776 -63.28 46.76 -84.04
C SER C 776 -64.72 46.26 -84.09
N ARG C 777 -65.12 45.44 -83.12
CA ARG C 777 -66.47 44.91 -83.12
C ARG C 777 -67.50 46.02 -82.88
N VAL C 778 -67.20 46.97 -81.98
CA VAL C 778 -68.18 48.02 -81.72
C VAL C 778 -68.18 49.04 -82.84
N LEU C 779 -67.10 49.14 -83.61
CA LEU C 779 -67.15 49.92 -84.84
C LEU C 779 -67.99 49.21 -85.90
N TYR C 780 -67.84 47.89 -85.96
CA TYR C 780 -68.71 47.03 -86.75
C TYR C 780 -70.16 47.21 -86.33
N LEU C 781 -70.37 47.63 -85.08
CA LEU C 781 -71.73 47.95 -84.62
C LEU C 781 -72.15 49.34 -85.09
N ARG C 782 -71.41 50.37 -84.67
CA ARG C 782 -71.84 51.75 -84.89
C ARG C 782 -71.97 52.05 -86.38
N PHE C 783 -70.96 51.67 -87.18
CA PHE C 783 -71.03 51.87 -88.62
C PHE C 783 -72.21 51.12 -89.23
N TYR C 784 -72.64 50.02 -88.60
CA TYR C 784 -73.63 49.13 -89.19
C TYR C 784 -74.83 48.93 -88.29
N GLY C 785 -75.09 49.86 -87.38
CA GLY C 785 -76.24 49.81 -86.48
C GLY C 785 -76.08 49.18 -85.11
N GLN C 786 -75.96 47.85 -85.05
CA GLN C 786 -75.91 47.17 -83.77
C GLN C 786 -75.28 45.80 -83.98
N SER C 787 -75.44 44.94 -82.97
CA SER C 787 -74.87 43.59 -82.99
C SER C 787 -75.85 42.67 -83.71
N LYS C 788 -75.69 42.54 -85.03
CA LYS C 788 -76.54 41.68 -85.84
C LYS C 788 -76.21 40.21 -85.68
N ASP C 789 -74.99 39.88 -85.25
CA ASP C 789 -74.57 38.50 -85.06
C ASP C 789 -73.93 38.31 -83.68
N GLY C 790 -74.59 38.81 -82.62
CA GLY C 790 -74.04 38.66 -81.29
C GLY C 790 -73.83 37.23 -80.88
N ASP C 791 -74.75 36.34 -81.27
CA ASP C 791 -74.66 34.94 -80.88
C ASP C 791 -73.34 34.33 -81.32
N GLU C 792 -72.98 34.51 -82.60
CA GLU C 792 -71.75 33.88 -83.10
C GLU C 792 -70.52 34.50 -82.46
N PHE C 793 -70.57 35.79 -82.11
CA PHE C 793 -69.42 36.42 -81.49
C PHE C 793 -69.20 35.86 -80.09
N ASN C 794 -70.27 35.81 -79.31
CA ASN C 794 -70.21 35.15 -78.01
C ASN C 794 -69.73 33.72 -78.14
N ASN C 795 -70.25 33.01 -79.15
CA ASN C 795 -69.84 31.62 -79.39
C ASN C 795 -68.35 31.53 -79.70
N SER C 796 -67.86 32.40 -80.58
CA SER C 796 -66.43 32.44 -80.89
C SER C 796 -65.60 32.59 -79.63
N ILE C 797 -66.04 33.49 -78.74
CA ILE C 797 -65.36 33.62 -77.46
C ILE C 797 -65.42 32.29 -76.70
N ARG C 798 -66.58 31.63 -76.74
CA ARG C 798 -66.73 30.37 -76.02
C ARG C 798 -65.84 29.28 -76.61
N GLN C 799 -65.64 29.26 -77.93
CA GLN C 799 -64.79 28.25 -78.53
C GLN C 799 -63.32 28.53 -78.25
N LEU C 800 -62.93 29.79 -78.29
CA LEU C 800 -61.63 30.17 -77.75
C LEU C 800 -61.49 29.62 -76.33
N PHE C 801 -62.56 29.74 -75.54
CA PHE C 801 -62.50 29.33 -74.14
C PHE C 801 -62.43 27.81 -74.02
N LEU C 802 -63.11 27.08 -74.88
CA LEU C 802 -63.06 25.63 -74.82
C LEU C 802 -61.71 25.14 -75.32
N ALA C 803 -61.08 25.91 -76.22
CA ALA C 803 -59.68 25.66 -76.54
C ALA C 803 -58.82 25.83 -75.30
N PHE C 804 -59.09 26.86 -74.50
CA PHE C 804 -58.42 26.99 -73.21
C PHE C 804 -58.65 25.75 -72.35
N ASN C 805 -59.90 25.30 -72.29
CA ASN C 805 -60.25 24.15 -71.46
C ASN C 805 -59.48 22.91 -71.89
N MET C 806 -59.50 22.60 -73.19
CA MET C 806 -58.78 21.44 -73.67
C MET C 806 -57.28 21.56 -73.47
N LEU C 807 -56.68 22.73 -73.68
CA LEU C 807 -55.27 22.92 -73.35
C LEU C 807 -55.02 22.56 -71.89
N MET C 808 -55.84 23.09 -70.99
CA MET C 808 -55.63 22.84 -69.57
C MET C 808 -55.84 21.36 -69.27
N ASP C 809 -56.69 20.69 -70.05
CA ASP C 809 -56.85 19.25 -69.95
C ASP C 809 -55.81 18.49 -70.76
N ARG C 810 -55.16 19.15 -71.73
CA ARG C 810 -53.92 18.63 -72.27
C ARG C 810 -52.84 18.75 -71.19
N PRO C 811 -51.77 17.97 -71.29
CA PRO C 811 -50.76 17.97 -70.23
C PRO C 811 -50.19 19.36 -69.97
N LEU C 812 -49.93 19.65 -68.69
CA LEU C 812 -49.30 20.90 -68.31
C LEU C 812 -47.88 21.02 -68.86
N GLU C 813 -47.09 19.94 -68.78
CA GLU C 813 -45.64 20.07 -68.88
C GLU C 813 -45.19 20.72 -70.19
N GLU C 814 -45.99 20.56 -71.26
CA GLU C 814 -45.59 21.12 -72.55
C GLU C 814 -45.52 22.64 -72.50
N ALA C 815 -46.46 23.26 -71.80
CA ALA C 815 -46.62 24.72 -71.85
C ALA C 815 -46.95 25.30 -70.49
N VAL C 816 -46.42 24.71 -69.41
CA VAL C 816 -46.72 25.18 -68.05
C VAL C 816 -46.62 26.70 -67.97
N LYS C 817 -45.65 27.28 -68.68
CA LYS C 817 -45.51 28.73 -68.77
C LYS C 817 -46.75 29.38 -69.40
N ILE C 818 -47.26 28.77 -70.47
CA ILE C 818 -48.39 29.38 -71.19
C ILE C 818 -49.69 29.15 -70.43
N LYS C 819 -49.78 28.06 -69.67
CA LYS C 819 -50.97 27.81 -68.87
C LYS C 819 -50.99 28.75 -67.66
N GLY C 820 -49.81 29.04 -67.10
CA GLY C 820 -49.71 30.15 -66.16
C GLY C 820 -50.08 31.47 -66.79
N ALA C 821 -49.60 31.72 -67.99
CA ALA C 821 -49.97 32.94 -68.70
C ALA C 821 -51.48 33.00 -68.93
N ALA C 822 -52.10 31.84 -69.10
CA ALA C 822 -53.55 31.72 -69.24
C ALA C 822 -54.22 32.19 -67.97
N LEU C 823 -53.98 31.46 -66.86
CA LEU C 823 -54.55 31.87 -65.58
C LEU C 823 -54.20 33.30 -65.24
N LYS C 824 -53.21 33.87 -65.92
CA LYS C 824 -52.83 35.26 -65.71
C LYS C 824 -53.71 36.21 -66.51
N TYR C 825 -53.78 35.99 -67.83
CA TYR C 825 -54.30 37.01 -68.74
C TYR C 825 -55.69 36.71 -69.28
N LEU C 826 -56.11 35.46 -69.32
CA LEU C 826 -57.54 35.23 -69.50
C LEU C 826 -58.34 35.99 -68.46
N PRO C 827 -57.91 36.08 -67.20
CA PRO C 827 -58.50 37.07 -66.30
C PRO C 827 -58.26 38.51 -66.72
N SER C 828 -57.23 38.80 -67.52
CA SER C 828 -56.96 40.19 -67.88
C SER C 828 -57.98 40.69 -68.89
N ILE C 829 -58.68 39.77 -69.55
CA ILE C 829 -59.66 40.18 -70.56
C ILE C 829 -61.07 40.18 -70.01
N ILE C 830 -61.31 39.55 -68.86
CA ILE C 830 -62.66 39.47 -68.32
C ILE C 830 -63.21 40.86 -68.03
N ASN C 831 -62.34 41.84 -67.81
CA ASN C 831 -62.83 43.18 -67.58
C ASN C 831 -63.49 43.77 -68.82
N ASP C 832 -62.84 43.66 -69.98
CA ASP C 832 -63.50 44.08 -71.21
C ASP C 832 -64.63 43.14 -71.60
N VAL C 833 -64.59 41.91 -71.07
CA VAL C 833 -65.75 41.01 -71.20
C VAL C 833 -66.95 41.63 -70.52
N LYS C 834 -66.74 42.22 -69.34
CA LYS C 834 -67.83 42.85 -68.59
C LYS C 834 -68.58 43.87 -69.42
N LEU C 835 -67.88 44.59 -70.29
CA LEU C 835 -68.51 45.58 -71.14
C LEU C 835 -69.48 44.97 -72.14
N VAL C 836 -69.19 43.76 -72.63
CA VAL C 836 -69.83 43.28 -73.85
C VAL C 836 -70.41 41.88 -73.66
N PHE C 837 -70.71 41.49 -72.43
CA PHE C 837 -71.19 40.13 -72.22
C PHE C 837 -72.10 40.06 -71.00
N ASP C 838 -72.89 39.00 -70.95
CA ASP C 838 -73.58 38.65 -69.71
C ASP C 838 -72.60 37.92 -68.80
N PRO C 839 -72.12 38.55 -67.73
CA PRO C 839 -71.00 37.97 -66.99
C PRO C 839 -71.33 36.67 -66.28
N VAL C 840 -72.60 36.29 -66.18
CA VAL C 840 -72.94 34.99 -65.61
C VAL C 840 -72.27 33.88 -66.39
N GLU C 841 -72.32 33.97 -67.72
CA GLU C 841 -71.66 32.98 -68.56
C GLU C 841 -70.15 33.04 -68.34
N LEU C 842 -69.58 34.24 -68.24
CA LEU C 842 -68.16 34.35 -67.98
C LEU C 842 -67.77 33.66 -66.69
N SER C 843 -68.59 33.85 -65.66
CA SER C 843 -68.34 33.24 -64.36
C SER C 843 -68.37 31.72 -64.46
N VAL C 844 -69.45 31.17 -65.04
CA VAL C 844 -69.57 29.73 -65.12
C VAL C 844 -68.46 29.17 -66.01
N LEU C 845 -68.08 29.90 -67.05
CA LEU C 845 -66.99 29.49 -67.92
C LEU C 845 -65.71 29.32 -67.12
N PHE C 846 -65.27 30.40 -66.49
CA PHE C 846 -64.02 30.32 -65.73
C PHE C 846 -64.12 29.33 -64.58
N CYS C 847 -65.32 29.10 -64.07
CA CYS C 847 -65.50 28.02 -63.09
C CYS C 847 -65.11 26.70 -63.72
N LYS C 848 -65.72 26.38 -64.87
CA LYS C 848 -65.34 25.18 -65.61
C LYS C 848 -63.84 25.12 -65.84
N PHE C 849 -63.28 26.26 -66.24
CA PHE C 849 -61.84 26.38 -66.44
C PHE C 849 -61.09 25.95 -65.19
N ILE C 850 -61.66 26.24 -64.01
CA ILE C 850 -61.06 25.79 -62.76
C ILE C 850 -61.22 24.27 -62.61
N GLN C 851 -62.40 23.73 -62.95
CA GLN C 851 -62.46 22.27 -63.06
C GLN C 851 -61.58 21.76 -64.19
N SER C 852 -61.32 22.58 -65.21
CA SER C 852 -60.38 22.14 -66.23
C SER C 852 -59.00 22.02 -65.61
N ILE C 853 -58.79 22.75 -64.52
CA ILE C 853 -57.52 22.74 -63.79
C ILE C 853 -57.55 21.59 -62.80
N PRO C 854 -56.60 20.66 -62.88
CA PRO C 854 -56.54 19.59 -61.87
C PRO C 854 -56.12 20.13 -60.51
N ASP C 855 -55.97 19.21 -59.56
CA ASP C 855 -55.73 19.57 -58.17
C ASP C 855 -54.26 19.48 -57.77
N ASN C 856 -53.32 19.58 -58.73
CA ASN C 856 -51.91 19.41 -58.40
C ASN C 856 -50.97 20.34 -59.16
N GLN C 857 -51.51 21.24 -59.98
CA GLN C 857 -50.66 22.06 -60.85
C GLN C 857 -50.85 23.53 -60.56
N LEU C 858 -49.72 24.23 -60.36
CA LEU C 858 -49.64 25.69 -60.31
C LEU C 858 -50.76 26.30 -59.46
N VAL C 859 -51.07 25.62 -58.35
CA VAL C 859 -52.25 25.99 -57.55
C VAL C 859 -52.09 27.39 -56.98
N ARG C 860 -50.85 27.76 -56.61
CA ARG C 860 -50.59 29.12 -56.13
C ARG C 860 -51.01 30.14 -57.17
N GLN C 861 -50.63 29.89 -58.42
CA GLN C 861 -50.97 30.80 -59.50
C GLN C 861 -52.46 30.79 -59.77
N LYS C 862 -53.11 29.65 -59.54
CA LYS C 862 -54.57 29.63 -59.63
C LYS C 862 -55.19 30.51 -58.56
N LEU C 863 -54.61 30.49 -57.36
CA LEU C 863 -55.07 31.39 -56.32
C LEU C 863 -54.94 32.83 -56.76
N ASN C 864 -53.77 33.18 -57.30
CA ASN C 864 -53.58 34.49 -57.93
C ASN C 864 -54.67 34.76 -58.96
N CYS C 865 -55.00 33.75 -59.74
CA CYS C 865 -55.97 33.91 -60.82
C CYS C 865 -57.33 34.31 -60.27
N MET C 866 -57.97 33.43 -59.50
CA MET C 866 -59.32 33.80 -59.08
C MET C 866 -59.28 34.98 -58.15
N THR C 867 -58.14 35.26 -57.53
CA THR C 867 -57.94 36.54 -56.89
C THR C 867 -58.23 37.66 -57.87
N LYS C 868 -57.62 37.58 -59.05
CA LYS C 868 -57.84 38.63 -60.04
C LYS C 868 -59.28 38.68 -60.51
N ILE C 869 -59.90 37.53 -60.73
CA ILE C 869 -61.29 37.53 -61.20
C ILE C 869 -62.22 38.15 -60.17
N VAL C 870 -62.11 37.74 -58.91
CA VAL C 870 -62.97 38.34 -57.89
C VAL C 870 -62.60 39.80 -57.69
N GLU C 871 -61.32 40.13 -57.89
CA GLU C 871 -60.79 41.47 -57.64
C GLU C 871 -61.62 42.56 -58.29
N SER C 872 -61.68 42.55 -59.61
CA SER C 872 -62.67 43.31 -60.34
C SER C 872 -63.81 42.36 -60.64
N THR C 873 -64.72 42.81 -61.49
CA THR C 873 -65.80 41.96 -62.00
C THR C 873 -66.74 41.53 -60.89
N LEU C 874 -66.38 41.84 -59.64
CA LEU C 874 -67.32 41.63 -58.56
C LEU C 874 -67.98 42.94 -58.16
N PHE C 875 -67.50 44.06 -58.71
CA PHE C 875 -68.27 45.29 -58.59
C PHE C 875 -69.65 45.11 -59.21
N ARG C 876 -69.75 44.31 -60.26
CA ARG C 876 -71.04 43.84 -60.76
C ARG C 876 -71.37 42.56 -60.00
N GLN C 877 -71.61 42.73 -58.70
CA GLN C 877 -71.65 41.60 -57.77
C GLN C 877 -72.84 40.69 -58.03
N SER C 878 -74.03 41.30 -58.19
CA SER C 878 -75.28 40.60 -57.93
C SER C 878 -75.39 39.27 -58.67
N GLU C 879 -75.11 39.26 -59.96
CA GLU C 879 -75.37 38.06 -60.75
C GLU C 879 -74.14 37.18 -60.94
N CYS C 880 -72.99 37.53 -60.36
CA CYS C 880 -71.79 36.71 -60.45
C CYS C 880 -71.29 36.24 -59.10
N ARG C 881 -71.46 37.06 -58.07
CA ARG C 881 -71.10 36.69 -56.70
C ARG C 881 -71.51 35.27 -56.37
N GLU C 882 -72.82 35.01 -56.40
CA GLU C 882 -73.34 33.74 -55.94
C GLU C 882 -72.89 32.58 -56.82
N VAL C 883 -72.66 32.83 -58.11
CA VAL C 883 -72.39 31.73 -59.02
C VAL C 883 -70.91 31.35 -58.97
N LEU C 884 -70.04 32.36 -58.86
CA LEU C 884 -68.63 32.06 -58.61
C LEU C 884 -68.44 31.41 -57.26
N LEU C 885 -69.09 31.96 -56.25
CA LEU C 885 -68.89 31.70 -54.83
C LEU C 885 -68.65 30.24 -54.46
N PRO C 886 -69.54 29.32 -54.84
CA PRO C 886 -69.42 27.96 -54.27
C PRO C 886 -68.13 27.26 -54.64
N LEU C 887 -67.80 27.23 -55.93
CA LEU C 887 -66.52 26.70 -56.37
C LEU C 887 -65.37 27.36 -55.61
N LEU C 888 -65.46 28.67 -55.41
CA LEU C 888 -64.42 29.37 -54.69
C LEU C 888 -64.25 28.81 -53.29
N THR C 889 -65.36 28.65 -52.57
CA THR C 889 -65.28 28.13 -51.22
C THR C 889 -64.78 26.70 -51.21
N ASP C 890 -65.14 25.92 -52.22
CA ASP C 890 -64.70 24.53 -52.26
C ASP C 890 -63.19 24.44 -52.46
N GLN C 891 -62.63 25.20 -53.40
CA GLN C 891 -61.19 25.17 -53.55
C GLN C 891 -60.49 25.77 -52.33
N LEU C 892 -61.08 26.81 -51.72
CA LEU C 892 -60.48 27.36 -50.51
C LEU C 892 -60.52 26.35 -49.38
N SER C 893 -61.58 25.56 -49.31
CA SER C 893 -61.68 24.56 -48.25
C SER C 893 -60.78 23.36 -48.55
N GLY C 894 -60.41 23.17 -49.81
CA GLY C 894 -59.34 22.24 -50.11
C GLY C 894 -57.99 22.79 -49.67
N GLN C 895 -57.75 24.06 -49.96
CA GLN C 895 -56.57 24.77 -49.49
C GLN C 895 -56.58 24.90 -47.97
N LEU C 896 -57.73 24.66 -47.34
CA LEU C 896 -57.98 24.87 -45.93
C LEU C 896 -57.09 23.96 -45.08
N ASP C 897 -57.30 22.66 -45.24
CA ASP C 897 -56.42 21.64 -44.67
C ASP C 897 -56.15 20.61 -45.75
N ASP C 898 -55.00 20.72 -46.39
CA ASP C 898 -54.60 19.72 -47.36
C ASP C 898 -53.23 19.14 -47.03
N ASN C 899 -52.67 19.47 -45.87
CA ASN C 899 -51.39 18.99 -45.35
C ASN C 899 -50.21 19.44 -46.19
N SER C 900 -50.42 20.34 -47.15
CA SER C 900 -49.34 20.99 -47.89
C SER C 900 -49.62 22.46 -48.09
N ASN C 901 -50.54 23.02 -47.31
CA ASN C 901 -51.03 24.38 -47.50
C ASN C 901 -50.07 25.44 -47.01
N LYS C 902 -48.94 25.05 -46.41
CA LYS C 902 -48.02 25.95 -45.74
C LYS C 902 -47.53 27.10 -46.62
N PRO C 903 -47.18 26.90 -47.90
CA PRO C 903 -46.75 28.06 -48.70
C PRO C 903 -47.91 28.87 -49.24
N ASP C 904 -49.09 28.26 -49.36
CA ASP C 904 -50.27 29.00 -49.77
C ASP C 904 -50.96 29.69 -48.60
N HIS C 905 -50.34 29.69 -47.42
CA HIS C 905 -50.80 30.54 -46.33
C HIS C 905 -51.10 31.92 -46.87
N GLU C 906 -50.06 32.59 -47.39
CA GLU C 906 -50.18 33.98 -47.80
C GLU C 906 -51.12 34.13 -48.99
N ALA C 907 -51.13 33.16 -49.89
CA ALA C 907 -52.00 33.26 -51.06
C ALA C 907 -53.46 33.17 -50.66
N SER C 908 -53.81 32.16 -49.86
CA SER C 908 -55.15 32.02 -49.34
C SER C 908 -55.54 33.25 -48.54
N SER C 909 -54.59 33.82 -47.80
CA SER C 909 -54.86 35.03 -47.04
C SER C 909 -55.22 36.16 -47.97
N GLN C 910 -54.47 36.30 -49.07
CA GLN C 910 -54.74 37.38 -50.02
C GLN C 910 -56.13 37.24 -50.61
N LEU C 911 -56.43 36.04 -51.13
CA LEU C 911 -57.77 35.72 -51.56
C LEU C 911 -58.78 36.20 -50.52
N LEU C 912 -58.74 35.57 -49.34
CA LEU C 912 -59.74 35.79 -48.32
C LEU C 912 -59.90 37.27 -48.02
N SER C 913 -58.78 37.96 -47.88
CA SER C 913 -58.75 39.39 -47.59
C SER C 913 -59.56 40.16 -48.62
N ASN C 914 -59.14 40.10 -49.87
CA ASN C 914 -59.78 40.91 -50.88
C ASN C 914 -61.24 40.51 -51.03
N ILE C 915 -61.52 39.22 -50.96
CA ILE C 915 -62.88 38.76 -51.23
C ILE C 915 -63.81 39.18 -50.10
N LEU C 916 -63.33 39.09 -48.85
CA LEU C 916 -64.19 39.52 -47.76
C LEU C 916 -64.37 41.03 -47.77
N GLU C 917 -63.33 41.77 -48.14
CA GLU C 917 -63.50 43.22 -48.12
C GLU C 917 -64.44 43.68 -49.23
N VAL C 918 -64.32 43.09 -50.41
CA VAL C 918 -65.30 43.41 -51.45
C VAL C 918 -66.67 42.89 -51.06
N LEU C 919 -66.73 41.89 -50.17
CA LEU C 919 -68.01 41.50 -49.61
C LEU C 919 -68.59 42.61 -48.76
N ASP C 920 -67.73 43.30 -48.00
CA ASP C 920 -68.23 44.42 -47.21
C ASP C 920 -68.56 45.62 -48.08
N ARG C 921 -67.70 45.95 -49.04
CA ARG C 921 -67.78 47.20 -49.77
C ARG C 921 -69.20 47.47 -50.24
N LYS C 922 -69.71 48.65 -49.87
CA LYS C 922 -71.14 48.89 -49.79
C LYS C 922 -71.82 49.02 -51.15
N ASP C 923 -71.14 49.66 -52.10
CA ASP C 923 -71.71 49.93 -53.41
C ASP C 923 -71.61 48.75 -54.36
N VAL C 924 -71.45 47.54 -53.83
CA VAL C 924 -71.15 46.39 -54.67
C VAL C 924 -72.42 45.58 -54.95
N GLY C 925 -73.25 45.36 -53.94
CA GLY C 925 -74.47 44.59 -54.14
C GLY C 925 -75.03 43.95 -52.88
N ALA C 926 -76.04 43.09 -53.04
CA ALA C 926 -76.66 42.43 -51.90
C ALA C 926 -75.99 41.10 -51.60
N THR C 927 -75.40 40.99 -50.40
CA THR C 927 -74.61 39.81 -50.09
C THR C 927 -74.73 39.34 -48.64
N ALA C 928 -75.67 39.86 -47.86
CA ALA C 928 -75.79 39.46 -46.46
C ALA C 928 -76.07 37.96 -46.35
N VAL C 929 -77.04 37.48 -47.11
CA VAL C 929 -77.23 36.03 -47.19
C VAL C 929 -75.98 35.36 -47.76
N HIS C 930 -75.32 36.01 -48.71
CA HIS C 930 -74.13 35.43 -49.34
C HIS C 930 -72.99 35.29 -48.35
N ILE C 931 -72.70 36.35 -47.60
CA ILE C 931 -71.67 36.25 -46.58
C ILE C 931 -72.08 35.24 -45.52
N GLN C 932 -73.39 35.10 -45.30
CA GLN C 932 -73.87 34.11 -44.35
C GLN C 932 -73.54 32.70 -44.83
N LEU C 933 -73.71 32.45 -46.12
CA LEU C 933 -73.29 31.16 -46.68
C LEU C 933 -71.80 30.95 -46.49
N ILE C 934 -71.02 31.97 -46.80
CA ILE C 934 -69.57 31.89 -46.72
C ILE C 934 -69.14 31.50 -45.32
N MET C 935 -69.71 32.17 -44.32
CA MET C 935 -69.40 31.87 -42.94
C MET C 935 -69.86 30.49 -42.55
N GLU C 936 -71.10 30.11 -42.91
CA GLU C 936 -71.58 28.78 -42.57
C GLU C 936 -70.62 27.71 -43.01
N ARG C 937 -70.01 27.89 -44.18
CA ARG C 937 -69.11 26.86 -44.67
C ARG C 937 -67.64 27.23 -44.61
N LEU C 938 -67.28 28.27 -43.84
CA LEU C 938 -65.86 28.56 -43.64
C LEU C 938 -65.45 28.92 -42.21
N LEU C 939 -66.38 29.18 -41.30
CA LEU C 939 -65.98 29.70 -39.99
C LEU C 939 -65.12 28.76 -39.17
N ARG C 940 -65.71 27.64 -38.73
CA ARG C 940 -64.96 26.65 -37.98
C ARG C 940 -63.77 26.14 -38.77
N ARG C 941 -63.95 26.09 -40.09
CA ARG C 941 -62.90 25.71 -41.04
C ARG C 941 -61.64 26.56 -40.86
N ILE C 942 -61.79 27.87 -41.01
CA ILE C 942 -60.63 28.75 -40.95
C ILE C 942 -60.13 28.84 -39.51
N ASN C 943 -61.03 28.70 -38.53
CA ASN C 943 -60.57 28.68 -37.14
C ASN C 943 -59.66 27.49 -36.90
N ARG C 944 -60.02 26.33 -37.46
CA ARG C 944 -59.14 25.18 -37.39
C ARG C 944 -57.82 25.47 -38.10
N THR C 945 -57.90 26.16 -39.24
CA THR C 945 -56.70 26.53 -39.96
C THR C 945 -55.74 27.31 -39.07
N VAL C 946 -56.25 28.36 -38.42
CA VAL C 946 -55.44 29.13 -37.50
C VAL C 946 -55.02 28.32 -36.29
N ILE C 947 -55.81 27.31 -35.92
CA ILE C 947 -55.41 26.41 -34.84
C ILE C 947 -54.11 25.70 -35.20
N GLY C 948 -54.03 25.19 -36.42
CA GLY C 948 -52.85 24.45 -36.82
C GLY C 948 -51.59 25.29 -36.88
N MET C 949 -51.69 26.46 -37.50
CA MET C 949 -50.59 27.40 -37.66
C MET C 949 -50.38 28.28 -36.44
N ASN C 950 -50.85 27.84 -35.28
CA ASN C 950 -50.95 28.64 -34.07
C ASN C 950 -49.58 29.12 -33.60
N ARG C 951 -48.53 28.73 -34.32
CA ARG C 951 -47.20 29.26 -34.06
C ARG C 951 -47.20 30.77 -34.25
N GLN C 952 -46.41 31.46 -33.43
CA GLN C 952 -46.35 32.92 -33.53
C GLN C 952 -45.63 33.35 -34.81
N SER C 953 -44.56 32.66 -35.16
CA SER C 953 -43.70 33.09 -36.26
C SER C 953 -44.42 33.35 -37.58
N PRO C 954 -45.38 32.52 -38.03
CA PRO C 954 -46.02 32.81 -39.32
C PRO C 954 -46.79 34.11 -39.33
N HIS C 955 -47.26 34.47 -40.52
CA HIS C 955 -48.08 35.66 -40.73
C HIS C 955 -49.52 35.31 -40.40
N ILE C 956 -49.68 34.30 -39.56
CA ILE C 956 -50.94 33.89 -38.96
C ILE C 956 -51.76 35.11 -38.55
N GLY C 957 -51.10 36.14 -38.05
CA GLY C 957 -51.81 37.34 -37.66
C GLY C 957 -52.61 37.95 -38.79
N SER C 958 -52.14 37.81 -40.02
CA SER C 958 -52.91 38.31 -41.16
C SER C 958 -54.24 37.57 -41.28
N PHE C 959 -54.19 36.25 -41.18
CA PHE C 959 -55.43 35.47 -41.15
C PHE C 959 -56.29 35.87 -39.96
N VAL C 960 -55.65 36.18 -38.84
CA VAL C 960 -56.39 36.59 -37.65
C VAL C 960 -57.20 37.85 -37.95
N ALA C 961 -56.52 38.82 -38.55
CA ALA C 961 -57.18 40.00 -39.06
C ALA C 961 -58.33 39.61 -39.97
N CYS C 962 -58.11 38.57 -40.76
CA CYS C 962 -59.17 38.12 -41.67
C CYS C 962 -60.41 37.61 -40.91
N MET C 963 -60.20 36.77 -39.90
CA MET C 963 -61.33 36.26 -39.12
C MET C 963 -62.10 37.41 -38.48
N ILE C 964 -61.37 38.31 -37.83
CA ILE C 964 -62.04 39.39 -37.13
C ILE C 964 -62.75 40.30 -38.14
N ALA C 965 -62.16 40.47 -39.32
CA ALA C 965 -62.83 41.25 -40.36
C ALA C 965 -64.12 40.61 -40.78
N LEU C 966 -64.11 39.29 -40.95
CA LEU C 966 -65.31 38.56 -41.32
C LEU C 966 -66.38 38.84 -40.29
N LEU C 967 -66.11 38.46 -39.05
CA LEU C 967 -67.10 38.63 -37.99
C LEU C 967 -67.32 40.10 -37.64
N GLN C 968 -66.57 40.99 -38.26
CA GLN C 968 -66.85 42.42 -38.16
C GLN C 968 -67.89 42.83 -39.18
N GLN C 969 -67.71 42.43 -40.44
CA GLN C 969 -68.81 42.45 -41.38
C GLN C 969 -69.97 41.63 -40.86
N MET C 970 -69.70 40.39 -40.48
CA MET C 970 -70.71 39.46 -40.02
C MET C 970 -71.36 39.99 -38.76
N ASP C 971 -72.65 39.74 -38.62
CA ASP C 971 -73.45 40.38 -37.57
C ASP C 971 -74.28 39.37 -36.78
N ASP C 972 -74.85 39.86 -35.68
CA ASP C 972 -75.59 39.03 -34.72
C ASP C 972 -76.50 38.01 -35.38
N SER C 973 -77.33 38.47 -36.31
CA SER C 973 -78.28 37.59 -36.99
C SER C 973 -77.51 36.42 -37.56
N HIS C 974 -76.37 36.69 -38.18
CA HIS C 974 -75.60 35.63 -38.81
C HIS C 974 -74.92 34.72 -37.79
N TYR C 975 -74.44 35.28 -36.68
CA TYR C 975 -74.01 34.45 -35.56
C TYR C 975 -75.05 33.40 -35.21
N SER C 976 -76.26 33.85 -34.86
CA SER C 976 -77.29 32.89 -34.45
C SER C 976 -77.85 32.10 -35.61
N HIS C 977 -77.58 32.52 -36.84
CA HIS C 977 -78.22 31.99 -38.04
C HIS C 977 -78.02 30.49 -38.19
N TYR C 978 -76.77 30.08 -38.45
CA TYR C 978 -76.49 28.67 -38.59
C TYR C 978 -75.34 28.25 -37.69
N ILE C 979 -74.46 29.18 -37.35
CA ILE C 979 -73.40 28.82 -36.43
C ILE C 979 -73.99 28.35 -35.12
N SER C 980 -74.99 29.08 -34.61
CA SER C 980 -75.75 28.57 -33.47
C SER C 980 -76.54 27.34 -33.85
N THR C 981 -76.91 27.21 -35.12
CA THR C 981 -77.79 26.16 -35.61
C THR C 981 -76.97 25.03 -36.26
N PHE C 982 -75.82 24.72 -35.66
CA PHE C 982 -74.97 23.64 -36.14
C PHE C 982 -75.62 22.29 -35.83
N LYS C 983 -74.87 21.21 -36.03
CA LYS C 983 -75.34 19.86 -35.83
C LYS C 983 -75.36 19.51 -34.34
N THR C 984 -75.36 18.21 -34.04
CA THR C 984 -75.52 17.68 -32.68
C THR C 984 -74.79 18.50 -31.63
N ARG C 985 -75.42 18.60 -30.46
CA ARG C 985 -75.06 19.59 -29.45
C ARG C 985 -73.63 19.42 -28.96
N GLN C 986 -73.21 18.19 -28.70
CA GLN C 986 -71.84 17.97 -28.24
C GLN C 986 -70.81 18.46 -29.26
N ASP C 987 -71.15 18.42 -30.56
CA ASP C 987 -70.26 19.02 -31.55
C ASP C 987 -70.17 20.53 -31.34
N ILE C 988 -71.29 21.17 -31.00
CA ILE C 988 -71.24 22.60 -30.73
C ILE C 988 -70.39 22.85 -29.49
N ILE C 989 -70.43 21.95 -28.52
CA ILE C 989 -69.62 22.11 -27.31
C ILE C 989 -68.13 22.01 -27.64
N ASP C 990 -67.76 21.02 -28.45
CA ASP C 990 -66.36 20.90 -28.88
C ASP C 990 -65.93 22.12 -29.65
N PHE C 991 -66.80 22.60 -30.55
CA PHE C 991 -66.50 23.77 -31.35
C PHE C 991 -66.28 24.99 -30.47
N LEU C 992 -67.13 25.17 -29.46
CA LEU C 992 -66.94 26.30 -28.54
C LEU C 992 -65.68 26.16 -27.70
N MET C 993 -65.37 24.94 -27.26
CA MET C 993 -64.11 24.72 -26.56
C MET C 993 -62.93 25.18 -27.42
N GLU C 994 -62.94 24.79 -28.69
CA GLU C 994 -61.87 25.14 -29.61
C GLU C 994 -61.80 26.65 -29.83
N THR C 995 -62.96 27.27 -30.06
CA THR C 995 -62.99 28.72 -30.26
C THR C 995 -62.46 29.44 -29.03
N PHE C 996 -62.83 28.97 -27.85
CA PHE C 996 -62.41 29.65 -26.63
C PHE C 996 -60.92 29.51 -26.38
N ILE C 997 -60.38 28.31 -26.60
CA ILE C 997 -58.94 28.15 -26.38
C ILE C 997 -58.17 29.01 -27.38
N MET C 998 -58.68 29.16 -28.60
CA MET C 998 -57.99 30.06 -29.52
C MET C 998 -58.22 31.52 -29.18
N PHE C 999 -59.37 31.89 -28.66
CA PHE C 999 -59.55 33.27 -28.22
C PHE C 999 -58.51 33.61 -27.16
N LYS C 1000 -58.32 32.71 -26.21
CA LYS C 1000 -57.28 32.94 -25.21
C LYS C 1000 -55.91 33.03 -25.85
N ASP C 1001 -55.59 32.10 -26.75
CA ASP C 1001 -54.30 32.15 -27.42
C ASP C 1001 -54.09 33.42 -28.23
N LEU C 1002 -55.15 34.01 -28.78
CA LEU C 1002 -55.05 35.33 -29.38
C LEU C 1002 -54.71 36.37 -28.33
N ILE C 1003 -55.60 36.58 -27.36
CA ILE C 1003 -55.36 37.65 -26.39
C ILE C 1003 -54.10 37.35 -25.61
N GLY C 1004 -53.96 36.12 -25.12
CA GLY C 1004 -52.71 35.73 -24.49
C GLY C 1004 -51.59 35.68 -25.51
N LYS C 1005 -50.56 36.48 -25.26
CA LYS C 1005 -49.48 36.68 -26.24
C LYS C 1005 -50.06 37.08 -27.59
N ASN C 1006 -50.60 38.30 -27.61
CA ASN C 1006 -51.19 38.84 -28.82
C ASN C 1006 -50.17 38.90 -29.96
N VAL C 1007 -50.66 39.21 -31.15
CA VAL C 1007 -49.95 38.96 -32.38
C VAL C 1007 -49.40 40.28 -32.93
N TYR C 1008 -49.08 41.20 -32.03
CA TYR C 1008 -48.56 42.50 -32.41
C TYR C 1008 -47.26 42.75 -31.66
N ALA C 1009 -46.77 43.99 -31.76
CA ALA C 1009 -45.64 44.45 -30.97
C ALA C 1009 -46.07 45.40 -29.86
N LYS C 1010 -47.36 45.39 -29.52
CA LYS C 1010 -47.99 46.41 -28.70
C LYS C 1010 -47.82 47.75 -29.42
N ASP C 1011 -47.65 47.67 -30.73
CA ASP C 1011 -47.60 48.86 -31.57
C ASP C 1011 -48.84 49.04 -32.41
N TRP C 1012 -49.49 47.95 -32.81
CA TRP C 1012 -50.73 48.08 -33.55
C TRP C 1012 -51.92 48.16 -32.59
N MET C 1013 -51.79 49.09 -31.63
CA MET C 1013 -52.79 49.18 -30.57
C MET C 1013 -54.11 49.72 -31.06
N VAL C 1014 -54.11 50.52 -32.12
CA VAL C 1014 -55.36 51.06 -32.65
C VAL C 1014 -56.24 49.92 -33.14
N MET C 1015 -55.76 49.20 -34.14
CA MET C 1015 -56.45 48.02 -34.61
C MET C 1015 -56.58 46.99 -33.51
N ASN C 1016 -55.67 46.99 -32.55
CA ASN C 1016 -55.85 46.13 -31.38
C ASN C 1016 -57.15 46.44 -30.67
N MET C 1017 -57.40 47.71 -30.39
CA MET C 1017 -58.64 48.08 -29.72
C MET C 1017 -59.82 47.74 -30.60
N THR C 1018 -59.68 47.93 -31.91
CA THR C 1018 -60.77 47.57 -32.82
C THR C 1018 -61.10 46.08 -32.72
N GLN C 1019 -60.07 45.24 -32.73
CA GLN C 1019 -60.33 43.81 -32.66
C GLN C 1019 -60.82 43.41 -31.28
N ASN C 1020 -60.47 44.19 -30.26
CA ASN C 1020 -61.09 43.99 -28.97
C ASN C 1020 -62.59 44.28 -29.05
N ARG C 1021 -62.97 45.31 -29.81
CA ARG C 1021 -64.39 45.57 -30.03
C ARG C 1021 -65.08 44.39 -30.70
N VAL C 1022 -64.48 43.89 -31.77
CA VAL C 1022 -65.10 42.77 -32.46
C VAL C 1022 -65.12 41.55 -31.56
N PHE C 1023 -64.12 41.44 -30.67
CA PHE C 1023 -64.12 40.36 -29.70
C PHE C 1023 -65.24 40.54 -28.69
N LEU C 1024 -65.52 41.77 -28.29
CA LEU C 1024 -66.68 42.04 -27.45
C LEU C 1024 -67.91 41.45 -28.10
N ARG C 1025 -68.10 41.80 -29.37
CA ARG C 1025 -69.24 41.31 -30.11
C ARG C 1025 -69.27 39.78 -30.10
N ALA C 1026 -68.15 39.17 -30.48
CA ALA C 1026 -68.10 37.71 -30.65
C ALA C 1026 -68.35 36.99 -29.33
N ILE C 1027 -67.72 37.45 -28.25
CA ILE C 1027 -67.89 36.80 -26.96
C ILE C 1027 -69.30 36.99 -26.48
N ASN C 1028 -69.93 38.13 -26.76
CA ASN C 1028 -71.34 38.28 -26.45
C ASN C 1028 -72.15 37.22 -27.17
N GLN C 1029 -71.89 37.02 -28.46
CA GLN C 1029 -72.66 36.04 -29.24
C GLN C 1029 -72.50 34.64 -28.67
N PHE C 1030 -71.26 34.23 -28.40
CA PHE C 1030 -71.06 32.93 -27.78
C PHE C 1030 -71.72 32.85 -26.41
N ALA C 1031 -71.74 33.95 -25.68
CA ALA C 1031 -72.44 33.96 -24.40
C ALA C 1031 -73.92 33.63 -24.60
N GLU C 1032 -74.58 34.36 -25.50
CA GLU C 1032 -76.02 34.17 -25.62
C GLU C 1032 -76.35 32.80 -26.21
N VAL C 1033 -75.53 32.30 -27.12
CA VAL C 1033 -75.82 30.99 -27.68
C VAL C 1033 -75.60 29.91 -26.61
N LEU C 1034 -74.55 30.07 -25.82
CA LEU C 1034 -74.31 29.13 -24.73
C LEU C 1034 -75.39 29.22 -23.69
N THR C 1035 -76.09 30.34 -23.62
CA THR C 1035 -77.25 30.41 -22.74
C THR C 1035 -78.42 29.67 -23.35
N ARG C 1036 -78.88 30.12 -24.52
CA ARG C 1036 -80.10 29.58 -25.12
C ARG C 1036 -80.02 28.10 -25.41
N PHE C 1037 -78.82 27.54 -25.62
CA PHE C 1037 -78.67 26.11 -25.68
C PHE C 1037 -78.04 25.51 -24.43
N PHE C 1038 -77.63 26.34 -23.46
CA PHE C 1038 -76.89 25.80 -22.32
C PHE C 1038 -77.17 26.55 -21.02
N MET C 1039 -78.38 27.05 -20.80
CA MET C 1039 -78.77 27.50 -19.47
C MET C 1039 -79.17 26.29 -18.64
N ASP C 1040 -79.81 26.52 -17.50
CA ASP C 1040 -80.42 25.42 -16.77
C ASP C 1040 -81.51 24.74 -17.57
N GLN C 1041 -82.03 25.40 -18.61
CA GLN C 1041 -82.84 24.71 -19.60
C GLN C 1041 -82.07 23.55 -20.23
N ALA C 1042 -80.77 23.72 -20.48
CA ALA C 1042 -79.88 22.59 -20.67
C ALA C 1042 -79.08 22.35 -19.40
N SER C 1043 -79.78 21.86 -18.37
CA SER C 1043 -79.23 21.80 -17.02
C SER C 1043 -77.94 20.99 -16.94
N PHE C 1044 -77.55 20.34 -18.03
CA PHE C 1044 -76.33 19.55 -18.08
C PHE C 1044 -75.34 20.18 -19.06
N GLU C 1045 -74.16 19.60 -19.13
CA GLU C 1045 -73.04 20.08 -19.94
C GLU C 1045 -72.89 21.60 -19.84
N LEU C 1046 -72.63 22.04 -18.60
CA LEU C 1046 -72.47 23.45 -18.25
C LEU C 1046 -71.10 23.73 -17.64
N GLN C 1047 -70.18 22.78 -17.76
CA GLN C 1047 -68.84 22.99 -17.22
C GLN C 1047 -68.05 23.99 -18.03
N LEU C 1048 -68.33 24.11 -19.33
CA LEU C 1048 -67.50 24.85 -20.26
C LEU C 1048 -67.23 26.26 -19.77
N TRP C 1049 -68.08 26.75 -18.86
CA TRP C 1049 -67.95 28.12 -18.38
C TRP C 1049 -66.65 28.35 -17.65
N ASN C 1050 -65.95 27.32 -17.24
CA ASN C 1050 -64.55 27.49 -16.86
C ASN C 1050 -63.86 28.30 -17.95
N ASN C 1051 -63.83 27.71 -19.16
CA ASN C 1051 -63.14 28.32 -20.29
C ASN C 1051 -63.74 29.67 -20.62
N TYR C 1052 -65.06 29.74 -20.68
CA TYR C 1052 -65.73 30.99 -21.02
C TYR C 1052 -65.35 32.11 -20.07
N PHE C 1053 -65.49 31.86 -18.77
CA PHE C 1053 -65.25 32.90 -17.78
C PHE C 1053 -63.78 33.32 -17.75
N HIS C 1054 -62.87 32.34 -17.78
CA HIS C 1054 -61.46 32.69 -17.74
C HIS C 1054 -61.05 33.47 -18.97
N LEU C 1055 -61.54 33.06 -20.13
CA LEU C 1055 -61.30 33.82 -21.35
C LEU C 1055 -61.84 35.23 -21.20
N ALA C 1056 -63.05 35.35 -20.65
CA ALA C 1056 -63.67 36.66 -20.50
C ALA C 1056 -62.82 37.57 -19.61
N VAL C 1057 -62.34 37.03 -18.51
CA VAL C 1057 -61.52 37.83 -17.60
C VAL C 1057 -60.22 38.22 -18.28
N ALA C 1058 -59.58 37.26 -18.96
CA ALA C 1058 -58.31 37.55 -19.61
C ALA C 1058 -58.47 38.67 -20.63
N PHE C 1059 -59.51 38.59 -21.44
CA PHE C 1059 -59.82 39.70 -22.33
C PHE C 1059 -59.96 40.98 -21.53
N LEU C 1060 -60.65 40.91 -20.42
CA LEU C 1060 -60.85 42.01 -19.51
C LEU C 1060 -59.59 42.41 -18.79
N THR C 1061 -58.56 41.59 -18.80
CA THR C 1061 -57.45 41.74 -17.86
C THR C 1061 -56.33 42.54 -18.51
N HIS C 1062 -56.70 43.54 -19.28
CA HIS C 1062 -55.74 44.55 -19.70
C HIS C 1062 -56.54 45.80 -20.04
N GLU C 1063 -55.84 46.83 -20.53
CA GLU C 1063 -56.48 48.09 -20.93
C GLU C 1063 -57.19 48.76 -19.75
N SER C 1064 -56.40 49.14 -18.75
CA SER C 1064 -56.89 49.74 -17.51
C SER C 1064 -56.88 51.26 -17.62
N LEU C 1065 -57.35 51.92 -16.56
CA LEU C 1065 -57.42 53.38 -16.52
C LEU C 1065 -56.09 54.02 -16.91
N GLN C 1066 -55.04 53.70 -16.16
CA GLN C 1066 -53.72 54.30 -16.43
C GLN C 1066 -53.29 54.02 -17.86
N LEU C 1067 -53.73 52.90 -18.44
CA LEU C 1067 -53.35 52.60 -19.81
C LEU C 1067 -53.83 53.69 -20.76
N GLU C 1068 -55.00 54.27 -20.48
CA GLU C 1068 -55.43 55.39 -21.28
C GLU C 1068 -54.88 56.71 -20.76
N THR C 1069 -54.04 56.67 -19.73
CA THR C 1069 -53.55 57.91 -19.12
C THR C 1069 -52.31 58.45 -19.82
N PHE C 1070 -51.69 57.62 -20.66
CA PHE C 1070 -50.34 57.92 -21.13
C PHE C 1070 -50.22 59.30 -21.76
N SER C 1071 -51.31 59.78 -22.34
CA SER C 1071 -51.47 61.22 -22.57
C SER C 1071 -52.73 61.68 -21.87
N GLN C 1072 -52.76 62.96 -21.51
CA GLN C 1072 -54.00 63.53 -21.02
C GLN C 1072 -55.12 63.32 -22.01
N ALA C 1073 -54.85 63.51 -23.30
CA ALA C 1073 -55.86 63.21 -24.31
C ALA C 1073 -56.18 61.72 -24.33
N LYS C 1074 -55.19 60.87 -24.03
CA LYS C 1074 -55.30 59.45 -24.32
C LYS C 1074 -56.59 58.85 -23.77
N ARG C 1075 -56.89 59.09 -22.48
CA ARG C 1075 -58.18 58.66 -21.95
C ARG C 1075 -59.29 59.10 -22.87
N ASN C 1076 -59.33 60.39 -23.15
CA ASN C 1076 -60.49 60.99 -23.79
C ASN C 1076 -60.65 60.45 -25.19
N LYS C 1077 -59.58 60.48 -25.96
CA LYS C 1077 -59.54 59.89 -27.29
C LYS C 1077 -60.14 58.50 -27.27
N ILE C 1078 -59.57 57.62 -26.46
CA ILE C 1078 -59.92 56.22 -26.59
C ILE C 1078 -61.30 55.94 -26.03
N VAL C 1079 -61.74 56.72 -25.05
CA VAL C 1079 -63.11 56.56 -24.56
C VAL C 1079 -64.11 57.05 -25.59
N LYS C 1080 -63.78 58.13 -26.29
CA LYS C 1080 -64.62 58.55 -27.40
C LYS C 1080 -64.74 57.44 -28.43
N LYS C 1081 -63.62 56.87 -28.84
CA LYS C 1081 -63.65 55.90 -29.93
C LYS C 1081 -64.20 54.56 -29.48
N TYR C 1082 -64.14 54.25 -28.18
CA TYR C 1082 -64.49 52.92 -27.69
C TYR C 1082 -65.32 52.92 -26.42
N GLY C 1083 -65.33 53.99 -25.62
CA GLY C 1083 -65.91 53.90 -24.31
C GLY C 1083 -65.00 53.14 -23.36
N ASP C 1084 -65.62 52.49 -22.38
CA ASP C 1084 -64.87 51.62 -21.47
C ASP C 1084 -65.34 50.19 -21.69
N MET C 1085 -64.49 49.40 -22.35
CA MET C 1085 -64.78 48.01 -22.61
C MET C 1085 -64.99 47.25 -21.30
N ARG C 1086 -64.21 47.59 -20.29
CA ARG C 1086 -64.20 46.82 -19.07
C ARG C 1086 -65.56 46.80 -18.40
N LYS C 1087 -66.28 47.92 -18.42
CA LYS C 1087 -67.55 48.02 -17.73
C LYS C 1087 -68.49 46.94 -18.23
N GLU C 1088 -68.86 47.01 -19.51
CA GLU C 1088 -69.82 46.04 -20.02
C GLU C 1088 -69.22 44.63 -20.03
N ILE C 1089 -67.91 44.50 -20.17
CA ILE C 1089 -67.33 43.16 -20.13
C ILE C 1089 -67.66 42.49 -18.81
N GLY C 1090 -67.36 43.21 -17.72
CA GLY C 1090 -67.67 42.68 -16.41
C GLY C 1090 -69.16 42.52 -16.20
N PHE C 1091 -69.96 43.40 -16.79
CA PHE C 1091 -71.40 43.30 -16.63
C PHE C 1091 -71.95 42.04 -17.28
N ARG C 1092 -71.44 41.72 -18.47
CA ARG C 1092 -71.84 40.47 -19.13
C ARG C 1092 -71.42 39.29 -18.30
N ILE C 1093 -70.18 39.29 -17.81
CA ILE C 1093 -69.75 38.21 -16.93
C ILE C 1093 -70.65 38.14 -15.72
N ARG C 1094 -71.15 39.29 -15.26
CA ARG C 1094 -71.90 39.39 -14.02
C ARG C 1094 -73.28 38.76 -14.16
N ASP C 1095 -74.06 39.24 -15.13
CA ASP C 1095 -75.37 38.64 -15.33
C ASP C 1095 -75.25 37.21 -15.82
N MET C 1096 -74.17 36.87 -16.52
CA MET C 1096 -74.00 35.49 -16.95
C MET C 1096 -73.70 34.60 -15.75
N TRP C 1097 -72.88 35.07 -14.83
CA TRP C 1097 -72.68 34.35 -13.58
C TRP C 1097 -73.98 34.11 -12.86
N TYR C 1098 -74.82 35.14 -12.79
CA TYR C 1098 -76.16 34.92 -12.25
C TYR C 1098 -76.87 33.80 -12.99
N ASN C 1099 -76.82 33.84 -14.33
CA ASN C 1099 -77.47 32.81 -15.13
C ASN C 1099 -76.93 31.42 -14.84
N LEU C 1100 -75.66 31.32 -14.46
CA LEU C 1100 -75.06 30.03 -14.14
C LEU C 1100 -75.82 29.35 -13.00
N GLY C 1101 -76.47 30.16 -12.16
CA GLY C 1101 -77.54 29.69 -11.29
C GLY C 1101 -77.14 28.64 -10.28
N PRO C 1102 -77.95 27.59 -10.18
CA PRO C 1102 -77.71 26.59 -9.13
C PRO C 1102 -76.39 25.86 -9.29
N HIS C 1103 -75.69 26.11 -10.39
CA HIS C 1103 -74.41 25.46 -10.66
C HIS C 1103 -73.29 26.22 -9.99
N LYS C 1104 -73.63 27.33 -9.33
CA LYS C 1104 -72.62 28.14 -8.65
C LYS C 1104 -71.89 27.31 -7.60
N ILE C 1105 -72.64 26.59 -6.76
CA ILE C 1105 -72.03 25.72 -5.78
C ILE C 1105 -71.15 24.68 -6.46
N LYS C 1106 -71.51 24.30 -7.69
CA LYS C 1106 -70.66 23.44 -8.48
C LYS C 1106 -69.56 24.21 -9.19
N PHE C 1107 -69.51 25.53 -9.02
CA PHE C 1107 -68.57 26.35 -9.76
C PHE C 1107 -67.84 27.40 -8.92
N ILE C 1108 -68.40 27.82 -7.78
CA ILE C 1108 -67.88 28.96 -7.03
C ILE C 1108 -66.39 28.79 -6.69
N PRO C 1109 -65.99 27.80 -5.90
CA PRO C 1109 -64.61 27.83 -5.36
C PRO C 1109 -63.54 27.87 -6.43
N SER C 1110 -63.78 27.24 -7.58
CA SER C 1110 -62.83 27.27 -8.68
C SER C 1110 -62.64 28.67 -9.22
N MET C 1111 -63.74 29.33 -9.54
CA MET C 1111 -63.75 30.61 -10.23
C MET C 1111 -63.38 31.77 -9.33
N VAL C 1112 -63.12 31.54 -8.05
CA VAL C 1112 -62.84 32.64 -7.13
C VAL C 1112 -61.60 33.40 -7.58
N GLY C 1113 -60.72 32.74 -8.32
CA GLY C 1113 -59.51 33.36 -8.77
C GLY C 1113 -59.74 34.66 -9.53
N PRO C 1114 -60.30 34.55 -10.74
CA PRO C 1114 -60.29 35.71 -11.65
C PRO C 1114 -61.15 36.88 -11.22
N ILE C 1115 -62.01 36.70 -10.22
CA ILE C 1115 -63.05 37.68 -9.94
C ILE C 1115 -62.51 38.80 -9.07
N LEU C 1116 -61.47 38.52 -8.30
CA LEU C 1116 -60.82 39.58 -7.56
C LEU C 1116 -60.22 40.62 -8.51
N GLU C 1117 -59.60 40.15 -9.59
CA GLU C 1117 -59.07 41.03 -10.61
C GLU C 1117 -60.11 42.03 -11.08
N VAL C 1118 -61.29 41.54 -11.44
CA VAL C 1118 -62.32 42.44 -11.92
C VAL C 1118 -62.74 43.38 -10.80
N THR C 1119 -62.82 42.87 -9.56
CA THR C 1119 -63.04 43.77 -8.45
C THR C 1119 -61.86 44.69 -8.25
N LEU C 1120 -60.64 44.22 -8.52
CA LEU C 1120 -59.41 44.98 -8.33
C LEU C 1120 -59.25 46.14 -9.29
N THR C 1121 -60.22 46.39 -10.16
CA THR C 1121 -60.01 47.28 -11.28
C THR C 1121 -59.78 48.71 -10.80
N PRO C 1122 -58.83 49.44 -11.38
CA PRO C 1122 -58.56 50.81 -10.92
C PRO C 1122 -59.75 51.76 -11.06
N GLU C 1123 -60.71 51.45 -11.94
CA GLU C 1123 -61.87 52.31 -12.09
C GLU C 1123 -62.70 52.30 -10.82
N VAL C 1124 -63.80 53.05 -10.78
CA VAL C 1124 -64.65 53.08 -9.59
C VAL C 1124 -65.88 52.19 -9.75
N GLU C 1125 -66.64 52.43 -10.81
CA GLU C 1125 -68.00 51.89 -10.88
C GLU C 1125 -68.02 50.37 -10.90
N LEU C 1126 -67.47 49.75 -11.95
CA LEU C 1126 -67.68 48.31 -12.13
C LEU C 1126 -67.19 47.54 -10.92
N ARG C 1127 -66.13 48.04 -10.29
CA ARG C 1127 -65.71 47.49 -9.01
C ARG C 1127 -66.85 47.55 -8.00
N LYS C 1128 -67.53 48.69 -7.93
CA LYS C 1128 -68.59 48.87 -6.96
C LYS C 1128 -69.78 47.99 -7.29
N ALA C 1129 -69.98 47.70 -8.56
CA ALA C 1129 -71.09 46.86 -9.00
C ALA C 1129 -70.72 45.38 -9.04
N THR C 1130 -69.45 45.05 -8.87
CA THR C 1130 -69.01 43.67 -8.97
C THR C 1130 -68.57 43.13 -7.62
N ILE C 1131 -68.35 44.01 -6.65
CA ILE C 1131 -68.15 43.53 -5.29
C ILE C 1131 -69.45 42.98 -4.69
N PRO C 1132 -70.65 43.42 -5.08
CA PRO C 1132 -71.84 42.66 -4.67
C PRO C 1132 -71.84 41.24 -5.20
N ILE C 1133 -71.10 40.98 -6.28
CA ILE C 1133 -70.93 39.60 -6.74
C ILE C 1133 -70.34 38.76 -5.62
N PHE C 1134 -69.48 39.36 -4.81
CA PHE C 1134 -68.88 38.62 -3.70
C PHE C 1134 -69.96 38.16 -2.74
N PHE C 1135 -70.85 39.06 -2.34
CA PHE C 1135 -71.95 38.65 -1.49
C PHE C 1135 -72.88 37.70 -2.22
N ASP C 1136 -72.96 37.79 -3.54
CA ASP C 1136 -73.87 36.94 -4.30
C ASP C 1136 -73.39 35.50 -4.30
N MET C 1137 -72.13 35.26 -4.68
CA MET C 1137 -71.76 33.86 -4.61
C MET C 1137 -71.58 33.44 -3.17
N MET C 1138 -71.41 34.38 -2.23
CA MET C 1138 -71.43 33.99 -0.83
C MET C 1138 -72.82 33.51 -0.43
N GLN C 1139 -73.86 34.13 -0.98
CA GLN C 1139 -75.22 33.66 -0.70
C GLN C 1139 -75.45 32.29 -1.32
N CYS C 1140 -74.87 32.05 -2.49
CA CYS C 1140 -74.91 30.71 -3.04
C CYS C 1140 -74.14 29.73 -2.15
N GLU C 1141 -73.06 30.22 -1.57
CA GLU C 1141 -72.34 29.49 -0.53
C GLU C 1141 -73.20 29.29 0.69
N PHE C 1142 -74.19 30.14 0.91
CA PHE C 1142 -75.16 29.95 2.01
C PHE C 1142 -76.14 28.83 1.67
N ASN C 1143 -76.60 28.81 0.42
CA ASN C 1143 -77.32 27.65 -0.09
C ASN C 1143 -76.51 26.38 0.12
N PHE C 1144 -75.19 26.47 -0.02
CA PHE C 1144 -74.34 25.35 0.35
C PHE C 1144 -74.25 25.19 1.87
N SER C 1145 -74.12 26.31 2.58
CA SER C 1145 -73.91 26.33 4.04
C SER C 1145 -75.05 25.66 4.76
N GLY C 1146 -76.19 25.53 4.10
CA GLY C 1146 -77.19 24.55 4.47
C GLY C 1146 -76.50 23.26 4.90
N ASN C 1147 -75.46 22.88 4.18
CA ASN C 1147 -74.49 21.89 4.66
C ASN C 1147 -73.12 22.58 4.72
N GLY C 1148 -72.87 23.26 5.84
CA GLY C 1148 -71.57 23.86 6.05
C GLY C 1148 -71.56 25.34 6.34
N ASN C 1149 -70.61 26.06 5.74
CA ASN C 1149 -70.45 27.49 5.97
C ASN C 1149 -69.85 28.10 4.70
N PHE C 1150 -69.35 29.32 4.82
CA PHE C 1150 -68.66 29.99 3.71
C PHE C 1150 -67.18 30.19 4.02
N HIS C 1151 -66.70 29.53 5.08
CA HIS C 1151 -65.30 29.69 5.46
C HIS C 1151 -64.37 29.12 4.40
N MET C 1152 -64.73 27.96 3.84
CA MET C 1152 -63.86 27.31 2.87
C MET C 1152 -63.59 28.24 1.68
N PHE C 1153 -64.64 28.88 1.17
CA PHE C 1153 -64.46 29.85 0.10
C PHE C 1153 -63.60 31.01 0.53
N GLU C 1154 -63.94 31.63 1.66
CA GLU C 1154 -63.23 32.84 2.04
C GLU C 1154 -61.77 32.55 2.28
N ASN C 1155 -61.40 31.31 2.52
CA ASN C 1155 -59.98 30.99 2.66
C ASN C 1155 -59.20 31.35 1.40
N GLU C 1156 -59.63 30.80 0.26
CA GLU C 1156 -58.94 31.15 -0.99
C GLU C 1156 -59.25 32.57 -1.41
N LEU C 1157 -60.39 33.10 -0.98
CA LEU C 1157 -60.65 34.51 -1.15
C LEU C 1157 -59.50 35.32 -0.55
N ILE C 1158 -59.18 35.04 0.71
CA ILE C 1158 -58.10 35.74 1.40
C ILE C 1158 -56.78 35.47 0.72
N THR C 1159 -56.57 34.23 0.29
CA THR C 1159 -55.34 33.86 -0.36
C THR C 1159 -55.10 34.77 -1.56
N LYS C 1160 -55.98 34.66 -2.55
CA LYS C 1160 -55.86 35.46 -3.76
C LYS C 1160 -55.80 36.94 -3.41
N LEU C 1161 -56.60 37.36 -2.44
CA LEU C 1161 -56.60 38.74 -1.99
C LEU C 1161 -55.18 39.15 -1.67
N ASP C 1162 -54.52 38.34 -0.87
CA ASP C 1162 -53.16 38.61 -0.45
C ASP C 1162 -52.29 38.74 -1.69
N GLN C 1163 -52.10 37.63 -2.40
CA GLN C 1163 -51.08 37.63 -3.45
C GLN C 1163 -51.32 38.74 -4.46
N GLU C 1164 -52.56 39.12 -4.69
CA GLU C 1164 -52.75 40.13 -5.70
C GLU C 1164 -52.61 41.53 -5.14
N VAL C 1165 -53.01 41.74 -3.88
CA VAL C 1165 -52.78 43.04 -3.27
C VAL C 1165 -51.29 43.31 -3.16
N GLU C 1166 -50.52 42.32 -2.70
CA GLU C 1166 -49.08 42.47 -2.76
C GLU C 1166 -48.62 42.62 -4.20
N GLY C 1167 -49.39 42.11 -5.15
CA GLY C 1167 -49.16 42.50 -6.53
C GLY C 1167 -49.21 44.00 -6.72
N GLY C 1168 -50.11 44.68 -6.01
CA GLY C 1168 -50.15 46.13 -6.01
C GLY C 1168 -51.18 46.76 -6.91
N ARG C 1169 -52.33 46.11 -7.06
CA ARG C 1169 -53.34 46.55 -8.01
C ARG C 1169 -54.29 47.58 -7.43
N GLY C 1170 -54.98 47.26 -6.35
CA GLY C 1170 -55.84 48.22 -5.70
C GLY C 1170 -55.05 49.16 -4.82
N ASP C 1171 -55.78 50.07 -4.18
CA ASP C 1171 -55.16 51.07 -3.32
C ASP C 1171 -56.10 51.41 -2.18
N GLU C 1172 -55.80 52.50 -1.49
CA GLU C 1172 -56.53 52.84 -0.28
C GLU C 1172 -58.00 53.09 -0.58
N GLN C 1173 -58.28 53.79 -1.67
CA GLN C 1173 -59.64 53.97 -2.11
C GLN C 1173 -60.28 52.63 -2.40
N TYR C 1174 -59.50 51.71 -2.96
CA TYR C 1174 -60.02 50.37 -3.20
C TYR C 1174 -60.42 49.72 -1.89
N LYS C 1175 -59.57 49.86 -0.86
CA LYS C 1175 -59.92 49.26 0.41
C LYS C 1175 -61.18 49.90 0.95
N VAL C 1176 -61.32 51.22 0.81
CA VAL C 1176 -62.47 51.91 1.35
C VAL C 1176 -63.74 51.44 0.65
N LEU C 1177 -63.70 51.38 -0.68
CA LEU C 1177 -64.83 50.90 -1.44
C LEU C 1177 -65.15 49.46 -1.10
N LEU C 1178 -64.13 48.61 -1.03
CA LEU C 1178 -64.32 47.21 -0.70
C LEU C 1178 -65.06 47.12 0.61
N GLU C 1179 -64.52 47.78 1.62
CA GLU C 1179 -65.08 47.75 2.96
C GLU C 1179 -66.53 48.23 2.98
N LYS C 1180 -66.76 49.41 2.42
CA LYS C 1180 -68.11 49.98 2.47
C LYS C 1180 -69.11 49.06 1.76
N LEU C 1181 -68.78 48.64 0.55
CA LEU C 1181 -69.71 47.82 -0.20
C LEU C 1181 -69.97 46.49 0.48
N LEU C 1182 -68.92 45.83 0.98
CA LEU C 1182 -69.14 44.58 1.70
C LEU C 1182 -70.00 44.80 2.93
N LEU C 1183 -69.75 45.91 3.64
CA LEU C 1183 -70.56 46.22 4.80
C LEU C 1183 -72.03 46.29 4.39
N GLU C 1184 -72.33 47.05 3.33
CA GLU C 1184 -73.70 47.18 2.85
C GLU C 1184 -74.28 45.83 2.49
N HIS C 1185 -73.54 45.04 1.69
CA HIS C 1185 -74.01 43.72 1.31
C HIS C 1185 -74.40 42.91 2.53
N CYS C 1186 -73.59 42.98 3.59
CA CYS C 1186 -73.93 42.27 4.81
C CYS C 1186 -75.18 42.83 5.46
N ARG C 1187 -75.34 44.15 5.46
CA ARG C 1187 -76.57 44.74 5.98
C ARG C 1187 -77.79 44.26 5.20
N LYS C 1188 -77.60 43.85 3.95
CA LYS C 1188 -78.73 43.35 3.17
C LYS C 1188 -79.26 42.02 3.67
N HIS C 1189 -78.45 41.25 4.41
CA HIS C 1189 -78.84 39.91 4.81
C HIS C 1189 -78.57 39.69 6.30
N LYS C 1190 -79.13 38.60 6.80
CA LYS C 1190 -79.28 38.29 8.22
C LYS C 1190 -77.98 37.67 8.77
N TYR C 1191 -78.09 37.03 9.94
CA TYR C 1191 -76.99 36.60 10.81
C TYR C 1191 -75.72 36.16 10.07
N LEU C 1192 -75.87 35.35 9.01
CA LEU C 1192 -74.70 34.88 8.28
C LEU C 1192 -73.89 36.05 7.75
N SER C 1193 -74.56 37.16 7.44
CA SER C 1193 -73.87 38.35 7.01
C SER C 1193 -73.04 38.97 8.13
N SER C 1194 -73.36 38.63 9.39
CA SER C 1194 -72.53 39.11 10.50
C SER C 1194 -71.21 38.34 10.58
N SER C 1195 -71.26 37.03 10.32
CA SER C 1195 -70.01 36.27 10.15
C SER C 1195 -69.21 36.82 8.98
N GLY C 1196 -69.91 37.11 7.87
CA GLY C 1196 -69.25 37.80 6.77
C GLY C 1196 -68.66 39.12 7.20
N GLU C 1197 -69.34 39.84 8.08
CA GLU C 1197 -68.84 41.13 8.57
C GLU C 1197 -67.56 40.96 9.36
N VAL C 1198 -67.50 39.95 10.23
CA VAL C 1198 -66.29 39.79 11.03
C VAL C 1198 -65.12 39.34 10.17
N PHE C 1199 -65.38 38.42 9.23
CA PHE C 1199 -64.28 37.98 8.37
C PHE C 1199 -63.86 39.10 7.41
N ALA C 1200 -64.80 39.95 7.01
CA ALA C 1200 -64.43 41.10 6.21
C ALA C 1200 -63.71 42.15 7.04
N LEU C 1201 -63.98 42.23 8.34
CA LEU C 1201 -63.17 43.06 9.21
C LEU C 1201 -61.73 42.57 9.22
N LEU C 1202 -61.57 41.26 9.36
CA LEU C 1202 -60.25 40.66 9.19
C LEU C 1202 -59.65 41.11 7.87
N VAL C 1203 -60.47 41.06 6.81
CA VAL C 1203 -60.01 41.42 5.47
C VAL C 1203 -59.46 42.84 5.47
N SER C 1204 -60.24 43.77 6.00
CA SER C 1204 -59.81 45.17 6.06
C SER C 1204 -58.48 45.29 6.76
N SER C 1205 -58.35 44.61 7.90
CA SER C 1205 -57.08 44.58 8.60
C SER C 1205 -55.97 44.17 7.65
N LEU C 1206 -56.19 43.05 6.97
CA LEU C 1206 -55.23 42.58 5.98
C LEU C 1206 -54.89 43.69 5.00
N LEU C 1207 -55.89 44.47 4.63
CA LEU C 1207 -55.69 45.48 3.62
C LEU C 1207 -54.71 46.52 4.11
N GLU C 1208 -54.90 47.05 5.31
CA GLU C 1208 -53.89 48.01 5.72
C GLU C 1208 -52.55 47.32 5.84
N ASN C 1209 -52.54 46.06 6.28
CA ASN C 1209 -51.27 45.36 6.37
C ASN C 1209 -50.51 45.41 5.07
N LEU C 1210 -51.09 44.86 4.01
CA LEU C 1210 -50.36 44.76 2.76
C LEU C 1210 -50.11 46.14 2.16
N LEU C 1211 -51.08 47.04 2.24
CA LEU C 1211 -50.89 48.34 1.65
C LEU C 1211 -49.73 49.07 2.30
N ASP C 1212 -49.67 49.06 3.63
CA ASP C 1212 -48.56 49.69 4.32
C ASP C 1212 -47.25 49.00 3.97
N TYR C 1213 -47.27 47.67 3.91
CA TYR C 1213 -46.11 46.96 3.40
C TYR C 1213 -45.58 47.61 2.14
N ARG C 1214 -46.43 47.69 1.11
CA ARG C 1214 -45.97 48.17 -0.19
C ARG C 1214 -45.58 49.63 -0.11
N THR C 1215 -46.36 50.43 0.61
CA THR C 1215 -46.07 51.85 0.65
C THR C 1215 -44.70 52.08 1.28
N ILE C 1216 -44.35 51.29 2.29
CA ILE C 1216 -43.02 51.38 2.87
C ILE C 1216 -41.98 50.81 1.93
N ILE C 1217 -42.30 49.73 1.22
CA ILE C 1217 -41.37 49.13 0.28
C ILE C 1217 -40.91 50.16 -0.74
N MET C 1218 -41.87 50.88 -1.33
CA MET C 1218 -41.55 51.89 -2.33
C MET C 1218 -41.24 53.25 -1.73
N GLN C 1219 -41.43 53.42 -0.43
CA GLN C 1219 -41.14 54.69 0.23
C GLN C 1219 -39.71 54.74 0.73
N ASP C 1220 -39.18 53.60 1.16
CA ASP C 1220 -37.84 53.54 1.72
C ASP C 1220 -36.79 53.15 0.70
N GLU C 1221 -37.02 52.04 -0.02
CA GLU C 1221 -36.01 51.47 -0.90
C GLU C 1221 -34.72 51.16 -0.13
N SER C 1222 -34.88 50.86 1.16
CA SER C 1222 -33.80 50.42 2.03
C SER C 1222 -34.11 49.01 2.48
N LYS C 1223 -33.14 48.11 2.33
CA LYS C 1223 -33.39 46.70 2.62
C LYS C 1223 -33.89 46.51 4.04
N GLU C 1224 -33.53 47.43 4.94
CA GLU C 1224 -33.77 47.22 6.36
C GLU C 1224 -35.23 47.45 6.70
N ASN C 1225 -35.81 48.52 6.18
CA ASN C 1225 -37.24 48.69 6.37
C ASN C 1225 -38.00 47.56 5.70
N ARG C 1226 -37.39 46.96 4.69
CA ARG C 1226 -37.99 45.77 4.11
C ARG C 1226 -38.00 44.64 5.11
N MET C 1227 -36.87 44.46 5.81
CA MET C 1227 -36.85 43.52 6.93
C MET C 1227 -38.02 43.78 7.84
N SER C 1228 -38.13 45.03 8.28
CA SER C 1228 -39.19 45.42 9.19
C SER C 1228 -40.54 44.97 8.67
N CYS C 1229 -40.93 45.47 7.50
CA CYS C 1229 -42.29 45.30 7.05
C CYS C 1229 -42.61 43.83 6.83
N THR C 1230 -41.71 43.09 6.20
CA THR C 1230 -42.01 41.69 6.00
C THR C 1230 -42.16 40.97 7.32
N VAL C 1231 -41.38 41.36 8.33
CA VAL C 1231 -41.54 40.71 9.62
C VAL C 1231 -42.86 41.12 10.25
N ASN C 1232 -43.27 42.36 10.03
CA ASN C 1232 -44.50 42.83 10.66
C ASN C 1232 -45.68 42.04 10.12
N VAL C 1233 -45.75 41.91 8.79
CA VAL C 1233 -46.81 41.09 8.21
C VAL C 1233 -46.63 39.64 8.59
N LEU C 1234 -45.38 39.20 8.76
CA LEU C 1234 -45.14 37.83 9.20
C LEU C 1234 -45.81 37.57 10.53
N ASN C 1235 -45.55 38.42 11.51
CA ASN C 1235 -46.18 38.29 12.81
C ASN C 1235 -47.68 38.42 12.68
N PHE C 1236 -48.14 39.31 11.81
CA PHE C 1236 -49.58 39.46 11.64
C PHE C 1236 -50.21 38.15 11.22
N TYR C 1237 -49.70 37.53 10.16
CA TYR C 1237 -50.27 36.27 9.68
C TYR C 1237 -50.11 35.17 10.71
N LYS C 1238 -48.94 35.12 11.35
CA LYS C 1238 -48.73 34.15 12.43
C LYS C 1238 -49.84 34.27 13.45
N GLU C 1239 -50.23 35.50 13.79
CA GLU C 1239 -51.47 35.69 14.53
C GLU C 1239 -52.65 35.12 13.76
N LYS C 1240 -52.75 35.44 12.47
CA LYS C 1240 -53.88 35.07 11.65
C LYS C 1240 -53.94 33.58 11.40
N LYS C 1241 -52.84 32.88 11.63
CA LYS C 1241 -52.75 31.42 11.57
C LYS C 1241 -52.88 30.88 10.15
N ARG C 1242 -52.96 31.76 9.15
CA ARG C 1242 -52.92 31.33 7.76
C ARG C 1242 -51.47 30.95 7.48
N GLU C 1243 -51.09 29.78 7.99
CA GLU C 1243 -49.69 29.41 8.05
C GLU C 1243 -49.03 29.38 6.69
N ASP C 1244 -49.79 29.13 5.63
CA ASP C 1244 -49.18 28.99 4.31
C ASP C 1244 -48.49 30.27 3.88
N ILE C 1245 -49.26 31.34 3.68
CA ILE C 1245 -48.66 32.62 3.29
C ILE C 1245 -47.67 33.06 4.34
N TYR C 1246 -47.89 32.64 5.58
CA TYR C 1246 -46.91 32.89 6.62
C TYR C 1246 -45.57 32.30 6.23
N ILE C 1247 -45.56 31.04 5.82
CA ILE C 1247 -44.37 30.40 5.27
C ILE C 1247 -43.85 31.20 4.10
N ARG C 1248 -44.76 31.70 3.28
CA ARG C 1248 -44.36 32.38 2.06
C ARG C 1248 -43.51 33.59 2.38
N TYR C 1249 -43.99 34.43 3.28
CA TYR C 1249 -43.20 35.60 3.62
C TYR C 1249 -42.03 35.23 4.51
N LEU C 1250 -42.11 34.11 5.21
CA LEU C 1250 -40.90 33.57 5.83
C LEU C 1250 -39.82 33.37 4.81
N TYR C 1251 -40.16 32.76 3.68
CA TYR C 1251 -39.16 32.52 2.65
C TYR C 1251 -38.77 33.80 1.94
N LYS C 1252 -39.71 34.73 1.80
CA LYS C 1252 -39.35 36.06 1.36
C LYS C 1252 -38.23 36.61 2.22
N LEU C 1253 -38.41 36.52 3.53
CA LEU C 1253 -37.42 37.05 4.46
C LEU C 1253 -36.13 36.26 4.37
N ARG C 1254 -36.23 34.95 4.17
CA ARG C 1254 -35.05 34.13 3.96
C ARG C 1254 -34.24 34.67 2.80
N ASP C 1255 -34.92 34.93 1.69
CA ASP C 1255 -34.30 35.58 0.55
C ASP C 1255 -33.60 36.85 1.00
N LEU C 1256 -34.34 37.66 1.75
CA LEU C 1256 -33.84 38.97 2.16
C LEU C 1256 -32.54 38.85 2.92
N HIS C 1257 -32.49 37.95 3.89
CA HIS C 1257 -31.28 37.83 4.71
C HIS C 1257 -30.15 37.20 3.93
N ARG C 1258 -30.45 36.23 3.07
CA ARG C 1258 -29.41 35.73 2.18
C ARG C 1258 -28.80 36.87 1.39
N ASP C 1259 -29.64 37.81 0.94
CA ASP C 1259 -29.12 38.99 0.28
C ASP C 1259 -28.25 39.79 1.25
N CYS C 1260 -28.69 39.92 2.49
CA CYS C 1260 -27.89 40.59 3.50
C CYS C 1260 -26.76 39.71 4.02
N GLU C 1261 -26.65 38.48 3.52
CA GLU C 1261 -25.67 37.49 3.96
C GLU C 1261 -25.75 37.24 5.46
N ASN C 1262 -26.85 37.64 6.08
CA ASN C 1262 -27.09 37.35 7.49
C ASN C 1262 -27.48 35.88 7.60
N TYR C 1263 -26.47 35.03 7.42
CA TYR C 1263 -26.71 33.60 7.48
C TYR C 1263 -27.37 33.22 8.79
N THR C 1264 -27.09 33.98 9.85
CA THR C 1264 -27.67 33.69 11.14
C THR C 1264 -29.17 33.92 11.13
N GLU C 1265 -29.61 35.08 10.67
CA GLU C 1265 -31.04 35.32 10.59
C GLU C 1265 -31.70 34.36 9.61
N ALA C 1266 -31.03 34.10 8.48
CA ALA C 1266 -31.55 33.11 7.55
C ALA C 1266 -31.83 31.80 8.25
N ALA C 1267 -30.85 31.31 9.00
CA ALA C 1267 -31.02 30.06 9.71
C ALA C 1267 -32.12 30.17 10.73
N TYR C 1268 -32.20 31.28 11.44
CA TYR C 1268 -33.22 31.40 12.47
C TYR C 1268 -34.62 31.31 11.86
N THR C 1269 -34.87 32.10 10.82
CA THR C 1269 -36.16 32.07 10.15
C THR C 1269 -36.46 30.68 9.64
N LEU C 1270 -35.54 30.12 8.87
CA LEU C 1270 -35.79 28.83 8.27
C LEU C 1270 -36.03 27.78 9.34
N LEU C 1271 -35.40 27.95 10.49
CA LEU C 1271 -35.66 27.12 11.64
C LEU C 1271 -37.08 27.29 12.13
N LEU C 1272 -37.56 28.53 12.18
CA LEU C 1272 -38.96 28.73 12.51
C LEU C 1272 -39.85 27.94 11.59
N HIS C 1273 -39.53 27.95 10.29
CA HIS C 1273 -40.31 27.13 9.38
C HIS C 1273 -40.23 25.66 9.76
N ALA C 1274 -39.01 25.14 9.90
CA ALA C 1274 -38.83 23.74 10.22
C ALA C 1274 -39.56 23.35 11.48
N GLU C 1275 -39.70 24.27 12.42
CA GLU C 1275 -40.38 23.99 13.66
C GLU C 1275 -41.81 23.53 13.44
N LEU C 1276 -42.44 23.98 12.35
CA LEU C 1276 -43.82 23.60 12.11
C LEU C 1276 -43.95 22.11 11.84
N LEU C 1277 -42.92 21.51 11.25
CA LEU C 1277 -42.98 20.14 10.79
C LEU C 1277 -42.87 19.18 11.98
N GLN C 1278 -42.84 17.89 11.65
CA GLN C 1278 -42.64 16.84 12.64
C GLN C 1278 -41.66 15.81 12.12
N TRP C 1279 -41.13 15.04 13.04
CA TRP C 1279 -40.28 13.90 12.72
C TRP C 1279 -41.09 12.66 12.34
N SER C 1280 -42.35 12.83 11.98
CA SER C 1280 -43.13 11.76 11.39
C SER C 1280 -42.78 11.63 9.92
N ASP C 1281 -43.57 10.86 9.19
CA ASP C 1281 -43.26 10.69 7.77
C ASP C 1281 -44.39 11.20 6.88
N LYS C 1282 -45.62 10.86 7.21
CA LYS C 1282 -46.79 11.09 6.36
C LYS C 1282 -46.83 12.53 5.85
N PRO C 1283 -46.69 12.77 4.54
CA PRO C 1283 -46.72 14.15 4.04
C PRO C 1283 -48.10 14.76 4.20
N CYS C 1284 -48.46 15.10 5.43
CA CYS C 1284 -49.84 15.42 5.76
C CYS C 1284 -50.34 16.69 5.07
N VAL C 1285 -49.44 17.61 4.74
CA VAL C 1285 -49.87 18.88 4.15
C VAL C 1285 -48.96 19.26 2.98
N PRO C 1286 -49.53 19.43 1.78
CA PRO C 1286 -48.75 19.96 0.65
C PRO C 1286 -48.45 21.43 0.77
N HIS C 1287 -49.05 22.11 1.73
CA HIS C 1287 -48.88 23.56 1.87
C HIS C 1287 -47.41 23.89 2.08
N LEU C 1288 -46.74 23.12 2.92
CA LEU C 1288 -45.34 23.36 3.23
C LEU C 1288 -44.45 23.09 2.03
N LEU C 1289 -44.92 22.28 1.10
CA LEU C 1289 -44.19 21.99 -0.12
C LEU C 1289 -44.39 23.17 -1.07
N GLN C 1290 -43.47 24.12 -1.01
CA GLN C 1290 -43.60 25.39 -1.73
C GLN C 1290 -43.38 25.16 -3.23
N ARG C 1291 -43.35 26.25 -3.99
CA ARG C 1291 -43.24 26.17 -5.44
C ARG C 1291 -41.81 25.91 -5.91
N ASP C 1292 -40.84 26.07 -5.02
CA ASP C 1292 -39.44 26.01 -5.42
C ASP C 1292 -39.08 24.62 -5.96
N SER C 1293 -39.11 23.62 -5.07
CA SER C 1293 -39.04 22.23 -5.48
C SER C 1293 -40.22 21.53 -4.84
N TYR C 1294 -40.82 20.60 -5.58
CA TYR C 1294 -42.15 20.11 -5.24
C TYR C 1294 -42.35 18.73 -5.87
N TYR C 1295 -42.27 17.69 -5.06
CA TYR C 1295 -42.73 16.36 -5.43
C TYR C 1295 -42.97 15.58 -4.14
N VAL C 1296 -42.97 14.24 -4.24
CA VAL C 1296 -43.52 13.36 -3.20
C VAL C 1296 -43.13 13.81 -1.79
N TYR C 1297 -41.82 13.96 -1.53
CA TYR C 1297 -41.37 14.70 -0.35
C TYR C 1297 -42.15 14.50 0.95
N THR C 1298 -42.09 13.29 1.49
CA THR C 1298 -42.61 13.01 2.81
C THR C 1298 -42.16 14.07 3.83
N GLN C 1299 -42.96 14.24 4.88
CA GLN C 1299 -42.65 15.21 5.92
C GLN C 1299 -41.23 15.03 6.44
N GLN C 1300 -40.86 13.79 6.71
CA GLN C 1300 -39.53 13.48 7.21
C GLN C 1300 -38.45 14.09 6.34
N GLU C 1301 -38.55 13.89 5.03
CA GLU C 1301 -37.47 14.34 4.17
C GLU C 1301 -37.38 15.85 4.16
N LEU C 1302 -38.52 16.53 4.21
CA LEU C 1302 -38.48 17.99 4.32
C LEU C 1302 -37.76 18.43 5.57
N LYS C 1303 -38.17 17.89 6.71
CA LYS C 1303 -37.57 18.32 7.97
C LYS C 1303 -36.07 18.07 7.92
N GLU C 1304 -35.67 16.92 7.39
CA GLU C 1304 -34.26 16.59 7.32
C GLU C 1304 -33.51 17.58 6.45
N LYS C 1305 -34.05 17.89 5.26
CA LYS C 1305 -33.35 18.86 4.43
C LYS C 1305 -33.19 20.16 5.18
N LEU C 1306 -34.30 20.70 5.68
CA LEU C 1306 -34.26 21.96 6.38
C LEU C 1306 -33.18 21.97 7.44
N TYR C 1307 -33.09 20.91 8.22
CA TYR C 1307 -32.05 20.85 9.24
C TYR C 1307 -30.67 20.86 8.60
N GLN C 1308 -30.49 20.11 7.51
CA GLN C 1308 -29.21 20.11 6.83
C GLN C 1308 -28.78 21.52 6.49
N GLU C 1309 -29.65 22.27 5.82
CA GLU C 1309 -29.22 23.57 5.32
C GLU C 1309 -29.15 24.60 6.44
N ILE C 1310 -29.94 24.41 7.50
CA ILE C 1310 -29.80 25.28 8.65
C ILE C 1310 -28.43 25.10 9.27
N ILE C 1311 -28.01 23.85 9.43
CA ILE C 1311 -26.67 23.60 9.92
C ILE C 1311 -25.65 24.25 9.00
N SER C 1312 -25.86 24.09 7.70
CA SER C 1312 -25.04 24.79 6.71
C SER C 1312 -24.86 26.24 7.10
N TYR C 1313 -25.98 26.95 7.22
CA TYR C 1313 -25.92 28.38 7.51
C TYR C 1313 -25.16 28.63 8.80
N PHE C 1314 -25.57 27.98 9.89
CA PHE C 1314 -24.96 28.26 11.18
C PHE C 1314 -23.45 28.13 11.11
N ASP C 1315 -22.97 27.03 10.52
CA ASP C 1315 -21.52 26.89 10.41
C ASP C 1315 -20.95 28.04 9.61
N LYS C 1316 -21.37 28.20 8.36
CA LYS C 1316 -20.87 29.33 7.60
C LYS C 1316 -21.31 30.66 8.19
N GLY C 1317 -22.32 30.66 9.05
CA GLY C 1317 -22.62 31.83 9.84
C GLY C 1317 -21.69 32.01 11.00
N LYS C 1318 -20.69 31.15 11.12
CA LYS C 1318 -19.65 31.27 12.13
C LYS C 1318 -20.23 31.25 13.54
N MET C 1319 -21.28 30.45 13.72
CA MET C 1319 -21.89 30.31 15.03
C MET C 1319 -22.24 28.83 15.16
N TRP C 1320 -21.74 28.20 16.23
CA TRP C 1320 -21.66 26.76 16.27
C TRP C 1320 -22.48 26.12 17.37
N GLU C 1321 -22.75 26.81 18.47
CA GLU C 1321 -23.46 26.18 19.57
C GLU C 1321 -24.77 25.59 19.10
N LYS C 1322 -25.65 26.43 18.57
CA LYS C 1322 -26.90 25.92 18.03
C LYS C 1322 -26.65 24.89 16.95
N ALA C 1323 -25.56 25.03 16.21
CA ALA C 1323 -25.30 24.06 15.15
C ALA C 1323 -25.21 22.66 15.73
N ILE C 1324 -24.36 22.47 16.74
CA ILE C 1324 -24.25 21.17 17.37
C ILE C 1324 -25.55 20.80 18.04
N LYS C 1325 -26.21 21.78 18.64
CA LYS C 1325 -27.50 21.52 19.27
C LYS C 1325 -28.43 20.80 18.31
N LEU C 1326 -28.58 21.35 17.11
CA LEU C 1326 -29.55 20.81 16.17
C LEU C 1326 -29.04 19.54 15.51
N SER C 1327 -27.73 19.48 15.25
CA SER C 1327 -27.13 18.26 14.77
C SER C 1327 -27.43 17.09 15.69
N LYS C 1328 -27.54 17.34 16.99
CA LYS C 1328 -27.89 16.26 17.90
C LYS C 1328 -29.21 15.61 17.49
N GLU C 1329 -30.25 16.43 17.31
CA GLU C 1329 -31.52 15.87 16.87
C GLU C 1329 -31.39 15.19 15.52
N LEU C 1330 -30.72 15.84 14.57
CA LEU C 1330 -30.65 15.25 13.24
C LEU C 1330 -30.00 13.88 13.28
N ALA C 1331 -28.86 13.78 13.95
CA ALA C 1331 -28.19 12.49 14.08
C ALA C 1331 -29.12 11.47 14.69
N GLU C 1332 -29.73 11.79 15.82
CA GLU C 1332 -30.47 10.75 16.52
C GLU C 1332 -31.69 10.34 15.71
N THR C 1333 -32.27 11.27 14.97
CA THR C 1333 -33.37 10.91 14.07
C THR C 1333 -32.90 9.95 13.00
N TYR C 1334 -31.73 10.20 12.41
CA TYR C 1334 -31.13 9.17 11.57
C TYR C 1334 -31.14 7.83 12.28
N GLU C 1335 -30.37 7.74 13.34
CA GLU C 1335 -30.00 6.46 13.90
C GLU C 1335 -31.16 5.78 14.60
N SER C 1336 -32.29 6.47 14.74
CA SER C 1336 -33.49 5.86 15.27
C SER C 1336 -34.52 5.54 14.22
N LYS C 1337 -34.55 6.26 13.10
CA LYS C 1337 -35.64 6.05 12.16
C LYS C 1337 -35.19 5.65 10.77
N VAL C 1338 -34.16 6.29 10.24
CA VAL C 1338 -33.76 6.07 8.86
C VAL C 1338 -32.43 5.36 8.73
N PHE C 1339 -31.60 5.33 9.76
CA PHE C 1339 -30.41 4.50 9.78
C PHE C 1339 -29.47 4.81 8.63
N ASP C 1340 -29.43 6.04 8.15
CA ASP C 1340 -28.56 6.39 7.03
C ASP C 1340 -27.16 6.57 7.54
N TYR C 1341 -26.51 5.46 7.88
CA TYR C 1341 -25.26 5.53 8.64
C TYR C 1341 -24.18 6.31 7.91
N GLU C 1342 -24.21 6.36 6.58
CA GLU C 1342 -23.26 7.21 5.88
C GLU C 1342 -23.52 8.67 6.21
N GLY C 1343 -24.78 9.08 6.17
CA GLY C 1343 -25.12 10.43 6.59
C GLY C 1343 -24.80 10.66 8.06
N LEU C 1344 -25.10 9.67 8.90
CA LEU C 1344 -24.61 9.71 10.27
C LEU C 1344 -23.16 10.14 10.32
N GLY C 1345 -22.31 9.39 9.62
CA GLY C 1345 -20.88 9.61 9.75
C GLY C 1345 -20.46 10.98 9.28
N ASN C 1346 -20.94 11.37 8.10
CA ASN C 1346 -20.56 12.68 7.58
C ASN C 1346 -21.03 13.78 8.51
N LEU C 1347 -22.27 13.67 9.00
CA LEU C 1347 -22.79 14.62 9.97
C LEU C 1347 -21.88 14.71 11.18
N LEU C 1348 -21.48 13.56 11.72
CA LEU C 1348 -20.66 13.57 12.93
C LEU C 1348 -19.31 14.21 12.67
N LYS C 1349 -18.71 13.91 11.53
CA LYS C 1349 -17.43 14.52 11.21
C LYS C 1349 -17.57 16.04 11.14
N LYS C 1350 -18.68 16.50 10.59
CA LYS C 1350 -18.95 17.93 10.60
C LYS C 1350 -19.09 18.44 12.03
N ARG C 1351 -19.72 17.67 12.90
CA ARG C 1351 -19.83 18.10 14.29
C ARG C 1351 -18.46 18.19 14.96
N ALA C 1352 -17.55 17.29 14.59
CA ALA C 1352 -16.19 17.37 15.10
C ALA C 1352 -15.53 18.65 14.63
N SER C 1353 -15.73 18.99 13.36
CA SER C 1353 -15.23 20.27 12.86
C SER C 1353 -15.78 21.41 13.70
N PHE C 1354 -17.07 21.34 14.04
CA PHE C 1354 -17.67 22.38 14.86
C PHE C 1354 -16.97 22.51 16.21
N TYR C 1355 -16.81 21.38 16.89
CA TYR C 1355 -16.22 21.42 18.22
C TYR C 1355 -14.79 21.96 18.17
N GLU C 1356 -13.99 21.42 17.25
CA GLU C 1356 -12.66 21.96 17.04
C GLU C 1356 -12.70 23.46 16.84
N ASN C 1357 -13.63 23.94 16.01
CA ASN C 1357 -13.76 25.38 15.83
C ASN C 1357 -13.98 26.09 17.15
N ILE C 1358 -14.99 25.65 17.90
CA ILE C 1358 -15.36 26.38 19.11
C ILE C 1358 -14.17 26.52 20.03
N ILE C 1359 -13.37 25.45 20.14
CA ILE C 1359 -12.24 25.56 21.03
C ILE C 1359 -11.11 26.34 20.39
N LYS C 1360 -11.02 26.34 19.06
CA LYS C 1360 -9.81 26.79 18.42
C LYS C 1360 -9.76 28.30 18.25
N ALA C 1361 -10.66 28.85 17.44
CA ALA C 1361 -10.53 30.23 17.00
C ALA C 1361 -11.51 31.12 17.77
N MET C 1362 -11.00 32.23 18.31
CA MET C 1362 -11.82 33.16 19.05
C MET C 1362 -12.46 34.14 18.09
N ARG C 1363 -13.74 34.40 18.32
CA ARG C 1363 -14.57 35.14 17.38
C ARG C 1363 -14.88 36.52 17.92
N PRO C 1364 -14.94 37.51 17.04
CA PRO C 1364 -15.21 38.88 17.50
C PRO C 1364 -16.59 39.02 18.11
N GLN C 1365 -16.69 39.91 19.08
CA GLN C 1365 -17.94 40.14 19.80
C GLN C 1365 -18.68 41.31 19.14
N PRO C 1366 -20.00 41.29 19.07
CA PRO C 1366 -20.73 42.41 18.45
C PRO C 1366 -21.20 43.44 19.47
N GLU C 1367 -21.09 44.72 19.12
CA GLU C 1367 -21.59 45.75 20.01
C GLU C 1367 -23.10 45.86 19.92
N TYR C 1368 -23.72 46.02 21.10
CA TYR C 1368 -25.17 46.17 21.18
C TYR C 1368 -25.48 47.57 21.64
N PHE C 1369 -26.43 48.19 20.95
CA PHE C 1369 -26.81 49.57 21.18
C PHE C 1369 -28.30 49.62 21.47
N ALA C 1370 -28.71 50.71 22.11
CA ALA C 1370 -30.10 50.95 22.40
C ALA C 1370 -30.59 52.06 21.49
N VAL C 1371 -31.83 51.95 21.02
CA VAL C 1371 -32.42 52.94 20.14
C VAL C 1371 -33.83 53.23 20.62
N GLY C 1372 -34.00 54.40 21.23
CA GLY C 1372 -35.33 54.81 21.65
C GLY C 1372 -35.89 55.87 20.74
N TYR C 1373 -36.79 55.47 19.85
CA TYR C 1373 -37.44 56.41 18.95
C TYR C 1373 -38.46 57.21 19.72
N TYR C 1374 -38.58 58.49 19.39
CA TYR C 1374 -39.64 59.33 19.92
C TYR C 1374 -39.91 60.45 18.93
N GLY C 1375 -41.06 61.08 19.09
CA GLY C 1375 -41.54 62.03 18.12
C GLY C 1375 -42.92 61.63 17.67
N GLN C 1376 -43.31 62.09 16.49
CA GLN C 1376 -44.58 61.67 15.94
C GLN C 1376 -44.50 61.17 14.52
N GLY C 1377 -43.58 61.68 13.70
CA GLY C 1377 -43.52 61.26 12.32
C GLY C 1377 -43.14 59.80 12.14
N PHE C 1378 -42.49 59.21 13.14
CA PHE C 1378 -42.17 57.79 13.06
C PHE C 1378 -43.44 57.00 12.86
N PRO C 1379 -43.40 55.92 12.08
CA PRO C 1379 -44.58 55.08 11.89
C PRO C 1379 -45.27 54.71 13.19
N SER C 1380 -46.54 54.30 13.08
CA SER C 1380 -47.34 54.02 14.27
C SER C 1380 -46.65 53.03 15.18
N PHE C 1381 -46.10 51.96 14.61
CA PHE C 1381 -45.35 50.98 15.38
C PHE C 1381 -43.94 51.44 15.68
N LEU C 1382 -43.48 52.52 15.07
CA LEU C 1382 -42.16 53.04 15.31
C LEU C 1382 -42.14 54.30 16.17
N ARG C 1383 -43.22 55.06 16.22
CA ARG C 1383 -43.21 56.28 17.01
C ARG C 1383 -43.08 55.97 18.49
N ASN C 1384 -42.20 56.72 19.15
CA ASN C 1384 -42.11 56.73 20.60
C ASN C 1384 -41.80 55.33 21.14
N LYS C 1385 -40.95 54.62 20.40
CA LYS C 1385 -40.61 53.24 20.73
C LYS C 1385 -39.14 53.16 21.10
N ILE C 1386 -38.74 52.04 21.66
CA ILE C 1386 -37.34 51.78 21.99
C ILE C 1386 -36.91 50.49 21.35
N PHE C 1387 -35.80 50.53 20.62
CA PHE C 1387 -35.25 49.35 19.97
C PHE C 1387 -33.82 49.12 20.42
N ILE C 1388 -33.38 47.88 20.24
CA ILE C 1388 -32.03 47.47 20.61
C ILE C 1388 -31.39 46.89 19.37
N TYR C 1389 -30.14 47.25 19.12
CA TYR C 1389 -29.51 46.92 17.85
C TYR C 1389 -28.25 46.11 18.06
N ARG C 1390 -28.30 44.85 17.63
CA ARG C 1390 -27.15 43.96 17.59
C ARG C 1390 -26.26 44.45 16.45
N GLY C 1391 -25.57 45.55 16.68
CA GLY C 1391 -24.73 46.11 15.65
C GLY C 1391 -23.63 45.14 15.27
N LYS C 1392 -22.89 45.54 14.24
CA LYS C 1392 -21.79 44.71 13.77
C LYS C 1392 -20.73 44.57 14.85
N GLU C 1393 -19.72 43.76 14.58
CA GLU C 1393 -18.86 43.29 15.66
C GLU C 1393 -18.02 44.41 16.25
N TYR C 1394 -17.56 45.35 15.44
CA TYR C 1394 -16.75 46.43 15.99
C TYR C 1394 -17.18 47.76 15.40
N GLU C 1395 -18.48 48.00 15.40
CA GLU C 1395 -19.05 49.27 14.99
C GLU C 1395 -19.12 50.19 16.20
N ARG C 1396 -18.41 51.32 16.14
CA ARG C 1396 -18.48 52.30 17.20
C ARG C 1396 -19.86 52.96 17.23
N ARG C 1397 -20.09 53.76 18.27
CA ARG C 1397 -21.42 54.30 18.50
C ARG C 1397 -21.89 55.18 17.35
N GLU C 1398 -21.04 56.09 16.90
CA GLU C 1398 -21.51 57.08 15.95
C GLU C 1398 -21.45 56.57 14.52
N ASP C 1399 -20.70 55.51 14.24
CA ASP C 1399 -20.82 54.86 12.95
C ASP C 1399 -22.25 54.37 12.74
N PHE C 1400 -22.76 53.64 13.72
CA PHE C 1400 -24.13 53.17 13.65
C PHE C 1400 -25.11 54.33 13.75
N SER C 1401 -24.74 55.38 14.50
CA SER C 1401 -25.59 56.57 14.52
C SER C 1401 -25.79 57.11 13.11
N LEU C 1402 -24.69 57.35 12.41
CA LEU C 1402 -24.76 57.62 10.98
C LEU C 1402 -25.68 56.64 10.28
N ARG C 1403 -25.36 55.34 10.39
CA ARG C 1403 -26.08 54.34 9.60
C ARG C 1403 -27.57 54.39 9.83
N LEU C 1404 -27.98 54.86 11.01
CA LEU C 1404 -29.40 55.11 11.24
C LEU C 1404 -29.85 56.40 10.57
N LEU C 1405 -29.01 57.43 10.58
CA LEU C 1405 -29.40 58.68 9.94
C LEU C 1405 -29.56 58.49 8.45
N THR C 1406 -28.69 57.67 7.84
CA THR C 1406 -28.92 57.22 6.48
C THR C 1406 -30.32 56.63 6.33
N GLN C 1407 -30.77 55.91 7.34
CA GLN C 1407 -32.09 55.32 7.33
C GLN C 1407 -33.19 56.33 7.60
N PHE C 1408 -32.87 57.56 7.96
CA PHE C 1408 -33.94 58.45 8.39
C PHE C 1408 -33.68 59.90 7.99
N PRO C 1409 -34.68 60.57 7.45
CA PRO C 1409 -34.64 62.03 7.39
C PRO C 1409 -34.83 62.58 8.79
N ASN C 1410 -34.95 63.89 8.92
CA ASN C 1410 -35.05 64.56 10.21
C ASN C 1410 -34.02 63.99 11.19
N ALA C 1411 -32.78 63.94 10.72
CA ALA C 1411 -31.70 63.25 11.42
C ALA C 1411 -31.11 64.16 12.49
N GLU C 1412 -31.90 64.38 13.54
CA GLU C 1412 -31.44 65.09 14.72
C GLU C 1412 -31.41 64.14 15.92
N LYS C 1413 -30.62 64.52 16.92
CA LYS C 1413 -30.35 63.68 18.07
C LYS C 1413 -30.71 64.44 19.34
N MET C 1414 -31.30 63.72 20.28
CA MET C 1414 -31.50 64.27 21.60
C MET C 1414 -30.15 64.47 22.29
N THR C 1415 -30.20 65.01 23.50
CA THR C 1415 -28.99 65.12 24.31
C THR C 1415 -29.14 64.57 25.72
N SER C 1416 -30.33 64.61 26.31
CA SER C 1416 -30.59 63.90 27.56
C SER C 1416 -30.84 62.45 27.17
N THR C 1417 -29.73 61.74 26.98
CA THR C 1417 -29.80 60.47 26.26
C THR C 1417 -30.69 59.46 26.96
N THR C 1418 -30.83 59.57 28.29
CA THR C 1418 -31.66 58.58 28.96
C THR C 1418 -33.16 58.80 28.72
N PRO C 1419 -33.76 59.89 29.15
CA PRO C 1419 -35.21 59.98 29.10
C PRO C 1419 -35.68 60.60 27.80
N PRO C 1420 -36.96 60.49 27.48
CA PRO C 1420 -37.53 61.21 26.34
C PRO C 1420 -38.05 62.58 26.76
N GLY C 1421 -38.65 63.27 25.81
CA GLY C 1421 -39.33 64.52 26.06
C GLY C 1421 -40.82 64.40 25.79
N GLU C 1422 -41.63 64.71 26.80
CA GLU C 1422 -43.07 64.56 26.67
C GLU C 1422 -43.62 65.46 25.57
N ASP C 1423 -43.08 66.67 25.46
CA ASP C 1423 -43.39 67.52 24.32
C ASP C 1423 -43.16 66.76 23.02
N ILE C 1424 -42.01 66.08 22.91
CA ILE C 1424 -41.71 65.29 21.73
C ILE C 1424 -42.45 63.97 21.70
N LYS C 1425 -42.94 63.48 22.85
CA LYS C 1425 -43.69 62.24 22.87
C LYS C 1425 -44.89 62.29 21.94
N SER C 1426 -45.40 63.48 21.65
CA SER C 1426 -46.39 63.65 20.60
C SER C 1426 -46.00 64.64 19.53
N SER C 1427 -44.85 65.30 19.67
CA SER C 1427 -44.44 66.27 18.68
C SER C 1427 -44.08 65.60 17.36
N PRO C 1428 -44.39 66.25 16.26
CA PRO C 1428 -43.80 65.87 14.97
C PRO C 1428 -42.31 66.18 14.98
N LYS C 1429 -41.64 66.00 13.84
CA LYS C 1429 -40.19 66.07 13.78
C LYS C 1429 -39.58 65.02 14.70
N GLN C 1430 -39.73 63.77 14.25
CA GLN C 1430 -39.19 62.58 14.89
C GLN C 1430 -37.83 62.86 15.52
N TYR C 1431 -37.66 62.44 16.78
CA TYR C 1431 -36.38 62.53 17.45
C TYR C 1431 -35.87 61.14 17.78
N MET C 1432 -34.67 60.83 17.31
CA MET C 1432 -33.97 59.60 17.65
C MET C 1432 -32.84 59.90 18.62
N GLN C 1433 -32.17 58.84 19.05
CA GLN C 1433 -30.97 58.96 19.86
C GLN C 1433 -30.22 57.64 19.80
N CYS C 1434 -28.92 57.69 20.01
CA CYS C 1434 -28.07 56.52 19.89
C CYS C 1434 -27.11 56.45 21.07
N PHE C 1435 -27.00 55.26 21.66
CA PHE C 1435 -25.96 55.05 22.65
C PHE C 1435 -25.76 53.56 22.84
N THR C 1436 -24.66 53.22 23.51
CA THR C 1436 -24.29 51.82 23.67
C THR C 1436 -24.79 51.29 25.01
N VAL C 1437 -25.05 49.99 25.04
CA VAL C 1437 -25.51 49.32 26.24
C VAL C 1437 -24.65 48.10 26.51
N LYS C 1438 -25.00 47.39 27.56
CA LYS C 1438 -24.20 46.24 27.96
C LYS C 1438 -24.97 44.96 27.79
N PRO C 1439 -24.46 44.01 27.01
CA PRO C 1439 -25.07 42.67 26.98
C PRO C 1439 -24.85 41.97 28.30
N VAL C 1440 -25.92 41.75 29.06
CA VAL C 1440 -25.81 41.12 30.36
C VAL C 1440 -25.15 39.76 30.23
N MET C 1441 -24.36 39.39 31.23
CA MET C 1441 -23.78 38.05 31.29
C MET C 1441 -24.87 37.00 31.19
N SER C 1442 -24.60 35.97 30.41
CA SER C 1442 -25.59 34.96 30.06
C SER C 1442 -25.96 34.13 31.28
N LEU C 1443 -26.77 33.10 31.05
CA LEU C 1443 -27.21 32.17 32.10
C LEU C 1443 -26.87 30.76 31.63
N PRO C 1444 -25.62 30.33 31.78
CA PRO C 1444 -25.24 28.98 31.37
C PRO C 1444 -25.71 27.95 32.38
N PRO C 1445 -26.72 27.15 32.03
CA PRO C 1445 -27.09 26.04 32.90
C PRO C 1445 -26.05 24.96 32.79
N SER C 1446 -25.94 24.16 33.85
CA SER C 1446 -24.96 23.07 33.95
C SER C 1446 -23.53 23.60 33.99
N TYR C 1447 -23.36 24.90 34.15
CA TYR C 1447 -22.05 25.54 34.05
C TYR C 1447 -21.66 26.30 35.29
N LYS C 1448 -22.48 26.28 36.34
CA LYS C 1448 -22.43 27.28 37.40
C LYS C 1448 -21.07 27.36 38.08
N ASP C 1449 -20.35 26.26 38.20
CA ASP C 1449 -19.06 26.31 38.87
C ASP C 1449 -18.02 25.55 38.07
N LYS C 1450 -18.47 24.92 37.00
CA LYS C 1450 -17.64 23.97 36.28
C LYS C 1450 -16.36 24.66 35.79
N PRO C 1451 -15.23 23.98 35.88
CA PRO C 1451 -13.96 24.55 35.38
C PRO C 1451 -13.98 24.71 33.87
N VAL C 1452 -15.01 25.39 33.38
CA VAL C 1452 -15.26 25.58 31.96
C VAL C 1452 -14.14 26.38 31.33
N PRO C 1453 -13.72 26.03 30.12
CA PRO C 1453 -12.82 26.91 29.38
C PRO C 1453 -13.49 28.25 29.10
N GLU C 1454 -12.64 29.27 29.10
CA GLU C 1454 -13.10 30.66 29.02
C GLU C 1454 -13.71 31.00 27.67
N GLN C 1455 -13.35 30.27 26.62
CA GLN C 1455 -13.94 30.50 25.31
C GLN C 1455 -15.46 30.37 25.38
N ILE C 1456 -15.94 29.36 26.09
CA ILE C 1456 -17.38 29.16 26.20
C ILE C 1456 -18.03 30.42 26.78
N LEU C 1457 -17.32 31.07 27.69
CA LEU C 1457 -17.92 32.21 28.36
C LEU C 1457 -17.80 33.46 27.53
N ASN C 1458 -16.75 33.57 26.72
CA ASN C 1458 -16.74 34.66 25.75
C ASN C 1458 -17.95 34.54 24.84
N TYR C 1459 -18.27 33.32 24.42
CA TYR C 1459 -19.47 33.13 23.62
C TYR C 1459 -20.72 33.58 24.37
N TYR C 1460 -21.02 32.93 25.50
CA TYR C 1460 -22.21 33.28 26.26
C TYR C 1460 -22.32 34.74 26.62
N ARG C 1461 -21.21 35.43 26.82
CA ARG C 1461 -21.29 36.83 27.21
C ARG C 1461 -21.73 37.72 26.06
N ALA C 1462 -21.74 37.18 24.84
CA ALA C 1462 -22.21 37.90 23.68
C ALA C 1462 -23.53 37.39 23.13
N ASN C 1463 -23.75 36.08 23.14
CA ASN C 1463 -24.84 35.50 22.38
C ASN C 1463 -25.86 34.88 23.32
N GLU C 1464 -27.06 34.67 22.79
CA GLU C 1464 -28.22 34.25 23.59
C GLU C 1464 -28.46 35.27 24.70
N VAL C 1465 -28.79 36.48 24.27
CA VAL C 1465 -28.85 37.62 25.17
C VAL C 1465 -30.22 38.26 25.10
N GLN C 1466 -30.76 38.57 26.27
CA GLN C 1466 -32.05 39.23 26.41
C GLN C 1466 -32.02 40.39 27.39
N GLN C 1467 -31.09 40.40 28.33
CA GLN C 1467 -31.00 41.42 29.35
C GLN C 1467 -29.88 42.38 29.01
N PHE C 1468 -30.11 43.66 29.29
CA PHE C 1468 -29.17 44.69 28.87
C PHE C 1468 -29.17 45.81 29.89
N ARG C 1469 -27.99 46.08 30.44
CA ARG C 1469 -27.80 47.04 31.49
C ARG C 1469 -27.05 48.24 30.95
N TYR C 1470 -27.21 49.37 31.61
CA TYR C 1470 -26.62 50.62 31.15
C TYR C 1470 -25.99 51.37 32.31
N SER C 1471 -24.76 51.82 32.11
CA SER C 1471 -24.06 52.62 33.12
C SER C 1471 -24.62 54.05 33.09
N ARG C 1472 -24.65 54.70 34.25
CA ARG C 1472 -25.28 56.01 34.34
C ARG C 1472 -24.75 56.83 35.50
N PRO C 1473 -23.95 57.86 35.25
CA PRO C 1473 -23.42 58.67 36.36
C PRO C 1473 -24.52 59.43 37.08
N PHE C 1474 -24.12 60.08 38.17
CA PHE C 1474 -24.98 60.99 38.91
C PHE C 1474 -24.14 61.73 39.93
N ARG C 1475 -24.66 62.86 40.41
CA ARG C 1475 -24.05 63.60 41.49
C ARG C 1475 -24.97 63.58 42.71
N LYS C 1476 -24.66 62.72 43.68
CA LYS C 1476 -25.46 62.63 44.90
C LYS C 1476 -24.55 63.03 46.07
N GLY C 1477 -24.54 64.32 46.39
CA GLY C 1477 -23.73 64.89 47.44
C GLY C 1477 -23.06 66.16 46.97
N GLU C 1478 -22.08 66.63 47.75
CA GLU C 1478 -21.34 67.82 47.38
C GLU C 1478 -20.22 67.47 46.42
N LYS C 1479 -19.93 68.40 45.51
CA LYS C 1479 -19.01 68.13 44.42
C LYS C 1479 -17.61 68.61 44.80
N ASP C 1480 -17.12 68.06 45.90
CA ASP C 1480 -15.79 68.40 46.36
C ASP C 1480 -14.76 68.07 45.26
N PRO C 1481 -13.91 69.04 44.90
CA PRO C 1481 -13.11 68.88 43.67
C PRO C 1481 -12.19 67.68 43.67
N ASP C 1482 -11.68 67.27 44.83
CA ASP C 1482 -10.81 66.12 44.88
C ASP C 1482 -11.54 64.79 44.70
N ASN C 1483 -12.84 64.76 44.91
CA ASN C 1483 -13.57 63.50 44.94
C ASN C 1483 -14.83 63.56 44.10
N GLU C 1484 -14.91 62.70 43.09
CA GLU C 1484 -16.17 62.37 42.48
C GLU C 1484 -17.03 61.51 43.40
N PHE C 1485 -16.40 60.84 44.36
CA PHE C 1485 -16.99 59.77 45.15
C PHE C 1485 -18.05 60.26 46.12
N ALA C 1486 -17.97 61.51 46.55
CA ALA C 1486 -19.02 62.06 47.39
C ALA C 1486 -20.33 62.25 46.63
N THR C 1487 -20.35 61.90 45.35
CA THR C 1487 -21.51 62.11 44.51
C THR C 1487 -21.82 60.92 43.60
N MET C 1488 -20.89 59.99 43.44
CA MET C 1488 -21.04 58.90 42.47
C MET C 1488 -22.19 57.98 42.81
N TRP C 1489 -23.26 58.06 42.03
CA TRP C 1489 -24.35 57.11 42.11
C TRP C 1489 -24.70 56.72 40.68
N ILE C 1490 -24.98 55.45 40.46
CA ILE C 1490 -25.14 54.91 39.12
C ILE C 1490 -26.58 54.47 38.92
N GLU C 1491 -27.21 54.95 37.86
CA GLU C 1491 -28.57 54.59 37.52
C GLU C 1491 -28.56 53.49 36.46
N ARG C 1492 -28.25 52.27 36.89
CA ARG C 1492 -28.20 51.17 35.95
C ARG C 1492 -29.60 50.85 35.44
N THR C 1493 -29.77 50.95 34.13
CA THR C 1493 -31.06 50.73 33.51
C THR C 1493 -31.05 49.37 32.85
N THR C 1494 -32.07 48.57 33.12
CA THR C 1494 -32.16 47.21 32.61
C THR C 1494 -33.12 47.18 31.44
N TYR C 1495 -32.75 46.47 30.38
CA TYR C 1495 -33.56 46.35 29.19
C TYR C 1495 -33.82 44.89 28.91
N THR C 1496 -35.06 44.46 29.11
CA THR C 1496 -35.48 43.09 28.85
C THR C 1496 -36.31 43.12 27.58
N THR C 1497 -35.71 42.73 26.47
CA THR C 1497 -36.44 42.72 25.21
C THR C 1497 -37.28 41.46 25.11
N ALA C 1498 -38.03 41.37 24.02
CA ALA C 1498 -38.91 40.22 23.83
C ALA C 1498 -38.11 38.92 23.73
N TYR C 1499 -37.00 38.94 23.02
CA TYR C 1499 -36.38 37.72 22.53
C TYR C 1499 -34.89 37.67 22.84
N THR C 1500 -34.22 36.69 22.23
CA THR C 1500 -32.81 36.42 22.47
C THR C 1500 -32.03 36.72 21.21
N PHE C 1501 -30.85 37.31 21.37
CA PHE C 1501 -30.05 37.58 20.21
C PHE C 1501 -28.94 36.55 20.08
N PRO C 1502 -28.60 36.15 18.85
CA PRO C 1502 -29.24 36.62 17.63
C PRO C 1502 -30.65 36.08 17.47
N GLY C 1503 -31.49 36.85 16.79
CA GLY C 1503 -32.81 36.37 16.43
C GLY C 1503 -33.00 36.44 14.92
N ILE C 1504 -34.26 36.36 14.47
CA ILE C 1504 -34.52 36.52 13.05
C ILE C 1504 -34.38 37.96 12.62
N LEU C 1505 -34.04 38.86 13.54
CA LEU C 1505 -33.94 40.27 13.24
C LEU C 1505 -32.69 40.87 13.84
N LYS C 1506 -31.95 41.62 13.04
CA LYS C 1506 -30.73 42.26 13.52
C LYS C 1506 -31.01 43.34 14.55
N TRP C 1507 -32.25 43.57 14.91
CA TRP C 1507 -32.60 44.47 16.00
C TRP C 1507 -33.99 44.13 16.49
N PHE C 1508 -34.36 44.75 17.60
CA PHE C 1508 -35.61 44.40 18.25
C PHE C 1508 -36.00 45.55 19.16
N GLU C 1509 -37.29 45.74 19.33
CA GLU C 1509 -37.76 46.67 20.33
C GLU C 1509 -37.55 46.09 21.72
N VAL C 1510 -37.50 46.97 22.72
CA VAL C 1510 -37.50 46.49 24.08
C VAL C 1510 -38.91 46.08 24.46
N LYS C 1511 -39.02 45.11 25.35
CA LYS C 1511 -40.31 44.68 25.85
C LYS C 1511 -40.58 45.16 27.26
N GLN C 1512 -39.53 45.55 27.98
CA GLN C 1512 -39.64 46.05 29.34
C GLN C 1512 -38.37 46.78 29.71
N ILE C 1513 -38.53 48.02 30.13
CA ILE C 1513 -37.45 48.88 30.57
C ILE C 1513 -37.44 48.88 32.09
N SER C 1514 -36.30 49.22 32.69
CA SER C 1514 -36.25 49.47 34.12
C SER C 1514 -34.96 50.22 34.41
N THR C 1515 -34.87 50.75 35.62
CA THR C 1515 -33.66 51.38 36.11
C THR C 1515 -33.22 50.73 37.42
N GLU C 1516 -32.06 51.15 37.89
CA GLU C 1516 -31.54 50.73 39.18
C GLU C 1516 -30.84 51.93 39.81
N GLU C 1517 -30.12 51.65 40.89
CA GLU C 1517 -29.30 52.66 41.54
C GLU C 1517 -28.10 51.98 42.16
N ILE C 1518 -26.97 52.69 42.20
CA ILE C 1518 -25.75 52.17 42.81
C ILE C 1518 -25.17 53.22 43.75
N SER C 1519 -25.03 52.87 45.00
CA SER C 1519 -24.34 53.71 45.98
C SER C 1519 -22.84 53.71 45.70
N PRO C 1520 -22.12 54.73 46.18
CA PRO C 1520 -20.66 54.71 45.99
C PRO C 1520 -20.03 53.49 46.62
N LEU C 1521 -20.63 52.99 47.71
CA LEU C 1521 -20.24 51.69 48.22
C LEU C 1521 -20.34 50.63 47.13
N GLU C 1522 -21.55 50.40 46.62
CA GLU C 1522 -21.72 49.42 45.57
C GLU C 1522 -20.87 49.77 44.35
N ASN C 1523 -20.70 51.07 44.09
CA ASN C 1523 -19.75 51.47 43.07
C ASN C 1523 -18.42 50.77 43.27
N ALA C 1524 -17.78 51.02 44.40
CA ALA C 1524 -16.50 50.38 44.67
C ALA C 1524 -16.64 48.87 44.61
N ILE C 1525 -17.74 48.35 45.14
CA ILE C 1525 -17.92 46.91 45.27
C ILE C 1525 -17.78 46.24 43.91
N GLU C 1526 -18.72 46.54 43.01
CA GLU C 1526 -18.73 45.85 41.73
C GLU C 1526 -17.63 46.33 40.80
N THR C 1527 -17.22 47.60 40.89
CA THR C 1527 -16.10 48.05 40.09
C THR C 1527 -14.85 47.26 40.42
N MET C 1528 -14.57 47.10 41.71
CA MET C 1528 -13.39 46.35 42.11
C MET C 1528 -13.55 44.87 41.80
N GLU C 1529 -14.78 44.35 41.89
CA GLU C 1529 -15.00 42.99 41.42
C GLU C 1529 -14.54 42.87 39.97
N LEU C 1530 -15.25 43.56 39.08
CA LEU C 1530 -14.90 43.56 37.66
C LEU C 1530 -13.41 43.71 37.46
N THR C 1531 -12.78 44.62 38.21
CA THR C 1531 -11.34 44.79 38.10
C THR C 1531 -10.61 43.49 38.40
N ASN C 1532 -10.94 42.87 39.52
CA ASN C 1532 -10.22 41.67 39.95
C ASN C 1532 -10.44 40.54 38.96
N GLU C 1533 -11.68 40.31 38.55
CA GLU C 1533 -11.88 39.25 37.56
C GLU C 1533 -11.21 39.56 36.23
N ARG C 1534 -11.23 40.80 35.76
CA ARG C 1534 -10.50 41.12 34.54
C ARG C 1534 -9.03 40.76 34.68
N ILE C 1535 -8.44 41.14 35.82
CA ILE C 1535 -7.05 40.81 36.07
C ILE C 1535 -6.85 39.31 36.03
N SER C 1536 -7.71 38.59 36.74
CA SER C 1536 -7.63 37.14 36.75
C SER C 1536 -7.65 36.60 35.33
N ASN C 1537 -8.64 37.04 34.54
CA ASN C 1537 -8.83 36.46 33.22
C ASN C 1537 -7.65 36.73 32.31
N CYS C 1538 -7.12 37.96 32.34
CA CYS C 1538 -5.98 38.26 31.48
C CYS C 1538 -4.77 37.44 31.88
N VAL C 1539 -4.44 37.40 33.16
CA VAL C 1539 -3.31 36.60 33.60
C VAL C 1539 -3.52 35.15 33.23
N GLN C 1540 -4.74 34.65 33.38
CA GLN C 1540 -5.00 33.23 33.14
C GLN C 1540 -4.83 32.90 31.67
N GLN C 1541 -5.47 33.66 30.78
CA GLN C 1541 -5.31 33.40 29.36
C GLN C 1541 -3.85 33.50 28.96
N HIS C 1542 -3.09 34.38 29.62
CA HIS C 1542 -1.66 34.31 29.42
C HIS C 1542 -1.07 33.02 29.97
N ALA C 1543 -1.65 32.49 31.03
CA ALA C 1543 -1.12 31.29 31.66
C ALA C 1543 -1.27 30.06 30.79
N TRP C 1544 -2.34 29.95 30.00
CA TRP C 1544 -2.45 28.76 29.18
C TRP C 1544 -1.90 28.94 27.77
N ASP C 1545 -1.90 30.15 27.24
CA ASP C 1545 -1.37 30.42 25.92
C ASP C 1545 -0.14 31.31 26.05
N ARG C 1546 0.93 30.95 25.36
CA ARG C 1546 2.27 31.40 25.74
C ARG C 1546 2.74 32.64 24.97
N SER C 1547 2.88 32.54 23.65
CA SER C 1547 3.34 33.69 22.86
C SER C 1547 2.22 34.73 22.87
N LEU C 1548 2.16 35.46 23.98
CA LEU C 1548 1.00 36.29 24.29
C LEU C 1548 1.51 37.60 24.87
N SER C 1549 0.85 38.69 24.50
CA SER C 1549 1.42 40.01 24.77
C SER C 1549 1.61 40.23 26.26
N VAL C 1550 2.80 40.71 26.62
CA VAL C 1550 3.09 41.09 28.00
C VAL C 1550 2.77 42.54 28.26
N HIS C 1551 2.44 43.28 27.20
CA HIS C 1551 2.04 44.67 27.35
C HIS C 1551 0.89 44.86 28.33
N PRO C 1552 -0.19 44.08 28.28
CA PRO C 1552 -1.29 44.29 29.24
C PRO C 1552 -0.86 44.11 30.68
N LEU C 1553 0.10 43.22 30.93
CA LEU C 1553 0.58 43.05 32.28
C LEU C 1553 1.16 44.35 32.82
N SER C 1554 2.00 45.00 32.02
CA SER C 1554 2.47 46.34 32.37
C SER C 1554 1.28 47.27 32.58
N MET C 1555 0.39 47.35 31.60
CA MET C 1555 -0.78 48.21 31.65
C MET C 1555 -1.42 48.15 33.02
N LEU C 1556 -1.86 46.95 33.35
CA LEU C 1556 -2.76 46.66 34.44
C LEU C 1556 -2.01 46.85 35.75
N LEU C 1557 -0.90 46.13 35.89
CA LEU C 1557 -0.16 46.17 37.14
C LEU C 1557 0.22 47.59 37.49
N SER C 1558 0.77 48.34 36.53
CA SER C 1558 1.04 49.75 36.80
C SER C 1558 -0.23 50.48 37.19
N GLY C 1559 -1.19 50.58 36.27
CA GLY C 1559 -2.31 51.49 36.47
C GLY C 1559 -3.01 51.31 37.80
N ILE C 1560 -3.28 50.06 38.17
CA ILE C 1560 -3.81 49.83 39.52
C ILE C 1560 -2.78 50.21 40.58
N VAL C 1561 -1.53 49.76 40.43
CA VAL C 1561 -0.55 50.03 41.48
C VAL C 1561 -0.34 51.53 41.64
N ASP C 1562 -0.20 52.26 40.55
CA ASP C 1562 -0.11 53.71 40.64
C ASP C 1562 -1.35 54.35 40.04
N PRO C 1563 -2.39 54.59 40.82
CA PRO C 1563 -3.50 55.39 40.31
C PRO C 1563 -3.05 56.83 40.09
N ALA C 1564 -2.23 57.01 39.05
CA ALA C 1564 -1.42 58.23 38.93
C ALA C 1564 -2.29 59.48 38.83
N VAL C 1565 -3.37 59.40 38.06
CA VAL C 1565 -4.27 60.54 37.93
C VAL C 1565 -4.89 60.89 39.28
N MET C 1566 -5.27 59.86 40.05
CA MET C 1566 -6.00 60.06 41.31
C MET C 1566 -5.95 58.77 42.10
N GLY C 1567 -5.53 58.87 43.36
CA GLY C 1567 -5.32 57.66 44.14
C GLY C 1567 -6.62 57.02 44.56
N GLY C 1568 -7.01 55.96 43.87
CA GLY C 1568 -8.30 55.35 44.15
C GLY C 1568 -8.37 54.74 45.53
N PHE C 1569 -7.33 53.99 45.91
CA PHE C 1569 -7.35 53.29 47.19
C PHE C 1569 -7.45 54.29 48.33
N SER C 1570 -6.55 55.28 48.35
CA SER C 1570 -6.62 56.34 49.35
C SER C 1570 -7.98 57.03 49.33
N ASN C 1571 -8.60 57.11 48.15
CA ASN C 1571 -9.90 57.75 48.07
C ASN C 1571 -10.98 56.87 48.68
N TYR C 1572 -10.82 55.54 48.61
CA TYR C 1572 -11.76 54.69 49.32
C TYR C 1572 -11.51 54.76 50.81
N GLU C 1573 -10.26 54.92 51.21
CA GLU C 1573 -9.95 55.11 52.62
C GLU C 1573 -10.68 56.33 53.16
N LYS C 1574 -10.53 57.48 52.49
CA LYS C 1574 -11.25 58.66 52.92
C LYS C 1574 -12.75 58.44 52.84
N ALA C 1575 -13.22 57.76 51.79
CA ALA C 1575 -14.66 57.65 51.55
C ALA C 1575 -15.35 56.83 52.62
N PHE C 1576 -14.84 55.64 52.91
CA PHE C 1576 -15.52 54.70 53.78
C PHE C 1576 -14.72 54.35 55.03
N PHE C 1577 -13.39 54.24 54.90
CA PHE C 1577 -12.59 53.82 56.04
C PHE C 1577 -12.53 54.90 57.10
N THR C 1578 -12.54 56.17 56.71
CA THR C 1578 -12.59 57.25 57.66
C THR C 1578 -13.87 57.20 58.47
N GLU C 1579 -13.73 57.47 59.77
CA GLU C 1579 -14.86 57.34 60.69
C GLU C 1579 -15.99 58.30 60.33
N LYS C 1580 -15.71 59.34 59.55
CA LYS C 1580 -16.79 60.19 59.07
C LYS C 1580 -17.83 59.39 58.31
N TYR C 1581 -17.39 58.36 57.57
CA TYR C 1581 -18.34 57.48 56.91
C TYR C 1581 -19.06 56.60 57.92
N LEU C 1582 -18.35 56.13 58.94
CA LEU C 1582 -18.98 55.31 59.96
C LEU C 1582 -19.85 56.13 60.90
N GLN C 1583 -19.91 57.44 60.70
CA GLN C 1583 -20.98 58.25 61.24
C GLN C 1583 -22.05 58.52 60.19
N GLU C 1584 -21.64 58.57 58.92
CA GLU C 1584 -22.60 58.65 57.82
C GLU C 1584 -23.30 57.32 57.62
N HIS C 1585 -22.58 56.21 57.81
CA HIS C 1585 -23.13 54.86 57.70
C HIS C 1585 -22.71 54.05 58.91
N PRO C 1586 -23.15 54.43 60.11
CA PRO C 1586 -22.79 53.68 61.31
C PRO C 1586 -23.36 52.28 61.29
N GLU C 1587 -24.69 52.20 61.19
CA GLU C 1587 -25.34 50.90 61.01
C GLU C 1587 -25.12 50.37 59.60
N ASP C 1588 -24.74 51.24 58.68
CA ASP C 1588 -24.48 50.86 57.30
C ASP C 1588 -22.98 50.80 57.02
N GLN C 1589 -22.22 50.50 58.06
CA GLN C 1589 -20.79 50.28 57.92
C GLN C 1589 -20.44 48.87 57.47
N GLU C 1590 -21.43 47.98 57.41
CA GLU C 1590 -21.16 46.59 57.07
C GLU C 1590 -20.48 46.44 55.73
N LYS C 1591 -20.75 47.33 54.80
CA LYS C 1591 -20.17 47.25 53.46
C LYS C 1591 -18.67 47.48 53.45
N VAL C 1592 -18.16 48.39 54.28
CA VAL C 1592 -16.76 48.76 54.15
C VAL C 1592 -15.87 47.54 54.39
N GLU C 1593 -16.20 46.70 55.37
CA GLU C 1593 -15.37 45.51 55.58
C GLU C 1593 -15.52 44.54 54.43
N LEU C 1594 -16.68 44.55 53.77
CA LEU C 1594 -16.81 43.77 52.54
C LEU C 1594 -15.84 44.27 51.48
N LEU C 1595 -15.72 45.59 51.31
CA LEU C 1595 -14.74 46.14 50.38
C LEU C 1595 -13.33 45.76 50.79
N LYS C 1596 -13.06 45.79 52.09
CA LYS C 1596 -11.76 45.38 52.57
C LYS C 1596 -11.48 43.93 52.19
N ARG C 1597 -12.50 43.08 52.29
CA ARG C 1597 -12.37 41.71 51.82
C ARG C 1597 -12.13 41.67 50.31
N LEU C 1598 -12.77 42.59 49.57
CA LEU C 1598 -12.60 42.59 48.12
C LEU C 1598 -11.16 42.88 47.74
N ILE C 1599 -10.61 43.97 48.29
CA ILE C 1599 -9.22 44.28 48.02
C ILE C 1599 -8.32 43.21 48.62
N ALA C 1600 -8.79 42.55 49.68
CA ALA C 1600 -8.02 41.47 50.28
C ALA C 1600 -7.84 40.31 49.31
N LEU C 1601 -8.94 39.87 48.68
CA LEU C 1601 -8.83 38.81 47.69
C LEU C 1601 -8.17 39.32 46.41
N GLN C 1602 -8.26 40.63 46.17
CA GLN C 1602 -7.42 41.26 45.15
C GLN C 1602 -5.95 40.97 45.40
N MET C 1603 -5.52 41.10 46.66
CA MET C 1603 -4.11 41.00 47.03
C MET C 1603 -3.43 39.76 46.47
N PRO C 1604 -3.90 38.53 46.73
CA PRO C 1604 -3.22 37.38 46.12
C PRO C 1604 -3.28 37.41 44.62
N LEU C 1605 -4.36 37.95 44.05
CA LEU C 1605 -4.39 38.06 42.60
C LEU C 1605 -3.29 38.97 42.11
N LEU C 1606 -3.06 40.07 42.83
CA LEU C 1606 -1.89 40.88 42.53
C LEU C 1606 -0.63 40.06 42.64
N THR C 1607 -0.57 39.12 43.59
CA THR C 1607 0.60 38.27 43.71
C THR C 1607 0.81 37.46 42.45
N GLU C 1608 -0.24 36.79 41.96
CA GLU C 1608 -0.02 36.00 40.75
C GLU C 1608 0.31 36.89 39.57
N GLY C 1609 -0.28 38.07 39.49
CA GLY C 1609 0.09 38.99 38.43
C GLY C 1609 1.56 39.33 38.47
N ILE C 1610 2.07 39.65 39.67
CA ILE C 1610 3.47 40.03 39.82
C ILE C 1610 4.38 38.88 39.40
N ARG C 1611 4.10 37.69 39.92
CA ARG C 1611 4.96 36.55 39.59
C ARG C 1611 4.92 36.23 38.11
N ILE C 1612 3.72 36.23 37.51
CA ILE C 1612 3.63 35.99 36.06
C ILE C 1612 4.46 37.02 35.33
N HIS C 1613 4.36 38.28 35.74
CA HIS C 1613 5.19 39.32 35.14
C HIS C 1613 6.66 38.93 35.22
N GLY C 1614 7.07 38.35 36.34
CA GLY C 1614 8.42 37.85 36.45
C GLY C 1614 8.71 36.72 35.48
N GLU C 1615 7.70 35.89 35.21
CA GLU C 1615 7.92 34.71 34.36
C GLU C 1615 7.99 35.11 32.90
N LYS C 1616 7.35 36.22 32.53
CA LYS C 1616 7.44 36.77 31.19
C LYS C 1616 8.26 38.05 31.15
N LEU C 1617 9.33 38.09 31.94
CA LEU C 1617 10.00 39.33 32.26
C LEU C 1617 11.03 39.71 31.19
N THR C 1618 11.44 40.97 31.23
CA THR C 1618 12.57 41.47 30.46
C THR C 1618 13.09 42.74 31.13
N GLU C 1619 14.21 43.24 30.63
CA GLU C 1619 14.75 44.49 31.13
C GLU C 1619 13.81 45.65 30.86
N GLN C 1620 12.93 45.50 29.88
CA GLN C 1620 11.91 46.52 29.64
C GLN C 1620 10.74 46.33 30.60
N LEU C 1621 10.66 45.17 31.24
CA LEU C 1621 9.75 44.92 32.34
C LEU C 1621 10.42 44.89 33.69
N LYS C 1622 11.74 44.82 33.74
CA LYS C 1622 12.43 44.69 35.01
C LYS C 1622 12.24 45.90 35.93
N PRO C 1623 12.46 47.14 35.49
CA PRO C 1623 12.33 48.25 36.46
C PRO C 1623 10.90 48.42 36.92
N LEU C 1624 9.96 48.33 35.99
CA LEU C 1624 8.56 48.38 36.37
C LEU C 1624 8.22 47.24 37.32
N HIS C 1625 8.83 46.07 37.10
CA HIS C 1625 8.55 44.89 37.91
C HIS C 1625 9.03 45.07 39.34
N GLU C 1626 10.26 45.52 39.51
CA GLU C 1626 10.78 45.76 40.84
C GLU C 1626 9.98 46.86 41.54
N ARG C 1627 9.60 47.90 40.81
CA ARG C 1627 8.73 48.92 41.39
C ARG C 1627 7.42 48.31 41.83
N LEU C 1628 6.90 47.38 41.04
CA LEU C 1628 5.67 46.68 41.37
C LEU C 1628 5.84 45.89 42.65
N SER C 1629 6.96 45.20 42.79
CA SER C 1629 7.21 44.40 43.98
C SER C 1629 7.33 45.29 45.22
N SER C 1630 8.04 46.40 45.07
CA SER C 1630 8.13 47.38 46.16
C SER C 1630 6.75 47.84 46.58
N CYS C 1631 6.03 48.49 45.67
CA CYS C 1631 4.69 48.96 45.98
C CYS C 1631 3.77 47.82 46.37
N PHE C 1632 4.13 46.58 46.02
CA PHE C 1632 3.26 45.44 46.27
C PHE C 1632 3.32 45.02 47.73
N ARG C 1633 4.51 44.80 48.26
CA ARG C 1633 4.53 44.61 49.71
C ARG C 1633 4.18 45.89 50.46
N GLU C 1634 4.38 47.04 49.84
CA GLU C 1634 3.86 48.28 50.41
C GLU C 1634 2.35 48.17 50.62
N LEU C 1635 1.62 47.76 49.57
CA LEU C 1635 0.18 47.62 49.68
C LEU C 1635 -0.21 46.41 50.51
N LYS C 1636 0.65 45.41 50.60
CA LYS C 1636 0.38 44.28 51.48
C LYS C 1636 0.36 44.73 52.94
N GLU C 1637 1.41 45.41 53.37
CA GLU C 1637 1.41 45.97 54.71
C GLU C 1637 0.32 47.00 54.90
N LYS C 1638 0.00 47.77 53.84
CA LYS C 1638 -1.12 48.69 53.92
C LYS C 1638 -2.41 47.95 54.26
N VAL C 1639 -2.74 46.92 53.50
CA VAL C 1639 -4.01 46.24 53.74
C VAL C 1639 -3.99 45.54 55.08
N GLU C 1640 -2.81 45.09 55.52
CA GLU C 1640 -2.75 44.37 56.79
C GLU C 1640 -2.96 45.29 57.98
N LYS C 1641 -2.31 46.46 58.00
CA LYS C 1641 -2.43 47.30 59.18
C LYS C 1641 -2.99 48.68 58.88
N HIS C 1642 -2.57 49.32 57.79
CA HIS C 1642 -3.21 50.58 57.38
C HIS C 1642 -4.67 50.34 57.05
N TYR C 1643 -4.97 49.29 56.30
CA TYR C 1643 -6.36 49.00 55.96
C TYR C 1643 -6.95 47.90 56.84
N GLY C 1644 -6.10 47.14 57.53
CA GLY C 1644 -6.55 46.22 58.55
C GLY C 1644 -7.18 44.93 58.08
N VAL C 1645 -6.94 44.51 56.84
CA VAL C 1645 -7.56 43.27 56.38
C VAL C 1645 -6.77 42.10 56.93
N ILE C 1646 -7.43 40.96 57.04
CA ILE C 1646 -6.78 39.69 57.31
C ILE C 1646 -6.97 38.80 56.09
N THR C 1647 -5.88 38.50 55.41
CA THR C 1647 -5.94 37.89 54.09
C THR C 1647 -6.20 36.38 54.16
N LEU C 1648 -6.43 35.82 52.98
CA LEU C 1648 -6.68 34.39 52.82
C LEU C 1648 -5.99 33.89 51.55
N MET D 8 -4.68 39.33 14.41
CA MET D 8 -4.77 39.92 15.74
C MET D 8 -3.41 40.36 16.25
N GLN D 9 -3.37 41.52 16.90
CA GLN D 9 -2.13 42.04 17.48
C GLN D 9 -2.48 43.16 18.43
N ALA D 10 -1.60 43.38 19.39
CA ALA D 10 -1.75 44.43 20.39
C ALA D 10 -0.59 45.42 20.26
N ILE D 11 -0.91 46.70 20.49
CA ILE D 11 0.02 47.78 20.23
C ILE D 11 0.19 48.61 21.50
N LYS D 12 1.44 48.90 21.84
CA LYS D 12 1.73 49.87 22.89
C LYS D 12 1.36 51.27 22.42
N CYS D 13 0.58 51.97 23.24
CA CYS D 13 0.14 53.31 22.89
C CYS D 13 0.35 54.22 24.08
N VAL D 14 1.24 55.21 23.94
CA VAL D 14 1.58 56.08 25.06
C VAL D 14 1.08 57.49 24.78
N VAL D 15 0.50 58.10 25.81
CA VAL D 15 0.01 59.47 25.78
C VAL D 15 0.45 60.16 27.05
N VAL D 16 0.99 61.37 26.92
CA VAL D 16 1.27 62.20 28.09
C VAL D 16 0.72 63.61 27.85
N GLY D 17 0.57 64.37 28.92
CA GLY D 17 0.07 65.73 28.82
C GLY D 17 -0.01 66.35 30.18
N ASP D 18 -0.17 67.67 30.19
CA ASP D 18 -0.14 68.44 31.42
C ASP D 18 -1.27 68.00 32.37
N GLY D 19 -1.08 68.31 33.65
CA GLY D 19 -1.97 67.86 34.70
C GLY D 19 -3.24 68.66 34.86
N ALA D 20 -3.53 69.57 33.95
CA ALA D 20 -4.72 70.41 34.04
C ALA D 20 -5.78 70.06 33.00
N VAL D 21 -5.62 68.95 32.28
CA VAL D 21 -6.47 68.70 31.12
C VAL D 21 -7.26 67.41 31.29
N ALA D 22 -6.70 66.43 32.00
CA ALA D 22 -7.32 65.12 32.21
C ALA D 22 -7.58 64.41 30.87
N LYS D 23 -6.49 64.02 30.22
CA LYS D 23 -6.55 63.19 29.02
C LYS D 23 -7.26 61.87 29.30
N THR D 24 -7.26 61.43 30.56
CA THR D 24 -7.97 60.22 30.94
C THR D 24 -9.41 60.27 30.48
N CYS D 25 -10.04 61.45 30.57
CA CYS D 25 -11.40 61.59 30.09
C CYS D 25 -11.50 61.24 28.62
N LEU D 26 -10.56 61.75 27.83
CA LEU D 26 -10.46 61.35 26.43
C LEU D 26 -10.43 59.82 26.31
N LEU D 27 -9.46 59.19 26.96
CA LEU D 27 -9.28 57.76 26.74
C LEU D 27 -10.52 56.96 27.15
N ILE D 28 -11.09 57.26 28.32
CA ILE D 28 -12.21 56.46 28.79
C ILE D 28 -13.47 56.75 28.00
N SER D 29 -13.82 58.02 27.80
CA SER D 29 -15.05 58.33 27.08
C SER D 29 -14.92 57.95 25.62
N TYR D 30 -13.70 57.64 25.16
CA TYR D 30 -13.57 57.05 23.84
C TYR D 30 -13.79 55.55 23.88
N THR D 31 -12.93 54.83 24.61
CA THR D 31 -12.99 53.38 24.61
C THR D 31 -14.37 52.90 24.99
N THR D 32 -15.05 53.64 25.87
CA THR D 32 -16.38 53.29 26.30
C THR D 32 -17.41 53.53 25.20
N ASN D 33 -17.03 54.29 24.17
CA ASN D 33 -17.96 54.74 23.14
C ASN D 33 -19.05 55.63 23.72
N ALA D 34 -18.89 56.04 24.96
CA ALA D 34 -19.99 56.51 25.77
C ALA D 34 -20.59 57.81 25.22
N PHE D 35 -21.81 58.09 25.67
CA PHE D 35 -22.43 59.36 25.40
C PHE D 35 -21.63 60.48 26.07
N PRO D 36 -21.61 61.67 25.48
CA PRO D 36 -20.88 62.79 26.09
C PRO D 36 -21.28 63.01 27.54
N GLY D 37 -20.26 63.03 28.40
CA GLY D 37 -20.46 63.31 29.81
C GLY D 37 -21.11 62.21 30.60
N GLU D 38 -21.41 61.07 29.96
CA GLU D 38 -22.17 60.01 30.60
C GLU D 38 -21.28 58.89 31.11
N TYR D 39 -19.97 59.11 31.18
CA TYR D 39 -19.10 58.10 31.74
C TYR D 39 -18.81 58.37 33.20
N ILE D 40 -18.10 57.44 33.82
CA ILE D 40 -17.67 57.60 35.20
C ILE D 40 -16.17 57.81 35.23
N PRO D 41 -15.68 58.84 35.92
CA PRO D 41 -14.23 58.97 36.10
C PRO D 41 -13.71 57.84 36.97
N THR D 42 -12.93 56.94 36.37
CA THR D 42 -12.41 55.80 37.08
C THR D 42 -11.22 56.23 37.92
N VAL D 43 -10.53 55.25 38.50
CA VAL D 43 -9.44 55.52 39.43
C VAL D 43 -8.10 55.08 38.90
N PHE D 44 -8.07 54.27 37.84
CA PHE D 44 -6.84 53.62 37.43
C PHE D 44 -6.49 53.98 36.00
N ASP D 45 -5.20 53.95 35.72
CA ASP D 45 -4.62 54.52 34.53
C ASP D 45 -4.06 53.40 33.66
N ASN D 46 -3.31 53.78 32.62
CA ASN D 46 -2.65 52.82 31.74
C ASN D 46 -3.67 51.88 31.11
N TYR D 47 -4.52 52.47 30.26
CA TYR D 47 -5.68 51.79 29.72
C TYR D 47 -5.28 50.85 28.59
N SER D 48 -6.31 50.40 27.85
CA SER D 48 -6.13 49.62 26.64
C SER D 48 -7.48 49.49 25.94
N ALA D 49 -7.43 49.14 24.66
CA ALA D 49 -8.65 48.98 23.89
C ALA D 49 -8.41 47.96 22.80
N ASN D 50 -9.51 47.46 22.24
CA ASN D 50 -9.47 46.46 21.17
C ASN D 50 -10.52 46.86 20.15
N VAL D 51 -10.14 47.72 19.21
CA VAL D 51 -11.03 48.17 18.14
C VAL D 51 -10.21 48.33 16.87
N MET D 52 -10.74 47.81 15.78
CA MET D 52 -10.06 47.79 14.49
C MET D 52 -10.04 49.17 13.86
N VAL D 53 -9.38 49.26 12.71
CA VAL D 53 -9.50 50.43 11.84
C VAL D 53 -10.09 50.05 10.49
N ASP D 54 -9.70 48.88 9.97
CA ASP D 54 -10.00 48.41 8.62
C ASP D 54 -9.48 46.99 8.50
N GLY D 55 -10.18 46.19 7.71
CA GLY D 55 -9.63 44.91 7.28
C GLY D 55 -9.49 43.89 8.37
N LYS D 56 -8.75 44.22 9.41
CA LYS D 56 -8.49 43.31 10.51
C LYS D 56 -8.80 44.01 11.82
N PRO D 57 -9.14 43.25 12.86
CA PRO D 57 -9.30 43.85 14.19
C PRO D 57 -7.96 43.93 14.90
N VAL D 58 -7.63 45.13 15.34
CA VAL D 58 -6.35 45.37 16.00
C VAL D 58 -6.61 45.69 17.47
N ASN D 59 -5.89 44.99 18.35
CA ASN D 59 -5.90 45.35 19.75
C ASN D 59 -4.86 46.44 19.99
N LEU D 60 -4.80 46.90 21.24
CA LEU D 60 -3.86 47.94 21.59
C LEU D 60 -3.84 48.11 23.10
N GLY D 61 -2.77 48.72 23.59
CA GLY D 61 -2.65 49.04 24.99
C GLY D 61 -2.33 50.52 25.17
N LEU D 62 -3.07 51.16 26.07
CA LEU D 62 -3.02 52.60 26.26
C LEU D 62 -2.18 52.91 27.48
N TRP D 63 -1.06 53.61 27.26
CA TRP D 63 -0.22 54.06 28.36
C TRP D 63 -0.69 55.44 28.82
N ASP D 64 -1.27 55.51 30.02
CA ASP D 64 -1.63 56.80 30.61
C ASP D 64 -0.72 57.06 31.79
N THR D 65 -0.06 58.21 31.78
CA THR D 65 0.71 58.70 32.91
C THR D 65 0.24 60.11 33.23
N ALA D 66 0.28 60.47 34.51
CA ALA D 66 -0.21 61.77 34.93
C ALA D 66 0.79 62.87 34.54
N GLY D 67 0.36 64.12 34.70
CA GLY D 67 1.07 65.28 34.20
C GLY D 67 2.18 65.81 35.09
N GLN D 68 2.51 65.13 36.19
CA GLN D 68 3.56 65.61 37.07
C GLN D 68 4.93 65.51 36.41
N GLU D 69 5.93 66.12 37.06
CA GLU D 69 7.22 66.30 36.44
C GLU D 69 8.19 65.20 36.84
N ASP D 70 8.18 64.83 38.14
CA ASP D 70 9.20 63.94 38.67
C ASP D 70 9.18 62.57 38.00
N TYR D 71 8.00 62.11 37.58
CA TYR D 71 7.85 60.74 37.06
C TYR D 71 8.58 60.52 35.74
N ASP D 72 9.37 61.51 35.34
CA ASP D 72 10.30 61.34 34.23
C ASP D 72 11.44 60.39 34.56
N ARG D 73 11.42 59.75 35.72
CA ARG D 73 12.31 58.61 35.92
C ARG D 73 11.64 57.30 35.57
N LEU D 74 10.32 57.25 35.65
CA LEU D 74 9.57 56.03 35.36
C LEU D 74 9.02 56.01 33.93
N ARG D 75 8.54 57.15 33.45
CA ARG D 75 8.02 57.21 32.09
C ARG D 75 9.03 56.79 31.04
N PRO D 76 10.33 57.17 31.09
CA PRO D 76 11.25 56.67 30.07
C PRO D 76 11.39 55.17 30.07
N LEU D 77 11.30 54.51 31.23
CA LEU D 77 11.29 53.05 31.24
C LEU D 77 9.96 52.50 30.77
N SER D 78 8.92 53.32 30.74
CA SER D 78 7.67 52.93 30.11
C SER D 78 7.68 53.19 28.61
N TYR D 79 8.58 54.05 28.14
CA TYR D 79 8.67 54.33 26.71
C TYR D 79 8.99 53.11 25.85
N PRO D 80 9.94 52.23 26.19
CA PRO D 80 10.52 51.32 25.18
C PRO D 80 9.50 50.41 24.51
N GLN D 81 9.78 50.08 23.24
CA GLN D 81 8.97 49.18 22.42
C GLN D 81 7.52 49.63 22.31
N THR D 82 7.30 50.93 22.49
CA THR D 82 6.03 51.51 22.10
C THR D 82 6.11 51.95 20.66
N ASP D 83 5.33 51.30 19.81
CA ASP D 83 5.43 51.55 18.38
C ASP D 83 4.85 52.91 18.02
N VAL D 84 3.90 53.39 18.83
CA VAL D 84 3.38 54.75 18.69
C VAL D 84 3.16 55.38 20.07
N PHE D 85 4.00 56.38 20.36
CA PHE D 85 3.69 57.33 21.41
C PHE D 85 2.81 58.40 20.79
N LEU D 86 1.99 59.02 21.62
CA LEU D 86 1.08 60.07 21.18
C LEU D 86 1.24 61.25 22.13
N ILE D 87 1.52 62.41 21.58
CA ILE D 87 1.65 63.60 22.41
C ILE D 87 0.40 64.46 22.27
N CYS D 88 0.03 65.13 23.36
CA CYS D 88 -1.25 65.80 23.47
C CYS D 88 -1.07 67.11 24.19
N PHE D 89 -1.99 68.04 23.94
CA PHE D 89 -2.01 69.30 24.68
C PHE D 89 -3.46 69.78 24.73
N SER D 90 -3.65 71.02 25.19
CA SER D 90 -4.95 71.68 25.16
C SER D 90 -4.79 73.03 24.49
N LEU D 91 -5.53 73.23 23.39
CA LEU D 91 -5.39 74.47 22.62
C LEU D 91 -5.80 75.71 23.39
N VAL D 92 -6.50 75.55 24.51
CA VAL D 92 -7.07 76.70 25.21
C VAL D 92 -6.23 77.11 26.41
N SER D 93 -4.93 76.81 26.41
CA SER D 93 -4.02 77.27 27.45
C SER D 93 -2.61 77.46 26.89
N PRO D 94 -2.19 78.70 26.62
CA PRO D 94 -0.79 78.93 26.19
C PRO D 94 0.24 78.46 27.19
N ALA D 95 -0.03 78.60 28.50
CA ALA D 95 0.89 78.04 29.48
C ALA D 95 1.09 76.56 29.24
N SER D 96 0.02 75.84 28.93
CA SER D 96 0.15 74.44 28.56
C SER D 96 1.01 74.27 27.30
N PHE D 97 1.00 75.26 26.40
CA PHE D 97 1.81 75.18 25.19
C PHE D 97 3.28 75.25 25.52
N GLU D 98 3.64 76.18 26.38
CA GLU D 98 5.04 76.28 26.78
C GLU D 98 5.43 75.07 27.63
N ASN D 99 4.48 74.55 28.41
CA ASN D 99 4.73 73.32 29.15
C ASN D 99 5.03 72.17 28.20
N VAL D 100 4.27 72.05 27.12
CA VAL D 100 4.48 70.90 26.24
C VAL D 100 5.80 71.02 25.52
N ARG D 101 6.06 72.17 24.86
CA ARG D 101 7.35 72.26 24.19
C ARG D 101 8.51 72.43 25.17
N ALA D 102 8.23 72.52 26.46
CA ALA D 102 9.29 72.58 27.47
C ALA D 102 9.65 71.21 28.01
N LYS D 103 8.66 70.44 28.45
CA LYS D 103 8.88 69.10 28.97
C LYS D 103 8.39 68.03 28.02
N TRP D 104 7.12 68.09 27.62
CA TRP D 104 6.50 66.93 26.99
C TRP D 104 7.16 66.60 25.67
N TYR D 105 7.12 67.55 24.74
CA TYR D 105 7.80 67.40 23.46
C TYR D 105 9.28 67.09 23.60
N PRO D 106 10.09 67.87 24.32
CA PRO D 106 11.53 67.58 24.38
C PRO D 106 11.87 66.22 24.94
N GLU D 107 11.55 65.96 26.22
CA GLU D 107 12.08 64.76 26.86
C GLU D 107 11.63 63.50 26.15
N VAL D 108 10.42 63.50 25.59
CA VAL D 108 10.01 62.37 24.77
C VAL D 108 10.86 62.30 23.51
N ARG D 109 11.10 63.45 22.87
CA ARG D 109 11.97 63.45 21.71
C ARG D 109 13.34 62.89 22.06
N HIS D 110 13.70 62.98 23.34
CA HIS D 110 15.04 62.59 23.79
C HIS D 110 15.13 61.10 24.07
N HIS D 111 14.22 60.58 24.89
CA HIS D 111 14.38 59.21 25.38
C HIS D 111 14.23 58.18 24.27
N CYS D 112 13.18 58.28 23.46
CA CYS D 112 12.97 57.39 22.32
C CYS D 112 12.76 58.26 21.09
N PRO D 113 13.84 58.79 20.52
CA PRO D 113 13.71 59.73 19.39
C PRO D 113 13.14 59.12 18.13
N ASN D 114 12.89 57.80 18.10
CA ASN D 114 12.41 57.11 16.90
C ASN D 114 11.13 56.36 17.22
N THR D 115 10.00 57.03 17.02
CA THR D 115 8.66 56.44 17.14
C THR D 115 7.66 57.37 16.47
N PRO D 116 6.79 56.85 15.58
CA PRO D 116 5.79 57.70 14.95
C PRO D 116 4.92 58.39 15.98
N ILE D 117 4.64 59.66 15.70
CA ILE D 117 4.14 60.59 16.70
C ILE D 117 3.11 61.52 16.10
N ILE D 118 2.13 61.91 16.90
CA ILE D 118 1.13 62.91 16.54
C ILE D 118 0.90 63.80 17.75
N LEU D 119 0.84 65.11 17.52
CA LEU D 119 0.39 66.04 18.53
C LEU D 119 -1.05 66.41 18.26
N VAL D 120 -1.87 66.47 19.31
CA VAL D 120 -3.30 66.71 19.16
C VAL D 120 -3.75 67.75 20.16
N GLY D 121 -4.66 68.62 19.69
CA GLY D 121 -5.23 69.64 20.54
C GLY D 121 -6.37 69.12 21.39
N THR D 122 -6.97 70.03 22.15
CA THR D 122 -8.02 69.67 23.08
C THR D 122 -8.95 70.86 23.26
N LYS D 123 -10.19 70.56 23.66
CA LYS D 123 -11.19 71.57 23.95
C LYS D 123 -11.42 72.47 22.75
N LEU D 124 -11.39 71.85 21.56
CA LEU D 124 -11.70 72.59 20.34
C LEU D 124 -13.08 73.22 20.42
N ASP D 125 -14.03 72.55 21.06
CA ASP D 125 -15.32 73.16 21.34
C ASP D 125 -15.15 74.37 22.24
N LEU D 126 -14.31 74.25 23.27
CA LEU D 126 -14.02 75.39 24.13
C LEU D 126 -13.07 76.39 23.49
N ARG D 127 -12.32 75.99 22.45
CA ARG D 127 -11.34 76.90 21.86
C ARG D 127 -12.01 78.11 21.25
N ASP D 128 -13.16 77.92 20.60
CA ASP D 128 -13.93 79.04 20.06
C ASP D 128 -15.14 79.35 20.92
N ASP D 129 -15.06 79.06 22.22
CA ASP D 129 -16.11 79.39 23.17
C ASP D 129 -15.89 80.82 23.65
N LYS D 130 -16.88 81.68 23.41
CA LYS D 130 -16.68 83.11 23.65
C LYS D 130 -16.37 83.40 25.11
N ASP D 131 -17.05 82.74 26.04
CA ASP D 131 -16.74 82.94 27.44
C ASP D 131 -15.34 82.44 27.76
N THR D 132 -14.98 81.27 27.25
CA THR D 132 -13.65 80.74 27.55
C THR D 132 -12.56 81.61 26.97
N ILE D 133 -12.74 82.07 25.73
CA ILE D 133 -11.72 82.91 25.11
C ILE D 133 -11.61 84.26 25.82
N GLU D 134 -12.74 84.82 26.23
CA GLU D 134 -12.70 86.10 26.93
C GLU D 134 -12.10 85.94 28.34
N LYS D 135 -12.26 84.77 28.95
CA LYS D 135 -11.64 84.54 30.25
C LYS D 135 -10.14 84.32 30.10
N LEU D 136 -9.73 83.69 29.00
CA LEU D 136 -8.31 83.61 28.68
C LEU D 136 -7.72 85.01 28.46
N LYS D 137 -8.44 85.88 27.76
CA LYS D 137 -7.97 87.24 27.57
C LYS D 137 -7.89 88.01 28.89
N GLU D 138 -8.94 87.96 29.70
CA GLU D 138 -8.87 88.70 30.96
C GLU D 138 -7.86 88.08 31.91
N LYS D 139 -7.43 86.85 31.65
CA LYS D 139 -6.23 86.28 32.27
C LYS D 139 -5.04 86.29 31.34
N LYS D 140 -5.16 86.94 30.18
CA LYS D 140 -4.04 87.23 29.27
C LYS D 140 -3.47 85.96 28.66
N LEU D 141 -4.31 84.93 28.55
CA LEU D 141 -3.99 83.70 27.84
C LEU D 141 -4.61 83.77 26.46
N THR D 142 -3.83 83.45 25.44
CA THR D 142 -4.32 83.53 24.07
C THR D 142 -5.01 82.23 23.69
N PRO D 143 -6.26 82.24 23.26
CA PRO D 143 -6.81 81.04 22.62
C PRO D 143 -6.11 80.81 21.29
N ILE D 144 -4.84 80.42 21.38
CA ILE D 144 -4.00 80.21 20.21
C ILE D 144 -4.66 79.21 19.26
N THR D 145 -4.56 79.50 17.98
CA THR D 145 -5.41 78.89 16.97
C THR D 145 -4.61 77.93 16.09
N TYR D 146 -5.27 77.45 15.03
CA TYR D 146 -4.72 76.39 14.18
C TYR D 146 -3.40 76.76 13.52
N PRO D 147 -3.22 77.94 12.94
CA PRO D 147 -1.98 78.16 12.14
C PRO D 147 -0.69 77.94 12.90
N GLN D 148 -0.59 78.41 14.14
CA GLN D 148 0.71 78.36 14.81
C GLN D 148 0.90 77.06 15.59
N GLY D 149 -0.18 76.45 16.07
CA GLY D 149 -0.08 75.06 16.47
C GLY D 149 0.37 74.18 15.32
N LEU D 150 -0.17 74.46 14.12
CA LEU D 150 0.29 73.82 12.90
C LEU D 150 1.78 74.06 12.68
N ALA D 151 2.24 75.28 12.94
CA ALA D 151 3.65 75.57 12.81
C ALA D 151 4.49 74.70 13.75
N MET D 152 4.05 74.54 14.99
CA MET D 152 4.75 73.68 15.93
C MET D 152 4.78 72.24 15.45
N ALA D 153 3.62 71.74 15.01
CA ALA D 153 3.58 70.39 14.44
C ALA D 153 4.60 70.24 13.32
N LYS D 154 4.55 71.15 12.35
CA LYS D 154 5.54 71.15 11.28
C LYS D 154 6.96 71.15 11.83
N GLU D 155 7.19 71.93 12.90
CA GLU D 155 8.53 72.04 13.47
C GLU D 155 9.04 70.68 13.90
N ILE D 156 8.22 69.91 14.60
CA ILE D 156 8.60 68.53 14.87
C ILE D 156 8.24 67.59 13.73
N GLY D 157 7.23 67.92 12.94
CA GLY D 157 6.81 66.99 11.90
C GLY D 157 6.10 65.78 12.45
N ALA D 158 5.49 65.91 13.63
CA ALA D 158 4.66 64.84 14.16
C ALA D 158 3.62 64.46 13.12
N VAL D 159 3.61 63.17 12.75
CA VAL D 159 3.07 62.75 11.45
C VAL D 159 1.63 63.20 11.25
N LYS D 160 0.97 63.68 12.31
CA LYS D 160 -0.29 64.39 12.14
C LYS D 160 -0.39 65.43 13.24
N TYR D 161 -1.21 66.44 13.01
CA TYR D 161 -1.67 67.33 14.07
C TYR D 161 -3.18 67.38 14.04
N LEU D 162 -3.80 67.21 15.20
CA LEU D 162 -5.26 67.22 15.30
C LEU D 162 -5.67 67.98 16.54
N GLU D 163 -6.97 68.23 16.66
CA GLU D 163 -7.53 68.92 17.81
C GLU D 163 -9.02 68.62 17.87
N CYS D 164 -9.52 68.27 19.05
CA CYS D 164 -10.91 67.86 19.17
C CYS D 164 -11.41 68.13 20.58
N SER D 165 -12.52 67.47 20.95
CA SER D 165 -13.03 67.51 22.31
C SER D 165 -13.45 66.13 22.72
N ALA D 166 -13.61 65.96 24.04
CA ALA D 166 -14.19 64.74 24.60
C ALA D 166 -15.64 64.96 25.01
N LEU D 167 -16.01 66.20 25.32
CA LEU D 167 -17.41 66.49 25.60
C LEU D 167 -18.24 66.48 24.33
N THR D 168 -17.62 66.71 23.18
CA THR D 168 -18.30 66.49 21.91
C THR D 168 -17.96 65.15 21.30
N GLN D 169 -16.80 64.58 21.62
CA GLN D 169 -16.27 63.39 20.95
C GLN D 169 -16.12 63.61 19.45
N ARG D 170 -16.29 64.86 19.00
CA ARG D 170 -16.17 65.18 17.60
C ARG D 170 -14.72 65.01 17.16
N GLY D 171 -14.51 64.25 16.10
CA GLY D 171 -13.17 64.01 15.61
C GLY D 171 -12.37 63.17 16.57
N LEU D 172 -12.85 63.04 17.80
CA LEU D 172 -12.24 62.12 18.76
C LEU D 172 -12.11 60.74 18.14
N LYS D 173 -13.21 60.23 17.58
CA LYS D 173 -13.13 58.98 16.86
C LYS D 173 -12.17 59.10 15.70
N THR D 174 -12.17 60.23 14.99
CA THR D 174 -11.16 60.45 13.97
C THR D 174 -9.77 60.49 14.60
N VAL D 175 -9.65 61.12 15.76
CA VAL D 175 -8.35 61.15 16.45
C VAL D 175 -7.81 59.74 16.60
N PHE D 176 -8.64 58.81 17.03
CA PHE D 176 -8.15 57.45 17.23
C PHE D 176 -8.08 56.65 15.94
N ASP D 177 -8.90 56.96 14.94
CA ASP D 177 -8.75 56.30 13.64
C ASP D 177 -7.38 56.56 13.06
N GLU D 178 -6.99 57.83 12.96
CA GLU D 178 -5.65 58.12 12.52
C GLU D 178 -4.60 57.80 13.57
N ALA D 179 -4.99 57.74 14.85
CA ALA D 179 -4.03 57.36 15.87
C ALA D 179 -3.63 55.90 15.72
N ILE D 180 -4.55 55.08 15.21
CA ILE D 180 -4.26 53.67 15.03
C ILE D 180 -3.66 53.43 13.64
N ARG D 181 -4.15 54.15 12.64
CA ARG D 181 -3.48 54.10 11.36
C ARG D 181 -2.08 54.71 11.44
N ALA D 182 -1.75 55.36 12.54
CA ALA D 182 -0.38 55.78 12.77
C ALA D 182 0.55 54.57 12.77
N VAL D 183 0.14 53.49 13.44
CA VAL D 183 0.86 52.23 13.29
C VAL D 183 0.82 51.78 11.84
N LEU D 184 -0.20 52.21 11.11
CA LEU D 184 -0.62 51.58 9.87
C LEU D 184 -0.45 52.52 8.68
N GLN E 535 -39.37 90.73 -29.93
CA GLN E 535 -38.96 90.24 -28.61
C GLN E 535 -40.17 89.83 -27.79
N SER E 536 -41.35 90.31 -28.19
CA SER E 536 -42.62 89.87 -27.61
C SER E 536 -42.66 90.13 -26.10
N ARG E 537 -42.61 91.41 -25.77
CA ARG E 537 -42.56 91.85 -24.37
C ARG E 537 -43.74 91.38 -23.52
N PRO E 538 -45.00 91.35 -23.97
CA PRO E 538 -46.03 90.70 -23.13
C PRO E 538 -45.77 89.22 -22.98
N ILE E 539 -45.28 88.60 -24.04
CA ILE E 539 -44.91 87.19 -23.98
C ILE E 539 -43.69 87.01 -23.10
N LEU E 540 -42.80 88.02 -23.05
CA LEU E 540 -41.73 87.99 -22.06
C LEU E 540 -42.28 88.09 -20.65
N GLU E 541 -43.34 88.88 -20.46
CA GLU E 541 -44.04 88.87 -19.19
C GLU E 541 -44.44 87.45 -18.82
N LEU E 542 -45.11 86.76 -19.75
CA LEU E 542 -45.49 85.37 -19.47
C LEU E 542 -44.27 84.52 -19.12
N LYS E 543 -43.22 84.60 -19.94
CA LYS E 543 -42.07 83.71 -19.78
C LYS E 543 -41.41 83.89 -18.43
N GLU E 544 -41.06 85.13 -18.09
CA GLU E 544 -40.36 85.36 -16.83
C GLU E 544 -41.28 85.30 -15.64
N LYS E 545 -42.59 85.56 -15.84
CA LYS E 545 -43.54 85.44 -14.74
C LYS E 545 -43.63 83.99 -14.28
N ILE E 546 -43.86 83.07 -15.21
CA ILE E 546 -43.77 81.67 -14.85
C ILE E 546 -42.34 81.23 -15.16
N GLN E 547 -41.43 81.56 -14.25
CA GLN E 547 -40.04 81.16 -14.25
C GLN E 547 -39.78 79.79 -13.60
N PRO E 548 -40.44 79.45 -12.48
CA PRO E 548 -39.84 78.46 -11.58
C PRO E 548 -39.62 77.10 -12.19
N GLU E 549 -40.48 76.70 -13.14
CA GLU E 549 -40.43 75.34 -13.65
C GLU E 549 -39.07 75.02 -14.25
N ILE E 550 -38.54 75.92 -15.08
CA ILE E 550 -37.32 75.59 -15.79
C ILE E 550 -36.12 75.57 -14.83
N LEU E 551 -36.08 76.53 -13.91
CA LEU E 551 -34.97 76.54 -12.96
C LEU E 551 -35.02 75.30 -12.07
N GLU E 552 -36.21 74.94 -11.58
CA GLU E 552 -36.31 73.80 -10.69
C GLU E 552 -35.98 72.51 -11.41
N LEU E 553 -36.38 72.37 -12.68
CA LEU E 553 -36.04 71.16 -13.40
C LEU E 553 -34.54 71.10 -13.67
N ILE E 554 -33.92 72.23 -14.01
CA ILE E 554 -32.48 72.24 -14.18
C ILE E 554 -31.81 71.83 -12.88
N LYS E 555 -32.30 72.34 -11.76
CA LYS E 555 -31.66 72.08 -10.48
C LYS E 555 -31.79 70.62 -10.08
N GLN E 556 -33.00 70.06 -10.16
CA GLN E 556 -33.14 68.64 -9.85
C GLN E 556 -32.37 67.78 -10.83
N GLN E 557 -32.26 68.23 -12.08
CA GLN E 557 -31.45 67.54 -13.06
C GLN E 557 -30.01 67.43 -12.57
N ARG E 558 -29.39 68.57 -12.30
CA ARG E 558 -28.00 68.57 -11.85
C ARG E 558 -27.84 67.87 -10.50
N LEU E 559 -28.89 67.89 -9.67
CA LEU E 559 -28.85 67.15 -8.42
C LEU E 559 -28.79 65.65 -8.67
N ASN E 560 -29.60 65.17 -9.61
CA ASN E 560 -29.46 63.80 -10.08
C ASN E 560 -28.04 63.55 -10.58
N ARG E 561 -27.48 64.53 -11.28
CA ARG E 561 -26.15 64.37 -11.85
C ARG E 561 -25.10 64.18 -10.76
N LEU E 562 -25.23 64.91 -9.66
CA LEU E 562 -24.32 64.69 -8.53
C LEU E 562 -24.68 63.45 -7.73
N VAL E 563 -25.92 62.98 -7.85
CA VAL E 563 -26.28 61.70 -7.22
C VAL E 563 -25.60 60.56 -7.94
N GLU E 564 -25.63 60.57 -9.27
CA GLU E 564 -24.78 59.70 -10.06
C GLU E 564 -23.34 60.17 -10.06
N GLY E 565 -23.10 61.43 -9.67
CA GLY E 565 -21.79 61.96 -9.36
C GLY E 565 -20.67 61.60 -10.30
N THR E 566 -19.44 61.58 -9.78
CA THR E 566 -18.26 61.11 -10.49
C THR E 566 -17.08 61.15 -9.52
N CYS E 567 -15.94 60.69 -10.02
CA CYS E 567 -14.71 60.64 -9.24
C CYS E 567 -13.94 61.96 -9.41
N PHE E 568 -14.16 62.86 -8.44
CA PHE E 568 -13.52 64.18 -8.50
C PHE E 568 -12.02 64.02 -8.27
N ARG E 569 -11.29 65.12 -8.42
CA ARG E 569 -9.90 65.17 -7.96
C ARG E 569 -9.85 65.87 -6.62
N LYS E 570 -8.87 65.48 -5.81
CA LYS E 570 -8.73 65.97 -4.46
C LYS E 570 -7.65 67.04 -4.40
N LEU E 571 -7.29 67.43 -3.17
CA LEU E 571 -6.18 68.35 -2.95
C LEU E 571 -4.89 67.75 -3.49
N ASN E 572 -4.35 68.35 -4.55
CA ASN E 572 -3.03 67.99 -5.05
C ASN E 572 -2.94 66.49 -5.36
N ALA E 573 -3.66 66.07 -6.39
CA ALA E 573 -3.58 64.68 -6.81
C ALA E 573 -2.28 64.44 -7.57
N ARG E 574 -1.16 64.71 -6.90
CA ARG E 574 0.17 64.65 -7.51
C ARG E 574 0.94 63.41 -7.09
N ARG E 575 1.13 63.20 -5.79
CA ARG E 575 1.87 62.06 -5.26
C ARG E 575 0.85 61.04 -4.77
N ARG E 576 0.37 60.20 -5.70
CA ARG E 576 -0.52 59.07 -5.45
C ARG E 576 -1.59 59.42 -4.41
N GLN E 577 -2.36 60.43 -4.78
CA GLN E 577 -3.60 60.76 -4.10
C GLN E 577 -4.74 60.51 -5.08
N ASP E 578 -5.88 60.09 -4.54
CA ASP E 578 -6.90 59.52 -5.41
C ASP E 578 -7.49 60.58 -6.32
N LYS E 579 -6.99 60.65 -7.55
CA LYS E 579 -7.61 61.44 -8.60
C LYS E 579 -8.99 60.93 -8.95
N PHE E 580 -9.33 59.71 -8.52
CA PHE E 580 -10.65 59.14 -8.66
C PHE E 580 -11.15 58.73 -7.27
N TRP E 581 -12.34 59.18 -6.92
CA TRP E 581 -13.02 58.83 -5.68
C TRP E 581 -14.46 59.29 -5.79
N TYR E 582 -15.40 58.37 -5.58
CA TYR E 582 -16.80 58.64 -5.91
C TYR E 582 -17.40 59.67 -4.96
N CYS E 583 -18.34 60.44 -5.49
CA CYS E 583 -18.99 61.56 -4.79
C CYS E 583 -20.49 61.43 -4.97
N ARG E 584 -21.18 60.89 -3.97
CA ARG E 584 -22.62 60.70 -4.06
C ARG E 584 -23.37 61.58 -3.08
N LEU E 585 -24.52 62.10 -3.51
CA LEU E 585 -25.54 62.56 -2.59
C LEU E 585 -26.62 61.49 -2.46
N SER E 586 -27.01 61.20 -1.23
CA SER E 586 -28.07 60.24 -1.01
C SER E 586 -29.37 60.78 -1.57
N PRO E 587 -30.30 59.90 -1.93
CA PRO E 587 -31.64 60.35 -2.28
C PRO E 587 -32.30 61.15 -1.17
N ASN E 588 -31.95 60.89 0.08
CA ASN E 588 -32.38 61.76 1.17
C ASN E 588 -31.96 63.20 0.90
N HIS E 589 -30.85 63.36 0.18
CA HIS E 589 -30.34 64.68 -0.18
C HIS E 589 -30.12 65.54 1.06
N LYS E 590 -29.62 64.88 2.10
CA LYS E 590 -29.13 65.54 3.29
C LYS E 590 -27.67 65.19 3.54
N VAL E 591 -27.09 64.27 2.76
CA VAL E 591 -25.80 63.69 3.12
C VAL E 591 -25.02 63.29 1.89
N LEU E 592 -23.80 63.80 1.79
CA LEU E 592 -22.94 63.60 0.63
C LEU E 592 -21.96 62.48 0.92
N HIS E 593 -21.77 61.60 -0.06
CA HIS E 593 -20.93 60.41 0.11
C HIS E 593 -19.63 60.63 -0.65
N TYR E 594 -18.54 60.73 0.08
CA TYR E 594 -17.25 61.08 -0.50
C TYR E 594 -16.15 60.62 0.46
N GLY E 595 -14.93 61.08 0.21
CA GLY E 595 -13.78 60.69 1.02
C GLY E 595 -12.66 60.15 0.16
N ASP E 596 -11.64 59.60 0.81
CA ASP E 596 -10.43 59.15 0.13
C ASP E 596 -10.69 57.82 -0.57
N LEU E 597 -11.71 57.80 -1.42
CA LEU E 597 -12.14 56.57 -2.04
C LEU E 597 -11.14 56.15 -3.10
N GLU E 598 -11.11 54.85 -3.38
CA GLU E 598 -10.11 54.25 -4.25
C GLU E 598 -10.23 54.78 -5.67
N GLU E 599 -9.28 54.36 -6.51
CA GLU E 599 -9.24 54.75 -7.92
C GLU E 599 -10.15 53.84 -8.72
N SER E 600 -11.45 54.14 -8.66
CA SER E 600 -12.42 53.44 -9.49
C SER E 600 -12.40 54.04 -10.89
N PRO E 601 -12.46 53.24 -11.94
CA PRO E 601 -12.56 53.81 -13.29
C PRO E 601 -13.91 54.46 -13.53
N GLN E 602 -14.99 53.75 -13.18
CA GLN E 602 -16.33 54.16 -13.59
C GLN E 602 -16.94 55.21 -12.68
N GLY E 603 -16.21 55.71 -11.69
CA GLY E 603 -16.79 56.73 -10.84
C GLY E 603 -17.40 56.20 -9.55
N GLU E 604 -18.71 56.01 -9.52
CA GLU E 604 -19.42 55.74 -8.29
C GLU E 604 -19.65 54.26 -8.04
N VAL E 605 -19.15 53.77 -6.91
CA VAL E 605 -19.61 52.53 -6.30
C VAL E 605 -20.28 52.89 -4.98
N PRO E 606 -21.25 52.11 -4.49
CA PRO E 606 -21.90 52.45 -3.23
C PRO E 606 -21.29 51.80 -2.00
N HIS E 607 -20.99 52.62 -0.99
CA HIS E 607 -20.86 52.19 0.41
C HIS E 607 -20.80 53.45 1.25
N ASP E 608 -20.67 53.29 2.57
CA ASP E 608 -20.49 54.45 3.42
C ASP E 608 -19.11 55.03 3.15
N SER E 609 -19.06 55.99 2.24
CA SER E 609 -17.82 56.49 1.69
C SER E 609 -16.91 57.01 2.80
N LEU E 610 -15.63 57.15 2.48
CA LEU E 610 -14.62 57.35 3.51
C LEU E 610 -14.81 58.68 4.25
N GLN E 611 -15.55 59.61 3.65
CA GLN E 611 -16.10 60.75 4.38
C GLN E 611 -17.54 60.90 3.89
N ASP E 612 -18.44 60.19 4.56
CA ASP E 612 -19.74 59.90 3.97
C ASP E 612 -20.80 60.91 4.34
N LYS E 613 -20.43 62.01 4.98
CA LYS E 613 -21.42 62.96 5.48
C LYS E 613 -21.17 64.36 4.97
N LEU E 614 -22.24 65.02 4.57
CA LEU E 614 -22.23 66.45 4.38
C LEU E 614 -23.64 67.00 4.49
N PRO E 615 -24.07 67.42 5.67
CA PRO E 615 -25.38 68.07 5.79
C PRO E 615 -25.29 69.54 5.41
N VAL E 616 -26.39 70.07 4.89
CA VAL E 616 -26.43 71.48 4.56
C VAL E 616 -26.34 72.35 5.81
N ALA E 617 -26.56 71.75 6.99
CA ALA E 617 -26.46 72.50 8.23
C ALA E 617 -25.07 73.09 8.41
N ASP E 618 -24.02 72.28 8.33
CA ASP E 618 -22.66 72.79 8.49
C ASP E 618 -22.18 73.54 7.28
N ILE E 619 -22.93 73.50 6.17
CA ILE E 619 -22.47 74.12 4.94
C ILE E 619 -22.73 75.62 4.97
N LYS E 620 -21.66 76.40 4.85
CA LYS E 620 -21.79 77.81 4.52
C LYS E 620 -22.02 77.98 3.02
N ALA E 621 -21.07 77.53 2.22
CA ALA E 621 -21.16 77.54 0.76
C ALA E 621 -20.01 76.72 0.22
N VAL E 622 -19.78 76.81 -1.09
CA VAL E 622 -18.57 76.33 -1.72
C VAL E 622 -17.81 77.53 -2.26
N VAL E 623 -16.54 77.63 -1.92
CA VAL E 623 -15.66 78.61 -2.52
C VAL E 623 -14.99 77.98 -3.73
N THR E 624 -14.72 78.79 -4.75
CA THR E 624 -14.28 78.30 -6.05
C THR E 624 -12.93 78.93 -6.39
N GLY E 625 -11.85 78.20 -6.14
CA GLY E 625 -10.55 78.62 -6.62
C GLY E 625 -9.65 79.24 -5.57
N LYS E 626 -8.91 80.29 -5.94
CA LYS E 626 -7.99 80.94 -5.02
C LYS E 626 -8.64 81.29 -3.69
N ASP E 627 -9.97 81.43 -3.66
CA ASP E 627 -10.68 81.63 -2.41
C ASP E 627 -10.69 80.36 -1.55
N CYS E 628 -10.33 79.22 -2.11
CA CYS E 628 -10.39 77.98 -1.34
C CYS E 628 -9.31 77.97 -0.26
N PRO E 629 -9.55 77.28 0.85
CA PRO E 629 -8.52 77.22 1.90
C PRO E 629 -7.18 76.67 1.43
N HIS E 630 -7.17 75.65 0.56
CA HIS E 630 -5.89 75.11 0.11
C HIS E 630 -5.19 76.10 -0.82
N MET E 631 -5.97 76.79 -1.66
CA MET E 631 -5.43 77.83 -2.50
C MET E 631 -4.88 78.99 -1.68
N LYS E 632 -5.26 79.08 -0.40
CA LYS E 632 -4.63 80.06 0.47
C LYS E 632 -3.43 79.50 1.24
N GLU E 633 -3.43 78.20 1.55
CA GLU E 633 -2.24 77.61 2.14
C GLU E 633 -1.18 77.38 1.06
N LYS E 634 0.07 77.76 1.39
CA LYS E 634 1.10 77.97 0.39
C LYS E 634 2.33 77.09 0.61
N GLY E 635 2.20 76.02 1.39
CA GLY E 635 3.36 75.21 1.75
C GLY E 635 3.58 74.07 0.79
N ALA E 636 3.41 72.85 1.27
CA ALA E 636 3.51 71.66 0.43
C ALA E 636 2.26 71.41 -0.40
N LEU E 637 1.42 72.44 -0.58
CA LEU E 637 0.18 72.34 -1.33
C LEU E 637 0.13 73.37 -2.46
N LYS E 638 1.21 73.49 -3.23
CA LYS E 638 1.24 74.48 -4.30
C LYS E 638 0.46 73.97 -5.52
N GLN E 639 -0.73 74.53 -5.70
CA GLN E 639 -1.60 74.23 -6.82
C GLN E 639 -1.56 75.44 -7.76
N ASN E 640 -1.17 75.21 -9.01
CA ASN E 640 -1.06 76.30 -9.96
C ASN E 640 -2.43 76.89 -10.22
N LYS E 641 -2.47 78.11 -10.75
CA LYS E 641 -3.75 78.76 -11.01
C LYS E 641 -4.49 78.13 -12.18
N GLU E 642 -3.91 77.07 -12.76
CA GLU E 642 -4.61 76.29 -13.78
C GLU E 642 -5.78 75.47 -13.22
N VAL E 643 -5.88 75.33 -11.90
CA VAL E 643 -7.01 74.63 -11.28
C VAL E 643 -7.98 75.65 -10.69
N LEU E 644 -7.81 76.93 -11.04
CA LEU E 644 -8.75 77.95 -10.57
C LEU E 644 -10.16 77.63 -10.99
N GLU E 645 -10.35 77.30 -12.27
CA GLU E 645 -11.63 76.81 -12.78
C GLU E 645 -11.90 75.36 -12.41
N LEU E 646 -11.10 74.79 -11.50
CA LEU E 646 -11.23 73.40 -11.09
C LEU E 646 -11.20 73.21 -9.58
N ALA E 647 -10.64 74.15 -8.83
CA ALA E 647 -10.64 74.07 -7.38
C ALA E 647 -11.99 74.53 -6.85
N PHE E 648 -12.59 73.73 -5.97
CA PHE E 648 -13.78 74.10 -5.24
C PHE E 648 -13.68 73.54 -3.84
N SER E 649 -14.21 74.29 -2.87
CA SER E 649 -14.08 73.94 -1.46
C SER E 649 -15.40 74.24 -0.77
N ILE E 650 -16.15 73.20 -0.42
CA ILE E 650 -17.44 73.41 0.20
C ILE E 650 -17.22 73.64 1.69
N LEU E 651 -17.72 74.76 2.19
CA LEU E 651 -17.42 75.20 3.55
C LEU E 651 -18.21 74.38 4.57
N TYR E 652 -17.51 73.91 5.60
CA TYR E 652 -18.15 73.23 6.71
C TYR E 652 -17.15 73.13 7.85
N ASP E 653 -17.67 72.97 9.06
CA ASP E 653 -16.85 72.71 10.25
C ASP E 653 -15.90 73.86 10.54
N SER E 654 -15.91 74.88 9.69
CA SER E 654 -15.16 76.13 9.85
C SER E 654 -13.66 75.93 9.77
N ASN E 655 -13.20 74.68 9.65
CA ASN E 655 -11.77 74.46 9.48
C ASN E 655 -11.43 73.35 8.49
N CYS E 656 -12.38 72.47 8.13
CA CYS E 656 -12.16 71.44 7.13
C CYS E 656 -13.16 71.64 6.02
N GLN E 657 -12.68 71.83 4.79
CA GLN E 657 -13.53 72.15 3.67
C GLN E 657 -13.39 71.09 2.59
N LEU E 658 -14.42 70.96 1.76
CA LEU E 658 -14.42 69.97 0.69
C LEU E 658 -13.50 70.48 -0.41
N ASN E 659 -12.22 70.52 -0.08
CA ASN E 659 -11.19 71.11 -0.92
C ASN E 659 -10.85 70.10 -2.01
N PHE E 660 -11.56 70.20 -3.13
CA PHE E 660 -11.44 69.21 -4.19
C PHE E 660 -11.21 69.90 -5.52
N ILE E 661 -10.48 69.19 -6.39
CA ILE E 661 -10.04 69.69 -7.68
C ILE E 661 -10.94 69.11 -8.76
N ALA E 662 -11.36 69.93 -9.69
CA ALA E 662 -12.10 69.33 -10.78
C ALA E 662 -11.15 68.75 -11.81
N PRO E 663 -11.46 67.56 -12.35
CA PRO E 663 -10.75 67.08 -13.53
C PRO E 663 -10.93 68.00 -14.72
N ASP E 664 -12.12 68.58 -14.86
CA ASP E 664 -12.42 69.48 -15.97
C ASP E 664 -13.62 70.35 -15.59
N LYS E 665 -13.79 71.45 -16.31
CA LYS E 665 -14.68 72.56 -15.95
C LYS E 665 -16.16 72.22 -16.11
N HIS E 666 -16.53 71.46 -17.13
CA HIS E 666 -17.95 71.24 -17.39
C HIS E 666 -18.63 70.67 -16.15
N GLU E 667 -18.08 69.58 -15.62
CA GLU E 667 -18.68 69.02 -14.42
C GLU E 667 -18.39 69.90 -13.22
N TYR E 668 -17.33 70.70 -13.26
CA TYR E 668 -17.10 71.66 -12.18
C TYR E 668 -18.30 72.58 -12.01
N CYS E 669 -18.75 73.18 -13.11
CA CYS E 669 -19.94 74.02 -13.10
C CYS E 669 -21.18 73.20 -12.73
N ILE E 670 -21.26 71.98 -13.26
CA ILE E 670 -22.37 71.09 -12.90
C ILE E 670 -22.45 70.93 -11.38
N TRP E 671 -21.31 70.64 -10.78
CA TRP E 671 -21.21 70.36 -9.35
C TRP E 671 -21.64 71.58 -8.56
N THR E 672 -21.00 72.72 -8.87
CA THR E 672 -21.31 73.95 -8.18
C THR E 672 -22.79 74.27 -8.27
N ASP E 673 -23.39 74.06 -9.45
CA ASP E 673 -24.82 74.27 -9.60
C ASP E 673 -25.60 73.37 -8.64
N GLY E 674 -25.30 72.08 -8.64
CA GLY E 674 -26.05 71.16 -7.78
C GLY E 674 -25.92 71.49 -6.32
N LEU E 675 -24.74 71.95 -5.90
CA LEU E 675 -24.54 72.28 -4.50
C LEU E 675 -25.17 73.60 -4.12
N ASN E 676 -25.18 74.57 -5.03
CA ASN E 676 -25.93 75.80 -4.77
C ASN E 676 -27.42 75.52 -4.75
N ALA E 677 -27.85 74.46 -5.45
CA ALA E 677 -29.20 73.96 -5.25
C ALA E 677 -29.35 73.35 -3.86
N LEU E 678 -28.30 72.66 -3.40
CA LEU E 678 -28.25 72.26 -1.98
C LEU E 678 -28.25 73.49 -1.09
N LEU E 679 -27.86 74.64 -1.66
CA LEU E 679 -28.01 75.93 -1.00
C LEU E 679 -29.27 76.66 -1.43
N GLY E 680 -29.89 76.25 -2.54
CA GLY E 680 -31.12 76.86 -3.00
C GLY E 680 -31.00 78.28 -3.51
N LYS E 681 -29.92 78.59 -4.21
CA LYS E 681 -29.75 79.91 -4.81
C LYS E 681 -29.46 79.78 -6.30
N ASP E 682 -29.00 80.85 -6.93
CA ASP E 682 -28.82 80.86 -8.39
C ASP E 682 -27.73 79.88 -8.82
N MET E 683 -27.70 79.60 -10.11
CA MET E 683 -26.83 78.60 -10.72
C MET E 683 -25.69 79.27 -11.47
N MET E 684 -24.52 78.63 -11.43
CA MET E 684 -23.28 79.22 -11.92
C MET E 684 -22.66 78.37 -13.02
N SER E 685 -23.48 77.87 -13.94
CA SER E 685 -22.99 77.28 -15.17
C SER E 685 -23.48 78.13 -16.33
N ASP E 686 -22.59 78.37 -17.30
CA ASP E 686 -23.03 78.98 -18.54
C ASP E 686 -23.96 78.07 -19.33
N LEU E 687 -23.69 76.76 -19.34
CA LEU E 687 -24.59 75.83 -20.02
C LEU E 687 -25.97 75.86 -19.38
N THR E 688 -26.03 76.17 -18.09
CA THR E 688 -27.32 76.37 -17.42
C THR E 688 -28.11 77.48 -18.10
N ARG E 689 -27.48 78.63 -18.30
CA ARG E 689 -28.14 79.72 -19.01
C ARG E 689 -28.54 79.30 -20.41
N ASN E 690 -27.63 78.61 -21.10
CA ASN E 690 -27.91 78.16 -22.46
C ASN E 690 -29.21 77.36 -22.51
N ASP E 691 -29.27 76.26 -21.75
CA ASP E 691 -30.45 75.41 -21.83
C ASP E 691 -31.69 76.12 -21.31
N LEU E 692 -31.54 76.90 -20.22
CA LEU E 692 -32.71 77.60 -19.69
C LEU E 692 -33.29 78.53 -20.74
N ASP E 693 -32.47 79.40 -21.32
CA ASP E 693 -32.98 80.36 -22.28
C ASP E 693 -33.57 79.64 -23.49
N THR E 694 -32.88 78.62 -24.00
CA THR E 694 -33.38 77.99 -25.22
C THR E 694 -34.69 77.26 -24.97
N LEU E 695 -34.75 76.43 -23.92
CA LEU E 695 -35.94 75.64 -23.69
C LEU E 695 -37.12 76.52 -23.30
N LEU E 696 -36.88 77.54 -22.49
CA LEU E 696 -37.96 78.46 -22.16
C LEU E 696 -38.42 79.22 -23.39
N SER E 697 -37.49 79.57 -24.29
CA SER E 697 -37.86 80.24 -25.53
C SER E 697 -38.74 79.37 -26.41
N MET E 698 -38.39 78.09 -26.56
CA MET E 698 -39.30 77.21 -27.27
C MET E 698 -40.63 77.12 -26.56
N GLU E 699 -40.61 76.85 -25.24
CA GLU E 699 -41.84 76.65 -24.50
C GLU E 699 -42.81 77.80 -24.70
N ILE E 700 -42.32 79.03 -24.57
CA ILE E 700 -43.19 80.17 -24.84
C ILE E 700 -43.54 80.24 -26.32
N LYS E 701 -42.58 79.92 -27.19
CA LYS E 701 -42.89 79.68 -28.59
C LYS E 701 -43.84 78.50 -28.76
N LEU E 702 -43.85 77.56 -27.81
CA LEU E 702 -44.86 76.50 -27.81
C LEU E 702 -46.19 76.97 -27.25
N ARG E 703 -46.33 78.28 -27.02
CA ARG E 703 -47.61 78.84 -26.62
C ARG E 703 -48.28 79.64 -27.73
N LEU E 704 -47.51 80.18 -28.66
CA LEU E 704 -48.01 81.04 -29.72
C LEU E 704 -49.00 80.32 -30.62
N LEU E 705 -49.01 78.99 -30.56
CA LEU E 705 -49.71 78.20 -31.56
C LEU E 705 -51.21 78.49 -31.54
N ASP E 706 -51.79 78.66 -30.36
CA ASP E 706 -53.22 78.93 -30.25
C ASP E 706 -53.65 80.20 -30.97
N LEU E 707 -52.88 81.29 -30.84
CA LEU E 707 -53.26 82.56 -31.44
C LEU E 707 -52.96 82.63 -32.92
N GLU E 708 -52.27 81.64 -33.48
CA GLU E 708 -51.52 81.85 -34.71
C GLU E 708 -52.39 82.20 -35.90
N ASN E 709 -51.70 82.68 -36.95
CA ASN E 709 -52.25 83.15 -38.22
C ASN E 709 -52.92 84.50 -37.97
N ILE E 710 -53.03 84.88 -36.69
CA ILE E 710 -53.58 86.16 -36.27
C ILE E 710 -52.73 86.68 -35.11
N GLN E 711 -52.72 88.00 -34.93
CA GLN E 711 -51.77 88.63 -34.02
C GLN E 711 -52.44 89.08 -32.72
N ILE E 712 -51.63 89.75 -31.89
CA ILE E 712 -51.97 90.02 -30.49
C ILE E 712 -52.15 91.51 -30.24
N PRO E 713 -52.99 91.90 -29.28
CA PRO E 713 -52.81 93.21 -28.63
C PRO E 713 -51.76 93.11 -27.55
N ASP E 714 -50.60 93.75 -27.76
CA ASP E 714 -49.52 93.69 -26.77
C ASP E 714 -49.98 94.22 -25.42
N ALA E 715 -50.66 95.35 -25.42
CA ALA E 715 -51.25 95.88 -24.21
C ALA E 715 -52.44 95.04 -23.79
N PRO E 716 -52.78 95.05 -22.50
CA PRO E 716 -54.01 94.40 -22.04
C PRO E 716 -55.24 95.12 -22.60
N PRO E 717 -56.13 94.40 -23.26
CA PRO E 717 -57.38 95.00 -23.75
C PRO E 717 -58.29 95.40 -22.60
N PRO E 718 -59.52 95.90 -22.90
CA PRO E 718 -60.42 96.27 -21.79
C PRO E 718 -61.06 95.09 -21.10
N ILE E 719 -61.99 95.39 -20.19
CA ILE E 719 -62.78 94.41 -19.46
C ILE E 719 -64.25 94.80 -19.59
N PRO E 720 -65.04 94.10 -20.39
CA PRO E 720 -66.45 94.46 -20.55
C PRO E 720 -67.22 94.25 -19.26
N LYS E 721 -68.29 95.02 -19.10
CA LYS E 721 -69.14 94.88 -17.93
C LYS E 721 -69.85 93.54 -17.93
N GLU E 722 -69.90 92.93 -16.76
CA GLU E 722 -70.46 91.61 -16.52
C GLU E 722 -71.87 91.74 -15.99
N PRO E 723 -72.55 90.62 -15.73
CA PRO E 723 -73.67 90.65 -14.79
C PRO E 723 -73.15 90.41 -13.38
N SER E 724 -73.64 91.21 -12.42
CA SER E 724 -73.19 91.04 -11.04
C SER E 724 -73.52 89.64 -10.52
N ASN E 725 -74.72 89.16 -10.80
CA ASN E 725 -75.15 87.86 -10.35
C ASN E 725 -74.34 86.76 -11.03
N TYR E 726 -74.43 85.55 -10.47
CA TYR E 726 -73.97 84.34 -11.10
C TYR E 726 -75.13 83.52 -11.67
N ASP E 727 -76.13 84.19 -12.22
CA ASP E 727 -77.24 83.50 -12.85
C ASP E 727 -76.75 82.87 -14.15
N PHE E 728 -76.17 81.68 -14.04
CA PHE E 728 -75.71 80.96 -15.21
C PHE E 728 -76.94 80.52 -15.99
N VAL E 729 -77.32 81.29 -17.02
CA VAL E 729 -78.46 80.91 -17.85
C VAL E 729 -78.27 79.49 -18.38
N TYR E 730 -77.02 79.10 -18.63
CA TYR E 730 -76.64 77.70 -18.78
C TYR E 730 -75.72 77.33 -17.62
N ASP E 731 -76.19 76.40 -16.78
CA ASP E 731 -75.46 76.00 -15.60
C ASP E 731 -74.11 75.38 -15.97
N CYS E 732 -73.27 75.20 -14.97
CA CYS E 732 -71.97 74.55 -15.16
C CYS E 732 -72.19 73.04 -15.25
N ASN E 733 -71.11 72.27 -15.16
CA ASN E 733 -71.15 70.81 -15.36
C ASN E 733 -71.77 70.48 -16.71
N MET F 7 16.17 -44.29 -7.85
CA MET F 7 15.76 -43.68 -9.12
C MET F 7 16.82 -43.77 -10.24
N PRO F 8 18.03 -43.30 -10.02
CA PRO F 8 18.96 -43.10 -11.11
C PRO F 8 19.29 -44.42 -11.79
N PRO F 9 19.49 -44.42 -13.09
CA PRO F 9 19.73 -45.68 -13.82
C PRO F 9 21.13 -46.20 -13.55
N PRO F 10 21.33 -47.52 -13.68
CA PRO F 10 22.69 -48.07 -13.55
C PRO F 10 23.56 -47.65 -14.72
N ALA F 11 24.76 -48.22 -14.82
CA ALA F 11 25.63 -47.90 -15.94
C ALA F 11 25.01 -48.45 -17.22
N ASP F 12 24.39 -47.55 -18.00
CA ASP F 12 23.83 -47.97 -19.28
C ASP F 12 24.90 -48.17 -20.33
N ILE F 13 25.88 -47.29 -20.39
CA ILE F 13 26.98 -47.38 -21.34
C ILE F 13 27.89 -48.50 -20.84
N VAL F 14 27.84 -49.65 -21.52
CA VAL F 14 28.47 -50.87 -21.05
C VAL F 14 29.24 -51.49 -22.22
N LYS F 15 30.53 -51.75 -21.99
CA LYS F 15 31.40 -52.34 -23.01
C LYS F 15 31.29 -53.86 -22.91
N VAL F 16 30.34 -54.41 -23.65
CA VAL F 16 30.06 -55.84 -23.61
C VAL F 16 30.37 -56.45 -24.97
N ALA F 17 30.76 -57.72 -24.95
CA ALA F 17 30.90 -58.47 -26.19
C ALA F 17 29.54 -58.83 -26.73
N ILE F 18 29.37 -58.69 -28.04
CA ILE F 18 28.13 -59.04 -28.73
C ILE F 18 28.49 -60.05 -29.80
N GLU F 19 27.92 -61.25 -29.70
CA GLU F 19 28.22 -62.33 -30.62
C GLU F 19 26.94 -62.89 -31.21
N TRP F 20 27.11 -63.70 -32.24
CA TRP F 20 26.10 -64.57 -32.82
C TRP F 20 26.88 -65.83 -33.16
N PRO F 21 26.34 -67.02 -32.91
CA PRO F 21 27.13 -68.23 -33.17
C PRO F 21 27.73 -68.23 -34.57
N GLY F 22 29.06 -68.08 -34.64
CA GLY F 22 29.76 -67.87 -35.89
C GLY F 22 30.14 -66.43 -36.17
N ALA F 23 29.76 -65.49 -35.31
CA ALA F 23 30.02 -64.07 -35.53
C ALA F 23 31.13 -63.59 -34.60
N TYR F 24 32.14 -62.95 -35.18
CA TYR F 24 33.25 -62.42 -34.42
C TYR F 24 32.81 -61.19 -33.64
N PRO F 25 32.97 -61.15 -32.32
CA PRO F 25 32.41 -60.04 -31.53
C PRO F 25 33.02 -58.70 -31.89
N LYS F 26 32.17 -57.67 -31.83
CA LYS F 26 32.56 -56.29 -32.03
C LYS F 26 32.08 -55.49 -30.82
N LEU F 27 33.02 -54.82 -30.13
CA LEU F 27 32.73 -54.26 -28.81
C LEU F 27 32.57 -52.75 -28.90
N MET F 28 31.34 -52.30 -28.69
CA MET F 28 30.98 -50.89 -28.68
C MET F 28 30.60 -50.46 -27.27
N GLU F 29 30.17 -49.20 -27.16
CA GLU F 29 29.66 -48.63 -25.91
C GLU F 29 28.13 -48.60 -25.99
N ILE F 30 27.52 -49.77 -25.81
CA ILE F 30 26.07 -49.89 -25.93
C ILE F 30 25.39 -49.09 -24.83
N ASP F 31 24.40 -48.30 -25.23
CA ASP F 31 23.51 -47.64 -24.27
C ASP F 31 22.21 -48.43 -24.15
N GLN F 32 21.81 -48.71 -22.91
CA GLN F 32 20.67 -49.58 -22.65
C GLN F 32 19.33 -48.86 -22.60
N LYS F 33 19.31 -47.54 -22.76
CA LYS F 33 18.06 -46.80 -22.61
C LYS F 33 17.10 -47.00 -23.79
N LYS F 34 17.60 -46.98 -25.02
CA LYS F 34 16.74 -47.11 -26.17
C LYS F 34 16.05 -48.47 -26.16
N PRO F 35 14.89 -48.60 -26.78
CA PRO F 35 14.22 -49.91 -26.85
C PRO F 35 15.11 -50.95 -27.50
N LEU F 36 15.04 -52.18 -26.98
CA LEU F 36 15.94 -53.25 -27.39
C LEU F 36 15.79 -53.61 -28.87
N SER F 37 14.69 -53.20 -29.50
CA SER F 37 14.56 -53.38 -30.94
C SER F 37 15.68 -52.67 -31.68
N ALA F 38 16.08 -51.48 -31.22
CA ALA F 38 17.13 -50.73 -31.90
C ALA F 38 18.51 -51.34 -31.68
N ILE F 39 18.81 -51.81 -30.46
CA ILE F 39 20.10 -52.45 -30.21
C ILE F 39 20.19 -53.75 -31.01
N ILE F 40 19.13 -54.56 -30.98
CA ILE F 40 19.12 -55.78 -31.78
C ILE F 40 19.21 -55.43 -33.26
N LYS F 41 18.60 -54.31 -33.67
CA LYS F 41 18.68 -53.88 -35.06
C LYS F 41 20.11 -53.60 -35.47
N GLU F 42 20.84 -52.83 -34.65
CA GLU F 42 22.21 -52.51 -35.01
C GLU F 42 23.10 -53.74 -34.98
N VAL F 43 22.88 -54.63 -34.01
CA VAL F 43 23.66 -55.87 -33.94
C VAL F 43 23.41 -56.73 -35.18
N CYS F 44 22.14 -56.90 -35.54
CA CYS F 44 21.77 -57.75 -36.66
C CYS F 44 22.29 -57.18 -37.98
N ASP F 45 22.16 -55.86 -38.16
CA ASP F 45 22.73 -55.24 -39.35
C ASP F 45 24.25 -55.40 -39.36
N GLY F 46 24.89 -55.33 -38.18
CA GLY F 46 26.31 -55.61 -38.11
C GLY F 46 26.66 -57.00 -38.58
N TRP F 47 25.83 -57.99 -38.26
CA TRP F 47 25.97 -59.33 -38.81
C TRP F 47 25.12 -59.52 -40.05
N SER F 48 24.73 -58.42 -40.71
CA SER F 48 23.97 -58.44 -41.97
C SER F 48 22.66 -59.18 -41.82
N LEU F 49 22.00 -59.01 -40.68
CA LEU F 49 20.75 -59.69 -40.39
C LEU F 49 19.60 -58.69 -40.38
N ALA F 50 18.62 -58.94 -41.24
CA ALA F 50 17.34 -58.28 -41.19
C ALA F 50 16.41 -59.13 -40.33
N ASN F 51 15.11 -58.88 -40.40
CA ASN F 51 14.12 -59.67 -39.66
C ASN F 51 14.43 -59.64 -38.16
N HIS F 52 14.50 -58.42 -37.62
CA HIS F 52 15.01 -58.22 -36.26
C HIS F 52 14.14 -58.92 -35.22
N GLU F 53 12.82 -58.95 -35.43
CA GLU F 53 11.94 -59.55 -34.43
C GLU F 53 12.16 -61.04 -34.27
N TYR F 54 12.80 -61.69 -35.23
CA TYR F 54 13.03 -63.12 -35.15
C TYR F 54 14.37 -63.48 -34.50
N PHE F 55 15.19 -62.50 -34.14
CA PHE F 55 16.35 -62.75 -33.30
C PHE F 55 16.23 -61.94 -32.01
N ALA F 56 16.63 -62.56 -30.91
CA ALA F 56 16.82 -61.85 -29.66
C ALA F 56 18.20 -62.17 -29.11
N LEU F 57 18.92 -61.13 -28.72
CA LEU F 57 20.18 -61.30 -28.03
C LEU F 57 20.03 -62.28 -26.88
N GLN F 58 21.13 -62.93 -26.50
CA GLN F 58 21.14 -63.67 -25.25
C GLN F 58 22.53 -63.58 -24.66
N HIS F 59 22.60 -63.67 -23.34
CA HIS F 59 23.90 -63.74 -22.67
C HIS F 59 24.64 -64.98 -23.16
N ALA F 60 25.91 -64.81 -23.52
CA ALA F 60 26.76 -65.97 -23.71
C ALA F 60 27.14 -66.61 -22.38
N ASP F 61 26.51 -66.19 -21.29
CA ASP F 61 26.68 -66.80 -19.98
C ASP F 61 26.16 -68.24 -20.04
N SER F 62 26.30 -68.96 -18.93
CA SER F 62 25.77 -70.33 -18.85
C SER F 62 24.24 -70.32 -18.89
N SER F 63 23.65 -69.14 -18.87
CA SER F 63 22.19 -69.03 -18.97
C SER F 63 21.69 -69.48 -20.34
N ASN F 64 22.29 -68.97 -21.40
CA ASN F 64 21.71 -69.01 -22.75
C ASN F 64 20.30 -68.42 -22.76
N PHE F 65 20.05 -67.43 -21.91
CA PHE F 65 18.74 -66.83 -21.77
C PHE F 65 18.62 -65.59 -22.64
N TYR F 66 17.56 -65.53 -23.44
CA TYR F 66 17.41 -64.52 -24.47
C TYR F 66 17.17 -63.13 -23.88
N ILE F 67 17.87 -62.14 -24.43
CA ILE F 67 17.72 -60.77 -23.96
C ILE F 67 16.42 -60.21 -24.49
N THR F 68 15.42 -60.10 -23.61
CA THR F 68 14.26 -59.24 -23.79
C THR F 68 14.42 -58.02 -22.88
N GLU F 69 13.36 -57.22 -22.77
CA GLU F 69 13.39 -56.08 -21.86
C GLU F 69 13.42 -56.50 -20.40
N LYS F 70 12.98 -57.73 -20.08
CA LYS F 70 12.98 -58.18 -18.70
C LYS F 70 14.39 -58.46 -18.18
N ASN F 71 15.27 -58.93 -19.06
CA ASN F 71 16.58 -59.41 -18.64
C ASN F 71 17.75 -58.71 -19.34
N ARG F 72 17.68 -57.39 -19.53
CA ARG F 72 18.84 -56.68 -20.04
C ARG F 72 19.53 -55.82 -18.98
N ASN F 73 19.00 -55.76 -17.76
CA ASN F 73 19.78 -55.22 -16.64
C ASN F 73 20.76 -56.24 -16.09
N GLU F 74 20.97 -57.35 -16.81
CA GLU F 74 22.01 -58.33 -16.51
C GLU F 74 23.18 -58.22 -17.49
N ILE F 75 23.21 -57.16 -18.29
CA ILE F 75 24.28 -56.91 -19.26
C ILE F 75 25.36 -56.08 -18.55
N LYS F 76 26.35 -56.77 -18.01
CA LYS F 76 27.46 -56.14 -17.30
C LYS F 76 28.72 -56.16 -18.16
N ASN F 77 29.61 -55.19 -17.89
CA ASN F 77 30.86 -55.03 -18.62
C ASN F 77 31.65 -56.33 -18.66
N GLY F 78 31.78 -56.90 -19.84
CA GLY F 78 32.51 -58.14 -20.05
C GLY F 78 31.64 -59.35 -20.29
N THR F 79 30.37 -59.30 -19.91
CA THR F 79 29.45 -60.39 -20.23
C THR F 79 29.22 -60.41 -21.73
N ILE F 80 29.57 -61.51 -22.38
CA ILE F 80 29.37 -61.61 -23.82
C ILE F 80 27.89 -61.72 -24.12
N LEU F 81 27.41 -60.92 -25.06
CA LEU F 81 26.08 -61.07 -25.63
C LEU F 81 26.17 -61.99 -26.84
N ARG F 82 25.35 -63.03 -26.84
CA ARG F 82 25.29 -63.97 -27.96
C ARG F 82 23.94 -63.83 -28.62
N LEU F 83 23.88 -63.07 -29.70
CA LEU F 83 22.65 -62.94 -30.46
C LEU F 83 22.23 -64.31 -30.98
N THR F 84 20.91 -64.53 -31.02
CA THR F 84 20.35 -65.76 -31.55
C THR F 84 18.85 -65.55 -31.74
N THR F 85 18.15 -66.63 -32.09
CA THR F 85 16.73 -66.53 -32.41
C THR F 85 15.94 -66.06 -31.20
N SER F 86 14.92 -65.23 -31.45
CA SER F 86 14.13 -64.67 -30.38
C SER F 86 13.33 -65.78 -29.69
N PRO F 87 12.90 -65.55 -28.45
CA PRO F 87 12.23 -66.64 -27.71
C PRO F 87 11.01 -67.21 -28.41
N ALA F 88 10.25 -66.41 -29.15
CA ALA F 88 9.14 -66.94 -29.93
C ALA F 88 9.64 -67.80 -31.09
N GLN F 89 10.72 -67.38 -31.74
CA GLN F 89 11.30 -68.19 -32.81
C GLN F 89 11.86 -69.49 -32.26
N ASN F 90 12.49 -69.45 -31.08
CA ASN F 90 12.93 -70.69 -30.45
C ASN F 90 11.74 -71.57 -30.09
N ALA F 91 10.64 -70.97 -29.64
CA ALA F 91 9.45 -71.77 -29.35
C ALA F 91 8.91 -72.46 -30.61
N GLN F 92 8.83 -71.73 -31.72
CA GLN F 92 8.34 -72.36 -32.95
C GLN F 92 9.31 -73.43 -33.45
N GLN F 93 10.61 -73.13 -33.38
CA GLN F 93 11.61 -74.12 -33.73
C GLN F 93 11.36 -75.37 -32.92
N LEU F 94 11.08 -75.20 -31.63
CA LEU F 94 10.80 -76.34 -30.78
C LEU F 94 9.46 -77.02 -31.10
N HIS F 95 8.47 -76.31 -31.65
CA HIS F 95 7.26 -77.09 -31.93
C HIS F 95 7.61 -78.07 -33.02
N GLU F 96 8.39 -77.59 -34.00
CA GLU F 96 8.65 -78.43 -35.16
C GLU F 96 9.77 -79.44 -34.92
N ARG F 97 10.65 -79.21 -33.95
CA ARG F 97 11.73 -80.15 -33.70
C ARG F 97 11.61 -80.83 -32.34
N ILE F 98 10.44 -80.76 -31.72
CA ILE F 98 10.13 -81.53 -30.53
C ILE F 98 9.01 -82.54 -30.80
N GLN F 99 8.04 -82.16 -31.64
CA GLN F 99 6.92 -83.04 -31.99
C GLN F 99 7.20 -83.92 -33.20
N SER F 100 8.22 -83.63 -34.00
CA SER F 100 8.37 -84.24 -35.31
C SER F 100 8.71 -85.73 -35.22
N SER F 101 8.89 -86.36 -36.38
CA SER F 101 9.23 -87.77 -36.47
C SER F 101 10.73 -88.04 -36.57
N SER F 102 11.57 -87.02 -36.68
CA SER F 102 13.01 -87.20 -36.59
C SER F 102 13.37 -87.63 -35.19
N MET F 103 14.48 -88.34 -35.01
CA MET F 103 14.81 -88.88 -33.70
C MET F 103 15.95 -88.11 -33.05
N ASP F 104 17.10 -88.04 -33.73
CA ASP F 104 18.23 -87.29 -33.20
C ASP F 104 17.88 -85.82 -33.02
N ALA F 105 17.16 -85.25 -34.00
CA ALA F 105 16.74 -83.86 -33.88
C ALA F 105 15.84 -83.67 -32.66
N LYS F 106 14.88 -84.56 -32.44
CA LYS F 106 14.10 -84.47 -31.21
C LYS F 106 14.98 -84.54 -29.98
N LEU F 107 15.93 -85.48 -29.95
CA LEU F 107 16.71 -85.68 -28.73
C LEU F 107 17.53 -84.44 -28.40
N GLU F 108 18.22 -83.88 -29.40
CA GLU F 108 19.07 -82.73 -29.14
C GLU F 108 18.24 -81.47 -28.90
N ALA F 109 17.19 -81.27 -29.70
CA ALA F 109 16.28 -80.16 -29.50
C ALA F 109 15.59 -80.22 -28.14
N LEU F 110 15.34 -81.41 -27.63
CA LEU F 110 14.70 -81.59 -26.33
C LEU F 110 15.68 -81.37 -25.20
N LYS F 111 16.95 -81.73 -25.38
CA LYS F 111 17.95 -81.29 -24.42
C LYS F 111 18.03 -79.77 -24.41
N ASP F 112 17.92 -79.15 -25.58
CA ASP F 112 17.83 -77.69 -25.68
C ASP F 112 16.61 -77.17 -24.92
N LEU F 113 15.44 -77.78 -25.13
CA LEU F 113 14.21 -77.33 -24.50
C LEU F 113 14.28 -77.49 -22.99
N ALA F 114 14.90 -78.58 -22.52
CA ALA F 114 15.11 -78.76 -21.08
C ALA F 114 16.02 -77.67 -20.52
N SER F 115 17.10 -77.37 -21.24
CA SER F 115 18.02 -76.33 -20.78
C SER F 115 17.36 -74.96 -20.84
N LEU F 116 16.39 -74.79 -21.74
CA LEU F 116 15.80 -73.49 -22.04
C LEU F 116 14.49 -73.23 -21.31
N SER F 117 13.90 -74.26 -20.69
CA SER F 117 12.64 -74.07 -19.98
C SER F 117 12.81 -73.07 -18.83
N ARG F 118 13.96 -73.07 -18.17
CA ARG F 118 14.23 -72.12 -17.10
C ARG F 118 14.12 -70.69 -17.58
N ASP F 119 14.26 -70.46 -18.89
CA ASP F 119 14.08 -69.13 -19.46
C ASP F 119 12.61 -68.72 -19.42
N VAL F 120 12.27 -67.83 -18.48
CA VAL F 120 10.91 -67.30 -18.42
C VAL F 120 10.58 -66.52 -19.68
N THR F 121 11.58 -65.80 -20.22
CA THR F 121 11.37 -65.04 -21.44
C THR F 121 11.03 -65.97 -22.61
N PHE F 122 11.71 -67.11 -22.71
CA PHE F 122 11.32 -68.13 -23.68
C PHE F 122 10.00 -68.77 -23.29
N ALA F 123 9.80 -69.01 -21.99
CA ALA F 123 8.62 -69.71 -21.51
C ALA F 123 7.34 -69.00 -21.90
N GLN F 124 7.34 -67.66 -21.92
CA GLN F 124 6.15 -66.90 -22.31
C GLN F 124 5.60 -67.40 -23.65
N GLU F 125 6.39 -67.27 -24.71
CA GLU F 125 5.94 -67.69 -26.03
C GLU F 125 5.89 -69.19 -26.20
N PHE F 126 6.69 -69.97 -25.47
CA PHE F 126 6.57 -71.41 -25.61
C PHE F 126 5.28 -71.94 -25.00
N ILE F 127 4.83 -71.35 -23.90
CA ILE F 127 3.54 -71.68 -23.33
C ILE F 127 2.40 -71.15 -24.18
N ASN F 128 2.61 -69.98 -24.81
CA ASN F 128 1.66 -69.54 -25.84
C ASN F 128 1.59 -70.55 -26.98
N LEU F 129 2.70 -71.22 -27.27
CA LEU F 129 2.72 -72.27 -28.29
C LEU F 129 2.19 -73.60 -27.74
N ASP F 130 2.22 -73.76 -26.41
CA ASP F 130 1.77 -74.99 -25.75
C ASP F 130 2.55 -76.20 -26.24
N GLY F 131 3.88 -76.12 -26.13
CA GLY F 131 4.72 -77.24 -26.51
C GLY F 131 4.82 -78.34 -25.49
N ILE F 132 4.35 -78.11 -24.27
CA ILE F 132 4.28 -79.19 -23.30
C ILE F 132 3.24 -80.22 -23.73
N SER F 133 2.16 -79.75 -24.35
CA SER F 133 1.27 -80.67 -25.07
C SER F 133 2.04 -81.38 -26.17
N LEU F 134 2.94 -80.67 -26.85
CA LEU F 134 3.76 -81.31 -27.87
C LEU F 134 4.71 -82.33 -27.25
N LEU F 135 5.17 -82.10 -26.02
CA LEU F 135 5.85 -83.15 -25.28
C LEU F 135 4.93 -84.35 -25.09
N THR F 136 3.68 -84.09 -24.71
CA THR F 136 2.70 -85.15 -24.58
C THR F 136 2.64 -86.00 -25.84
N GLN F 137 2.46 -85.36 -27.00
CA GLN F 137 2.42 -86.15 -28.24
C GLN F 137 3.75 -86.84 -28.50
N MET F 138 4.88 -86.15 -28.34
CA MET F 138 6.14 -86.75 -28.77
C MET F 138 6.48 -88.00 -27.98
N VAL F 139 6.03 -88.10 -26.72
CA VAL F 139 6.41 -89.25 -25.91
C VAL F 139 5.25 -90.15 -25.57
N GLU F 140 4.05 -89.84 -26.03
CA GLU F 140 2.96 -90.79 -25.93
C GLU F 140 2.45 -91.26 -27.28
N SER F 141 2.21 -90.36 -28.23
CA SER F 141 2.09 -90.76 -29.62
C SER F 141 3.41 -91.33 -30.15
N GLY F 142 4.50 -90.57 -30.00
CA GLY F 142 5.79 -91.01 -30.53
C GLY F 142 6.25 -92.35 -30.00
N THR F 143 5.76 -92.75 -28.82
CA THR F 143 6.11 -94.06 -28.28
C THR F 143 5.57 -95.18 -29.17
N GLU F 144 4.37 -94.99 -29.72
CA GLU F 144 3.78 -96.03 -30.56
C GLU F 144 4.04 -95.85 -32.04
N ARG F 145 4.59 -94.72 -32.50
CA ARG F 145 5.03 -94.65 -33.89
C ARG F 145 6.27 -95.49 -34.16
N TYR F 146 7.23 -95.52 -33.24
CA TYR F 146 8.51 -96.15 -33.48
C TYR F 146 8.68 -97.45 -32.73
N GLN F 147 7.58 -98.11 -32.35
CA GLN F 147 7.62 -99.28 -31.47
C GLN F 147 8.51 -100.41 -31.99
N LYS F 148 8.44 -100.73 -33.29
CA LYS F 148 9.19 -101.85 -33.84
C LYS F 148 10.66 -101.79 -33.47
N LEU F 149 11.29 -100.64 -33.65
CA LEU F 149 12.71 -100.52 -33.38
C LEU F 149 13.02 -99.83 -32.07
N GLN F 150 12.08 -99.08 -31.48
CA GLN F 150 12.36 -98.57 -30.15
C GLN F 150 12.41 -99.72 -29.14
N LYS F 151 11.80 -100.85 -29.47
CA LYS F 151 11.96 -102.04 -28.63
C LYS F 151 13.44 -102.35 -28.37
N ILE F 152 14.31 -101.95 -29.29
CA ILE F 152 15.75 -102.17 -29.14
C ILE F 152 16.45 -100.85 -28.83
N MET F 153 15.80 -99.73 -29.16
CA MET F 153 16.38 -98.43 -28.88
C MET F 153 16.13 -97.96 -27.44
N LYS F 154 15.40 -98.75 -26.64
CA LYS F 154 14.92 -98.37 -25.31
C LYS F 154 15.92 -97.67 -24.38
N PRO F 155 17.22 -97.92 -24.42
CA PRO F 155 18.12 -97.01 -23.69
C PRO F 155 18.07 -95.58 -24.24
N CYS F 156 18.30 -95.40 -25.54
CA CYS F 156 18.22 -94.08 -26.13
C CYS F 156 16.80 -93.51 -26.07
N PHE F 157 15.79 -94.34 -26.34
CA PHE F 157 14.39 -93.88 -26.24
C PHE F 157 14.05 -93.45 -24.83
N GLY F 158 14.51 -94.20 -23.84
CA GLY F 158 14.29 -93.79 -22.46
C GLY F 158 15.02 -92.50 -22.11
N ASP F 159 16.20 -92.29 -22.69
CA ASP F 159 16.88 -91.01 -22.49
C ASP F 159 16.07 -89.87 -23.09
N MET F 160 15.53 -90.07 -24.30
CA MET F 160 14.67 -89.06 -24.91
C MET F 160 13.50 -88.73 -24.00
N LEU F 161 12.83 -89.77 -23.52
CA LEU F 161 11.65 -89.53 -22.68
C LEU F 161 12.03 -88.94 -21.33
N SER F 162 13.23 -89.24 -20.83
CA SER F 162 13.69 -88.60 -19.60
C SER F 162 13.91 -87.09 -19.81
N PHE F 163 14.52 -86.70 -20.93
CA PHE F 163 14.62 -85.28 -21.23
C PHE F 163 13.25 -84.65 -21.47
N THR F 164 12.30 -85.41 -22.00
CA THR F 164 10.93 -84.91 -22.08
C THR F 164 10.40 -84.62 -20.68
N LEU F 165 10.68 -85.51 -19.73
CA LEU F 165 10.27 -85.27 -18.35
C LEU F 165 10.92 -84.02 -17.79
N THR F 166 12.21 -83.84 -18.07
CA THR F 166 12.92 -82.64 -17.62
C THR F 166 12.24 -81.39 -18.15
N ALA F 167 11.96 -81.35 -19.45
CA ALA F 167 11.30 -80.19 -20.04
C ALA F 167 9.90 -80.02 -19.46
N PHE F 168 9.20 -81.14 -19.23
CA PHE F 168 7.84 -81.09 -18.72
C PHE F 168 7.80 -80.42 -17.35
N VAL F 169 8.69 -80.84 -16.45
CA VAL F 169 8.69 -80.25 -15.11
C VAL F 169 9.20 -78.81 -15.15
N GLU F 170 10.23 -78.54 -15.95
CA GLU F 170 10.81 -77.20 -15.97
C GLU F 170 9.98 -76.22 -16.77
N LEU F 171 8.93 -76.69 -17.46
CA LEU F 171 7.93 -75.80 -18.03
C LEU F 171 6.65 -75.78 -17.22
N MET F 172 6.39 -76.83 -16.45
CA MET F 172 5.23 -76.85 -15.55
C MET F 172 5.43 -75.91 -14.38
N ASP F 173 6.67 -75.78 -13.91
CA ASP F 173 6.94 -74.91 -12.76
C ASP F 173 6.55 -73.47 -13.05
N HIS F 174 6.62 -73.04 -14.31
CA HIS F 174 6.16 -71.70 -14.67
C HIS F 174 4.68 -71.50 -14.38
N GLY F 175 3.87 -72.53 -14.61
CA GLY F 175 2.46 -72.45 -14.30
C GLY F 175 1.64 -71.59 -15.23
N ILE F 176 2.27 -70.74 -16.04
CA ILE F 176 1.53 -69.95 -17.03
C ILE F 176 0.73 -70.88 -17.94
N VAL F 177 1.23 -72.08 -18.16
CA VAL F 177 0.44 -73.19 -18.68
C VAL F 177 -0.05 -74.02 -17.49
N SER F 178 -1.30 -74.44 -17.53
CA SER F 178 -1.86 -75.21 -16.42
C SER F 178 -1.14 -76.56 -16.29
N TRP F 179 -1.18 -77.11 -15.07
CA TRP F 179 -0.38 -78.29 -14.74
C TRP F 179 -0.81 -79.55 -15.50
N ASP F 180 -2.07 -79.67 -15.89
CA ASP F 180 -2.59 -80.93 -16.42
C ASP F 180 -2.38 -81.08 -17.92
N THR F 181 -1.33 -80.44 -18.46
CA THR F 181 -1.08 -80.47 -19.90
C THR F 181 -0.77 -81.88 -20.40
N PHE F 182 -0.14 -82.70 -19.56
CA PHE F 182 0.07 -84.11 -19.89
C PHE F 182 -1.26 -84.84 -20.02
N SER F 183 -1.27 -85.91 -20.81
CA SER F 183 -2.41 -86.79 -20.90
C SER F 183 -2.13 -88.08 -20.12
N VAL F 184 -3.13 -88.96 -20.06
CA VAL F 184 -3.01 -90.15 -19.24
C VAL F 184 -1.91 -91.08 -19.71
N ALA F 185 -1.54 -91.03 -20.99
CA ALA F 185 -0.42 -91.85 -21.44
C ALA F 185 0.90 -91.37 -20.86
N PHE F 186 0.98 -90.08 -20.49
CA PHE F 186 2.15 -89.57 -19.78
C PHE F 186 2.32 -90.30 -18.44
N ILE F 187 1.24 -90.42 -17.67
CA ILE F 187 1.35 -91.16 -16.42
C ILE F 187 1.52 -92.65 -16.69
N LYS F 188 1.04 -93.14 -17.83
CA LYS F 188 1.31 -94.54 -18.16
C LYS F 188 2.80 -94.78 -18.33
N LYS F 189 3.50 -93.87 -19.01
CA LYS F 189 4.95 -93.99 -19.14
C LYS F 189 5.66 -93.79 -17.80
N ILE F 190 5.22 -92.80 -17.02
CA ILE F 190 5.81 -92.60 -15.70
C ILE F 190 5.63 -93.85 -14.84
N ALA F 191 4.46 -94.49 -14.95
CA ALA F 191 4.21 -95.73 -14.25
C ALA F 191 5.15 -96.83 -14.72
N SER F 192 5.29 -96.98 -16.05
CA SER F 192 6.21 -97.97 -16.59
C SER F 192 7.62 -97.75 -16.05
N PHE F 193 7.94 -96.51 -15.71
CA PHE F 193 9.22 -96.24 -15.04
C PHE F 193 9.19 -96.67 -13.57
N VAL F 194 8.10 -96.36 -12.86
CA VAL F 194 8.05 -96.65 -11.42
C VAL F 194 7.58 -98.08 -11.18
N ASN F 195 6.64 -98.58 -12.00
CA ASN F 195 6.10 -99.91 -11.82
C ASN F 195 7.08 -101.03 -12.13
N LYS F 196 7.97 -100.84 -13.10
CA LYS F 196 8.75 -101.92 -13.66
C LYS F 196 10.02 -102.15 -12.86
N SER F 197 10.95 -102.89 -13.47
CA SER F 197 12.23 -103.18 -12.88
C SER F 197 13.13 -101.95 -12.94
N ALA F 198 14.39 -102.10 -12.56
CA ALA F 198 15.32 -100.97 -12.55
C ALA F 198 15.58 -100.47 -13.98
N ILE F 199 15.74 -99.15 -14.11
CA ILE F 199 15.96 -98.50 -15.39
C ILE F 199 17.12 -97.51 -15.24
N ASP F 200 17.34 -96.71 -16.28
CA ASP F 200 18.34 -95.66 -16.27
C ASP F 200 18.10 -94.70 -15.11
N ILE F 201 19.18 -94.09 -14.63
CA ILE F 201 19.07 -93.15 -13.51
C ILE F 201 18.25 -91.93 -13.89
N SER F 202 18.44 -91.39 -15.09
CA SER F 202 17.73 -90.17 -15.49
C SER F 202 16.23 -90.43 -15.61
N ILE F 203 15.84 -91.53 -16.25
CA ILE F 203 14.42 -91.83 -16.41
C ILE F 203 13.75 -92.00 -15.06
N LEU F 204 14.35 -92.80 -14.18
CA LEU F 204 13.75 -93.05 -12.87
C LEU F 204 13.70 -91.78 -12.04
N GLN F 205 14.76 -90.98 -12.10
CA GLN F 205 14.84 -89.70 -11.41
C GLN F 205 13.71 -88.79 -11.82
N ARG F 206 13.64 -88.45 -13.11
CA ARG F 206 12.61 -87.52 -13.57
C ARG F 206 11.22 -88.13 -13.48
N SER F 207 11.09 -89.45 -13.50
CA SER F 207 9.77 -90.07 -13.36
C SER F 207 9.25 -89.97 -11.94
N LEU F 208 10.10 -90.24 -10.95
CA LEU F 208 9.69 -89.99 -9.56
C LEU F 208 9.43 -88.51 -9.33
N ALA F 209 10.23 -87.64 -9.98
CA ALA F 209 9.97 -86.21 -9.91
C ALA F 209 8.59 -85.87 -10.45
N ILE F 210 8.19 -86.49 -11.56
CA ILE F 210 6.89 -86.17 -12.15
C ILE F 210 5.76 -86.81 -11.35
N LEU F 211 6.02 -87.97 -10.73
CA LEU F 211 5.07 -88.54 -9.79
C LEU F 211 4.75 -87.54 -8.69
N GLU F 212 5.80 -87.04 -8.02
CA GLU F 212 5.56 -86.07 -6.96
C GLU F 212 5.05 -84.75 -7.52
N SER F 213 5.31 -84.47 -8.79
CA SER F 213 4.77 -83.26 -9.42
C SER F 213 3.26 -83.35 -9.59
N MET F 214 2.76 -84.46 -10.14
CA MET F 214 1.30 -84.60 -10.22
C MET F 214 0.68 -84.60 -8.84
N VAL F 215 1.34 -85.23 -7.86
CA VAL F 215 0.83 -85.14 -6.50
C VAL F 215 0.69 -83.67 -6.09
N LEU F 216 1.75 -82.89 -6.32
CA LEU F 216 1.72 -81.47 -5.99
C LEU F 216 0.60 -80.73 -6.72
N ASN F 217 0.26 -81.17 -7.93
CA ASN F 217 -0.69 -80.42 -8.75
C ASN F 217 -2.09 -80.41 -8.14
N SER F 218 -2.61 -81.58 -7.78
CA SER F 218 -3.99 -81.68 -7.31
C SER F 218 -4.18 -82.98 -6.54
N HIS F 219 -5.25 -83.04 -5.75
CA HIS F 219 -5.56 -84.26 -5.01
C HIS F 219 -6.13 -85.34 -5.93
N ASP F 220 -6.85 -84.95 -6.98
CA ASP F 220 -7.27 -85.92 -7.98
C ASP F 220 -6.08 -86.50 -8.72
N LEU F 221 -5.11 -85.65 -9.07
CA LEU F 221 -3.88 -86.16 -9.67
C LEU F 221 -3.14 -87.05 -8.68
N TYR F 222 -3.21 -86.71 -7.39
CA TYR F 222 -2.69 -87.59 -6.35
C TYR F 222 -3.35 -88.97 -6.40
N GLN F 223 -4.68 -89.00 -6.47
CA GLN F 223 -5.40 -90.28 -6.49
C GLN F 223 -5.05 -91.09 -7.74
N LYS F 224 -4.98 -90.42 -8.89
CA LYS F 224 -4.71 -91.14 -10.13
C LYS F 224 -3.25 -91.57 -10.26
N VAL F 225 -2.32 -90.91 -9.58
CA VAL F 225 -0.94 -91.38 -9.54
C VAL F 225 -0.72 -92.42 -8.47
N ALA F 226 -1.57 -92.48 -7.44
CA ALA F 226 -1.41 -93.46 -6.38
C ALA F 226 -1.50 -94.88 -6.91
N GLN F 227 -2.33 -95.12 -7.94
CA GLN F 227 -2.43 -96.45 -8.51
C GLN F 227 -1.16 -96.83 -9.26
N GLU F 228 -0.32 -95.85 -9.59
CA GLU F 228 0.95 -96.12 -10.23
C GLU F 228 2.10 -96.10 -9.23
N ILE F 229 1.85 -95.56 -8.03
CA ILE F 229 2.85 -95.56 -6.96
C ILE F 229 2.35 -96.50 -5.87
N THR F 230 2.91 -97.71 -5.82
CA THR F 230 2.59 -98.65 -4.77
C THR F 230 3.77 -98.73 -3.80
N ILE F 231 3.45 -98.80 -2.51
CA ILE F 231 4.48 -98.92 -1.49
C ILE F 231 5.35 -100.17 -1.72
N GLY F 232 4.77 -101.22 -2.28
CA GLY F 232 5.58 -102.39 -2.60
C GLY F 232 6.58 -102.12 -3.71
N GLN F 233 6.21 -101.27 -4.67
CA GLN F 233 7.10 -100.99 -5.78
C GLN F 233 7.92 -99.73 -5.56
N LEU F 234 7.53 -98.89 -4.60
CA LEU F 234 8.28 -97.68 -4.27
C LEU F 234 9.54 -97.97 -3.47
N ILE F 235 9.70 -99.20 -2.99
CA ILE F 235 10.92 -99.52 -2.21
C ILE F 235 12.12 -99.83 -3.06
N PRO F 236 12.03 -100.56 -4.19
CA PRO F 236 13.24 -100.81 -4.98
C PRO F 236 13.94 -99.54 -5.46
N HIS F 237 13.21 -98.43 -5.58
CA HIS F 237 13.87 -97.15 -5.88
C HIS F 237 14.81 -96.75 -4.75
N LEU F 238 14.39 -96.96 -3.50
CA LEU F 238 15.33 -96.86 -2.39
C LEU F 238 16.44 -97.89 -2.52
N GLN F 239 16.08 -99.13 -2.86
CA GLN F 239 17.09 -100.16 -3.08
C GLN F 239 17.96 -99.84 -4.28
N GLY F 240 17.45 -99.05 -5.22
CA GLY F 240 18.32 -98.41 -6.19
C GLY F 240 19.30 -97.56 -5.41
N SER F 241 20.54 -98.04 -5.30
CA SER F 241 21.47 -97.52 -4.29
C SER F 241 21.77 -96.03 -4.47
N ASP F 242 21.55 -95.49 -5.67
CA ASP F 242 21.85 -94.10 -5.92
C ASP F 242 21.09 -93.21 -4.94
N GLN F 243 21.78 -92.20 -4.40
CA GLN F 243 21.16 -91.36 -3.38
C GLN F 243 19.88 -90.70 -3.89
N GLU F 244 19.92 -90.16 -5.10
CA GLU F 244 18.81 -89.35 -5.61
C GLU F 244 17.56 -90.17 -5.85
N ILE F 245 17.70 -91.43 -6.30
CA ILE F 245 16.54 -92.29 -6.42
C ILE F 245 15.87 -92.46 -5.07
N GLN F 246 16.68 -92.66 -4.02
CA GLN F 246 16.17 -92.73 -2.66
C GLN F 246 15.49 -91.43 -2.26
N THR F 247 16.08 -90.29 -2.63
CA THR F 247 15.49 -88.99 -2.32
C THR F 247 14.09 -88.89 -2.88
N TYR F 248 13.94 -89.16 -4.17
CA TYR F 248 12.64 -88.97 -4.81
C TYR F 248 11.64 -90.02 -4.35
N THR F 249 12.07 -91.26 -4.07
CA THR F 249 11.12 -92.26 -3.61
C THR F 249 10.60 -91.91 -2.22
N ILE F 250 11.48 -91.40 -1.34
CA ILE F 250 10.99 -90.96 -0.03
C ILE F 250 10.12 -89.71 -0.16
N ALA F 251 10.44 -88.81 -1.09
CA ALA F 251 9.58 -87.65 -1.32
C ALA F 251 8.20 -88.08 -1.78
N VAL F 252 8.13 -89.10 -2.62
CA VAL F 252 6.84 -89.64 -3.06
C VAL F 252 6.12 -90.29 -1.89
N ILE F 253 6.86 -90.96 -1.01
CA ILE F 253 6.28 -91.51 0.22
C ILE F 253 5.62 -90.40 1.02
N ASN F 254 6.36 -89.30 1.22
CA ASN F 254 5.82 -88.16 1.96
C ASN F 254 4.59 -87.59 1.27
N ALA F 255 4.62 -87.49 -0.06
CA ALA F 255 3.48 -86.97 -0.79
C ALA F 255 2.25 -87.85 -0.60
N LEU F 256 2.44 -89.18 -0.66
CA LEU F 256 1.33 -90.10 -0.45
C LEU F 256 0.77 -89.96 0.96
N PHE F 257 1.64 -89.74 1.94
CA PHE F 257 1.16 -89.39 3.27
C PHE F 257 0.41 -88.07 3.27
N LEU F 258 0.90 -87.09 2.51
CA LEU F 258 0.39 -85.73 2.61
C LEU F 258 -1.03 -85.61 2.08
N LYS F 259 -1.24 -85.97 0.82
CA LYS F 259 -2.52 -85.71 0.18
C LYS F 259 -3.57 -86.80 0.42
N ALA F 260 -3.19 -87.91 1.04
CA ALA F 260 -4.18 -88.89 1.46
C ALA F 260 -5.01 -88.33 2.61
N PRO F 261 -6.27 -88.75 2.73
CA PRO F 261 -7.02 -88.48 3.96
C PRO F 261 -6.38 -89.18 5.14
N ASP F 262 -6.57 -88.59 6.32
CA ASP F 262 -5.94 -89.11 7.53
C ASP F 262 -6.32 -90.56 7.80
N GLU F 263 -7.54 -90.95 7.40
CA GLU F 263 -7.95 -92.34 7.55
C GLU F 263 -7.06 -93.28 6.75
N ARG F 264 -6.73 -92.90 5.51
CA ARG F 264 -5.75 -93.66 4.75
C ARG F 264 -4.32 -93.36 5.21
N ARG F 265 -4.12 -92.24 5.90
CA ARG F 265 -2.79 -91.94 6.41
C ARG F 265 -2.37 -92.92 7.50
N GLN F 266 -3.32 -93.31 8.37
CA GLN F 266 -3.03 -94.38 9.34
C GLN F 266 -2.67 -95.67 8.62
N GLU F 267 -3.39 -96.00 7.56
CA GLU F 267 -3.12 -97.21 6.80
C GLU F 267 -1.71 -97.19 6.23
N MET F 268 -1.36 -96.08 5.57
CA MET F 268 -0.03 -96.00 4.96
C MET F 268 1.08 -95.95 6.00
N ALA F 269 0.81 -95.42 7.20
CA ALA F 269 1.78 -95.53 8.28
C ALA F 269 1.97 -96.98 8.69
N ASN F 270 0.88 -97.75 8.78
CA ASN F 270 1.00 -99.18 9.05
C ASN F 270 1.79 -99.89 7.95
N ILE F 271 1.56 -99.53 6.69
CA ILE F 271 2.24 -100.21 5.59
C ILE F 271 3.71 -99.84 5.58
N LEU F 272 4.03 -98.58 5.90
CA LEU F 272 5.41 -98.20 6.18
C LEU F 272 6.01 -99.08 7.26
N ALA F 273 5.24 -99.36 8.30
CA ALA F 273 5.73 -100.21 9.39
C ALA F 273 6.04 -101.62 8.90
N GLN F 274 5.14 -102.21 8.12
CA GLN F 274 5.31 -103.63 7.78
C GLN F 274 6.40 -103.84 6.73
N LYS F 275 6.44 -103.01 5.69
CA LYS F 275 7.43 -103.18 4.62
C LYS F 275 8.81 -102.67 5.00
N GLN F 276 9.02 -102.31 6.27
CA GLN F 276 10.31 -101.93 6.86
C GLN F 276 10.78 -100.54 6.42
N LEU F 277 9.92 -99.70 5.83
CA LEU F 277 10.37 -98.44 5.27
C LEU F 277 11.21 -97.66 6.28
N ARG F 278 10.72 -97.52 7.50
CA ARG F 278 11.49 -96.93 8.59
C ARG F 278 12.88 -97.58 8.69
N SER F 279 12.92 -98.86 9.02
CA SER F 279 14.20 -99.53 9.25
C SER F 279 14.98 -99.70 7.97
N ILE F 280 14.30 -99.92 6.84
CA ILE F 280 15.05 -100.21 5.62
C ILE F 280 15.71 -98.94 5.11
N ILE F 281 15.07 -97.78 5.29
CA ILE F 281 15.73 -96.53 4.95
C ILE F 281 16.84 -96.23 5.95
N LEU F 282 16.65 -96.60 7.22
CA LEU F 282 17.76 -96.55 8.17
C LEU F 282 18.97 -97.31 7.64
N THR F 283 18.77 -98.58 7.26
CA THR F 283 19.88 -99.44 6.90
C THR F 283 20.36 -99.21 5.47
N HIS F 284 19.64 -98.38 4.70
CA HIS F 284 20.10 -97.99 3.37
C HIS F 284 20.80 -96.64 3.33
N VAL F 285 20.48 -95.72 4.25
CA VAL F 285 21.08 -94.40 4.15
C VAL F 285 21.80 -94.01 5.44
N ILE F 286 21.13 -94.22 6.58
CA ILE F 286 21.54 -93.54 7.81
C ILE F 286 22.89 -94.07 8.29
N ARG F 287 22.94 -95.36 8.63
CA ARG F 287 24.18 -95.99 9.05
C ARG F 287 24.83 -96.84 7.97
N ALA F 288 24.30 -96.76 6.75
CA ALA F 288 24.90 -97.39 5.58
C ALA F 288 25.98 -96.48 5.01
N GLN F 289 26.42 -96.77 3.79
CA GLN F 289 27.44 -95.97 3.13
C GLN F 289 26.88 -94.81 2.32
N ARG F 290 25.58 -94.56 2.39
CA ARG F 290 24.99 -93.47 1.62
C ARG F 290 24.82 -92.23 2.50
N ALA F 291 24.85 -91.05 1.88
CA ALA F 291 25.01 -89.81 2.63
C ALA F 291 23.66 -89.22 3.06
N ILE F 292 23.66 -88.56 4.21
CA ILE F 292 22.55 -87.71 4.63
C ILE F 292 22.86 -86.30 4.17
N ASN F 293 22.24 -85.89 3.06
CA ASN F 293 22.28 -84.49 2.70
C ASN F 293 21.27 -83.71 3.54
N ASN F 294 21.16 -82.41 3.25
CA ASN F 294 20.06 -81.64 3.80
C ASN F 294 18.73 -82.21 3.33
N GLU F 295 18.68 -82.66 2.07
CA GLU F 295 17.47 -83.27 1.56
C GLU F 295 17.20 -84.63 2.19
N MET F 296 18.23 -85.45 2.40
CA MET F 296 18.04 -86.70 3.14
C MET F 296 17.63 -86.42 4.58
N ALA F 297 18.19 -85.39 5.20
CA ALA F 297 17.74 -85.00 6.52
C ALA F 297 16.26 -84.69 6.50
N HIS F 298 15.81 -83.93 5.48
CA HIS F 298 14.40 -83.61 5.34
C HIS F 298 13.55 -84.86 5.12
N GLN F 299 14.03 -85.79 4.30
CA GLN F 299 13.25 -86.98 3.97
C GLN F 299 13.07 -87.90 5.18
N LEU F 300 14.17 -88.20 5.87
CA LEU F 300 14.08 -89.01 7.09
C LEU F 300 13.26 -88.28 8.15
N TYR F 301 13.43 -86.96 8.25
CA TYR F 301 12.67 -86.19 9.21
C TYR F 301 11.18 -86.25 8.92
N VAL F 302 10.79 -86.16 7.64
CA VAL F 302 9.38 -86.17 7.32
C VAL F 302 8.80 -87.57 7.46
N LEU F 303 9.60 -88.61 7.23
CA LEU F 303 9.15 -89.97 7.54
C LEU F 303 8.83 -90.10 9.03
N GLN F 304 9.78 -89.71 9.89
CA GLN F 304 9.56 -89.83 11.32
C GLN F 304 8.41 -88.92 11.78
N VAL F 305 8.32 -87.71 11.21
CA VAL F 305 7.24 -86.79 11.55
C VAL F 305 5.90 -87.27 11.02
N LEU F 306 5.87 -88.05 9.94
CA LEU F 306 4.61 -88.57 9.45
C LEU F 306 4.10 -89.69 10.33
N THR F 307 5.00 -90.58 10.77
CA THR F 307 4.61 -91.48 11.85
C THR F 307 4.16 -90.71 13.09
N PHE F 308 4.86 -89.63 13.41
CA PHE F 308 4.51 -88.78 14.53
C PHE F 308 3.11 -88.23 14.41
N ASN F 309 2.75 -87.68 13.25
CA ASN F 309 1.46 -87.05 13.09
C ASN F 309 0.34 -88.04 12.79
N LEU F 310 0.67 -89.29 12.47
CA LEU F 310 -0.36 -90.31 12.57
C LEU F 310 -0.51 -90.85 13.99
N LEU F 311 0.45 -90.53 14.87
CA LEU F 311 0.15 -90.58 16.29
C LEU F 311 -0.61 -89.34 16.74
N GLU F 312 -0.48 -88.25 15.98
CA GLU F 312 -1.17 -87.01 16.35
C GLU F 312 -2.67 -87.17 16.31
N ASP F 313 -3.17 -88.11 15.50
CA ASP F 313 -4.61 -88.37 15.46
C ASP F 313 -5.15 -88.74 16.84
N ARG F 314 -4.32 -89.39 17.66
CA ARG F 314 -4.68 -89.68 19.03
C ARG F 314 -4.11 -88.64 20.00
N MET F 315 -3.14 -87.84 19.55
CA MET F 315 -2.71 -86.70 20.36
C MET F 315 -3.74 -85.58 20.47
N MET F 316 -4.11 -84.95 19.36
CA MET F 316 -4.68 -83.60 19.43
C MET F 316 -6.04 -83.59 20.14
N THR F 317 -6.90 -84.55 19.84
CA THR F 317 -8.29 -84.46 20.25
C THR F 317 -8.46 -84.88 21.70
N LYS F 318 -9.63 -84.58 22.27
CA LYS F 318 -10.00 -85.01 23.61
C LYS F 318 -11.03 -86.14 23.49
N MET F 319 -10.52 -87.37 23.58
CA MET F 319 -11.39 -88.53 23.55
C MET F 319 -12.06 -88.72 24.89
N ASP F 320 -13.05 -89.61 24.93
CA ASP F 320 -13.88 -89.80 26.11
C ASP F 320 -13.04 -90.30 27.29
N PRO F 321 -13.08 -89.63 28.43
CA PRO F 321 -12.42 -90.19 29.62
C PRO F 321 -13.19 -91.35 30.24
N GLN F 322 -14.51 -91.31 30.17
CA GLN F 322 -15.35 -92.30 30.85
C GLN F 322 -15.94 -93.34 29.91
N ASP F 323 -15.49 -93.40 28.66
CA ASP F 323 -16.00 -94.43 27.75
C ASP F 323 -15.66 -95.80 28.29
N GLN F 324 -16.61 -96.74 28.17
CA GLN F 324 -16.47 -98.02 28.85
C GLN F 324 -15.36 -98.87 28.25
N ALA F 325 -15.14 -98.78 26.93
CA ALA F 325 -14.08 -99.55 26.31
C ALA F 325 -12.70 -99.08 26.78
N GLN F 326 -12.46 -97.77 26.70
CA GLN F 326 -11.19 -97.24 27.20
C GLN F 326 -11.09 -97.36 28.71
N ARG F 327 -12.23 -97.29 29.41
CA ARG F 327 -12.23 -97.52 30.85
C ARG F 327 -11.75 -98.93 31.17
N ASP F 328 -12.24 -99.93 30.44
CA ASP F 328 -11.81 -101.30 30.68
C ASP F 328 -10.37 -101.52 30.26
N ILE F 329 -9.90 -100.85 29.20
CA ILE F 329 -8.53 -101.09 28.79
C ILE F 329 -7.55 -100.42 29.77
N ILE F 330 -7.90 -99.25 30.32
CA ILE F 330 -7.05 -98.73 31.39
C ILE F 330 -7.17 -99.58 32.65
N PHE F 331 -8.32 -100.19 32.90
CA PHE F 331 -8.41 -101.13 34.02
C PHE F 331 -7.49 -102.32 33.83
N GLU F 332 -7.43 -102.88 32.62
CA GLU F 332 -6.51 -104.01 32.41
C GLU F 332 -5.05 -103.56 32.45
N LEU F 333 -4.77 -102.34 32.00
CA LEU F 333 -3.41 -101.80 32.14
C LEU F 333 -3.04 -101.63 33.61
N ARG F 334 -3.93 -101.02 34.39
CA ARG F 334 -3.69 -100.86 35.83
C ARG F 334 -3.69 -102.19 36.57
N ARG F 335 -4.27 -103.25 35.98
CA ARG F 335 -4.18 -104.55 36.62
C ARG F 335 -2.85 -105.22 36.33
N ILE F 336 -2.47 -105.31 35.05
CA ILE F 336 -1.16 -105.84 34.71
C ILE F 336 -0.03 -105.01 35.29
N ALA F 337 -0.32 -103.78 35.74
CA ALA F 337 0.66 -102.93 36.39
C ALA F 337 0.63 -103.02 37.91
N PHE F 338 -0.55 -103.00 38.53
CA PHE F 338 -0.70 -102.85 39.96
C PHE F 338 -0.91 -104.17 40.71
N ASP F 339 -1.31 -105.23 40.01
CA ASP F 339 -1.69 -106.48 40.68
C ASP F 339 -0.54 -107.11 41.47
N ALA F 340 0.71 -106.74 41.19
CA ALA F 340 1.79 -107.24 42.01
C ALA F 340 1.65 -106.74 43.44
N GLU F 341 0.79 -105.74 43.65
CA GLU F 341 0.39 -105.29 44.97
C GLU F 341 -1.12 -105.16 45.13
N SER F 342 -1.91 -106.03 44.48
CA SER F 342 -3.36 -105.99 44.57
C SER F 342 -3.91 -107.41 44.78
N GLU F 343 -5.05 -107.51 45.47
CA GLU F 343 -5.75 -108.77 45.58
C GLU F 343 -6.54 -109.07 44.31
N PRO F 344 -6.92 -110.32 44.05
CA PRO F 344 -7.65 -110.64 42.81
C PRO F 344 -9.10 -110.17 42.81
N ASN F 345 -9.55 -109.57 43.91
CA ASN F 345 -10.93 -109.12 43.99
C ASN F 345 -11.19 -107.83 43.22
N ASN F 346 -10.22 -106.92 43.15
CA ASN F 346 -10.46 -105.59 42.61
C ASN F 346 -10.40 -105.53 41.09
N SER F 347 -10.13 -106.65 40.42
CA SER F 347 -10.10 -106.65 38.96
C SER F 347 -11.46 -106.28 38.39
N SER F 348 -12.54 -106.83 38.95
CA SER F 348 -13.90 -106.55 38.50
C SER F 348 -14.79 -106.19 39.69
N GLY F 349 -14.27 -105.39 40.61
CA GLY F 349 -15.02 -105.05 41.81
C GLY F 349 -16.15 -104.09 41.53
N SER F 350 -17.00 -103.91 42.54
CA SER F 350 -18.16 -103.04 42.44
C SER F 350 -17.73 -101.58 42.35
N MET F 351 -18.72 -100.71 42.16
CA MET F 351 -18.45 -99.28 42.06
C MET F 351 -17.92 -98.72 43.37
N GLU F 352 -18.50 -99.13 44.50
CA GLU F 352 -18.04 -98.67 45.80
C GLU F 352 -16.60 -99.11 46.04
N LYS F 353 -16.30 -100.37 45.73
CA LYS F 353 -14.93 -100.83 45.82
C LYS F 353 -14.03 -100.13 44.80
N ARG F 354 -14.59 -99.73 43.65
CA ARG F 354 -13.79 -98.97 42.69
C ARG F 354 -13.37 -97.63 43.27
N LYS F 355 -14.29 -96.94 43.94
CA LYS F 355 -13.95 -95.69 44.62
C LYS F 355 -12.93 -95.94 45.72
N SER F 356 -13.11 -97.01 46.50
CA SER F 356 -12.21 -97.28 47.61
C SER F 356 -10.80 -97.56 47.11
N MET F 357 -10.68 -98.36 46.04
CA MET F 357 -9.36 -98.69 45.52
C MET F 357 -8.75 -97.49 44.80
N TYR F 358 -9.56 -96.68 44.12
CA TYR F 358 -9.13 -95.37 43.65
C TYR F 358 -8.46 -94.59 44.77
N THR F 359 -9.17 -94.42 45.89
CA THR F 359 -8.63 -93.63 46.99
C THR F 359 -7.33 -94.22 47.51
N ARG F 360 -7.33 -95.50 47.87
CA ARG F 360 -6.13 -96.09 48.47
C ARG F 360 -4.95 -96.06 47.50
N ASP F 361 -5.20 -96.37 46.23
CA ASP F 361 -4.17 -96.62 45.25
C ASP F 361 -3.78 -95.36 44.48
N TYR F 362 -4.48 -94.24 44.71
CA TYR F 362 -4.26 -93.01 43.99
C TYR F 362 -3.99 -91.82 44.88
N LYS F 363 -4.32 -91.90 46.17
CA LYS F 363 -3.61 -91.08 47.14
C LYS F 363 -2.17 -91.55 47.27
N LYS F 364 -1.92 -92.84 46.99
CA LYS F 364 -0.56 -93.28 46.71
C LYS F 364 -0.05 -92.73 45.39
N LEU F 365 -0.91 -92.13 44.56
CA LEU F 365 -0.48 -91.46 43.36
C LEU F 365 -0.92 -90.00 43.31
N GLY F 366 -1.27 -89.42 44.47
CA GLY F 366 -1.54 -88.00 44.60
C GLY F 366 -2.51 -87.40 43.61
N PHE F 367 -3.33 -88.23 42.96
CA PHE F 367 -4.34 -87.70 42.05
C PHE F 367 -5.33 -86.83 42.82
N ILE F 368 -5.55 -85.62 42.33
CA ILE F 368 -6.48 -84.71 42.99
C ILE F 368 -7.91 -85.20 42.84
N ASN F 369 -8.29 -85.59 41.62
CA ASN F 369 -9.60 -86.16 41.34
C ASN F 369 -9.48 -87.67 41.36
N HIS F 370 -9.85 -88.29 42.49
CA HIS F 370 -9.78 -89.73 42.64
C HIS F 370 -11.09 -90.41 42.32
N VAL F 371 -12.09 -89.66 41.85
CA VAL F 371 -13.31 -90.27 41.35
C VAL F 371 -13.08 -91.00 40.03
N ASN F 372 -12.06 -90.62 39.27
CA ASN F 372 -11.74 -91.25 38.00
C ASN F 372 -10.30 -90.95 37.62
N PRO F 373 -9.46 -91.98 37.43
CA PRO F 373 -8.09 -91.71 36.96
C PRO F 373 -8.04 -91.18 35.55
N ALA F 374 -9.12 -91.31 34.80
CA ALA F 374 -9.21 -90.76 33.46
C ALA F 374 -9.11 -89.23 33.45
N MET F 375 -9.33 -88.59 34.60
CA MET F 375 -9.08 -87.16 34.71
C MET F 375 -7.59 -86.85 34.71
N ASP F 376 -6.74 -87.87 34.77
CA ASP F 376 -5.33 -87.75 34.43
C ASP F 376 -5.05 -88.13 32.99
N PHE F 377 -6.06 -88.57 32.25
CA PHE F 377 -5.96 -88.74 30.81
C PHE F 377 -6.90 -87.79 30.06
N THR F 378 -7.66 -86.96 30.78
CA THR F 378 -8.61 -86.04 30.17
C THR F 378 -7.93 -84.81 29.56
N GLN F 379 -6.62 -84.67 29.75
CA GLN F 379 -5.85 -83.60 29.12
C GLN F 379 -5.04 -84.19 27.97
N THR F 380 -5.21 -83.61 26.79
CA THR F 380 -4.61 -84.12 25.57
C THR F 380 -3.83 -83.02 24.87
N PRO F 381 -2.71 -83.36 24.20
CA PRO F 381 -2.18 -84.71 23.99
C PRO F 381 -1.57 -85.32 25.24
N PRO F 382 -1.55 -86.65 25.33
CA PRO F 382 -2.14 -87.62 24.39
C PRO F 382 -3.53 -88.14 24.75
N GLY F 383 -3.86 -88.19 26.04
CA GLY F 383 -5.07 -88.89 26.43
C GLY F 383 -4.95 -90.37 26.15
N MET F 384 -5.63 -90.84 25.10
CA MET F 384 -5.62 -92.24 24.70
C MET F 384 -4.27 -92.71 24.17
N LEU F 385 -3.36 -91.82 23.78
CA LEU F 385 -2.08 -92.34 23.29
C LEU F 385 -1.07 -92.50 24.43
N ALA F 386 -1.30 -91.86 25.57
CA ALA F 386 -0.62 -92.32 26.79
C ALA F 386 -1.06 -93.74 27.11
N LEU F 387 -2.34 -94.03 26.93
CA LEU F 387 -2.85 -95.38 27.04
C LEU F 387 -2.16 -96.30 26.03
N ASP F 388 -1.96 -95.82 24.81
CA ASP F 388 -1.23 -96.60 23.81
C ASP F 388 0.19 -96.89 24.26
N ASN F 389 0.83 -95.91 24.91
CA ASN F 389 2.17 -96.13 25.44
C ASN F 389 2.15 -97.22 26.52
N MET F 390 1.12 -97.18 27.36
CA MET F 390 0.94 -98.24 28.35
C MET F 390 0.77 -99.60 27.68
N LEU F 391 0.00 -99.64 26.60
CA LEU F 391 -0.22 -100.89 25.85
C LEU F 391 1.07 -101.39 25.24
N TYR F 392 1.87 -100.49 24.65
CA TYR F 392 3.14 -100.89 24.06
C TYR F 392 4.07 -101.45 25.12
N PHE F 393 4.07 -100.83 26.31
CA PHE F 393 4.86 -101.40 27.40
C PHE F 393 4.34 -102.78 27.76
N ALA F 394 3.02 -102.95 27.81
CA ALA F 394 2.43 -104.27 28.00
C ALA F 394 2.93 -105.25 26.94
N LYS F 395 3.25 -104.78 25.74
CA LYS F 395 3.81 -105.61 24.69
C LYS F 395 5.34 -105.63 24.68
N HIS F 396 5.98 -104.50 25.01
CA HIS F 396 7.40 -104.34 24.75
C HIS F 396 8.21 -103.88 25.95
N HIS F 397 7.62 -103.13 26.87
CA HIS F 397 8.34 -102.61 28.02
C HIS F 397 7.53 -102.79 29.29
N GLN F 398 6.99 -103.99 29.48
CA GLN F 398 6.23 -104.27 30.70
C GLN F 398 7.16 -104.35 31.91
N ASP F 399 8.47 -104.50 31.68
CA ASP F 399 9.42 -104.48 32.79
C ASP F 399 9.45 -103.11 33.46
N ALA F 400 9.77 -102.07 32.68
CA ALA F 400 9.80 -100.70 33.22
C ALA F 400 8.41 -100.30 33.70
N TYR F 401 7.39 -100.63 32.92
CA TYR F 401 6.02 -100.34 33.31
C TYR F 401 5.72 -100.90 34.70
N ILE F 402 5.98 -102.19 34.91
CA ILE F 402 5.61 -102.84 36.16
C ILE F 402 6.45 -102.32 37.31
N ARG F 403 7.77 -102.20 37.12
CA ARG F 403 8.59 -101.76 38.25
C ARG F 403 8.27 -100.32 38.65
N ILE F 404 8.03 -99.44 37.68
CA ILE F 404 7.70 -98.06 38.01
C ILE F 404 6.34 -97.98 38.66
N VAL F 405 5.39 -98.81 38.22
CA VAL F 405 4.08 -98.83 38.89
C VAL F 405 4.21 -99.30 40.33
N LEU F 406 4.89 -100.43 40.54
CA LEU F 406 5.00 -100.99 41.88
C LEU F 406 5.71 -100.04 42.84
N GLU F 407 6.77 -99.38 42.37
CA GLU F 407 7.45 -98.45 43.25
C GLU F 407 6.50 -97.37 43.74
N ASN F 408 5.72 -96.77 42.84
CA ASN F 408 4.74 -95.75 43.22
C ASN F 408 3.45 -96.37 43.77
N SER F 409 3.26 -97.68 43.62
CA SER F 409 2.13 -98.37 44.23
C SER F 409 2.43 -98.81 45.66
N SER F 410 3.64 -98.52 46.15
CA SER F 410 4.02 -98.85 47.50
C SER F 410 4.26 -97.63 48.37
N ARG F 411 3.72 -96.47 47.99
CA ARG F 411 4.03 -95.22 48.67
C ARG F 411 2.82 -94.28 48.61
N GLU F 412 2.16 -94.11 49.76
CA GLU F 412 1.16 -93.05 49.86
C GLU F 412 1.80 -91.68 49.81
N ASP F 413 3.04 -91.55 50.30
CA ASP F 413 3.66 -90.25 50.50
C ASP F 413 3.89 -89.56 49.16
N LYS F 414 4.42 -88.34 49.24
CA LYS F 414 4.44 -87.45 48.10
C LYS F 414 5.58 -87.79 47.13
N HIS F 415 6.51 -88.68 47.52
CA HIS F 415 7.60 -89.27 46.73
C HIS F 415 7.10 -90.11 45.56
N GLU F 416 5.77 -90.20 45.52
CA GLU F 416 5.09 -91.09 44.59
C GLU F 416 5.21 -90.63 43.14
N CYS F 417 5.13 -91.59 42.22
CA CYS F 417 5.09 -91.36 40.78
C CYS F 417 3.68 -91.51 40.25
N PRO F 418 2.92 -90.40 40.10
CA PRO F 418 1.50 -90.54 39.76
C PRO F 418 1.32 -91.08 38.36
N PHE F 419 1.02 -92.38 38.24
CA PHE F 419 1.32 -93.06 36.99
C PHE F 419 0.42 -92.61 35.85
N GLY F 420 -0.88 -92.41 36.10
CA GLY F 420 -1.69 -91.80 35.06
C GLY F 420 -1.17 -90.42 34.74
N ARG F 421 -0.94 -89.64 35.78
CA ARG F 421 -0.48 -88.26 35.62
C ARG F 421 0.93 -88.21 35.05
N SER F 422 1.85 -89.00 35.63
CA SER F 422 3.22 -89.00 35.14
C SER F 422 3.29 -89.46 33.69
N SER F 423 2.54 -90.52 33.35
CA SER F 423 2.55 -91.01 31.98
C SER F 423 1.99 -89.97 31.01
N ILE F 424 0.86 -89.34 31.38
CA ILE F 424 0.24 -88.38 30.46
C ILE F 424 1.18 -87.21 30.21
N GLU F 425 1.78 -86.66 31.28
CA GLU F 425 2.58 -85.46 31.12
C GLU F 425 3.95 -85.77 30.54
N LEU F 426 4.53 -86.93 30.86
CA LEU F 426 5.75 -87.38 30.20
C LEU F 426 5.55 -87.54 28.71
N THR F 427 4.48 -88.23 28.30
CA THR F 427 4.22 -88.40 26.88
C THR F 427 4.06 -87.05 26.20
N LYS F 428 3.30 -86.13 26.81
CA LYS F 428 3.05 -84.86 26.13
C LYS F 428 4.32 -84.01 26.05
N MET F 429 5.16 -84.02 27.08
CA MET F 429 6.38 -83.23 27.03
C MET F 429 7.37 -83.79 26.01
N LEU F 430 7.54 -85.11 25.98
CA LEU F 430 8.47 -85.66 25.00
C LEU F 430 7.88 -85.61 23.59
N CYS F 431 6.56 -85.46 23.48
CA CYS F 431 5.96 -85.18 22.18
C CYS F 431 6.34 -83.79 21.69
N GLU F 432 6.19 -82.78 22.55
CA GLU F 432 6.59 -81.44 22.14
C GLU F 432 8.09 -81.34 21.88
N ILE F 433 8.90 -81.98 22.72
CA ILE F 433 10.37 -81.88 22.60
C ILE F 433 10.84 -82.64 21.37
N LEU F 434 10.31 -83.84 21.15
CA LEU F 434 10.73 -84.69 20.05
C LEU F 434 9.98 -84.39 18.77
N LYS F 435 9.09 -83.40 18.78
CA LYS F 435 8.27 -83.05 17.62
C LYS F 435 7.41 -84.23 17.20
N VAL F 436 6.74 -84.83 18.17
CA VAL F 436 5.83 -85.94 17.93
C VAL F 436 4.44 -85.41 17.63
N GLY F 437 3.97 -85.63 16.41
CA GLY F 437 2.66 -85.17 16.01
C GLY F 437 2.61 -83.80 15.37
N GLU F 438 3.76 -83.28 14.96
CA GLU F 438 3.79 -81.98 14.30
C GLU F 438 3.48 -82.12 12.81
N LEU F 439 3.08 -81.01 12.21
CA LEU F 439 2.88 -80.97 10.78
C LEU F 439 4.23 -81.00 10.08
N PRO F 440 4.47 -81.93 9.15
CA PRO F 440 5.79 -81.98 8.50
C PRO F 440 6.08 -80.70 7.75
N SER F 441 7.29 -80.18 7.95
CA SER F 441 7.77 -78.99 7.25
C SER F 441 9.26 -79.14 7.01
N GLU F 442 9.71 -78.67 5.84
CA GLU F 442 11.11 -78.77 5.45
C GLU F 442 12.02 -77.91 6.33
N THR F 443 11.44 -77.04 7.15
CA THR F 443 12.23 -76.13 7.98
C THR F 443 13.23 -76.90 8.84
N CYS F 444 12.73 -77.74 9.75
CA CYS F 444 13.58 -78.52 10.63
C CYS F 444 14.37 -79.51 9.78
N ASN F 445 15.69 -79.35 9.76
CA ASN F 445 16.53 -80.03 8.79
C ASN F 445 17.45 -81.05 9.45
N ASP F 446 17.07 -81.59 10.59
CA ASP F 446 17.79 -82.70 11.22
C ASP F 446 16.98 -83.97 10.98
N PHE F 447 17.56 -85.11 11.31
CA PHE F 447 16.83 -86.37 11.36
C PHE F 447 17.37 -87.21 12.52
N HIS F 448 16.48 -87.87 13.25
CA HIS F 448 16.90 -88.70 14.36
C HIS F 448 16.99 -90.15 13.90
N PRO F 449 18.18 -90.74 13.84
CA PRO F 449 18.28 -92.19 13.57
C PRO F 449 17.69 -93.04 14.67
N MET F 450 17.67 -92.55 15.91
CA MET F 450 17.13 -93.32 17.02
C MET F 450 15.65 -93.62 16.78
N PHE F 451 14.96 -92.75 16.05
CA PHE F 451 13.58 -93.05 15.69
C PHE F 451 13.50 -94.09 14.58
N PHE F 452 14.53 -94.18 13.76
CA PHE F 452 14.55 -95.14 12.67
C PHE F 452 15.16 -96.48 13.09
N THR F 453 15.60 -96.59 14.34
CA THR F 453 16.02 -97.86 14.92
C THR F 453 14.86 -98.65 15.50
N HIS F 454 13.65 -98.10 15.51
CA HIS F 454 12.51 -98.78 16.13
C HIS F 454 11.23 -98.17 15.59
N ASP F 455 10.24 -99.02 15.27
CA ASP F 455 8.95 -98.52 14.79
C ASP F 455 8.28 -97.64 15.82
N ARG F 456 8.25 -98.09 17.07
CA ARG F 456 7.69 -97.34 18.19
C ARG F 456 8.77 -96.79 19.10
N SER F 457 9.88 -96.33 18.51
CA SER F 457 10.95 -95.71 19.28
C SER F 457 10.46 -94.49 20.05
N PHE F 458 9.38 -93.87 19.61
CA PHE F 458 8.67 -92.92 20.45
C PHE F 458 8.27 -93.57 21.78
N GLU F 459 7.70 -94.78 21.71
CA GLU F 459 7.22 -95.45 22.91
C GLU F 459 8.38 -95.91 23.80
N GLU F 460 9.44 -96.47 23.20
CA GLU F 460 10.58 -96.86 24.01
C GLU F 460 11.30 -95.64 24.56
N PHE F 461 11.28 -94.52 23.84
CA PHE F 461 11.78 -93.26 24.38
C PHE F 461 11.03 -92.92 25.66
N PHE F 462 9.70 -93.01 25.61
CA PHE F 462 8.90 -92.70 26.78
C PHE F 462 9.16 -93.69 27.93
N CYS F 463 9.31 -94.98 27.63
CA CYS F 463 9.53 -95.95 28.70
C CYS F 463 10.90 -95.74 29.35
N ILE F 464 11.93 -95.55 28.53
CA ILE F 464 13.26 -95.35 29.09
C ILE F 464 13.31 -94.04 29.86
N CYS F 465 12.57 -93.02 29.43
CA CYS F 465 12.60 -91.78 30.20
C CYS F 465 11.83 -91.91 31.50
N ILE F 466 10.77 -92.71 31.55
CA ILE F 466 10.14 -92.98 32.85
C ILE F 466 11.09 -93.79 33.74
N GLN F 467 11.84 -94.72 33.15
CA GLN F 467 12.80 -95.52 33.92
C GLN F 467 13.89 -94.64 34.52
N LEU F 468 14.50 -93.80 33.69
CA LEU F 468 15.53 -92.87 34.17
C LEU F 468 14.94 -91.88 35.17
N LEU F 469 13.72 -91.41 34.90
CA LEU F 469 13.02 -90.53 35.83
C LEU F 469 12.94 -91.13 37.22
N ASN F 470 12.44 -92.36 37.34
CA ASN F 470 12.23 -92.90 38.66
C ASN F 470 13.52 -93.39 39.32
N LYS F 471 14.46 -93.93 38.54
CA LYS F 471 15.77 -94.27 39.11
C LYS F 471 16.46 -93.02 39.65
N THR F 472 16.39 -91.91 38.92
CA THR F 472 16.95 -90.67 39.41
C THR F 472 16.14 -90.09 40.56
N TRP F 473 14.84 -90.40 40.63
CA TRP F 473 14.10 -90.01 41.83
C TRP F 473 14.64 -90.74 43.05
N LYS F 474 14.84 -92.05 42.93
CA LYS F 474 15.50 -92.80 43.99
C LYS F 474 16.94 -92.36 44.19
N GLU F 475 17.49 -91.60 43.24
CA GLU F 475 18.76 -90.92 43.46
C GLU F 475 18.59 -89.45 43.82
N MET F 476 17.44 -88.83 43.53
CA MET F 476 17.19 -87.44 43.87
C MET F 476 16.00 -87.29 44.83
N ARG F 477 15.63 -88.37 45.52
CA ARG F 477 14.55 -88.39 46.52
C ARG F 477 13.35 -87.52 46.11
N ALA F 478 13.02 -87.60 44.83
CA ALA F 478 12.05 -86.68 44.26
C ALA F 478 10.64 -86.95 44.77
N THR F 479 9.84 -85.90 44.88
CA THR F 479 8.49 -85.95 45.41
C THR F 479 7.50 -85.53 44.34
N SER F 480 6.26 -85.30 44.75
CA SER F 480 5.25 -84.83 43.82
C SER F 480 4.93 -83.34 43.99
N GLU F 481 5.44 -82.68 45.04
CA GLU F 481 5.46 -81.22 44.99
C GLU F 481 6.55 -80.73 44.05
N ASP F 482 7.62 -81.50 43.91
CA ASP F 482 8.65 -81.28 42.90
C ASP F 482 8.37 -82.05 41.62
N PHE F 483 7.17 -82.64 41.51
CA PHE F 483 6.83 -83.43 40.33
C PHE F 483 7.03 -82.62 39.06
N ASN F 484 6.60 -81.35 39.08
CA ASN F 484 6.94 -80.45 37.99
C ASN F 484 8.44 -80.15 37.97
N LYS F 485 9.03 -79.89 39.14
CA LYS F 485 10.47 -79.61 39.19
C LYS F 485 11.30 -80.80 38.73
N VAL F 486 11.07 -81.98 39.32
CA VAL F 486 11.91 -83.10 38.95
C VAL F 486 11.52 -83.62 37.56
N MET F 487 10.29 -83.32 37.13
CA MET F 487 9.94 -83.57 35.74
C MET F 487 10.77 -82.70 34.80
N GLN F 488 10.97 -81.43 35.13
CA GLN F 488 11.88 -80.60 34.35
C GLN F 488 13.31 -81.12 34.44
N VAL F 489 13.67 -81.73 35.59
CA VAL F 489 14.97 -82.38 35.72
C VAL F 489 15.10 -83.54 34.72
N VAL F 490 14.05 -84.36 34.61
CA VAL F 490 14.07 -85.46 33.66
C VAL F 490 14.09 -84.93 32.23
N LYS F 491 13.38 -83.83 31.98
CA LYS F 491 13.43 -83.21 30.66
C LYS F 491 14.82 -82.66 30.35
N GLU F 492 15.50 -82.14 31.37
CA GLU F 492 16.90 -81.75 31.20
C GLU F 492 17.76 -82.94 30.85
N GLN F 493 17.54 -84.08 31.51
CA GLN F 493 18.22 -85.31 31.12
C GLN F 493 17.98 -85.62 29.65
N VAL F 494 16.72 -85.54 29.22
CA VAL F 494 16.38 -85.81 27.83
C VAL F 494 17.08 -84.83 26.90
N MET F 495 17.20 -83.56 27.30
CA MET F 495 17.90 -82.59 26.46
C MET F 495 19.39 -82.91 26.38
N ARG F 496 20.01 -83.25 27.50
CA ARG F 496 21.42 -83.59 27.50
C ARG F 496 21.68 -84.91 26.77
N ALA F 497 20.63 -85.69 26.51
CA ALA F 497 20.74 -86.80 25.58
C ALA F 497 20.63 -86.31 24.14
N LEU F 498 19.54 -85.60 23.83
CA LEU F 498 19.21 -85.22 22.46
C LEU F 498 20.27 -84.31 21.84
N THR F 499 20.86 -83.39 22.61
CA THR F 499 21.96 -82.60 22.07
C THR F 499 23.11 -83.46 21.59
N THR F 500 23.43 -84.54 22.31
CA THR F 500 24.41 -85.51 21.85
C THR F 500 23.88 -86.39 20.73
N LYS F 501 22.58 -86.31 20.42
CA LYS F 501 21.92 -86.99 19.32
C LYS F 501 22.13 -88.50 19.39
N PRO F 502 21.49 -89.19 20.32
CA PRO F 502 21.53 -90.66 20.31
C PRO F 502 20.95 -91.18 19.00
N SER F 503 21.62 -92.18 18.43
CA SER F 503 21.30 -92.65 17.10
C SER F 503 20.56 -93.98 17.06
N SER F 504 20.35 -94.63 18.21
CA SER F 504 19.70 -95.93 18.23
C SER F 504 19.20 -96.19 19.66
N LEU F 505 18.72 -97.42 19.88
CA LEU F 505 18.21 -97.78 21.19
C LEU F 505 19.34 -97.92 22.20
N ASP F 506 20.40 -98.66 21.84
CA ASP F 506 21.50 -98.90 22.77
C ASP F 506 22.22 -97.60 23.12
N GLN F 507 22.48 -96.76 22.13
CA GLN F 507 23.19 -95.51 22.39
C GLN F 507 22.34 -94.57 23.23
N PHE F 508 21.03 -94.52 22.99
CA PHE F 508 20.15 -93.72 23.82
C PHE F 508 20.14 -94.24 25.25
N LYS F 509 20.11 -95.56 25.42
CA LYS F 509 20.22 -96.16 26.74
C LYS F 509 21.49 -95.72 27.44
N SER F 510 22.63 -95.86 26.75
CA SER F 510 23.92 -95.54 27.35
C SER F 510 24.03 -94.06 27.69
N LYS F 511 23.57 -93.18 26.80
CA LYS F 511 23.65 -91.75 27.07
C LYS F 511 22.77 -91.36 28.25
N LEU F 512 21.50 -91.81 28.26
CA LEU F 512 20.64 -91.46 29.39
C LEU F 512 21.20 -91.97 30.71
N GLN F 513 21.72 -93.21 30.73
CA GLN F 513 22.30 -93.70 31.98
C GLN F 513 23.53 -92.90 32.39
N ASN F 514 24.38 -92.53 31.43
CA ASN F 514 25.53 -91.69 31.78
C ASN F 514 25.10 -90.32 32.25
N LEU F 515 23.90 -89.88 31.86
CA LEU F 515 23.31 -88.62 32.31
C LEU F 515 22.61 -88.76 33.65
N SER F 516 22.58 -89.96 34.23
CA SER F 516 21.83 -90.23 35.46
C SER F 516 22.56 -89.76 36.70
N TYR F 517 22.93 -88.47 36.72
CA TYR F 517 23.52 -87.81 37.88
C TYR F 517 24.54 -88.70 38.58
N THR F 518 25.47 -89.23 37.78
CA THR F 518 26.58 -90.00 38.35
C THR F 518 27.80 -89.10 38.58
N GLU F 519 28.37 -88.56 37.49
CA GLU F 519 29.44 -87.57 37.65
C GLU F 519 29.40 -86.42 36.65
N ILE F 520 28.78 -86.58 35.48
CA ILE F 520 28.91 -85.57 34.42
C ILE F 520 28.21 -84.26 34.76
N LEU F 521 27.51 -84.22 35.90
CA LEU F 521 27.03 -82.94 36.39
C LEU F 521 28.19 -81.96 36.51
N LYS F 522 29.26 -82.35 37.21
CA LYS F 522 30.38 -81.44 37.39
C LYS F 522 30.93 -80.98 36.04
N ILE F 523 30.89 -81.84 35.03
CA ILE F 523 31.37 -81.45 33.71
C ILE F 523 30.47 -80.36 33.11
N ARG F 524 29.15 -80.54 33.16
CA ARG F 524 28.30 -79.57 32.47
C ARG F 524 28.15 -78.26 33.26
N GLN F 525 28.10 -78.33 34.59
CA GLN F 525 28.23 -77.07 35.34
C GLN F 525 29.63 -76.45 35.26
N SER F 526 30.68 -77.23 34.96
CA SER F 526 31.97 -76.62 34.65
C SER F 526 31.91 -75.89 33.32
N GLU F 527 31.19 -76.45 32.35
CA GLU F 527 30.93 -75.73 31.10
C GLU F 527 30.17 -74.44 31.38
N ARG F 528 29.23 -74.48 32.33
CA ARG F 528 28.52 -73.26 32.72
C ARG F 528 29.46 -72.25 33.38
N MET F 529 30.38 -72.72 34.22
CA MET F 529 31.38 -71.84 34.83
C MET F 529 32.25 -71.20 33.74
N ASN F 530 32.63 -71.99 32.74
CA ASN F 530 33.34 -71.46 31.58
C ASN F 530 32.53 -70.40 30.86
N GLN F 531 31.24 -70.64 30.66
CA GLN F 531 30.37 -69.71 29.94
C GLN F 531 29.94 -68.52 30.78
N GLU F 532 30.25 -68.51 32.07
CA GLU F 532 30.14 -67.27 32.83
C GLU F 532 31.45 -66.53 32.94
N ASP F 533 32.59 -67.23 32.83
CA ASP F 533 33.90 -66.64 33.06
C ASP F 533 34.10 -65.40 32.20
N PHE F 534 33.57 -65.42 30.99
CA PHE F 534 33.51 -64.21 30.18
C PHE F 534 32.12 -63.57 30.20
N GLN F 535 31.17 -64.15 30.92
CA GLN F 535 29.80 -63.66 30.82
C GLN F 535 29.09 -63.50 32.16
N SER F 536 29.52 -64.18 33.23
CA SER F 536 29.01 -63.99 34.59
C SER F 536 27.50 -64.29 34.65
N ARG F 537 27.19 -65.57 34.43
CA ARG F 537 25.80 -66.00 34.33
C ARG F 537 24.95 -65.65 35.54
N PRO F 538 25.38 -65.87 36.79
CA PRO F 538 24.58 -65.36 37.91
C PRO F 538 24.40 -63.86 37.83
N ILE F 539 25.46 -63.16 37.42
CA ILE F 539 25.38 -61.74 37.23
C ILE F 539 24.51 -61.41 36.01
N LEU F 540 24.44 -62.32 35.04
CA LEU F 540 23.46 -62.14 33.97
C LEU F 540 22.04 -62.18 34.52
N GLU F 541 21.77 -63.12 35.44
CA GLU F 541 20.50 -63.10 36.14
C GLU F 541 20.27 -61.73 36.75
N LEU F 542 21.25 -61.25 37.54
CA LEU F 542 21.17 -59.91 38.09
C LEU F 542 20.78 -58.88 37.04
N LYS F 543 21.52 -58.84 35.92
CA LYS F 543 21.37 -57.77 34.95
C LYS F 543 20.01 -57.81 34.29
N GLU F 544 19.69 -58.92 33.62
CA GLU F 544 18.44 -59.00 32.89
C GLU F 544 17.24 -59.08 33.81
N LYS F 545 17.46 -59.27 35.12
CA LYS F 545 16.34 -59.28 36.06
C LYS F 545 15.59 -57.96 36.02
N ILE F 546 16.24 -56.88 36.43
CA ILE F 546 15.62 -55.57 36.21
C ILE F 546 16.10 -55.05 34.87
N GLN F 547 15.52 -55.58 33.82
CA GLN F 547 15.70 -55.14 32.45
C GLN F 547 14.82 -53.92 32.11
N PRO F 548 13.53 -53.92 32.48
CA PRO F 548 12.58 -53.07 31.75
C PRO F 548 12.86 -51.58 31.86
N GLU F 549 13.60 -51.16 32.88
CA GLU F 549 13.89 -49.74 33.03
C GLU F 549 14.62 -49.18 31.81
N ILE F 550 15.68 -49.84 31.35
CA ILE F 550 16.50 -49.25 30.31
C ILE F 550 15.75 -49.26 28.99
N LEU F 551 15.06 -50.36 28.70
CA LEU F 551 14.27 -50.43 27.49
C LEU F 551 13.14 -49.40 27.50
N GLU F 552 12.48 -49.22 28.64
CA GLU F 552 11.38 -48.27 28.68
C GLU F 552 11.90 -46.84 28.52
N LEU F 553 13.04 -46.53 29.12
CA LEU F 553 13.56 -45.18 28.97
C LEU F 553 14.03 -44.96 27.55
N ILE F 554 14.61 -45.98 26.92
CA ILE F 554 14.93 -45.87 25.50
C ILE F 554 13.66 -45.59 24.72
N LYS F 555 12.58 -46.29 25.05
CA LYS F 555 11.34 -46.13 24.31
C LYS F 555 10.82 -44.71 24.42
N GLN F 556 10.69 -44.20 25.65
CA GLN F 556 10.18 -42.85 25.79
C GLN F 556 11.16 -41.83 25.24
N GLN F 557 12.46 -42.15 25.29
CA GLN F 557 13.45 -41.36 24.57
C GLN F 557 13.06 -41.20 23.11
N ARG F 558 12.96 -42.31 22.40
CA ARG F 558 12.60 -42.26 21.01
C ARG F 558 11.22 -41.66 20.81
N LEU F 559 10.35 -41.78 21.80
CA LEU F 559 9.04 -41.17 21.70
C LEU F 559 9.16 -39.66 21.70
N ASN F 560 9.98 -39.14 22.61
CA ASN F 560 10.35 -37.74 22.58
C ASN F 560 10.89 -37.39 21.20
N ARG F 561 11.65 -38.31 20.62
CA ARG F 561 12.20 -38.04 19.29
C ARG F 561 11.09 -37.91 18.26
N LEU F 562 10.09 -38.78 18.34
CA LEU F 562 8.90 -38.65 17.50
C LEU F 562 8.24 -37.31 17.73
N VAL F 563 8.18 -36.87 18.99
CA VAL F 563 7.59 -35.57 19.31
C VAL F 563 8.34 -34.47 18.59
N GLU F 564 9.65 -34.46 18.73
CA GLU F 564 10.48 -33.51 18.01
C GLU F 564 10.67 -33.91 16.56
N GLY F 565 10.39 -35.17 16.22
CA GLY F 565 10.18 -35.61 14.85
C GLY F 565 11.13 -35.07 13.80
N THR F 566 10.63 -34.93 12.58
CA THR F 566 11.47 -34.50 11.46
C THR F 566 10.60 -33.96 10.36
N CYS F 567 11.25 -33.42 9.34
CA CYS F 567 10.63 -33.13 8.05
C CYS F 567 10.56 -34.44 7.28
N PHE F 568 9.53 -35.22 7.60
CA PHE F 568 9.33 -36.53 7.00
C PHE F 568 9.20 -36.45 5.48
N ARG F 569 9.21 -37.63 4.84
CA ARG F 569 9.10 -37.74 3.40
C ARG F 569 7.91 -38.62 3.01
N LYS F 570 7.40 -38.42 1.80
CA LYS F 570 6.09 -38.90 1.38
C LYS F 570 6.17 -39.97 0.29
N LEU F 571 4.99 -40.33 -0.21
CA LEU F 571 4.83 -41.02 -1.50
C LEU F 571 5.44 -40.17 -2.60
N ASN F 572 6.56 -40.61 -3.16
CA ASN F 572 7.21 -39.92 -4.28
C ASN F 572 7.20 -38.41 -4.10
N ALA F 573 7.72 -37.97 -2.95
CA ALA F 573 7.73 -36.55 -2.61
C ALA F 573 8.78 -35.80 -3.42
N ARG F 574 8.53 -35.62 -4.72
CA ARG F 574 9.56 -35.19 -5.67
C ARG F 574 9.31 -33.83 -6.28
N ARG F 575 8.22 -33.64 -7.01
CA ARG F 575 8.05 -32.46 -7.88
C ARG F 575 7.24 -31.42 -7.13
N ARG F 576 7.95 -30.45 -6.53
CA ARG F 576 7.32 -29.38 -5.75
C ARG F 576 6.60 -29.97 -4.54
N GLN F 577 6.91 -31.25 -4.30
CA GLN F 577 6.26 -32.04 -3.26
C GLN F 577 7.04 -31.91 -1.97
N ASP F 578 6.33 -32.08 -0.86
CA ASP F 578 6.97 -31.98 0.44
C ASP F 578 7.79 -33.23 0.72
N LYS F 579 9.02 -33.25 0.23
CA LYS F 579 9.99 -34.21 0.76
C LYS F 579 10.23 -33.94 2.24
N PHE F 580 9.82 -32.77 2.71
CA PHE F 580 9.93 -32.36 4.09
C PHE F 580 8.56 -32.02 4.62
N TRP F 581 8.10 -32.76 5.63
CA TRP F 581 6.90 -32.45 6.37
C TRP F 581 7.07 -32.91 7.80
N TYR F 582 6.60 -32.10 8.74
CA TYR F 582 6.83 -32.37 10.15
C TYR F 582 5.89 -33.44 10.66
N CYS F 583 6.31 -34.12 11.72
CA CYS F 583 5.48 -35.08 12.44
C CYS F 583 5.76 -34.91 13.93
N ARG F 584 4.94 -34.08 14.59
CA ARG F 584 5.11 -33.84 16.01
C ARG F 584 4.06 -34.59 16.80
N LEU F 585 4.50 -35.57 17.58
CA LEU F 585 3.62 -36.11 18.61
C LEU F 585 3.36 -35.02 19.65
N SER F 586 2.10 -34.83 20.02
CA SER F 586 1.82 -33.98 21.14
C SER F 586 2.00 -34.76 22.43
N PRO F 587 2.38 -34.09 23.50
CA PRO F 587 2.51 -34.79 24.79
C PRO F 587 1.27 -35.54 25.22
N ASN F 588 0.15 -35.40 24.49
CA ASN F 588 -0.96 -36.33 24.66
C ASN F 588 -0.50 -37.77 24.53
N HIS F 589 0.39 -38.06 23.58
CA HIS F 589 0.78 -39.42 23.23
C HIS F 589 -0.42 -40.22 22.76
N LYS F 590 -1.44 -39.52 22.29
CA LYS F 590 -2.55 -40.12 21.57
C LYS F 590 -2.80 -39.41 20.25
N VAL F 591 -2.20 -38.25 20.03
CA VAL F 591 -2.43 -37.46 18.84
C VAL F 591 -1.11 -37.13 18.17
N LEU F 592 -1.02 -37.41 16.89
CA LEU F 592 0.19 -37.22 16.11
C LEU F 592 -0.07 -36.15 15.07
N HIS F 593 0.77 -35.12 15.04
CA HIS F 593 0.59 -33.98 14.15
C HIS F 593 1.54 -34.12 12.98
N TYR F 594 1.02 -34.62 11.85
CA TYR F 594 1.85 -35.03 10.74
C TYR F 594 1.04 -34.91 9.45
N GLY F 595 1.64 -35.31 8.33
CA GLY F 595 0.93 -35.40 7.07
C GLY F 595 1.51 -34.49 6.01
N ASP F 596 0.63 -34.03 5.12
CA ASP F 596 1.03 -33.23 3.96
C ASP F 596 1.45 -31.84 4.42
N LEU F 597 2.56 -31.79 5.14
CA LEU F 597 2.99 -30.54 5.73
C LEU F 597 4.10 -29.93 4.89
N GLU F 598 4.12 -28.60 4.86
CA GLU F 598 4.86 -27.83 3.87
C GLU F 598 6.36 -28.12 4.00
N GLU F 599 7.12 -27.65 3.01
CA GLU F 599 8.57 -27.80 2.98
C GLU F 599 9.13 -26.94 4.12
N SER F 600 9.34 -27.59 5.26
CA SER F 600 9.49 -26.90 6.53
C SER F 600 10.96 -26.73 6.88
N PRO F 601 11.46 -25.50 7.06
CA PRO F 601 12.86 -25.31 7.45
C PRO F 601 13.17 -25.80 8.86
N GLN F 602 12.43 -25.30 9.85
CA GLN F 602 12.62 -25.77 11.21
C GLN F 602 11.73 -26.96 11.53
N GLY F 603 10.98 -27.46 10.55
CA GLY F 603 10.25 -28.70 10.74
C GLY F 603 8.90 -28.54 11.37
N GLU F 604 8.85 -28.73 12.68
CA GLU F 604 7.59 -28.85 13.40
C GLU F 604 7.09 -27.50 13.89
N VAL F 605 6.04 -27.01 13.23
CA VAL F 605 5.17 -26.03 13.84
C VAL F 605 4.06 -26.82 14.51
N PRO F 606 3.85 -26.67 15.82
CA PRO F 606 2.80 -27.46 16.48
C PRO F 606 1.42 -26.89 16.25
N HIS F 607 0.66 -27.49 15.34
CA HIS F 607 -0.72 -27.10 15.05
C HIS F 607 -1.46 -28.36 14.59
N ASP F 608 -2.72 -28.20 14.23
CA ASP F 608 -3.49 -29.34 13.74
C ASP F 608 -2.99 -29.69 12.34
N SER F 609 -2.05 -30.62 12.26
CA SER F 609 -1.39 -30.90 11.01
C SER F 609 -2.39 -31.41 9.98
N LEU F 610 -1.96 -31.48 8.73
CA LEU F 610 -2.87 -31.89 7.66
C LEU F 610 -3.39 -33.30 7.89
N GLN F 611 -2.62 -34.14 8.55
CA GLN F 611 -3.14 -35.38 9.14
C GLN F 611 -2.90 -35.23 10.64
N ASP F 612 -3.86 -34.57 11.31
CA ASP F 612 -3.64 -34.08 12.65
C ASP F 612 -3.84 -35.14 13.72
N LYS F 613 -4.65 -36.16 13.46
CA LYS F 613 -4.95 -37.15 14.47
C LYS F 613 -4.30 -38.47 14.14
N LEU F 614 -3.76 -39.10 15.17
CA LEU F 614 -3.41 -40.50 15.02
C LEU F 614 -3.33 -41.18 16.37
N PRO F 615 -4.41 -41.81 16.83
CA PRO F 615 -4.33 -42.61 18.04
C PRO F 615 -3.62 -43.91 17.74
N VAL F 616 -3.29 -44.65 18.80
CA VAL F 616 -2.96 -46.04 18.60
C VAL F 616 -4.19 -46.82 18.14
N ALA F 617 -5.38 -46.28 18.39
CA ALA F 617 -6.62 -47.04 18.18
C ALA F 617 -6.79 -47.45 16.73
N ASP F 618 -6.73 -46.50 15.80
CA ASP F 618 -6.79 -46.83 14.38
C ASP F 618 -5.56 -47.59 13.94
N ILE F 619 -4.44 -47.39 14.62
CA ILE F 619 -3.18 -47.98 14.20
C ILE F 619 -3.18 -49.47 14.53
N LYS F 620 -3.15 -50.30 13.49
CA LYS F 620 -3.04 -51.74 13.66
C LYS F 620 -1.58 -52.18 13.71
N ALA F 621 -0.83 -51.91 12.66
CA ALA F 621 0.56 -52.33 12.57
C ALA F 621 1.22 -51.53 11.45
N VAL F 622 2.52 -51.73 11.29
CA VAL F 622 3.31 -51.06 10.27
C VAL F 622 3.99 -52.11 9.42
N VAL F 623 4.06 -51.86 8.12
CA VAL F 623 4.84 -52.71 7.21
C VAL F 623 5.87 -51.81 6.52
N THR F 624 7.09 -52.32 6.39
CA THR F 624 8.26 -51.52 6.07
C THR F 624 8.76 -51.85 4.67
N GLY F 625 8.88 -50.81 3.83
CA GLY F 625 9.54 -50.96 2.55
C GLY F 625 8.72 -51.69 1.51
N LYS F 626 9.27 -52.78 0.95
CA LYS F 626 8.51 -53.54 -0.04
C LYS F 626 7.24 -54.12 0.55
N ASP F 627 7.16 -54.24 1.88
CA ASP F 627 5.90 -54.58 2.52
C ASP F 627 4.84 -53.50 2.31
N CYS F 628 5.24 -52.30 1.92
CA CYS F 628 4.27 -51.23 1.75
C CYS F 628 3.43 -51.49 0.50
N PRO F 629 2.10 -51.45 0.62
CA PRO F 629 1.26 -51.64 -0.57
C PRO F 629 1.44 -50.57 -1.63
N HIS F 630 1.96 -49.39 -1.26
CA HIS F 630 2.29 -48.40 -2.27
C HIS F 630 3.54 -48.79 -3.03
N MET F 631 4.46 -49.51 -2.38
CA MET F 631 5.49 -50.21 -3.14
C MET F 631 4.91 -51.39 -3.89
N LYS F 632 4.04 -52.16 -3.24
CA LYS F 632 3.28 -53.18 -3.94
C LYS F 632 2.29 -52.57 -4.93
N GLU F 633 2.09 -51.26 -4.88
CA GLU F 633 1.45 -50.59 -6.00
C GLU F 633 2.39 -50.60 -7.20
N LYS F 634 1.85 -51.01 -8.35
CA LYS F 634 2.66 -51.28 -9.53
C LYS F 634 2.46 -50.22 -10.62
N GLY F 635 1.75 -49.14 -10.32
CA GLY F 635 1.48 -48.11 -11.31
C GLY F 635 2.08 -46.76 -10.98
N ALA F 636 1.22 -45.79 -10.63
CA ALA F 636 1.64 -44.43 -10.37
C ALA F 636 2.47 -44.29 -9.10
N LEU F 637 2.40 -45.24 -8.18
CA LEU F 637 3.16 -45.20 -6.94
C LEU F 637 4.38 -46.11 -7.01
N LYS F 638 4.92 -46.32 -8.22
CA LYS F 638 6.16 -47.05 -8.37
C LYS F 638 7.34 -46.20 -7.91
N GLN F 639 7.75 -46.41 -6.67
CA GLN F 639 8.96 -45.83 -6.12
C GLN F 639 10.06 -46.88 -6.22
N ASN F 640 11.31 -46.44 -6.33
CA ASN F 640 12.41 -47.40 -6.40
C ASN F 640 12.76 -47.91 -5.01
N LYS F 641 13.32 -49.12 -4.98
CA LYS F 641 13.43 -49.91 -3.76
C LYS F 641 14.54 -49.44 -2.82
N GLU F 642 15.31 -48.43 -3.22
CA GLU F 642 16.41 -47.99 -2.35
C GLU F 642 15.90 -47.20 -1.15
N VAL F 643 14.61 -46.86 -1.14
CA VAL F 643 14.00 -46.20 0.00
C VAL F 643 13.29 -47.26 0.83
N LEU F 644 13.63 -48.53 0.59
CA LEU F 644 13.19 -49.62 1.46
C LEU F 644 13.37 -49.26 2.92
N GLU F 645 14.57 -48.85 3.28
CA GLU F 645 14.89 -48.39 4.62
C GLU F 645 14.20 -47.07 4.96
N LEU F 646 13.37 -46.56 4.05
CA LEU F 646 12.62 -45.32 4.26
C LEU F 646 11.12 -45.50 4.17
N ALA F 647 10.65 -46.51 3.45
CA ALA F 647 9.22 -46.69 3.25
C ALA F 647 8.63 -47.52 4.38
N PHE F 648 7.56 -47.01 4.98
CA PHE F 648 6.75 -47.77 5.92
C PHE F 648 5.30 -47.68 5.48
N SER F 649 4.44 -48.40 6.18
CA SER F 649 3.00 -48.33 5.94
C SER F 649 2.29 -48.78 7.20
N ILE F 650 1.75 -47.82 7.93
CA ILE F 650 1.05 -48.15 9.16
C ILE F 650 -0.43 -48.29 8.87
N LEU F 651 -1.05 -49.32 9.43
CA LEU F 651 -2.45 -49.62 9.14
C LEU F 651 -3.35 -48.76 10.00
N TYR F 652 -4.39 -48.19 9.38
CA TYR F 652 -5.43 -47.48 10.10
C TYR F 652 -6.62 -47.29 9.16
N ASP F 653 -7.79 -47.75 9.64
CA ASP F 653 -9.05 -47.74 8.91
C ASP F 653 -9.03 -48.70 7.73
N SER F 654 -7.90 -49.38 7.53
CA SER F 654 -7.73 -50.39 6.50
C SER F 654 -7.93 -49.86 5.08
N ASN F 655 -8.01 -48.55 4.94
CA ASN F 655 -8.04 -47.91 3.62
C ASN F 655 -7.07 -46.77 3.48
N CYS F 656 -6.75 -46.05 4.55
CA CYS F 656 -5.76 -44.98 4.54
C CYS F 656 -4.50 -45.51 5.18
N GLN F 657 -3.39 -45.40 4.48
CA GLN F 657 -2.12 -45.99 4.93
C GLN F 657 -1.12 -44.90 5.26
N LEU F 658 -0.12 -45.28 6.03
CA LEU F 658 1.04 -44.42 6.25
C LEU F 658 2.14 -44.86 5.30
N ASN F 659 1.84 -44.78 4.00
CA ASN F 659 2.81 -45.04 2.94
C ASN F 659 3.69 -43.78 2.84
N PHE F 660 4.82 -43.79 3.54
CA PHE F 660 5.65 -42.60 3.62
C PHE F 660 7.10 -42.99 3.73
N ILE F 661 7.96 -42.02 3.41
CA ILE F 661 9.39 -42.22 3.24
C ILE F 661 10.11 -41.51 4.39
N ALA F 662 11.24 -42.06 4.81
CA ALA F 662 12.04 -41.45 5.86
C ALA F 662 13.21 -40.69 5.27
N PRO F 663 13.69 -39.65 5.97
CA PRO F 663 14.90 -38.95 5.51
C PRO F 663 16.15 -39.83 5.47
N ASP F 664 16.30 -40.77 6.39
CA ASP F 664 17.32 -41.81 6.24
C ASP F 664 16.93 -43.00 7.10
N LYS F 665 17.89 -43.90 7.33
CA LYS F 665 17.61 -45.21 7.92
C LYS F 665 17.46 -45.17 9.43
N HIS F 666 18.48 -44.71 10.15
CA HIS F 666 18.48 -44.88 11.60
C HIS F 666 17.31 -44.15 12.25
N GLU F 667 16.97 -42.96 11.75
CA GLU F 667 15.80 -42.27 12.27
C GLU F 667 14.51 -43.00 11.91
N TYR F 668 14.45 -43.58 10.71
CA TYR F 668 13.35 -44.49 10.36
C TYR F 668 13.22 -45.59 11.41
N CYS F 669 14.34 -46.19 11.79
CA CYS F 669 14.35 -47.23 12.81
C CYS F 669 13.84 -46.69 14.14
N ILE F 670 14.28 -45.49 14.51
CA ILE F 670 13.88 -44.90 15.78
C ILE F 670 12.37 -44.67 15.79
N TRP F 671 11.85 -44.11 14.70
CA TRP F 671 10.41 -43.88 14.62
C TRP F 671 9.66 -45.18 14.76
N THR F 672 10.05 -46.19 13.98
CA THR F 672 9.37 -47.48 14.05
C THR F 672 9.45 -48.06 15.44
N ASP F 673 10.59 -47.88 16.12
CA ASP F 673 10.69 -48.30 17.50
C ASP F 673 9.66 -47.61 18.37
N GLY F 674 9.52 -46.30 18.21
CA GLY F 674 8.55 -45.57 19.02
C GLY F 674 7.13 -46.04 18.75
N LEU F 675 6.81 -46.27 17.48
CA LEU F 675 5.48 -46.75 17.14
C LEU F 675 5.22 -48.13 17.71
N ASN F 676 6.22 -49.01 17.65
CA ASN F 676 6.06 -50.33 18.25
C ASN F 676 5.92 -50.22 19.76
N ALA F 677 6.57 -49.23 20.38
CA ALA F 677 6.35 -48.96 21.78
C ALA F 677 4.90 -48.56 22.02
N LEU F 678 4.37 -47.70 21.15
CA LEU F 678 2.93 -47.46 21.16
C LEU F 678 2.18 -48.77 20.93
N LEU F 679 2.68 -49.59 20.00
CA LEU F 679 2.16 -50.93 19.85
C LEU F 679 2.46 -51.82 21.05
N GLY F 680 3.39 -51.42 21.91
CA GLY F 680 3.76 -52.23 23.05
C GLY F 680 4.46 -53.51 22.69
N LYS F 681 5.38 -53.46 21.73
CA LYS F 681 6.14 -54.64 21.34
C LYS F 681 7.64 -54.36 21.34
N ASP F 682 8.41 -55.25 20.73
CA ASP F 682 9.85 -55.07 20.66
C ASP F 682 10.19 -53.86 19.81
N MET F 683 11.47 -53.56 19.71
CA MET F 683 11.93 -52.45 18.92
C MET F 683 12.46 -52.98 17.59
N MET F 684 12.75 -52.07 16.67
CA MET F 684 13.39 -52.47 15.42
C MET F 684 14.44 -51.46 14.98
N SER F 685 15.20 -50.94 15.92
CA SER F 685 16.48 -50.30 15.65
C SER F 685 17.56 -51.23 16.17
N ASP F 686 18.57 -51.51 15.34
CA ASP F 686 19.74 -52.18 15.90
C ASP F 686 20.46 -51.27 16.88
N LEU F 687 20.51 -49.97 16.58
CA LEU F 687 20.99 -48.98 17.53
C LEU F 687 20.41 -49.25 18.91
N THR F 688 19.12 -49.60 18.95
CA THR F 688 18.45 -49.87 20.22
C THR F 688 19.15 -50.99 20.96
N ARG F 689 19.34 -52.13 20.30
CA ARG F 689 19.97 -53.27 20.96
C ARG F 689 21.37 -52.91 21.40
N ASN F 690 22.13 -52.25 20.52
CA ASN F 690 23.53 -51.94 20.83
C ASN F 690 23.62 -51.04 22.04
N ASP F 691 22.88 -49.94 22.03
CA ASP F 691 22.93 -49.01 23.15
C ASP F 691 22.45 -49.67 24.42
N LEU F 692 21.35 -50.43 24.36
CA LEU F 692 20.83 -51.06 25.56
C LEU F 692 21.84 -52.04 26.14
N ASP F 693 22.46 -52.85 25.30
CA ASP F 693 23.40 -53.83 25.81
C ASP F 693 24.61 -53.14 26.42
N THR F 694 25.17 -52.15 25.71
CA THR F 694 26.37 -51.50 26.25
C THR F 694 26.04 -50.80 27.57
N LEU F 695 24.91 -50.10 27.63
CA LEU F 695 24.60 -49.34 28.83
C LEU F 695 24.28 -50.25 30.01
N LEU F 696 23.48 -51.30 29.78
CA LEU F 696 23.17 -52.18 30.90
C LEU F 696 24.40 -52.97 31.33
N SER F 697 25.24 -53.39 30.38
CA SER F 697 26.48 -54.06 30.74
C SER F 697 27.38 -53.15 31.55
N MET F 698 27.49 -51.90 31.15
CA MET F 698 28.37 -51.03 31.87
C MET F 698 27.77 -50.72 33.24
N GLU F 699 26.48 -50.41 33.27
CA GLU F 699 25.71 -50.26 34.51
C GLU F 699 25.99 -51.37 35.51
N ILE F 700 25.88 -52.62 35.10
CA ILE F 700 26.14 -53.70 36.03
C ILE F 700 27.63 -53.77 36.36
N LYS F 701 28.47 -53.51 35.36
CA LYS F 701 29.86 -53.18 35.66
C LYS F 701 29.95 -52.00 36.63
N LEU F 702 29.02 -51.06 36.57
CA LEU F 702 28.94 -50.02 37.57
C LEU F 702 28.28 -50.51 38.85
N ARG F 703 28.20 -51.82 39.04
CA ARG F 703 27.74 -52.40 40.29
C ARG F 703 28.82 -53.17 41.02
N LEU F 704 29.78 -53.74 40.29
CA LEU F 704 30.85 -54.53 40.88
C LEU F 704 31.72 -53.69 41.81
N LEU F 705 31.47 -52.39 41.84
CA LEU F 705 32.34 -51.48 42.57
C LEU F 705 32.35 -51.82 44.05
N ASP F 706 31.28 -52.43 44.54
CA ASP F 706 31.17 -52.75 45.96
C ASP F 706 32.00 -53.97 46.36
N LEU F 707 32.07 -54.99 45.50
CA LEU F 707 32.54 -56.30 45.93
C LEU F 707 34.01 -56.55 45.63
N GLU F 708 34.64 -55.73 44.80
CA GLU F 708 35.89 -56.12 44.16
C GLU F 708 37.01 -56.35 45.16
N ASN F 709 38.12 -56.88 44.64
CA ASN F 709 39.31 -57.28 45.39
C ASN F 709 38.99 -58.50 46.25
N ILE F 710 37.73 -58.90 46.29
CA ILE F 710 37.29 -60.21 46.76
C ILE F 710 36.19 -60.67 45.81
N GLN F 711 36.12 -61.97 45.59
CA GLN F 711 35.30 -62.47 44.48
C GLN F 711 33.93 -62.93 44.95
N ILE F 712 33.14 -63.37 43.97
CA ILE F 712 31.75 -63.76 44.14
C ILE F 712 31.61 -65.27 44.24
N PRO F 713 30.85 -65.79 45.20
CA PRO F 713 30.28 -67.13 45.01
C PRO F 713 29.18 -67.07 43.97
N ASP F 714 29.50 -67.56 42.77
CA ASP F 714 28.58 -67.45 41.64
C ASP F 714 27.30 -68.23 41.89
N ALA F 715 27.42 -69.51 42.25
CA ALA F 715 26.26 -70.32 42.53
C ALA F 715 25.63 -69.86 43.83
N PRO F 716 24.33 -70.06 43.98
CA PRO F 716 23.64 -69.64 45.20
C PRO F 716 24.14 -70.44 46.40
N PRO F 717 24.69 -69.77 47.40
CA PRO F 717 24.99 -70.44 48.67
C PRO F 717 23.72 -70.97 49.31
N PRO F 718 23.84 -71.73 50.38
CA PRO F 718 22.64 -72.10 51.14
C PRO F 718 22.12 -70.92 51.95
N ILE F 719 21.05 -71.12 52.69
CA ILE F 719 20.53 -70.07 53.56
C ILE F 719 20.95 -70.40 54.99
N PRO F 720 21.83 -69.61 55.59
CA PRO F 720 22.08 -69.75 57.02
C PRO F 720 20.80 -69.53 57.80
N LYS F 721 20.59 -70.38 58.80
CA LYS F 721 19.29 -70.42 59.46
C LYS F 721 19.13 -69.20 60.37
N GLU F 722 17.88 -68.85 60.60
CA GLU F 722 17.47 -67.73 61.43
C GLU F 722 16.79 -68.24 62.69
N PRO F 723 16.65 -67.39 63.71
CA PRO F 723 15.66 -67.67 64.76
C PRO F 723 14.30 -67.21 64.29
N SER F 724 13.39 -68.16 64.09
CA SER F 724 12.15 -67.89 63.37
C SER F 724 11.35 -66.76 64.00
N ASN F 725 11.45 -66.60 65.32
CA ASN F 725 10.74 -65.54 65.99
C ASN F 725 11.32 -64.17 65.61
N TYR F 726 10.55 -63.12 65.87
CA TYR F 726 11.03 -61.75 65.82
C TYR F 726 11.43 -61.22 67.19
N ASP F 727 11.84 -62.09 68.10
CA ASP F 727 12.29 -61.66 69.41
C ASP F 727 13.67 -61.05 69.24
N PHE F 728 13.73 -59.85 68.69
CA PHE F 728 14.99 -59.22 68.34
C PHE F 728 15.78 -58.93 69.62
N VAL F 729 17.03 -59.40 69.66
CA VAL F 729 17.93 -58.99 70.72
C VAL F 729 18.24 -57.49 70.61
N TYR F 730 18.50 -57.03 69.40
CA TYR F 730 18.41 -55.62 69.05
C TYR F 730 17.21 -55.43 68.14
N ASP F 731 16.28 -54.59 68.57
CA ASP F 731 15.05 -54.37 67.83
C ASP F 731 15.35 -53.66 66.51
N CYS F 732 14.30 -53.49 65.71
CA CYS F 732 14.42 -52.87 64.40
C CYS F 732 14.60 -51.36 64.58
N ASN F 733 14.49 -50.63 63.48
CA ASN F 733 14.53 -49.16 63.45
C ASN F 733 15.94 -48.63 63.73
N MET G 8 43.44 -44.33 -47.46
CA MET G 8 43.25 -44.78 -46.08
C MET G 8 43.57 -46.26 -45.92
N GLN G 9 44.47 -46.56 -44.99
CA GLN G 9 44.87 -47.95 -44.74
C GLN G 9 44.81 -48.20 -43.24
N SER G 10 44.08 -49.24 -42.84
CA SER G 10 43.84 -49.55 -41.43
C SER G 10 44.83 -50.61 -40.95
N ILE G 11 45.23 -50.51 -39.70
CA ILE G 11 46.00 -51.55 -39.02
C ILE G 11 45.33 -51.90 -37.71
N LYS G 12 44.88 -53.15 -37.58
CA LYS G 12 44.38 -53.66 -36.31
C LYS G 12 45.56 -53.77 -35.35
N CYS G 13 45.70 -52.79 -34.48
CA CYS G 13 46.79 -52.77 -33.51
C CYS G 13 46.19 -53.09 -32.15
N VAL G 14 46.06 -54.39 -31.88
CA VAL G 14 45.56 -54.87 -30.60
C VAL G 14 46.62 -54.57 -29.55
N VAL G 15 46.32 -53.62 -28.67
CA VAL G 15 47.25 -53.18 -27.64
C VAL G 15 47.11 -54.12 -26.45
N VAL G 16 48.15 -54.93 -26.21
CA VAL G 16 48.12 -55.91 -25.13
C VAL G 16 49.01 -55.42 -24.00
N GLY G 17 48.97 -56.10 -22.87
CA GLY G 17 49.72 -55.65 -21.72
C GLY G 17 48.95 -55.83 -20.43
N ASP G 18 49.66 -55.89 -19.31
CA ASP G 18 49.03 -56.32 -18.06
C ASP G 18 48.01 -55.30 -17.57
N GLY G 19 47.40 -55.61 -16.44
CA GLY G 19 46.56 -54.65 -15.76
C GLY G 19 47.39 -53.74 -14.86
N ALA G 20 46.98 -52.48 -14.78
CA ALA G 20 47.65 -51.46 -13.96
C ALA G 20 49.06 -51.18 -14.46
N VAL G 21 49.26 -51.27 -15.77
CA VAL G 21 50.58 -51.05 -16.35
C VAL G 21 50.57 -49.99 -17.44
N GLY G 22 49.41 -49.73 -18.06
CA GLY G 22 49.31 -48.62 -18.98
C GLY G 22 49.05 -48.96 -20.43
N LYS G 23 48.29 -50.00 -20.74
CA LYS G 23 47.72 -50.07 -22.09
C LYS G 23 46.73 -48.93 -22.30
N THR G 24 45.63 -48.98 -21.53
CA THR G 24 44.52 -48.07 -21.76
C THR G 24 44.91 -46.64 -21.45
N CYS G 25 45.86 -46.45 -20.53
CA CYS G 25 46.37 -45.09 -20.31
C CYS G 25 47.03 -44.56 -21.57
N LEU G 26 47.86 -45.37 -22.20
CA LEU G 26 48.51 -44.97 -23.45
C LEU G 26 47.49 -44.74 -24.56
N LEU G 27 46.48 -45.60 -24.64
CA LEU G 27 45.44 -45.46 -25.67
C LEU G 27 44.56 -44.23 -25.46
N ILE G 28 44.03 -44.04 -24.26
CA ILE G 28 43.21 -42.89 -23.94
C ILE G 28 44.01 -41.59 -24.03
N CYS G 29 45.33 -41.66 -23.82
CA CYS G 29 46.18 -40.53 -24.14
C CYS G 29 46.42 -40.40 -25.64
N TYR G 30 46.21 -41.49 -26.39
CA TYR G 30 46.40 -41.46 -27.83
C TYR G 30 45.11 -41.23 -28.61
N THR G 31 44.14 -42.13 -28.46
CA THR G 31 42.91 -42.02 -29.23
C THR G 31 42.03 -40.89 -28.71
N THR G 32 42.00 -40.70 -27.39
CA THR G 32 41.15 -39.69 -26.77
C THR G 32 41.92 -38.62 -26.02
N ASN G 33 43.25 -38.76 -25.91
CA ASN G 33 44.14 -37.69 -25.42
C ASN G 33 43.86 -37.31 -23.97
N ALA G 34 43.68 -38.31 -23.10
CA ALA G 34 43.48 -38.09 -21.67
C ALA G 34 44.26 -39.14 -20.89
N PHE G 35 44.74 -38.75 -19.71
CA PHE G 35 45.47 -39.70 -18.87
C PHE G 35 44.53 -40.33 -17.85
N PRO G 36 44.14 -41.59 -18.03
CA PRO G 36 43.24 -42.24 -17.07
C PRO G 36 43.76 -42.17 -15.63
N LYS G 37 42.96 -41.57 -14.76
CA LYS G 37 43.36 -41.37 -13.38
C LYS G 37 43.57 -42.70 -12.67
N GLU G 38 42.60 -43.61 -12.78
CA GLU G 38 42.60 -44.86 -12.04
C GLU G 38 42.72 -46.04 -12.98
N TYR G 39 43.08 -47.19 -12.40
CA TYR G 39 43.26 -48.43 -13.14
C TYR G 39 41.99 -48.74 -13.94
N ILE G 40 42.09 -48.68 -15.26
CA ILE G 40 40.91 -48.81 -16.11
C ILE G 40 40.39 -50.24 -16.07
N PRO G 41 39.14 -50.46 -15.67
CA PRO G 41 38.55 -51.80 -15.81
C PRO G 41 38.28 -52.11 -17.27
N THR G 42 39.11 -52.96 -17.86
CA THR G 42 39.09 -53.14 -19.30
C THR G 42 38.63 -54.54 -19.68
N VAL G 43 37.72 -54.62 -20.64
CA VAL G 43 37.40 -55.89 -21.28
C VAL G 43 38.04 -55.89 -22.66
N PHE G 44 37.57 -55.00 -23.54
CA PHE G 44 38.34 -54.42 -24.62
C PHE G 44 37.49 -53.45 -25.44
N ASP G 45 38.14 -52.57 -26.20
CA ASP G 45 37.49 -51.46 -26.86
C ASP G 45 37.90 -51.38 -28.33
N ASN G 46 37.19 -50.55 -29.08
CA ASN G 46 37.54 -50.22 -30.46
C ASN G 46 37.61 -48.71 -30.60
N TYR G 47 38.72 -48.21 -31.14
CA TYR G 47 38.90 -46.80 -31.43
C TYR G 47 39.25 -46.58 -32.90
N SER G 48 39.41 -45.31 -33.27
CA SER G 48 39.88 -44.94 -34.59
C SER G 48 40.42 -43.51 -34.54
N ALA G 49 41.63 -43.31 -35.04
CA ALA G 49 42.29 -42.01 -35.03
C ALA G 49 42.88 -41.74 -36.42
N GLN G 50 43.62 -40.63 -36.52
CA GLN G 50 44.26 -40.22 -37.76
C GLN G 50 45.71 -39.86 -37.46
N SER G 51 46.63 -40.74 -37.84
CA SER G 51 48.03 -40.58 -37.47
C SER G 51 48.92 -40.68 -38.69
N ALA G 52 50.10 -40.06 -38.59
CA ALA G 52 51.08 -40.04 -39.66
C ALA G 52 52.34 -40.78 -39.22
N VAL G 53 52.94 -41.49 -40.15
CA VAL G 53 54.06 -42.38 -39.86
C VAL G 53 55.20 -42.03 -40.82
N ASP G 54 56.24 -41.38 -40.29
CA ASP G 54 57.40 -40.98 -41.07
C ASP G 54 57.00 -40.32 -42.38
N GLY G 55 56.11 -39.35 -42.29
CA GLY G 55 55.63 -38.63 -43.44
C GLY G 55 54.42 -39.22 -44.12
N ARG G 56 54.03 -40.43 -43.76
CA ARG G 56 52.89 -41.11 -44.38
C ARG G 56 51.75 -41.18 -43.37
N THR G 57 50.60 -40.64 -43.75
CA THR G 57 49.43 -40.70 -42.89
C THR G 57 48.76 -42.08 -43.02
N VAL G 58 48.23 -42.59 -41.90
CA VAL G 58 47.68 -43.93 -41.85
C VAL G 58 46.42 -43.91 -40.99
N ASN G 59 45.56 -44.90 -41.20
CA ASN G 59 44.40 -45.14 -40.36
C ASN G 59 44.72 -46.19 -39.31
N LEU G 60 44.22 -45.96 -38.10
CA LEU G 60 44.37 -46.90 -36.99
C LEU G 60 43.00 -47.24 -36.41
N ASN G 61 42.57 -48.48 -36.61
CA ASN G 61 41.43 -49.06 -35.90
C ASN G 61 42.04 -49.91 -34.79
N LEU G 62 41.91 -49.43 -33.55
CA LEU G 62 42.69 -49.94 -32.43
C LEU G 62 41.81 -50.76 -31.49
N TRP G 63 42.48 -51.57 -30.67
CA TRP G 63 41.83 -52.50 -29.76
C TRP G 63 42.46 -52.40 -28.38
N ASP G 64 41.64 -52.14 -27.36
CA ASP G 64 42.12 -51.93 -26.00
C ASP G 64 41.85 -53.20 -25.19
N THR G 65 42.65 -54.24 -25.40
CA THR G 65 42.36 -55.54 -24.83
C THR G 65 42.62 -55.55 -23.32
N ALA G 66 42.11 -56.60 -22.67
CA ALA G 66 42.21 -56.71 -21.22
C ALA G 66 43.54 -57.32 -20.79
N GLY G 67 44.05 -56.87 -19.65
CA GLY G 67 45.20 -57.52 -19.06
C GLY G 67 44.86 -58.62 -18.08
N LEU G 68 43.59 -58.96 -17.95
CA LEU G 68 43.16 -59.97 -16.98
C LEU G 68 43.43 -61.38 -17.50
N GLU G 69 43.65 -62.30 -16.55
CA GLU G 69 43.70 -63.72 -16.89
C GLU G 69 42.31 -64.27 -17.16
N GLU G 70 41.27 -63.50 -16.87
CA GLU G 70 39.90 -64.02 -16.90
C GLU G 70 39.36 -64.09 -18.32
N TYR G 71 39.36 -62.97 -19.03
CA TYR G 71 38.80 -62.88 -20.36
C TYR G 71 39.85 -63.11 -21.44
N ASP G 72 40.80 -63.99 -21.16
CA ASP G 72 41.84 -64.36 -22.10
C ASP G 72 41.24 -64.93 -23.38
N ARG G 73 40.10 -65.63 -23.29
CA ARG G 73 39.50 -66.18 -24.51
C ARG G 73 39.03 -65.06 -25.44
N LEU G 74 38.48 -63.99 -24.87
CA LEU G 74 38.07 -62.86 -25.69
C LEU G 74 39.28 -62.11 -26.23
N ARG G 75 40.31 -61.91 -25.40
CA ARG G 75 41.50 -61.22 -25.89
C ARG G 75 42.20 -62.02 -26.97
N THR G 76 42.21 -63.34 -26.85
CA THR G 76 42.78 -64.20 -27.86
C THR G 76 41.88 -64.33 -29.08
N LEU G 77 40.59 -64.00 -28.95
CA LEU G 77 39.77 -63.75 -30.13
C LEU G 77 40.19 -62.47 -30.81
N SER G 78 40.64 -61.48 -30.05
CA SER G 78 41.12 -60.22 -30.61
C SER G 78 42.43 -60.37 -31.37
N TYR G 79 43.28 -61.32 -30.99
CA TYR G 79 44.60 -61.45 -31.62
C TYR G 79 44.52 -61.72 -33.12
N PRO G 80 43.64 -62.57 -33.63
CA PRO G 80 43.45 -62.63 -35.08
C PRO G 80 43.05 -61.28 -35.64
N GLN G 81 43.47 -61.03 -36.88
CA GLN G 81 43.30 -59.78 -37.62
C GLN G 81 44.26 -58.71 -37.12
N THR G 82 44.99 -58.98 -36.04
CA THR G 82 45.98 -58.02 -35.56
C THR G 82 47.17 -58.00 -36.52
N ASN G 83 47.70 -56.81 -36.76
CA ASN G 83 48.89 -56.67 -37.58
C ASN G 83 50.10 -56.15 -36.82
N VAL G 84 49.89 -55.48 -35.69
CA VAL G 84 50.99 -55.13 -34.79
C VAL G 84 50.51 -55.26 -33.35
N PHE G 85 51.34 -55.90 -32.53
CA PHE G 85 51.04 -56.18 -31.13
C PHE G 85 51.77 -55.16 -30.25
N VAL G 86 51.02 -54.27 -29.61
CA VAL G 86 51.57 -53.33 -28.66
C VAL G 86 51.42 -53.94 -27.28
N ILE G 87 52.54 -54.31 -26.67
CA ILE G 87 52.56 -54.92 -25.34
C ILE G 87 53.00 -53.82 -24.37
N CYS G 88 52.08 -53.43 -23.48
CA CYS G 88 52.34 -52.39 -22.50
C CYS G 88 52.62 -53.05 -21.16
N PHE G 89 53.80 -52.82 -20.61
CA PHE G 89 54.17 -53.31 -19.29
C PHE G 89 54.78 -52.18 -18.47
N SER G 90 54.41 -52.15 -17.19
CA SER G 90 54.78 -51.04 -16.33
C SER G 90 56.29 -51.06 -16.07
N ILE G 91 56.93 -49.90 -16.25
CA ILE G 91 58.29 -49.74 -15.76
C ILE G 91 58.28 -49.63 -14.24
N ALA G 92 57.23 -49.03 -13.69
CA ALA G 92 57.02 -49.07 -12.25
C ALA G 92 56.83 -50.48 -11.73
N SER G 93 56.32 -51.39 -12.56
CA SER G 93 56.12 -52.79 -12.18
C SER G 93 56.78 -53.67 -13.23
N PRO G 94 58.09 -53.90 -13.09
CA PRO G 94 58.79 -54.83 -13.97
C PRO G 94 58.31 -56.27 -13.85
N PRO G 95 57.62 -56.67 -12.77
CA PRO G 95 56.87 -57.95 -12.89
C PRO G 95 55.93 -57.96 -14.08
N SER G 96 55.42 -56.81 -14.51
CA SER G 96 54.69 -56.76 -15.78
C SER G 96 55.61 -57.06 -16.95
N TYR G 97 56.87 -56.63 -16.89
CA TYR G 97 57.85 -57.02 -17.89
C TYR G 97 58.06 -58.53 -17.90
N GLU G 98 58.12 -59.14 -16.72
CA GLU G 98 58.25 -60.59 -16.63
C GLU G 98 57.02 -61.29 -17.19
N ASN G 99 55.83 -60.74 -16.94
CA ASN G 99 54.62 -61.28 -17.56
C ASN G 99 54.66 -61.13 -19.08
N VAL G 100 55.24 -60.06 -19.59
CA VAL G 100 55.41 -59.93 -21.03
C VAL G 100 56.32 -61.05 -21.54
N ARG G 101 57.36 -61.37 -20.79
CA ARG G 101 58.24 -62.48 -21.15
C ARG G 101 57.57 -63.84 -21.07
N HIS G 102 56.66 -64.06 -20.14
CA HIS G 102 56.08 -65.39 -19.96
C HIS G 102 54.81 -65.62 -20.76
N LYS G 103 53.88 -64.65 -20.77
CA LYS G 103 52.54 -64.84 -21.29
C LYS G 103 52.20 -63.91 -22.44
N TRP G 104 52.45 -62.60 -22.30
CA TRP G 104 51.97 -61.62 -23.27
C TRP G 104 52.50 -61.84 -24.68
N HIS G 105 53.81 -61.65 -24.87
CA HIS G 105 54.41 -61.97 -26.16
C HIS G 105 54.18 -63.42 -26.58
N PRO G 106 54.35 -64.41 -25.70
CA PRO G 106 54.07 -65.80 -26.13
C PRO G 106 52.63 -66.01 -26.60
N GLU G 107 51.65 -65.38 -25.96
CA GLU G 107 50.26 -65.62 -26.34
C GLU G 107 49.90 -64.86 -27.62
N VAL G 108 50.40 -63.64 -27.77
CA VAL G 108 50.17 -62.91 -29.01
C VAL G 108 50.84 -63.60 -30.18
N CYS G 109 52.00 -64.22 -29.95
CA CYS G 109 52.66 -64.99 -31.00
C CYS G 109 51.99 -66.33 -31.28
N HIS G 110 51.52 -67.04 -30.25
CA HIS G 110 50.77 -68.27 -30.48
C HIS G 110 49.50 -67.97 -31.25
N HIS G 111 48.97 -66.76 -31.12
CA HIS G 111 47.79 -66.38 -31.90
C HIS G 111 48.17 -65.60 -33.15
N CYS G 112 49.38 -65.07 -33.21
CA CYS G 112 49.88 -64.43 -34.43
C CYS G 112 51.39 -64.60 -34.51
N PRO G 113 51.85 -65.69 -35.12
CA PRO G 113 53.29 -65.87 -35.37
C PRO G 113 53.77 -64.96 -36.49
N ASP G 114 54.95 -64.37 -36.27
CA ASP G 114 55.64 -63.49 -37.20
C ASP G 114 54.90 -62.18 -37.46
N VAL G 115 53.73 -61.98 -36.89
CA VAL G 115 53.06 -60.68 -37.00
C VAL G 115 53.79 -59.68 -36.11
N PRO G 116 54.22 -58.54 -36.64
CA PRO G 116 55.18 -57.70 -35.92
C PRO G 116 54.67 -57.25 -34.56
N ILE G 117 55.59 -57.17 -33.61
CA ILE G 117 55.29 -56.76 -32.24
C ILE G 117 56.12 -55.54 -31.89
N LEU G 118 55.45 -54.47 -31.47
CA LEU G 118 56.08 -53.36 -30.77
C LEU G 118 56.18 -53.71 -29.30
N LEU G 119 57.29 -53.34 -28.68
CA LEU G 119 57.45 -53.45 -27.23
C LEU G 119 57.49 -52.05 -26.62
N VAL G 120 56.60 -51.79 -25.67
CA VAL G 120 56.45 -50.47 -25.09
C VAL G 120 56.72 -50.54 -23.59
N GLY G 121 57.69 -49.77 -23.13
CA GLY G 121 57.92 -49.63 -21.70
C GLY G 121 57.14 -48.46 -21.14
N THR G 122 55.97 -48.75 -20.57
CA THR G 122 55.15 -47.69 -20.00
C THR G 122 55.82 -47.12 -18.77
N LYS G 123 55.65 -45.80 -18.58
CA LYS G 123 56.19 -45.08 -17.43
C LYS G 123 57.71 -45.02 -17.44
N LYS G 124 58.28 -44.54 -18.54
CA LYS G 124 59.70 -44.22 -18.55
C LYS G 124 59.99 -42.99 -17.70
N ASP G 125 58.95 -42.23 -17.35
CA ASP G 125 59.10 -41.04 -16.52
C ASP G 125 59.32 -41.42 -15.06
N LEU G 126 59.13 -42.68 -14.74
CA LEU G 126 59.25 -43.18 -13.37
C LEU G 126 60.59 -43.86 -13.11
N ARG G 127 61.39 -44.11 -14.15
CA ARG G 127 62.74 -44.61 -13.95
C ARG G 127 63.55 -43.65 -13.08
N ALA G 128 63.18 -42.37 -13.09
CA ALA G 128 63.86 -41.36 -12.30
C ALA G 128 63.02 -40.78 -11.17
N GLN G 129 61.72 -41.07 -11.12
CA GLN G 129 60.88 -40.50 -10.08
C GLN G 129 61.21 -41.17 -8.74
N PRO G 130 61.33 -40.41 -7.65
CA PRO G 130 61.75 -41.02 -6.38
C PRO G 130 60.81 -42.11 -5.90
N ASP G 131 59.51 -41.91 -6.05
CA ASP G 131 58.53 -42.87 -5.53
C ASP G 131 58.69 -44.23 -6.20
N THR G 132 58.83 -44.23 -7.52
CA THR G 132 58.93 -45.51 -8.25
C THR G 132 60.20 -46.25 -7.89
N LEU G 133 61.33 -45.55 -7.89
CA LEU G 133 62.60 -46.16 -7.55
C LEU G 133 62.58 -46.72 -6.13
N ARG G 134 62.10 -45.93 -5.17
CA ARG G 134 62.08 -46.39 -3.79
C ARG G 134 61.14 -47.58 -3.63
N ARG G 135 59.97 -47.55 -4.28
CA ARG G 135 59.03 -48.65 -4.18
C ARG G 135 59.62 -49.94 -4.74
N LEU G 136 60.24 -49.85 -5.92
CA LEU G 136 60.84 -51.04 -6.53
C LEU G 136 62.04 -51.56 -5.77
N LYS G 137 62.89 -50.68 -5.23
CA LYS G 137 63.98 -51.16 -4.40
C LYS G 137 63.43 -51.85 -3.16
N GLU G 138 62.33 -51.34 -2.61
CA GLU G 138 61.63 -52.05 -1.54
C GLU G 138 60.93 -53.30 -2.02
N GLN G 139 60.72 -53.46 -3.33
CA GLN G 139 60.20 -54.69 -3.90
C GLN G 139 61.29 -55.62 -4.41
N GLY G 140 62.55 -55.23 -4.30
CA GLY G 140 63.63 -56.08 -4.76
C GLY G 140 63.81 -56.15 -6.27
N GLN G 141 63.32 -55.14 -7.00
CA GLN G 141 63.43 -55.08 -8.44
C GLN G 141 63.77 -53.65 -8.85
N ALA G 142 64.26 -53.47 -10.08
CA ALA G 142 64.58 -52.15 -10.58
C ALA G 142 63.69 -51.79 -11.76
N PRO G 143 63.32 -50.52 -11.92
CA PRO G 143 62.52 -50.13 -13.09
C PRO G 143 63.22 -50.51 -14.39
N ILE G 144 62.43 -50.88 -15.39
CA ILE G 144 62.96 -51.43 -16.62
C ILE G 144 63.86 -50.42 -17.29
N THR G 145 65.17 -50.69 -17.28
CA THR G 145 66.11 -49.90 -18.04
C THR G 145 65.88 -50.12 -19.54
N PRO G 146 66.17 -49.10 -20.37
CA PRO G 146 65.98 -49.29 -21.81
C PRO G 146 66.80 -50.46 -22.35
N GLN G 147 67.91 -50.80 -21.69
CA GLN G 147 68.62 -52.02 -22.05
C GLN G 147 67.81 -53.27 -21.69
N GLN G 148 67.07 -53.24 -20.58
CA GLN G 148 66.28 -54.41 -20.20
C GLN G 148 65.11 -54.63 -21.17
N GLY G 149 64.36 -53.57 -21.47
CA GLY G 149 63.33 -53.68 -22.48
C GLY G 149 63.89 -54.00 -23.85
N GLN G 150 65.07 -53.47 -24.17
CA GLN G 150 65.70 -53.80 -25.44
C GLN G 150 66.13 -55.26 -25.48
N ALA G 151 66.52 -55.81 -24.32
CA ALA G 151 66.82 -57.23 -24.23
C ALA G 151 65.57 -58.05 -24.46
N LEU G 152 64.45 -57.61 -23.92
CA LEU G 152 63.18 -58.25 -24.25
C LEU G 152 62.93 -58.18 -25.75
N ALA G 153 63.18 -57.02 -26.36
CA ALA G 153 62.87 -56.82 -27.77
C ALA G 153 63.72 -57.72 -28.67
N LYS G 154 65.02 -57.77 -28.41
CA LYS G 154 65.89 -58.68 -29.14
C LYS G 154 65.52 -60.14 -28.89
N GLN G 155 65.12 -60.47 -27.66
CA GLN G 155 64.81 -61.85 -27.33
C GLN G 155 63.50 -62.30 -27.96
N ILE G 156 62.46 -61.46 -27.88
CA ILE G 156 61.14 -61.82 -28.36
C ILE G 156 60.87 -61.22 -29.73
N HIS G 157 61.92 -60.74 -30.39
CA HIS G 157 61.84 -60.26 -31.78
C HIS G 157 60.88 -59.08 -31.91
N ALA G 158 60.81 -58.24 -30.87
CA ALA G 158 60.06 -57.02 -31.02
C ALA G 158 60.71 -56.12 -32.08
N VAL G 159 59.87 -55.45 -32.86
CA VAL G 159 60.37 -54.60 -33.93
C VAL G 159 61.20 -53.45 -33.36
N ARG G 160 60.76 -52.91 -32.22
CA ARG G 160 61.45 -51.87 -31.47
C ARG G 160 60.92 -51.90 -30.05
N TYR G 161 61.80 -51.60 -29.10
CA TYR G 161 61.39 -51.40 -27.72
C TYR G 161 61.25 -49.92 -27.47
N LEU G 162 60.02 -49.44 -27.35
CA LEU G 162 59.77 -48.04 -27.05
C LEU G 162 59.47 -47.91 -25.57
N GLU G 163 59.43 -46.68 -25.08
CA GLU G 163 58.96 -46.36 -23.75
C GLU G 163 57.99 -45.19 -23.83
N CYS G 164 56.94 -45.24 -23.01
CA CYS G 164 55.95 -44.17 -22.98
C CYS G 164 55.67 -43.78 -21.54
N SER G 165 55.22 -42.55 -21.38
CA SER G 165 54.72 -42.04 -20.10
C SER G 165 53.40 -41.34 -20.40
N ALA G 166 52.29 -42.03 -20.16
CA ALA G 166 50.99 -41.44 -20.39
C ALA G 166 50.72 -40.29 -19.43
N LEU G 167 51.36 -40.32 -18.25
CA LEU G 167 51.24 -39.20 -17.32
C LEU G 167 51.80 -37.91 -17.92
N GLN G 168 52.98 -37.99 -18.52
CA GLN G 168 53.60 -36.87 -19.20
C GLN G 168 53.23 -36.80 -20.68
N GLN G 169 52.33 -37.65 -21.14
CA GLN G 169 51.99 -37.79 -22.56
C GLN G 169 53.23 -38.09 -23.39
N ASP G 170 54.17 -38.86 -22.84
CA ASP G 170 55.44 -39.09 -23.49
C ASP G 170 55.37 -40.27 -24.45
N GLY G 171 55.76 -40.01 -25.70
CA GLY G 171 55.90 -41.06 -26.70
C GLY G 171 54.62 -41.71 -27.17
N VAL G 172 53.46 -41.20 -26.76
CA VAL G 172 52.19 -41.88 -27.02
C VAL G 172 51.94 -41.99 -28.53
N LYS G 173 51.82 -40.83 -29.19
CA LYS G 173 51.71 -40.83 -30.65
C LYS G 173 52.89 -41.52 -31.29
N GLU G 174 54.09 -41.35 -30.70
CA GLU G 174 55.26 -42.06 -31.21
C GLU G 174 55.08 -43.58 -31.07
N VAL G 175 54.55 -44.03 -29.93
CA VAL G 175 54.31 -45.45 -29.75
C VAL G 175 53.40 -45.98 -30.86
N PHE G 176 52.31 -45.29 -31.15
CA PHE G 176 51.38 -45.87 -32.10
C PHE G 176 51.83 -45.71 -33.55
N ALA G 177 52.55 -44.64 -33.88
CA ALA G 177 53.16 -44.55 -35.20
C ALA G 177 54.18 -45.66 -35.41
N GLU G 178 54.98 -45.97 -34.38
CA GLU G 178 55.93 -47.08 -34.51
C GLU G 178 55.19 -48.40 -34.66
N ALA G 179 54.09 -48.58 -33.92
CA ALA G 179 53.27 -49.76 -34.11
C ALA G 179 52.85 -49.90 -35.57
N VAL G 180 52.41 -48.80 -36.17
CA VAL G 180 51.98 -48.84 -37.56
C VAL G 180 53.15 -49.19 -38.48
N ARG G 181 54.31 -48.57 -38.26
CA ARG G 181 55.42 -48.79 -39.18
C ARG G 181 56.12 -50.11 -38.91
N ALA G 182 55.74 -50.81 -37.85
CA ALA G 182 56.11 -52.21 -37.71
C ALA G 182 55.47 -53.04 -38.82
N VAL G 183 54.40 -52.51 -39.43
CA VAL G 183 53.72 -53.24 -40.49
C VAL G 183 53.95 -52.57 -41.85
N LEU G 184 53.83 -51.24 -41.91
CA LEU G 184 54.06 -50.54 -43.17
C LEU G 184 55.47 -50.81 -43.70
N ASN G 185 56.45 -50.83 -42.82
CA ASN G 185 57.84 -51.12 -43.18
C ASN G 185 58.28 -52.30 -42.33
N PRO G 186 58.18 -53.52 -42.84
CA PRO G 186 58.49 -54.69 -42.03
C PRO G 186 59.93 -54.67 -41.55
N THR G 187 60.12 -54.97 -40.29
CA THR G 187 61.50 -54.94 -39.84
C THR G 187 62.22 -56.20 -40.28
N PRO G 188 63.50 -56.08 -40.68
CA PRO G 188 64.31 -57.22 -41.13
C PRO G 188 64.84 -58.07 -39.98
MG MG H . 43.97 -52.45 -20.41
PG GTP I . 43.83 -53.08 -18.12
O1G GTP I . 43.52 -53.81 -16.84
O2G GTP I . 43.42 -53.97 -19.25
O3G GTP I . 43.08 -51.77 -18.17
O3B GTP I . 45.41 -52.78 -18.17
PB GTP I . 45.98 -51.37 -18.70
O1B GTP I . 45.11 -50.86 -19.81
O2B GTP I . 47.41 -51.54 -19.17
O3A GTP I . 45.94 -50.34 -17.48
PA GTP I . 46.76 -48.96 -17.70
O1A GTP I . 46.27 -48.35 -18.99
O2A GTP I . 48.26 -49.22 -17.74
O5' GTP I . 46.34 -47.98 -16.50
C5' GTP I . 46.27 -48.46 -15.18
C4' GTP I . 47.11 -47.60 -14.25
O4' GTP I . 48.42 -47.48 -14.76
C3' GTP I . 46.60 -46.18 -14.11
O3' GTP I . 45.79 -46.05 -12.96
C2' GTP I . 47.84 -45.33 -13.98
O2' GTP I . 48.01 -44.93 -12.63
C1' GTP I . 48.99 -46.24 -14.38
N9 GTP I . 49.71 -45.64 -15.51
C8 GTP I . 49.60 -46.00 -16.83
N7 GTP I . 50.43 -45.22 -17.57
C5 GTP I . 51.07 -44.37 -16.74
C6 GTP I . 52.01 -43.36 -16.96
O6 GTP I . 52.40 -43.14 -18.11
N1 GTP I . 52.50 -42.64 -15.90
C2 GTP I . 52.05 -42.91 -14.62
N2 GTP I . 52.52 -42.21 -13.59
N3 GTP I . 51.11 -43.90 -14.40
C4 GTP I . 50.62 -44.62 -15.45
#